data_5VYZ
#
_entry.id   5VYZ
#
_cell.length_a   97.270
_cell.length_b   130.431
_cell.length_c   133.367
_cell.angle_alpha   66.08
_cell.angle_beta   89.05
_cell.angle_gamma   70.60
#
_symmetry.space_group_name_H-M   'P 1'
#
loop_
_entity.id
_entity.type
_entity.pdbx_description
1 polymer 'Pyruvate carboxylase'
2 non-polymer 'MANGANESE (II) ION'
3 non-polymer "ADENOSINE-5'-DIPHOSPHATE"
4 non-polymer 'MAGNESIUM ION'
5 non-polymer "(2R,3R,3aS,5R,7aR,9R,10R,10aS,12R,14aR)-2,9-bis(6-amino-9H-purin-9-yl)octahydro-2H,7H-difuro[3,2-d:3',2'-j][1,3,7,9,2,8 ]tetraoxadiphosphacyclododecine-3,5,10,12-tetrol 5,12-dioxide"
6 water water
#
_entity_poly.entity_id   1
_entity_poly.type   'polypeptide(L)'
_entity_poly.pdbx_seq_one_letter_code
;GLVPRGSHMKKLLVANRGEIAVRVFRACNELGLSTVAVYAREDEYSVHRFKADESYLIGQGKKPIDAYLDIDDIIRVALE
SGADAIHPGYGLLSENLEFATKVRAAGLVFVGPELHHLDIFGDKIKAKAAADEAKVPGIPGTNGAVDIDGALEFAKTYGY
PVMIKAALGGGGRGMRVARNDAEMHDGYARAKSEAIGAFGSGEIYVEKYIENPKHIEVQILGDRHGNIIHLHERDCSVQR
RNQKVIEIAPAVGLSPDFRNEICEAAVKLCKNVGYVNAGTVEFLVKDDKFYFIEVNPRVQVEHTITELITGVDIVQAQIL
IAQGKDLHREIGLPAQSEIPLLGSAIQCRITTEDPQNGFLPDTGKIDTYRSPGGFGIRLDVGNAYAGYEVTPYFDSLLVK
VCTFANEFSDSVRKMDRVLHEFRIRGVKTNIPFLINVIANENFTSGQATTTFIDNTPSLFNFPRLRDRGTKTLHYLSMIT
VNGFPGIENTEKRHFEEPRQPLLNLEKKKTAKNILDEQGADAVVDYVKNTKEVLLTDTTLRDAHQSLLATRLRLQDMKGI
AQAIDQGLPELFSAEMWGGATFDVAYRFLNESPWYRLRKLRKLMPNTMFQMLFRGSNAVGYQNYPDNVIEEFIRVAAHEG
IDVFRIFDSLNWLPQMEKSIQAVRDNGKIAEATICYTGDILDPSRPKYNIQYYKDLAKELEATGAHILAVKDMAGLLKPQ
AAYRLISELKDTVDLPIHLHTHDTSGNGIITYSGATQAGVDIIDVATASLAGGTSQPSMQSIYYALEHGPRHASINVKNA
EQIDHYWEDVRKYYAPFEAGITSPQTEVYMHEMPGGQYTNLKSQAAAVGLGHRFDEIKQMYRKVNMMFGDIIKVTPSSKV
VGDMALFMIQNDLTEEDVYARGNELNFPESVVSFFRGDLGQPVGGFPEKLQKIIVKDKAVITDRPGLHAEKVDFETVKAD
LEQKIGYEPGDHEVISYIMYPQVFLDYQKMQREFGAVTLLDTPTFLHGMRLNEKIEVQIEKGKTLSIRLDEIGEPDLAGN
RVLFFNLNGQRREVVINDQSVQAQVVAKRKAETGNPNQIGATMPGSVLEILVKAGDKVQKGQALMVTEAMKMETTIEAPF
DGEIVDLHVVKGEAIQTQDLLIEIN
;
_entity_poly.pdbx_strand_id   A,B,C,D
#
loop_
_chem_comp.id
_chem_comp.type
_chem_comp.name
_chem_comp.formula
2BA non-polymer '(2R,3R,3aS,5R,7aR,9R,10R,10aS,12R,14aR)-2,9-bis(6-amino-9H-purin-9-yl)octahydro-2H,7H-difuro[3,2-d:3',2'-j][1,3,7,9,2,8 ]tetraoxadiphosphacyclododecine-3,5,10,12-tetrol 5,12-dioxide' 'C20 H24 N10 O12 P2'
ADP non-polymer ADENOSINE-5'-DIPHOSPHATE 'C10 H15 N5 O10 P2'
MG non-polymer 'MAGNESIUM ION' 'Mg 2'
MN non-polymer 'MANGANESE (II) ION' 'Mn 2'
#
# COMPACT_ATOMS: atom_id res chain seq x y z
N LEU A 2 -28.54 -72.58 4.91
CA LEU A 2 -28.15 -72.07 6.28
C LEU A 2 -27.66 -70.62 6.30
N VAL A 3 -28.48 -69.75 6.85
CA VAL A 3 -28.16 -68.34 6.93
C VAL A 3 -27.51 -68.02 8.28
N PRO A 4 -26.36 -67.32 8.28
CA PRO A 4 -25.77 -66.93 9.57
C PRO A 4 -26.69 -66.08 10.43
N ARG A 5 -26.54 -66.19 11.76
CA ARG A 5 -27.26 -65.33 12.67
C ARG A 5 -26.78 -63.88 12.48
N GLY A 6 -27.65 -62.87 12.69
CA GLY A 6 -27.26 -61.46 12.55
C GLY A 6 -27.16 -60.99 11.08
N SER A 7 -27.78 -61.69 10.11
CA SER A 7 -27.78 -61.24 8.71
C SER A 7 -28.67 -59.99 8.39
N HIS A 8 -29.62 -59.63 9.24
CA HIS A 8 -30.41 -58.41 9.01
C HIS A 8 -29.48 -57.14 9.14
N MET A 9 -29.67 -56.17 8.25
CA MET A 9 -28.87 -54.96 8.13
C MET A 9 -29.70 -53.69 8.19
N LYS A 10 -29.19 -52.69 8.89
CA LYS A 10 -29.67 -51.29 8.77
C LYS A 10 -28.57 -50.34 8.33
N LYS A 11 -27.30 -50.69 8.62
CA LYS A 11 -26.18 -49.83 8.36
C LYS A 11 -25.00 -50.61 7.88
N LEU A 12 -24.36 -50.10 6.82
CA LEU A 12 -23.26 -50.78 6.25
C LEU A 12 -22.06 -49.84 6.15
N LEU A 13 -20.87 -50.39 6.30
CA LEU A 13 -19.62 -49.63 6.27
C LEU A 13 -18.75 -50.18 5.17
N VAL A 14 -18.14 -49.30 4.39
CA VAL A 14 -17.29 -49.74 3.36
C VAL A 14 -15.85 -49.60 3.81
N ALA A 15 -15.13 -50.72 3.85
CA ALA A 15 -13.72 -50.71 4.18
C ALA A 15 -12.93 -50.49 2.93
N ASN A 16 -13.09 -49.31 2.35
CA ASN A 16 -12.38 -48.99 1.13
C ASN A 16 -12.54 -47.48 0.90
N ARG A 17 -12.30 -47.03 -0.32
CA ARG A 17 -12.21 -45.62 -0.62
C ARG A 17 -12.52 -45.48 -2.09
N GLY A 18 -12.72 -44.25 -2.54
CA GLY A 18 -12.72 -43.95 -3.94
C GLY A 18 -13.97 -44.48 -4.61
N GLU A 19 -13.81 -44.80 -5.89
CA GLU A 19 -14.96 -45.07 -6.72
C GLU A 19 -15.73 -46.24 -6.18
N ILE A 20 -15.04 -47.30 -5.77
CA ILE A 20 -15.77 -48.45 -5.28
C ILE A 20 -16.58 -48.20 -4.02
N ALA A 21 -16.08 -47.34 -3.15
CA ALA A 21 -16.83 -46.96 -1.96
C ALA A 21 -18.09 -46.20 -2.37
N VAL A 22 -17.94 -45.25 -3.27
CA VAL A 22 -19.11 -44.48 -3.74
C VAL A 22 -20.14 -45.43 -4.41
N ARG A 23 -19.65 -46.35 -5.24
CA ARG A 23 -20.48 -47.36 -5.87
C ARG A 23 -21.29 -48.16 -4.81
N VAL A 24 -20.63 -48.59 -3.75
CA VAL A 24 -21.34 -49.36 -2.70
C VAL A 24 -22.33 -48.47 -1.94
N PHE A 25 -21.98 -47.22 -1.70
CA PHE A 25 -22.94 -46.33 -0.97
C PHE A 25 -24.19 -46.10 -1.74
N ARG A 26 -24.04 -45.96 -3.04
CA ARG A 26 -25.20 -45.78 -3.89
C ARG A 26 -26.16 -46.98 -3.85
N ALA A 27 -25.60 -48.17 -3.96
CA ALA A 27 -26.41 -49.37 -3.80
C ALA A 27 -27.07 -49.37 -2.42
N CYS A 28 -26.29 -49.05 -1.39
CA CYS A 28 -26.86 -49.13 -0.03
C CYS A 28 -28.07 -48.19 0.09
N ASN A 29 -27.91 -46.97 -0.40
CA ASN A 29 -28.93 -45.99 -0.29
C ASN A 29 -30.19 -46.41 -1.02
N GLU A 30 -30.00 -47.06 -2.16
CA GLU A 30 -31.11 -47.55 -2.95
C GLU A 30 -31.83 -48.71 -2.24
N LEU A 31 -31.11 -49.41 -1.41
CA LEU A 31 -31.68 -50.46 -0.57
C LEU A 31 -32.16 -50.02 0.79
N GLY A 32 -32.12 -48.73 1.08
CA GLY A 32 -32.60 -48.23 2.35
C GLY A 32 -31.64 -48.43 3.52
N LEU A 33 -30.38 -48.70 3.26
CA LEU A 33 -29.37 -48.82 4.26
C LEU A 33 -28.61 -47.52 4.45
N SER A 34 -28.22 -47.23 5.70
CA SER A 34 -27.42 -46.06 5.94
C SER A 34 -25.97 -46.52 5.83
N THR A 35 -25.07 -45.59 5.61
CA THR A 35 -23.73 -45.93 5.22
C THR A 35 -22.70 -45.23 6.08
N VAL A 36 -21.53 -45.83 6.16
CA VAL A 36 -20.44 -45.32 6.91
C VAL A 36 -19.20 -45.42 6.07
N ALA A 37 -18.44 -44.32 5.97
CA ALA A 37 -17.13 -44.32 5.30
C ALA A 37 -16.00 -44.28 6.26
N VAL A 38 -14.84 -44.79 5.84
CA VAL A 38 -13.60 -44.58 6.54
C VAL A 38 -12.58 -43.86 5.62
N TYR A 39 -11.70 -43.05 6.18
CA TYR A 39 -10.71 -42.32 5.41
C TYR A 39 -9.45 -42.10 6.15
N ALA A 40 -8.34 -42.17 5.45
CA ALA A 40 -7.06 -41.78 6.02
C ALA A 40 -6.96 -40.26 5.96
N ARG A 41 -6.17 -39.67 6.84
CA ARG A 41 -5.96 -38.21 6.91
C ARG A 41 -5.61 -37.61 5.55
N GLU A 42 -4.67 -38.24 4.87
CA GLU A 42 -4.22 -37.79 3.58
C GLU A 42 -5.29 -37.90 2.49
N ASP A 43 -6.30 -38.73 2.73
CA ASP A 43 -7.35 -38.99 1.78
C ASP A 43 -8.54 -38.22 2.19
N GLU A 44 -8.34 -37.21 3.03
CA GLU A 44 -9.52 -36.54 3.60
C GLU A 44 -10.37 -35.73 2.66
N TYR A 45 -9.85 -35.47 1.45
CA TYR A 45 -10.65 -34.77 0.46
C TYR A 45 -11.35 -35.72 -0.59
N SER A 46 -11.29 -37.02 -0.33
CA SER A 46 -11.93 -38.02 -1.20
C SER A 46 -13.44 -37.89 -1.17
N VAL A 47 -14.01 -37.82 -2.34
CA VAL A 47 -15.43 -37.85 -2.56
C VAL A 47 -16.13 -38.89 -1.69
N HIS A 48 -15.60 -40.09 -1.63
CA HIS A 48 -16.31 -41.12 -0.85
C HIS A 48 -16.57 -40.76 0.57
N ARG A 49 -15.68 -39.97 1.17
CA ARG A 49 -15.94 -39.51 2.53
C ARG A 49 -17.21 -38.73 2.66
N PHE A 50 -17.59 -37.93 1.66
CA PHE A 50 -18.76 -37.03 1.78
C PHE A 50 -19.99 -37.62 1.19
N LYS A 51 -19.87 -38.79 0.60
CA LYS A 51 -21.07 -39.47 0.13
C LYS A 51 -21.72 -40.37 1.18
N ALA A 52 -21.02 -40.73 2.21
CA ALA A 52 -21.60 -41.62 3.23
C ALA A 52 -22.49 -40.81 4.16
N ASP A 53 -23.38 -41.47 4.87
CA ASP A 53 -24.20 -40.79 5.88
C ASP A 53 -23.38 -40.35 7.10
N GLU A 54 -22.24 -41.03 7.31
CA GLU A 54 -21.28 -40.65 8.32
C GLU A 54 -19.94 -41.24 7.96
N SER A 55 -18.89 -40.65 8.52
CA SER A 55 -17.52 -41.03 8.17
C SER A 55 -16.61 -40.76 9.31
N TYR A 56 -15.56 -41.55 9.36
CA TYR A 56 -14.62 -41.60 10.43
C TYR A 56 -13.24 -41.73 9.90
N LEU A 57 -12.35 -40.96 10.48
CA LEU A 57 -10.92 -41.09 10.25
C LEU A 57 -10.42 -42.35 10.81
N ILE A 58 -9.54 -43.02 10.09
CA ILE A 58 -8.84 -44.20 10.56
C ILE A 58 -7.32 -44.14 10.34
N GLY A 59 -6.62 -45.02 11.02
CA GLY A 59 -5.18 -45.17 10.85
C GLY A 59 -4.35 -43.98 11.30
N GLN A 60 -4.81 -43.19 12.27
CA GLN A 60 -3.99 -42.02 12.72
C GLN A 60 -2.51 -42.33 12.90
N GLY A 61 -1.68 -41.43 12.35
CA GLY A 61 -0.23 -41.53 12.44
C GLY A 61 0.41 -42.54 11.49
N LYS A 62 -0.40 -43.32 10.77
CA LYS A 62 0.16 -44.28 9.84
C LYS A 62 0.28 -43.69 8.45
N LYS A 63 1.11 -44.33 7.63
CA LYS A 63 1.14 -44.08 6.22
C LYS A 63 -0.23 -44.37 5.63
N PRO A 64 -0.57 -43.66 4.54
CA PRO A 64 -1.96 -43.74 4.13
C PRO A 64 -2.47 -45.09 3.67
N ILE A 65 -1.66 -45.85 2.94
CA ILE A 65 -2.11 -47.17 2.53
C ILE A 65 -2.21 -48.11 3.74
N ASP A 66 -1.25 -48.04 4.67
CA ASP A 66 -1.37 -48.78 5.93
C ASP A 66 -2.64 -48.44 6.70
N ALA A 67 -3.12 -47.19 6.62
CA ALA A 67 -4.34 -46.84 7.28
C ALA A 67 -5.49 -47.67 6.75
N TYR A 68 -5.54 -47.90 5.44
CA TYR A 68 -6.66 -48.65 4.86
C TYR A 68 -6.55 -50.14 5.07
N LEU A 69 -5.37 -50.59 5.47
CA LEU A 69 -5.12 -51.97 5.81
C LEU A 69 -5.19 -52.19 7.34
N ASP A 70 -5.60 -51.17 8.11
CA ASP A 70 -5.62 -51.26 9.60
C ASP A 70 -6.89 -51.98 10.03
N ILE A 71 -6.80 -53.31 10.00
CA ILE A 71 -7.93 -54.19 10.36
C ILE A 71 -8.63 -53.79 11.65
N ASP A 72 -7.86 -53.61 12.73
CA ASP A 72 -8.50 -53.37 14.04
C ASP A 72 -9.19 -52.05 14.06
N ASP A 73 -8.58 -51.06 13.42
CA ASP A 73 -9.17 -49.72 13.47
C ASP A 73 -10.49 -49.63 12.67
N ILE A 74 -10.51 -50.30 11.52
CA ILE A 74 -11.73 -50.41 10.73
C ILE A 74 -12.87 -51.11 11.50
N ILE A 75 -12.52 -52.24 12.12
CA ILE A 75 -13.50 -52.88 13.02
C ILE A 75 -13.97 -51.99 14.18
N ARG A 76 -13.03 -51.25 14.79
CA ARG A 76 -13.37 -50.28 15.81
C ARG A 76 -14.48 -49.35 15.29
N VAL A 77 -14.30 -48.80 14.09
CA VAL A 77 -15.28 -47.85 13.57
C VAL A 77 -16.63 -48.53 13.36
N ALA A 78 -16.59 -49.72 12.78
CA ALA A 78 -17.88 -50.43 12.54
C ALA A 78 -18.66 -50.59 13.83
N LEU A 79 -17.96 -51.02 14.88
CA LEU A 79 -18.62 -51.29 16.18
C LEU A 79 -19.10 -50.01 16.82
N GLU A 80 -18.29 -48.95 16.76
CA GLU A 80 -18.63 -47.65 17.36
C GLU A 80 -19.74 -46.98 16.66
N SER A 81 -19.81 -47.14 15.34
CA SER A 81 -20.88 -46.51 14.59
C SER A 81 -22.19 -47.31 14.61
N GLY A 82 -22.15 -48.56 15.07
CA GLY A 82 -23.35 -49.44 15.06
C GLY A 82 -23.62 -50.07 13.70
N ALA A 83 -22.57 -50.26 12.91
CA ALA A 83 -22.80 -50.82 11.57
C ALA A 83 -23.08 -52.31 11.73
N ASP A 84 -23.88 -52.87 10.81
CA ASP A 84 -24.17 -54.29 10.78
C ASP A 84 -23.22 -55.07 9.92
N ALA A 85 -22.63 -54.42 8.93
CA ALA A 85 -21.98 -55.09 7.81
C ALA A 85 -20.81 -54.25 7.26
N ILE A 86 -19.81 -54.93 6.73
CA ILE A 86 -18.72 -54.35 6.05
C ILE A 86 -18.64 -54.90 4.64
N HIS A 87 -18.61 -54.02 3.66
CA HIS A 87 -18.34 -54.35 2.27
C HIS A 87 -16.90 -53.93 2.03
N PRO A 88 -16.04 -54.87 1.64
CA PRO A 88 -14.62 -54.55 1.49
C PRO A 88 -14.19 -53.98 0.15
N GLY A 89 -15.11 -53.86 -0.79
CA GLY A 89 -14.83 -53.37 -2.12
C GLY A 89 -13.91 -54.32 -2.85
N TYR A 90 -12.91 -53.78 -3.53
CA TYR A 90 -11.87 -54.60 -4.18
C TYR A 90 -10.53 -54.04 -3.80
N GLY A 91 -9.45 -54.76 -4.09
CA GLY A 91 -8.14 -54.36 -3.61
C GLY A 91 -8.10 -54.42 -2.09
N LEU A 92 -7.08 -53.78 -1.51
CA LEU A 92 -6.96 -53.57 -0.07
C LEU A 92 -7.17 -54.88 0.70
N LEU A 93 -8.20 -54.97 1.57
CA LEU A 93 -8.39 -56.15 2.38
C LEU A 93 -9.46 -57.07 1.85
N SER A 94 -9.83 -56.92 0.59
CA SER A 94 -11.05 -57.56 0.14
C SER A 94 -10.88 -59.07 -0.08
N GLU A 95 -9.64 -59.51 -0.25
CA GLU A 95 -9.36 -60.94 -0.36
C GLU A 95 -8.62 -61.45 0.87
N ASN A 96 -8.64 -60.71 1.95
CA ASN A 96 -7.73 -60.98 3.07
C ASN A 96 -8.46 -61.83 4.11
N LEU A 97 -7.98 -63.07 4.29
CA LEU A 97 -8.63 -64.04 5.20
C LEU A 97 -8.65 -63.55 6.62
N GLU A 98 -7.54 -63.04 7.09
CA GLU A 98 -7.46 -62.48 8.42
C GLU A 98 -8.56 -61.41 8.66
N PHE A 99 -8.73 -60.50 7.69
CA PHE A 99 -9.67 -59.41 7.86
C PHE A 99 -11.09 -59.96 7.97
N ALA A 100 -11.47 -60.84 7.04
CA ALA A 100 -12.84 -61.35 7.02
C ALA A 100 -13.14 -62.12 8.31
N THR A 101 -12.12 -62.84 8.77
CA THR A 101 -12.24 -63.65 9.98
C THR A 101 -12.54 -62.76 11.15
N LYS A 102 -11.81 -61.67 11.24
CA LYS A 102 -11.95 -60.81 12.39
C LYS A 102 -13.23 -59.99 12.31
N VAL A 103 -13.68 -59.69 11.09
CA VAL A 103 -14.89 -58.94 10.92
C VAL A 103 -16.04 -59.84 11.42
N ARG A 104 -16.03 -61.08 10.95
CA ARG A 104 -17.07 -62.03 11.36
C ARG A 104 -17.00 -62.36 12.84
N ALA A 105 -15.78 -62.45 13.36
CA ALA A 105 -15.58 -62.68 14.82
C ALA A 105 -16.04 -61.52 15.65
N ALA A 106 -16.18 -60.34 15.07
CA ALA A 106 -16.68 -59.24 15.77
C ALA A 106 -18.22 -59.11 15.62
N GLY A 107 -18.85 -60.15 15.09
CA GLY A 107 -20.33 -60.20 15.00
C GLY A 107 -20.87 -59.38 13.83
N LEU A 108 -20.01 -59.02 12.89
CA LEU A 108 -20.46 -58.21 11.75
C LEU A 108 -20.62 -59.09 10.54
N VAL A 109 -21.51 -58.69 9.65
CA VAL A 109 -21.61 -59.34 8.35
C VAL A 109 -20.46 -58.90 7.44
N PHE A 110 -19.71 -59.84 6.89
CA PHE A 110 -18.71 -59.54 5.87
C PHE A 110 -19.31 -59.80 4.53
N VAL A 111 -19.49 -58.77 3.70
CA VAL A 111 -20.22 -58.91 2.43
C VAL A 111 -19.25 -59.52 1.43
N GLY A 112 -19.25 -60.85 1.34
CA GLY A 112 -18.27 -61.58 0.55
C GLY A 112 -18.47 -63.08 0.80
N PRO A 113 -17.64 -63.92 0.19
CA PRO A 113 -17.86 -65.34 0.34
C PRO A 113 -17.44 -65.86 1.73
N GLU A 114 -17.59 -67.15 1.95
CA GLU A 114 -17.20 -67.79 3.21
C GLU A 114 -15.70 -67.76 3.38
N LEU A 115 -15.29 -67.82 4.62
CA LEU A 115 -13.90 -67.84 4.95
C LEU A 115 -13.15 -68.93 4.16
N HIS A 116 -13.76 -70.11 4.04
CA HIS A 116 -13.17 -71.22 3.34
C HIS A 116 -12.87 -70.78 1.89
N HIS A 117 -13.78 -70.02 1.27
CA HIS A 117 -13.57 -69.57 -0.14
C HIS A 117 -12.43 -68.53 -0.27
N LEU A 118 -12.31 -67.63 0.70
CA LEU A 118 -11.21 -66.68 0.70
C LEU A 118 -9.89 -67.38 0.86
N ASP A 119 -9.90 -68.45 1.64
CA ASP A 119 -8.70 -69.25 1.81
C ASP A 119 -8.31 -69.95 0.50
N ILE A 120 -9.21 -70.72 -0.10
CA ILE A 120 -8.82 -71.49 -1.28
C ILE A 120 -8.72 -70.68 -2.59
N PHE A 121 -9.44 -69.56 -2.67
CA PHE A 121 -9.33 -68.72 -3.85
C PHE A 121 -8.39 -67.55 -3.70
N GLY A 122 -8.08 -67.17 -2.47
CA GLY A 122 -7.08 -66.14 -2.22
C GLY A 122 -5.71 -66.69 -2.53
N ASP A 123 -5.50 -67.98 -2.29
CA ASP A 123 -4.25 -68.63 -2.61
C ASP A 123 -4.41 -69.24 -4.00
N LYS A 124 -3.56 -68.85 -4.93
CA LYS A 124 -3.70 -69.33 -6.31
C LYS A 124 -3.28 -70.78 -6.51
N ILE A 125 -2.50 -71.32 -5.59
CA ILE A 125 -2.14 -72.73 -5.62
C ILE A 125 -3.30 -73.58 -5.20
N LYS A 126 -3.94 -73.17 -4.12
CA LYS A 126 -5.09 -73.89 -3.63
C LYS A 126 -6.23 -73.76 -4.62
N ALA A 127 -6.26 -72.65 -5.35
CA ALA A 127 -7.32 -72.45 -6.33
C ALA A 127 -7.19 -73.38 -7.52
N LYS A 128 -5.96 -73.60 -7.99
CA LYS A 128 -5.74 -74.57 -9.07
C LYS A 128 -6.04 -75.96 -8.61
N ALA A 129 -5.70 -76.25 -7.38
CA ALA A 129 -6.10 -77.53 -6.80
C ALA A 129 -7.61 -77.69 -6.88
N ALA A 130 -8.35 -76.65 -6.41
CA ALA A 130 -9.81 -76.73 -6.40
C ALA A 130 -10.39 -76.85 -7.80
N ALA A 131 -9.72 -76.24 -8.77
CA ALA A 131 -10.20 -76.31 -10.15
C ALA A 131 -10.02 -77.70 -10.74
N ASP A 132 -8.84 -78.31 -10.50
CA ASP A 132 -8.61 -79.74 -10.86
C ASP A 132 -9.65 -80.64 -10.22
N GLU A 133 -9.90 -80.44 -8.94
CA GLU A 133 -10.89 -81.24 -8.24
C GLU A 133 -12.26 -81.16 -8.91
N ALA A 134 -12.60 -79.99 -9.45
CA ALA A 134 -13.93 -79.80 -10.03
C ALA A 134 -13.97 -80.20 -11.50
N LYS A 135 -12.84 -80.67 -12.03
CA LYS A 135 -12.68 -81.07 -13.43
C LYS A 135 -12.84 -79.90 -14.38
N VAL A 136 -12.14 -78.84 -14.08
CA VAL A 136 -12.07 -77.66 -14.89
C VAL A 136 -10.62 -77.53 -15.37
N PRO A 137 -10.43 -77.55 -16.68
CA PRO A 137 -9.09 -77.59 -17.25
C PRO A 137 -8.23 -76.41 -16.79
N GLY A 138 -7.03 -76.67 -16.29
CA GLY A 138 -6.14 -75.61 -15.86
C GLY A 138 -4.92 -75.58 -16.72
N ILE A 139 -3.95 -74.76 -16.30
CA ILE A 139 -2.72 -74.67 -17.03
C ILE A 139 -1.71 -75.60 -16.35
N PRO A 140 -1.07 -76.50 -17.14
CA PRO A 140 0.00 -77.30 -16.57
C PRO A 140 0.91 -76.45 -15.67
N GLY A 141 1.09 -76.90 -14.44
CA GLY A 141 1.89 -76.14 -13.48
C GLY A 141 2.51 -77.02 -12.42
N THR A 142 3.43 -76.45 -11.65
CA THR A 142 4.07 -77.17 -10.57
C THR A 142 3.01 -77.78 -9.68
N ASN A 143 3.32 -78.92 -9.08
CA ASN A 143 2.33 -79.63 -8.30
C ASN A 143 1.84 -78.77 -7.11
N GLY A 144 2.75 -78.06 -6.46
CA GLY A 144 2.38 -77.07 -5.44
C GLY A 144 3.38 -75.96 -5.54
N ALA A 145 3.74 -75.37 -4.41
CA ALA A 145 4.76 -74.32 -4.37
C ALA A 145 6.13 -74.94 -4.58
N VAL A 146 7.09 -74.16 -5.05
CA VAL A 146 8.42 -74.69 -5.31
C VAL A 146 9.53 -73.72 -4.95
N ASP A 147 10.69 -74.31 -4.70
CA ASP A 147 11.96 -73.59 -4.61
C ASP A 147 12.45 -73.43 -6.03
N ILE A 148 13.62 -72.82 -6.21
CA ILE A 148 14.15 -72.67 -7.55
C ILE A 148 14.42 -74.00 -8.30
N ASP A 149 14.62 -75.09 -7.56
CA ASP A 149 14.90 -76.40 -8.17
C ASP A 149 13.66 -77.08 -8.73
N GLY A 150 12.53 -76.89 -8.06
CA GLY A 150 11.26 -77.38 -8.58
C GLY A 150 10.81 -76.54 -9.78
N ALA A 151 11.18 -75.27 -9.76
CA ALA A 151 10.91 -74.37 -10.87
C ALA A 151 11.68 -74.82 -12.11
N LEU A 152 12.99 -74.94 -11.96
CA LEU A 152 13.83 -75.40 -13.06
C LEU A 152 13.35 -76.76 -13.58
N GLU A 153 12.97 -77.65 -12.66
CA GLU A 153 12.36 -78.95 -12.98
C GLU A 153 11.15 -78.81 -13.90
N PHE A 154 10.28 -77.86 -13.56
CA PHE A 154 9.11 -77.60 -14.37
C PHE A 154 9.50 -77.18 -15.80
N ALA A 155 10.39 -76.21 -15.90
CA ALA A 155 10.84 -75.72 -17.18
C ALA A 155 11.48 -76.83 -17.99
N LYS A 156 12.18 -77.74 -17.32
CA LYS A 156 12.70 -78.95 -17.96
C LYS A 156 11.56 -79.84 -18.48
N THR A 157 10.60 -80.16 -17.62
CA THR A 157 9.44 -80.95 -18.04
C THR A 157 8.62 -80.29 -19.19
N TYR A 158 8.16 -79.05 -18.98
CA TYR A 158 7.29 -78.34 -19.93
C TYR A 158 7.85 -77.36 -20.94
N GLY A 159 9.03 -76.86 -20.68
CA GLY A 159 9.71 -75.94 -21.56
C GLY A 159 9.44 -74.48 -21.36
N TYR A 160 10.34 -73.65 -21.86
CA TYR A 160 10.19 -72.22 -21.80
C TYR A 160 9.30 -71.84 -22.93
N PRO A 161 8.57 -70.66 -22.91
CA PRO A 161 8.71 -69.81 -21.72
C PRO A 161 7.76 -70.19 -20.61
N VAL A 162 8.03 -69.75 -19.40
CA VAL A 162 7.16 -70.04 -18.28
C VAL A 162 6.81 -68.81 -17.49
N MET A 163 5.70 -68.89 -16.77
CA MET A 163 5.27 -67.77 -15.97
C MET A 163 5.48 -68.04 -14.50
N ILE A 164 6.26 -67.20 -13.87
CA ILE A 164 6.51 -67.34 -12.47
C ILE A 164 5.43 -66.57 -11.75
N LYS A 165 4.74 -67.21 -10.83
CA LYS A 165 3.61 -66.56 -10.19
C LYS A 165 3.61 -66.76 -8.69
N ALA A 166 3.25 -65.70 -7.97
CA ALA A 166 3.07 -65.75 -6.52
C ALA A 166 1.68 -66.23 -6.17
N ALA A 167 1.62 -67.12 -5.20
CA ALA A 167 0.36 -67.61 -4.61
C ALA A 167 -0.65 -66.51 -4.26
N LEU A 168 -0.17 -65.35 -3.80
CA LEU A 168 -1.03 -64.21 -3.43
C LEU A 168 -0.95 -62.93 -4.32
N GLY A 169 -0.52 -63.11 -5.58
CA GLY A 169 -0.36 -62.01 -6.57
C GLY A 169 -1.66 -61.33 -6.92
N GLY A 170 -1.61 -60.03 -7.22
CA GLY A 170 -2.83 -59.22 -7.43
C GLY A 170 -2.59 -57.92 -8.18
N GLY A 171 -3.33 -57.71 -9.28
CA GLY A 171 -3.09 -56.61 -10.21
C GLY A 171 -2.01 -56.92 -11.25
N GLY A 172 -1.11 -57.82 -10.89
CA GLY A 172 0.05 -58.19 -11.70
C GLY A 172 1.38 -58.02 -10.99
N ARG A 173 1.40 -57.81 -9.66
CA ARG A 173 2.69 -57.51 -9.00
C ARG A 173 3.52 -58.75 -8.66
N GLY A 174 2.91 -59.91 -8.50
CA GLY A 174 3.75 -61.06 -8.12
C GLY A 174 4.02 -62.06 -9.26
N MET A 175 4.44 -61.57 -10.43
CA MET A 175 4.55 -62.45 -11.58
C MET A 175 5.64 -62.03 -12.56
N ARG A 176 6.34 -63.02 -13.09
CA ARG A 176 7.40 -62.78 -14.06
C ARG A 176 7.46 -63.87 -15.13
N VAL A 177 7.70 -63.45 -16.36
CA VAL A 177 7.90 -64.35 -17.46
C VAL A 177 9.38 -64.72 -17.48
N ALA A 178 9.68 -66.00 -17.57
CA ALA A 178 11.08 -66.44 -17.78
C ALA A 178 11.15 -67.21 -19.06
N ARG A 179 11.96 -66.73 -19.98
CA ARG A 179 12.15 -67.36 -21.28
C ARG A 179 13.48 -68.12 -21.25
N ASN A 180 14.09 -68.26 -20.07
CA ASN A 180 15.49 -68.65 -19.88
C ASN A 180 15.80 -69.27 -18.57
N ASP A 181 16.92 -69.98 -18.49
CA ASP A 181 17.53 -70.29 -17.20
C ASP A 181 17.91 -69.01 -16.41
N ALA A 182 18.66 -68.11 -17.04
CA ALA A 182 19.14 -66.94 -16.32
C ALA A 182 17.98 -66.01 -15.86
N GLU A 183 16.91 -65.95 -16.68
CA GLU A 183 15.70 -65.22 -16.33
C GLU A 183 14.88 -65.97 -15.28
N MET A 184 15.05 -67.29 -15.20
CA MET A 184 14.38 -68.08 -14.17
C MET A 184 14.95 -67.80 -12.78
N HIS A 185 16.26 -67.71 -12.67
CA HIS A 185 16.93 -67.37 -11.41
C HIS A 185 16.60 -65.92 -11.01
N ASP A 186 16.76 -65.01 -11.96
CA ASP A 186 16.44 -63.62 -11.74
C ASP A 186 14.94 -63.39 -11.45
N GLY A 187 14.08 -63.89 -12.33
CA GLY A 187 12.62 -63.71 -12.20
C GLY A 187 12.10 -64.28 -10.90
N TYR A 188 12.59 -65.45 -10.50
CA TYR A 188 12.16 -66.11 -9.28
C TYR A 188 12.51 -65.26 -8.07
N ALA A 189 13.76 -64.83 -8.00
CA ALA A 189 14.19 -63.96 -6.90
C ALA A 189 13.27 -62.74 -6.76
N ARG A 190 13.00 -62.07 -7.88
CA ARG A 190 12.29 -60.78 -7.88
C ARG A 190 10.76 -60.94 -7.66
N ALA A 191 10.19 -62.06 -8.08
CA ALA A 191 8.78 -62.37 -7.79
C ALA A 191 8.58 -62.66 -6.30
N LYS A 192 9.58 -63.31 -5.68
CA LYS A 192 9.56 -63.59 -4.23
C LYS A 192 9.70 -62.34 -3.36
N SER A 193 10.53 -61.40 -3.81
CA SER A 193 10.68 -60.11 -3.13
C SER A 193 9.38 -59.33 -3.11
N GLU A 194 8.80 -59.11 -4.27
CA GLU A 194 7.56 -58.34 -4.41
C GLU A 194 6.45 -58.99 -3.61
N ALA A 195 6.38 -60.31 -3.64
CA ALA A 195 5.35 -61.03 -2.92
C ALA A 195 5.46 -60.86 -1.40
N ILE A 196 6.68 -60.84 -0.84
CA ILE A 196 6.86 -60.53 0.59
C ILE A 196 6.57 -59.02 0.83
N GLY A 197 7.18 -58.17 0.01
CA GLY A 197 7.02 -56.72 0.11
C GLY A 197 5.58 -56.23 0.04
N ALA A 198 4.86 -56.63 -1.02
CA ALA A 198 3.47 -56.19 -1.25
C ALA A 198 2.41 -56.93 -0.39
N PHE A 199 2.55 -58.24 -0.19
CA PHE A 199 1.48 -59.05 0.45
C PHE A 199 1.97 -59.85 1.65
N GLY A 200 3.18 -59.60 2.14
CA GLY A 200 3.65 -60.23 3.39
C GLY A 200 3.97 -61.72 3.42
N SER A 201 3.86 -62.41 2.29
CA SER A 201 4.34 -63.83 2.20
C SER A 201 4.83 -64.04 0.76
N GLY A 202 5.75 -64.99 0.51
CA GLY A 202 6.39 -65.12 -0.83
C GLY A 202 6.45 -66.52 -1.43
N GLU A 203 5.35 -67.26 -1.37
CA GLU A 203 5.31 -68.60 -1.95
C GLU A 203 5.09 -68.54 -3.46
N ILE A 204 5.82 -69.39 -4.19
CA ILE A 204 5.88 -69.26 -5.65
C ILE A 204 5.58 -70.59 -6.33
N TYR A 205 4.79 -70.49 -7.39
CA TYR A 205 4.53 -71.63 -8.29
C TYR A 205 4.80 -71.18 -9.71
N VAL A 206 4.80 -72.10 -10.65
CA VAL A 206 5.09 -71.75 -12.00
C VAL A 206 4.04 -72.41 -12.83
N GLU A 207 3.79 -71.85 -14.00
CA GLU A 207 2.80 -72.30 -14.92
C GLU A 207 3.38 -72.22 -16.30
N LYS A 208 2.74 -72.90 -17.22
CA LYS A 208 3.13 -72.83 -18.60
C LYS A 208 2.74 -71.45 -19.04
N TYR A 209 3.56 -70.78 -19.82
CA TYR A 209 3.24 -69.46 -20.29
C TYR A 209 2.61 -69.62 -21.65
N ILE A 210 1.39 -69.19 -21.80
CA ILE A 210 0.68 -69.26 -23.05
C ILE A 210 0.93 -68.03 -23.92
N GLU A 211 1.04 -68.26 -25.24
CA GLU A 211 1.40 -67.21 -26.19
C GLU A 211 0.16 -66.54 -26.76
N ASN A 212 0.07 -65.21 -26.60
CA ASN A 212 -1.01 -64.41 -27.18
C ASN A 212 -2.42 -64.89 -26.86
N PRO A 213 -2.70 -65.08 -25.57
CA PRO A 213 -4.03 -65.53 -25.19
C PRO A 213 -5.01 -64.37 -25.08
N LYS A 214 -6.29 -64.72 -25.06
CA LYS A 214 -7.34 -63.82 -24.61
C LYS A 214 -7.54 -64.05 -23.12
N HIS A 215 -7.98 -63.01 -22.41
CA HIS A 215 -8.29 -63.16 -21.01
C HIS A 215 -9.79 -63.03 -20.93
N ILE A 216 -10.47 -64.08 -20.51
CA ILE A 216 -11.91 -64.11 -20.51
C ILE A 216 -12.33 -64.48 -19.11
N GLU A 217 -13.29 -63.76 -18.55
CA GLU A 217 -13.65 -63.99 -17.15
C GLU A 217 -15.11 -64.00 -17.00
N VAL A 218 -15.57 -64.78 -16.04
CA VAL A 218 -17.01 -65.03 -15.92
C VAL A 218 -17.50 -64.54 -14.59
N GLN A 219 -18.56 -63.79 -14.62
CA GLN A 219 -19.14 -63.23 -13.41
C GLN A 219 -20.06 -64.23 -12.80
N ILE A 220 -19.89 -64.48 -11.50
CA ILE A 220 -20.75 -65.42 -10.75
C ILE A 220 -21.43 -64.74 -9.58
N LEU A 221 -22.67 -65.15 -9.33
CA LEU A 221 -23.35 -64.91 -8.07
C LEU A 221 -23.86 -66.24 -7.47
N GLY A 222 -23.63 -66.43 -6.17
CA GLY A 222 -24.13 -67.58 -5.43
C GLY A 222 -24.79 -67.08 -4.16
N ASP A 223 -25.89 -67.71 -3.78
CA ASP A 223 -26.59 -67.28 -2.59
C ASP A 223 -26.41 -68.36 -1.54
N ARG A 224 -27.10 -68.20 -0.41
CA ARG A 224 -26.97 -69.15 0.70
C ARG A 224 -28.01 -70.26 0.62
N HIS A 225 -28.66 -70.38 -0.53
CA HIS A 225 -29.70 -71.36 -0.70
C HIS A 225 -29.35 -72.26 -1.87
N GLY A 226 -28.05 -72.47 -2.13
CA GLY A 226 -27.61 -73.32 -3.21
C GLY A 226 -27.85 -72.85 -4.65
N ASN A 227 -28.22 -71.61 -4.86
CA ASN A 227 -28.35 -71.11 -6.23
C ASN A 227 -27.05 -70.51 -6.72
N ILE A 228 -26.63 -70.91 -7.91
CA ILE A 228 -25.49 -70.27 -8.54
C ILE A 228 -25.85 -69.93 -9.96
N ILE A 229 -25.47 -68.72 -10.39
CA ILE A 229 -25.69 -68.26 -11.74
C ILE A 229 -24.53 -67.43 -12.20
N HIS A 230 -24.36 -67.43 -13.51
CA HIS A 230 -23.37 -66.65 -14.18
C HIS A 230 -24.08 -65.52 -14.91
N LEU A 231 -23.37 -64.37 -15.02
CA LEU A 231 -23.89 -63.18 -15.69
C LEU A 231 -23.09 -62.93 -16.95
N HIS A 232 -22.90 -64.01 -17.69
CA HIS A 232 -22.07 -64.05 -18.91
C HIS A 232 -20.63 -63.66 -18.57
N GLU A 233 -19.85 -63.36 -19.59
CA GLU A 233 -18.44 -63.17 -19.43
C GLU A 233 -17.97 -61.78 -19.84
N ARG A 234 -16.69 -61.54 -19.65
CA ARG A 234 -16.07 -60.29 -20.02
C ARG A 234 -14.77 -60.60 -20.67
N ASP A 235 -14.43 -59.82 -21.68
CA ASP A 235 -13.15 -59.96 -22.33
C ASP A 235 -12.24 -58.83 -21.86
N CYS A 236 -11.18 -59.21 -21.16
CA CYS A 236 -10.28 -58.28 -20.57
C CYS A 236 -8.92 -58.44 -21.13
N SER A 237 -8.84 -58.73 -22.42
CA SER A 237 -7.57 -59.03 -23.02
C SER A 237 -6.75 -57.77 -23.25
N VAL A 238 -7.38 -56.60 -23.30
CA VAL A 238 -6.61 -55.39 -23.62
C VAL A 238 -5.83 -54.95 -22.41
N GLN A 239 -4.53 -55.30 -22.40
CA GLN A 239 -3.69 -55.10 -21.24
C GLN A 239 -2.41 -54.46 -21.60
N ARG A 240 -1.77 -53.86 -20.60
CA ARG A 240 -0.45 -53.29 -20.72
C ARG A 240 0.37 -53.85 -19.56
N ARG A 241 1.44 -54.53 -19.90
CA ARG A 241 2.27 -55.15 -18.91
C ARG A 241 1.42 -56.06 -18.01
N ASN A 242 0.51 -56.79 -18.62
CA ASN A 242 -0.43 -57.65 -17.92
C ASN A 242 -1.34 -56.98 -16.93
N GLN A 243 -1.63 -55.70 -17.14
CA GLN A 243 -2.59 -54.96 -16.33
C GLN A 243 -3.75 -54.51 -17.21
N LYS A 244 -4.96 -54.76 -16.76
CA LYS A 244 -6.14 -54.45 -17.56
C LYS A 244 -6.25 -52.96 -17.86
N VAL A 245 -6.58 -52.62 -19.09
CA VAL A 245 -6.72 -51.22 -19.52
C VAL A 245 -8.14 -50.98 -19.98
N ILE A 246 -8.59 -51.82 -20.89
CA ILE A 246 -9.94 -51.74 -21.39
C ILE A 246 -10.57 -53.13 -21.33
N GLU A 247 -11.84 -53.16 -20.92
CA GLU A 247 -12.56 -54.38 -20.79
C GLU A 247 -13.82 -54.25 -21.60
N ILE A 248 -14.27 -55.34 -22.18
CA ILE A 248 -15.56 -55.33 -22.87
C ILE A 248 -16.43 -56.48 -22.47
N ALA A 249 -17.69 -56.39 -22.85
CA ALA A 249 -18.67 -57.45 -22.57
C ALA A 249 -19.77 -57.38 -23.58
N PRO A 250 -20.26 -58.54 -24.05
CA PRO A 250 -19.69 -59.82 -23.73
C PRO A 250 -18.45 -59.99 -24.57
N ALA A 251 -17.90 -61.19 -24.65
CA ALA A 251 -16.74 -61.41 -25.50
C ALA A 251 -17.15 -61.53 -27.00
N VAL A 252 -17.27 -60.38 -27.64
CA VAL A 252 -17.93 -60.30 -28.96
C VAL A 252 -17.18 -60.97 -30.08
N GLY A 253 -15.87 -61.12 -29.91
CA GLY A 253 -15.05 -61.79 -30.89
C GLY A 253 -15.00 -63.31 -30.79
N LEU A 254 -15.79 -63.90 -29.92
CA LEU A 254 -15.80 -65.34 -29.72
C LEU A 254 -17.19 -65.83 -29.96
N SER A 255 -17.30 -67.10 -30.30
CA SER A 255 -18.60 -67.62 -30.69
C SER A 255 -19.44 -67.80 -29.45
N PRO A 256 -20.75 -67.61 -29.58
CA PRO A 256 -21.64 -67.82 -28.42
C PRO A 256 -21.61 -69.24 -27.76
N ASP A 257 -21.40 -70.29 -28.55
CA ASP A 257 -21.26 -71.65 -28.01
C ASP A 257 -20.01 -71.78 -27.16
N PHE A 258 -18.95 -71.21 -27.66
CA PHE A 258 -17.73 -71.25 -26.94
C PHE A 258 -17.76 -70.44 -25.63
N ARG A 259 -18.35 -69.24 -25.69
CA ARG A 259 -18.49 -68.42 -24.51
C ARG A 259 -19.36 -69.12 -23.48
N ASN A 260 -20.40 -69.76 -23.96
CA ASN A 260 -21.28 -70.46 -23.06
C ASN A 260 -20.58 -71.63 -22.33
N GLU A 261 -19.69 -72.29 -23.05
CA GLU A 261 -18.94 -73.38 -22.48
C GLU A 261 -18.06 -72.84 -21.35
N ILE A 262 -17.43 -71.69 -21.61
CA ILE A 262 -16.61 -71.05 -20.59
C ILE A 262 -17.47 -70.72 -19.37
N CYS A 263 -18.67 -70.21 -19.61
CA CYS A 263 -19.50 -69.80 -18.47
C CYS A 263 -19.86 -71.03 -17.65
N GLU A 264 -20.15 -72.16 -18.32
CA GLU A 264 -20.55 -73.41 -17.61
C GLU A 264 -19.40 -74.00 -16.81
N ALA A 265 -18.21 -73.93 -17.34
CA ALA A 265 -17.06 -74.33 -16.58
C ALA A 265 -16.93 -73.49 -15.26
N ALA A 266 -17.13 -72.18 -15.33
CA ALA A 266 -17.02 -71.33 -14.14
C ALA A 266 -18.08 -71.71 -13.14
N VAL A 267 -19.28 -71.95 -13.62
CA VAL A 267 -20.39 -72.36 -12.75
C VAL A 267 -20.13 -73.72 -12.06
N LYS A 268 -19.56 -74.64 -12.82
CA LYS A 268 -19.25 -75.96 -12.30
C LYS A 268 -18.32 -75.85 -11.10
N LEU A 269 -17.29 -75.04 -11.26
CA LEU A 269 -16.32 -74.85 -10.20
C LEU A 269 -16.98 -74.22 -8.98
N CYS A 270 -17.76 -73.18 -9.20
CA CYS A 270 -18.42 -72.52 -8.07
C CYS A 270 -19.47 -73.41 -7.40
N LYS A 271 -20.21 -74.20 -8.16
CA LYS A 271 -21.10 -75.20 -7.55
C LYS A 271 -20.32 -76.21 -6.68
N ASN A 272 -19.23 -76.71 -7.22
CA ASN A 272 -18.44 -77.71 -6.52
C ASN A 272 -18.02 -77.24 -5.14
N VAL A 273 -17.67 -75.96 -4.98
CA VAL A 273 -17.23 -75.48 -3.64
C VAL A 273 -18.33 -74.73 -2.89
N GLY A 274 -19.54 -74.67 -3.40
CA GLY A 274 -20.62 -73.94 -2.70
C GLY A 274 -20.37 -72.42 -2.60
N TYR A 275 -19.84 -71.82 -3.68
CA TYR A 275 -19.45 -70.41 -3.65
C TYR A 275 -20.63 -69.54 -3.24
N VAL A 276 -20.38 -68.57 -2.37
CA VAL A 276 -21.45 -67.63 -1.96
C VAL A 276 -20.98 -66.20 -2.26
N ASN A 277 -21.95 -65.36 -2.59
CA ASN A 277 -21.78 -63.94 -2.96
C ASN A 277 -21.21 -63.71 -4.38
N ALA A 278 -20.68 -62.53 -4.67
CA ALA A 278 -20.13 -62.28 -6.01
C ALA A 278 -18.70 -62.80 -6.11
N GLY A 279 -18.35 -63.25 -7.29
CA GLY A 279 -17.00 -63.75 -7.56
C GLY A 279 -16.85 -63.83 -9.07
N THR A 280 -15.61 -63.98 -9.52
CA THR A 280 -15.28 -64.04 -10.89
C THR A 280 -14.26 -65.14 -11.14
N VAL A 281 -14.45 -65.90 -12.21
CA VAL A 281 -13.56 -66.95 -12.60
C VAL A 281 -12.87 -66.52 -13.85
N GLU A 282 -11.55 -66.52 -13.82
CA GLU A 282 -10.73 -66.00 -14.88
C GLU A 282 -10.07 -67.15 -15.65
N PHE A 283 -10.11 -67.07 -16.96
CA PHE A 283 -9.54 -68.03 -17.83
C PHE A 283 -8.64 -67.39 -18.86
N LEU A 284 -7.58 -68.08 -19.26
CA LEU A 284 -6.85 -67.74 -20.49
C LEU A 284 -7.40 -68.59 -21.64
N VAL A 285 -7.47 -67.99 -22.81
CA VAL A 285 -8.11 -68.62 -23.95
C VAL A 285 -7.19 -68.53 -25.15
N LYS A 286 -7.06 -69.66 -25.86
CA LYS A 286 -6.12 -69.83 -26.97
C LYS A 286 -6.69 -70.89 -27.94
N ASP A 287 -7.09 -70.46 -29.14
CA ASP A 287 -7.53 -71.37 -30.20
C ASP A 287 -8.66 -72.30 -29.78
N ASP A 288 -9.74 -71.75 -29.30
CA ASP A 288 -10.86 -72.63 -28.89
C ASP A 288 -10.56 -73.65 -27.76
N LYS A 289 -9.49 -73.44 -27.02
CA LYS A 289 -9.33 -74.06 -25.71
C LYS A 289 -9.34 -72.98 -24.61
N PHE A 290 -9.71 -73.34 -23.39
CA PHE A 290 -9.64 -72.40 -22.28
C PHE A 290 -9.03 -73.02 -21.04
N TYR A 291 -8.32 -72.20 -20.26
CA TYR A 291 -7.62 -72.67 -19.09
C TYR A 291 -7.88 -71.78 -17.91
N PHE A 292 -8.27 -72.40 -16.79
CA PHE A 292 -8.45 -71.70 -15.56
C PHE A 292 -7.15 -71.09 -15.06
N ILE A 293 -7.22 -69.83 -14.59
CA ILE A 293 -6.07 -69.20 -13.91
C ILE A 293 -6.31 -68.70 -12.47
N GLU A 294 -7.53 -68.21 -12.19
CA GLU A 294 -7.82 -67.54 -10.91
C GLU A 294 -9.26 -67.44 -10.65
N VAL A 295 -9.61 -67.36 -9.39
CA VAL A 295 -10.87 -66.81 -8.98
C VAL A 295 -10.60 -65.56 -8.14
N ASN A 296 -11.36 -64.50 -8.38
CA ASN A 296 -11.30 -63.29 -7.55
C ASN A 296 -12.54 -63.35 -6.75
N PRO A 297 -12.39 -63.59 -5.43
CA PRO A 297 -13.57 -63.86 -4.65
C PRO A 297 -14.08 -62.58 -4.04
N ARG A 298 -14.51 -61.69 -4.92
CA ARG A 298 -14.97 -60.34 -4.58
C ARG A 298 -15.50 -59.72 -5.85
N VAL A 299 -16.11 -58.55 -5.72
CA VAL A 299 -16.47 -57.76 -6.88
C VAL A 299 -15.20 -57.25 -7.59
N GLN A 300 -15.31 -56.93 -8.88
CA GLN A 300 -14.20 -56.31 -9.63
C GLN A 300 -14.54 -55.00 -10.21
N VAL A 301 -13.48 -54.26 -10.56
CA VAL A 301 -13.61 -52.92 -11.12
C VAL A 301 -14.45 -52.92 -12.39
N GLU A 302 -14.34 -53.98 -13.17
CA GLU A 302 -15.10 -54.06 -14.40
C GLU A 302 -16.50 -54.67 -14.26
N HIS A 303 -17.02 -54.84 -13.05
CA HIS A 303 -18.41 -55.39 -12.89
C HIS A 303 -19.41 -54.56 -13.63
N THR A 304 -19.07 -53.29 -13.81
CA THR A 304 -20.02 -52.32 -14.42
C THR A 304 -20.55 -52.77 -15.76
N ILE A 305 -19.65 -53.30 -16.56
CA ILE A 305 -20.07 -53.63 -17.95
C ILE A 305 -21.02 -54.83 -18.00
N THR A 306 -20.86 -55.71 -17.02
CA THR A 306 -21.79 -56.82 -16.84
C THR A 306 -23.15 -56.37 -16.37
N GLU A 307 -23.18 -55.37 -15.52
CA GLU A 307 -24.47 -54.83 -15.12
C GLU A 307 -25.20 -54.28 -16.31
N LEU A 308 -24.48 -53.68 -17.23
CA LEU A 308 -25.15 -53.00 -18.33
C LEU A 308 -25.71 -54.00 -19.33
N ILE A 309 -24.97 -55.07 -19.59
CA ILE A 309 -25.50 -56.02 -20.55
C ILE A 309 -26.47 -57.02 -19.98
N THR A 310 -26.58 -57.11 -18.64
CA THR A 310 -27.58 -58.02 -18.04
C THR A 310 -28.77 -57.35 -17.39
N GLY A 311 -28.63 -56.08 -17.04
CA GLY A 311 -29.70 -55.38 -16.25
C GLY A 311 -29.61 -55.74 -14.79
N VAL A 312 -28.67 -56.57 -14.40
CA VAL A 312 -28.56 -56.97 -12.99
C VAL A 312 -27.58 -56.07 -12.21
N ASP A 313 -28.04 -55.57 -11.08
CA ASP A 313 -27.26 -54.73 -10.20
C ASP A 313 -26.46 -55.60 -9.24
N ILE A 314 -25.18 -55.74 -9.51
CA ILE A 314 -24.37 -56.73 -8.90
C ILE A 314 -24.07 -56.35 -7.47
N VAL A 315 -23.79 -55.08 -7.24
CA VAL A 315 -23.47 -54.69 -5.87
C VAL A 315 -24.69 -54.82 -4.94
N GLN A 316 -25.84 -54.37 -5.40
CA GLN A 316 -27.09 -54.62 -4.65
C GLN A 316 -27.26 -56.11 -4.37
N ALA A 317 -26.95 -56.92 -5.39
CA ALA A 317 -27.11 -58.35 -5.21
C ALA A 317 -26.20 -58.85 -4.08
N GLN A 318 -24.94 -58.37 -4.06
CA GLN A 318 -24.00 -58.79 -3.07
C GLN A 318 -24.52 -58.56 -1.68
N ILE A 319 -25.11 -57.39 -1.51
CA ILE A 319 -25.57 -56.97 -0.22
C ILE A 319 -26.77 -57.80 0.15
N LEU A 320 -27.70 -57.95 -0.79
CA LEU A 320 -28.88 -58.78 -0.51
C LEU A 320 -28.49 -60.26 -0.21
N ILE A 321 -27.53 -60.81 -0.93
CA ILE A 321 -27.05 -62.19 -0.62
C ILE A 321 -26.48 -62.30 0.80
N ALA A 322 -25.71 -61.30 1.20
CA ALA A 322 -25.17 -61.26 2.53
C ALA A 322 -26.28 -61.09 3.59
N GLN A 323 -27.43 -60.56 3.20
CA GLN A 323 -28.57 -60.51 4.12
C GLN A 323 -29.32 -61.87 4.16
N GLY A 324 -28.80 -62.89 3.48
CA GLY A 324 -29.43 -64.21 3.45
C GLY A 324 -30.51 -64.42 2.40
N LYS A 325 -30.60 -63.57 1.40
CA LYS A 325 -31.68 -63.70 0.46
C LYS A 325 -31.41 -64.65 -0.70
N ASP A 326 -32.52 -65.13 -1.27
CA ASP A 326 -32.49 -66.12 -2.34
C ASP A 326 -32.42 -65.33 -3.63
N LEU A 327 -31.47 -65.70 -4.50
CA LEU A 327 -31.30 -64.99 -5.80
C LEU A 327 -32.55 -64.89 -6.59
N HIS A 328 -33.27 -65.99 -6.64
CA HIS A 328 -34.48 -66.03 -7.48
C HIS A 328 -35.69 -65.50 -6.75
N ARG A 329 -35.91 -65.98 -5.56
CA ARG A 329 -37.17 -65.80 -4.90
C ARG A 329 -37.35 -64.38 -4.39
N GLU A 330 -36.26 -63.78 -3.92
CA GLU A 330 -36.35 -62.50 -3.19
C GLU A 330 -35.65 -61.42 -3.97
N ILE A 331 -34.48 -61.73 -4.50
CA ILE A 331 -33.71 -60.77 -5.25
C ILE A 331 -34.32 -60.62 -6.63
N GLY A 332 -34.98 -61.67 -7.14
CA GLY A 332 -35.70 -61.55 -8.42
C GLY A 332 -34.92 -61.84 -9.70
N LEU A 333 -33.77 -62.48 -9.62
CA LEU A 333 -33.08 -62.88 -10.83
C LEU A 333 -33.79 -64.06 -11.44
N PRO A 334 -33.87 -64.07 -12.77
CA PRO A 334 -34.47 -65.22 -13.43
C PRO A 334 -33.56 -66.43 -13.43
N ALA A 335 -34.03 -67.47 -14.05
CA ALA A 335 -33.31 -68.69 -14.20
C ALA A 335 -32.21 -68.38 -15.15
N GLN A 336 -31.18 -69.19 -15.15
CA GLN A 336 -30.01 -68.95 -15.94
C GLN A 336 -30.25 -68.74 -17.43
N SER A 337 -31.10 -69.52 -18.04
CA SER A 337 -31.38 -69.38 -19.45
C SER A 337 -32.06 -68.07 -19.74
N GLU A 338 -32.71 -67.51 -18.75
CA GLU A 338 -33.39 -66.24 -18.91
C GLU A 338 -32.58 -65.00 -18.57
N ILE A 339 -31.31 -65.12 -18.24
CA ILE A 339 -30.53 -63.93 -17.94
C ILE A 339 -30.32 -63.13 -19.21
N PRO A 340 -30.72 -61.81 -19.14
CA PRO A 340 -30.52 -61.04 -20.37
C PRO A 340 -29.09 -60.85 -20.85
N LEU A 341 -29.01 -60.71 -22.14
CA LEU A 341 -27.81 -60.46 -22.86
C LEU A 341 -28.09 -59.31 -23.81
N LEU A 342 -27.97 -58.10 -23.33
CA LEU A 342 -28.28 -56.93 -24.11
C LEU A 342 -27.13 -56.09 -24.61
N GLY A 343 -26.90 -56.11 -25.90
CA GLY A 343 -25.85 -55.32 -26.49
C GLY A 343 -24.50 -55.67 -25.97
N SER A 344 -23.63 -54.69 -26.01
CA SER A 344 -22.29 -54.79 -25.57
C SER A 344 -21.94 -53.56 -24.75
N ALA A 345 -20.84 -53.63 -24.04
CA ALA A 345 -20.41 -52.51 -23.20
C ALA A 345 -18.93 -52.53 -23.06
N ILE A 346 -18.38 -51.35 -22.87
CA ILE A 346 -16.94 -51.17 -22.82
C ILE A 346 -16.64 -50.30 -21.62
N GLN A 347 -15.56 -50.61 -20.95
CA GLN A 347 -15.15 -49.72 -19.86
C GLN A 347 -13.72 -49.30 -20.06
N CYS A 348 -13.48 -47.99 -19.91
CA CYS A 348 -12.15 -47.39 -19.83
C CYS A 348 -12.01 -46.74 -18.48
N ARG A 349 -10.82 -46.84 -17.94
CA ARG A 349 -10.46 -46.08 -16.76
C ARG A 349 -9.57 -44.89 -17.13
N ILE A 350 -10.06 -43.72 -16.81
CA ILE A 350 -9.32 -42.53 -17.03
C ILE A 350 -8.55 -42.21 -15.78
N THR A 351 -7.23 -42.10 -15.96
CA THR A 351 -6.28 -41.88 -14.87
C THR A 351 -5.36 -40.70 -15.14
N THR A 352 -4.55 -40.33 -14.15
CA THR A 352 -3.54 -39.30 -14.35
C THR A 352 -2.24 -39.88 -14.90
N GLU A 353 -2.23 -41.15 -15.28
CA GLU A 353 -1.04 -41.71 -15.90
C GLU A 353 -0.69 -40.97 -17.20
N ASP A 354 0.50 -40.40 -17.24
CA ASP A 354 1.00 -39.63 -18.38
C ASP A 354 1.65 -40.57 -19.38
N PRO A 355 1.03 -40.75 -20.55
CA PRO A 355 1.58 -41.75 -21.47
C PRO A 355 2.90 -41.32 -22.13
N GLN A 356 3.24 -40.03 -22.08
CA GLN A 356 4.49 -39.52 -22.63
C GLN A 356 5.54 -39.43 -21.58
N ASN A 357 5.22 -39.79 -20.36
CA ASN A 357 6.20 -39.84 -19.30
C ASN A 357 6.18 -41.23 -18.69
N GLY A 358 6.24 -42.26 -19.53
CA GLY A 358 6.22 -43.63 -19.06
C GLY A 358 5.04 -43.99 -18.13
N PHE A 359 3.90 -43.39 -18.38
CA PHE A 359 2.71 -43.63 -17.64
C PHE A 359 2.84 -43.32 -16.17
N LEU A 360 3.68 -42.36 -15.87
CA LEU A 360 3.87 -41.95 -14.53
C LEU A 360 2.69 -41.12 -14.22
N PRO A 361 2.05 -41.45 -13.05
CA PRO A 361 0.86 -40.65 -12.76
C PRO A 361 1.15 -39.28 -12.24
N ASP A 362 0.49 -38.32 -12.81
CA ASP A 362 0.61 -36.96 -12.47
C ASP A 362 -0.06 -36.64 -11.18
N THR A 363 0.39 -35.59 -10.53
CA THR A 363 -0.25 -35.13 -9.31
C THR A 363 -0.51 -33.63 -9.40
N GLY A 364 -1.25 -33.07 -8.46
CA GLY A 364 -1.56 -31.64 -8.50
C GLY A 364 -3.07 -31.38 -8.52
N LYS A 365 -3.44 -30.12 -8.72
CA LYS A 365 -4.79 -29.68 -8.55
C LYS A 365 -5.54 -29.74 -9.87
N ILE A 366 -6.79 -30.16 -9.82
CA ILE A 366 -7.62 -30.21 -10.98
C ILE A 366 -8.32 -28.84 -11.09
N ASP A 367 -8.04 -28.12 -12.17
CA ASP A 367 -8.61 -26.81 -12.44
C ASP A 367 -10.01 -26.97 -13.02
N THR A 368 -10.16 -27.91 -13.94
CA THR A 368 -11.40 -28.02 -14.69
C THR A 368 -11.75 -29.48 -14.77
N TYR A 369 -13.02 -29.81 -14.51
CA TYR A 369 -13.49 -31.17 -14.70
C TYR A 369 -14.89 -31.14 -15.23
N ARG A 370 -15.07 -31.40 -16.53
CA ARG A 370 -16.42 -31.38 -17.18
C ARG A 370 -16.70 -32.80 -17.65
N SER A 371 -17.73 -33.42 -17.12
CA SER A 371 -18.02 -34.82 -17.46
C SER A 371 -19.15 -34.96 -18.50
N PRO A 372 -18.89 -35.68 -19.56
CA PRO A 372 -19.97 -35.94 -20.53
C PRO A 372 -21.07 -36.93 -20.06
N GLY A 373 -22.15 -36.99 -20.80
CA GLY A 373 -23.30 -37.79 -20.55
C GLY A 373 -23.92 -38.18 -21.88
N GLY A 374 -25.22 -38.37 -21.87
CA GLY A 374 -25.95 -38.87 -23.00
C GLY A 374 -26.36 -40.35 -22.96
N PHE A 375 -26.97 -40.80 -24.08
CA PHE A 375 -27.47 -42.12 -24.20
C PHE A 375 -26.29 -43.07 -24.37
N GLY A 376 -26.28 -44.16 -23.61
CA GLY A 376 -25.23 -45.14 -23.67
C GLY A 376 -23.97 -44.80 -22.92
N ILE A 377 -24.05 -43.84 -21.99
CA ILE A 377 -22.87 -43.46 -21.23
C ILE A 377 -23.15 -43.67 -19.74
N ARG A 378 -22.18 -44.31 -19.08
CA ARG A 378 -22.19 -44.47 -17.66
C ARG A 378 -20.85 -43.99 -17.06
N LEU A 379 -20.94 -43.17 -16.02
CA LEU A 379 -19.78 -42.72 -15.31
C LEU A 379 -19.79 -43.13 -13.83
N ASP A 380 -18.67 -43.71 -13.38
CA ASP A 380 -18.48 -44.00 -11.96
C ASP A 380 -17.22 -43.28 -11.52
N VAL A 381 -17.44 -42.16 -10.90
CA VAL A 381 -16.30 -41.24 -10.59
C VAL A 381 -15.45 -41.72 -9.41
N GLY A 382 -14.15 -41.48 -9.49
CA GLY A 382 -13.26 -41.60 -8.36
C GLY A 382 -13.09 -40.22 -7.76
N ASN A 383 -11.85 -39.79 -7.67
CA ASN A 383 -11.59 -38.50 -7.15
C ASN A 383 -11.22 -37.55 -8.25
N ALA A 384 -12.21 -36.81 -8.68
CA ALA A 384 -12.05 -35.83 -9.70
C ALA A 384 -13.22 -34.90 -9.51
N TYR A 385 -12.87 -33.67 -9.28
CA TYR A 385 -13.82 -32.58 -9.23
C TYR A 385 -12.94 -31.31 -9.26
N ALA A 386 -13.52 -30.21 -9.67
CA ALA A 386 -12.79 -28.96 -9.76
C ALA A 386 -12.28 -28.57 -8.40
N GLY A 387 -10.95 -28.51 -8.24
CA GLY A 387 -10.36 -28.10 -6.94
C GLY A 387 -9.60 -29.21 -6.22
N TYR A 388 -9.87 -30.45 -6.59
CA TYR A 388 -9.35 -31.59 -5.91
C TYR A 388 -7.88 -31.74 -6.21
N GLU A 389 -7.14 -32.03 -5.17
CA GLU A 389 -5.71 -32.18 -5.26
C GLU A 389 -5.36 -33.67 -5.32
N VAL A 390 -4.82 -34.09 -6.45
CA VAL A 390 -4.41 -35.43 -6.63
C VAL A 390 -3.09 -35.63 -5.93
N THR A 391 -3.06 -36.63 -5.03
CA THR A 391 -1.89 -36.82 -4.17
C THR A 391 -1.10 -37.94 -4.77
N PRO A 392 0.13 -38.10 -4.28
CA PRO A 392 0.87 -39.26 -4.77
C PRO A 392 0.57 -40.58 -4.01
N TYR A 393 -0.35 -40.58 -3.03
CA TYR A 393 -0.46 -41.75 -2.10
C TYR A 393 -1.30 -42.92 -2.56
N PHE A 394 -2.23 -42.69 -3.47
CA PHE A 394 -3.20 -43.72 -3.84
C PHE A 394 -3.20 -43.90 -5.34
N ASP A 395 -4.15 -44.63 -5.88
CA ASP A 395 -4.11 -44.93 -7.30
C ASP A 395 -4.46 -43.65 -8.07
N SER A 396 -4.22 -43.70 -9.36
CA SER A 396 -4.36 -42.50 -10.15
C SER A 396 -5.72 -42.34 -10.84
N LEU A 397 -6.72 -43.16 -10.48
CA LEU A 397 -8.00 -43.13 -11.14
C LEU A 397 -8.83 -41.85 -10.92
N LEU A 398 -9.28 -41.24 -12.00
CA LEU A 398 -10.12 -40.10 -11.91
C LEU A 398 -11.58 -40.48 -12.10
N VAL A 399 -11.84 -41.27 -13.16
CA VAL A 399 -13.21 -41.69 -13.45
C VAL A 399 -13.24 -42.91 -14.36
N LYS A 400 -14.23 -43.76 -14.15
CA LYS A 400 -14.45 -44.95 -14.98
C LYS A 400 -15.53 -44.60 -15.89
N VAL A 401 -15.30 -44.84 -17.18
CA VAL A 401 -16.29 -44.54 -18.21
C VAL A 401 -16.73 -45.85 -18.85
N CYS A 402 -18.03 -46.06 -18.92
CA CYS A 402 -18.60 -47.16 -19.68
C CYS A 402 -19.51 -46.66 -20.75
N THR A 403 -19.41 -47.29 -21.90
CA THR A 403 -20.42 -47.11 -22.96
C THR A 403 -21.12 -48.39 -23.23
N PHE A 404 -22.37 -48.28 -23.64
CA PHE A 404 -23.19 -49.40 -23.97
C PHE A 404 -24.09 -49.10 -25.16
N ALA A 405 -24.25 -50.09 -26.02
CA ALA A 405 -25.07 -49.99 -27.20
C ALA A 405 -25.45 -51.34 -27.73
N ASN A 406 -26.46 -51.35 -28.55
CA ASN A 406 -26.93 -52.56 -29.17
C ASN A 406 -25.85 -53.23 -29.99
N GLU A 407 -25.09 -52.45 -30.71
CA GLU A 407 -24.02 -52.94 -31.53
C GLU A 407 -22.71 -52.49 -30.94
N PHE A 408 -21.74 -53.37 -31.01
CA PHE A 408 -20.43 -53.12 -30.53
C PHE A 408 -19.77 -51.96 -31.23
N SER A 409 -20.02 -51.78 -32.52
CA SER A 409 -19.39 -50.68 -33.22
C SER A 409 -19.99 -49.34 -32.75
N ASP A 410 -21.28 -49.26 -32.43
CA ASP A 410 -21.83 -48.01 -31.82
C ASP A 410 -21.23 -47.84 -30.39
N SER A 411 -21.02 -48.92 -29.65
CA SER A 411 -20.42 -48.82 -28.30
C SER A 411 -19.05 -48.17 -28.40
N VAL A 412 -18.32 -48.55 -29.44
CA VAL A 412 -16.98 -48.00 -29.69
C VAL A 412 -17.08 -46.50 -30.07
N ARG A 413 -17.99 -46.17 -30.97
CA ARG A 413 -18.16 -44.81 -31.41
C ARG A 413 -18.53 -43.95 -30.19
N LYS A 414 -19.35 -44.50 -29.32
CA LYS A 414 -19.72 -43.74 -28.12
C LYS A 414 -18.54 -43.52 -27.21
N MET A 415 -17.69 -44.51 -27.08
CA MET A 415 -16.55 -44.33 -26.25
C MET A 415 -15.64 -43.23 -26.83
N ASP A 416 -15.45 -43.30 -28.13
CA ASP A 416 -14.61 -42.35 -28.79
C ASP A 416 -15.18 -40.95 -28.61
N ARG A 417 -16.48 -40.82 -28.79
CA ARG A 417 -17.13 -39.53 -28.59
C ARG A 417 -16.84 -39.03 -27.18
N VAL A 418 -17.05 -39.91 -26.17
CA VAL A 418 -16.91 -39.52 -24.77
C VAL A 418 -15.49 -39.11 -24.41
N LEU A 419 -14.52 -39.89 -24.83
CA LEU A 419 -13.16 -39.56 -24.55
C LEU A 419 -12.77 -38.20 -25.11
N HIS A 420 -13.21 -37.88 -26.32
CA HIS A 420 -12.87 -36.60 -26.93
C HIS A 420 -13.59 -35.45 -26.25
N GLU A 421 -14.73 -35.72 -25.61
CA GLU A 421 -15.56 -34.66 -25.04
C GLU A 421 -15.06 -34.24 -23.66
N PHE A 422 -14.42 -35.14 -22.94
CA PHE A 422 -13.91 -34.82 -21.61
C PHE A 422 -13.00 -33.62 -21.66
N ARG A 423 -13.13 -32.76 -20.66
CA ARG A 423 -12.24 -31.64 -20.44
C ARG A 423 -11.74 -31.73 -18.99
N ILE A 424 -10.46 -32.04 -18.89
CA ILE A 424 -9.82 -32.17 -17.63
C ILE A 424 -8.55 -31.36 -17.75
N ARG A 425 -8.39 -30.37 -16.89
CA ARG A 425 -7.19 -29.51 -16.87
C ARG A 425 -6.54 -29.48 -15.52
N GLY A 426 -5.22 -29.40 -15.51
CA GLY A 426 -4.48 -29.25 -14.28
C GLY A 426 -3.60 -30.49 -14.06
N VAL A 427 -4.01 -31.65 -14.57
CA VAL A 427 -3.19 -32.86 -14.50
C VAL A 427 -3.23 -33.51 -15.86
N LYS A 428 -2.16 -34.23 -16.21
CA LYS A 428 -2.11 -35.05 -17.40
C LYS A 428 -3.10 -36.19 -17.24
N THR A 429 -3.57 -36.74 -18.35
CA THR A 429 -4.35 -38.00 -18.29
C THR A 429 -3.95 -39.03 -19.34
N ASN A 430 -4.53 -40.23 -19.24
CA ASN A 430 -4.21 -41.29 -20.18
C ASN A 430 -5.13 -41.28 -21.38
N ILE A 431 -5.95 -40.24 -21.49
CA ILE A 431 -6.94 -40.21 -22.55
C ILE A 431 -6.32 -40.37 -23.96
N PRO A 432 -5.21 -39.71 -24.25
CA PRO A 432 -4.76 -39.81 -25.64
C PRO A 432 -4.36 -41.26 -25.94
N PHE A 433 -3.89 -41.98 -24.93
CA PHE A 433 -3.59 -43.43 -25.09
C PHE A 433 -4.88 -44.25 -25.30
N LEU A 434 -5.90 -43.99 -24.51
CA LEU A 434 -7.15 -44.70 -24.69
C LEU A 434 -7.70 -44.46 -26.09
N ILE A 435 -7.63 -43.23 -26.55
CA ILE A 435 -8.13 -42.90 -27.87
C ILE A 435 -7.41 -43.68 -28.97
N ASN A 436 -6.09 -43.82 -28.84
CA ASN A 436 -5.32 -44.66 -29.82
C ASN A 436 -5.79 -46.11 -29.77
N VAL A 437 -5.98 -46.63 -28.57
CA VAL A 437 -6.34 -48.03 -28.42
C VAL A 437 -7.63 -48.31 -29.11
N ILE A 438 -8.65 -47.51 -28.91
CA ILE A 438 -9.94 -47.86 -29.46
C ILE A 438 -10.02 -47.56 -30.98
N ALA A 439 -9.00 -46.92 -31.53
CA ALA A 439 -8.94 -46.60 -32.97
C ALA A 439 -8.44 -47.82 -33.72
N ASN A 440 -7.64 -48.63 -33.04
CA ASN A 440 -6.96 -49.74 -33.63
C ASN A 440 -7.89 -50.92 -33.98
N GLU A 441 -7.55 -51.55 -35.11
CA GLU A 441 -8.37 -52.62 -35.69
C GLU A 441 -8.37 -53.89 -34.78
N ASN A 442 -7.29 -54.11 -34.05
CA ASN A 442 -7.23 -55.24 -33.14
C ASN A 442 -8.32 -55.13 -32.08
N PHE A 443 -8.54 -53.91 -31.59
CA PHE A 443 -9.59 -53.65 -30.66
C PHE A 443 -10.99 -53.71 -31.31
N THR A 444 -11.19 -53.05 -32.44
CA THR A 444 -12.56 -52.94 -33.00
C THR A 444 -13.11 -54.25 -33.59
N SER A 445 -12.20 -55.14 -33.98
CA SER A 445 -12.54 -56.48 -34.46
C SER A 445 -13.00 -57.34 -33.33
N GLY A 446 -12.55 -57.04 -32.11
CA GLY A 446 -12.87 -57.84 -30.93
C GLY A 446 -11.85 -58.95 -30.70
N GLN A 447 -10.72 -58.90 -31.39
CA GLN A 447 -9.76 -59.99 -31.42
C GLN A 447 -8.49 -59.70 -30.68
N ALA A 448 -8.47 -58.67 -29.89
CA ALA A 448 -7.23 -58.34 -29.20
C ALA A 448 -6.81 -59.48 -28.27
N THR A 449 -5.52 -59.57 -28.03
CA THR A 449 -4.99 -60.54 -27.10
C THR A 449 -4.18 -59.77 -26.03
N THR A 450 -3.73 -60.49 -25.02
CA THR A 450 -3.04 -59.86 -23.87
C THR A 450 -1.73 -59.24 -24.24
N THR A 451 -1.26 -59.51 -25.46
CA THR A 451 0.08 -59.01 -25.92
C THR A 451 -0.04 -57.89 -26.93
N PHE A 452 -1.27 -57.62 -27.37
CA PHE A 452 -1.56 -56.59 -28.37
C PHE A 452 -0.91 -55.25 -28.09
N ILE A 453 -1.12 -54.71 -26.90
CA ILE A 453 -0.61 -53.35 -26.62
C ILE A 453 0.91 -53.38 -26.56
N ASP A 454 1.43 -54.35 -25.83
CA ASP A 454 2.85 -54.45 -25.63
C ASP A 454 3.60 -54.57 -26.94
N ASN A 455 2.98 -55.10 -27.99
CA ASN A 455 3.63 -55.22 -29.29
C ASN A 455 3.21 -54.20 -30.35
N THR A 456 2.52 -53.12 -29.98
CA THR A 456 2.06 -52.19 -30.97
C THR A 456 2.59 -50.82 -30.60
N PRO A 457 3.77 -50.46 -31.15
CA PRO A 457 4.33 -49.16 -30.78
C PRO A 457 3.57 -47.95 -31.37
N SER A 458 2.80 -48.15 -32.44
CA SER A 458 2.02 -47.05 -33.03
C SER A 458 0.99 -46.44 -32.06
N LEU A 459 0.60 -47.20 -31.04
CA LEU A 459 -0.25 -46.69 -29.95
C LEU A 459 0.39 -45.62 -29.09
N PHE A 460 1.72 -45.50 -29.15
CA PHE A 460 2.41 -44.48 -28.31
C PHE A 460 2.84 -43.23 -29.08
N ASN A 461 2.30 -43.04 -30.26
CA ASN A 461 2.45 -41.80 -30.99
C ASN A 461 1.28 -40.92 -30.67
N PHE A 462 1.54 -39.78 -30.06
CA PHE A 462 0.50 -38.85 -29.72
C PHE A 462 0.63 -37.58 -30.54
N PRO A 463 -0.53 -37.17 -31.17
CA PRO A 463 -0.38 -35.96 -31.98
C PRO A 463 -0.10 -34.74 -31.13
N ARG A 464 0.40 -33.69 -31.76
CA ARG A 464 0.68 -32.47 -31.03
C ARG A 464 -0.65 -31.73 -30.83
N LEU A 465 -0.93 -31.39 -29.59
CA LEU A 465 -2.15 -30.70 -29.31
C LEU A 465 -1.95 -29.21 -29.44
N ARG A 466 -2.30 -28.68 -30.60
CA ARG A 466 -2.20 -27.27 -30.89
C ARG A 466 -3.11 -26.47 -29.97
N ASP A 467 -2.58 -25.39 -29.42
CA ASP A 467 -3.35 -24.53 -28.53
C ASP A 467 -3.28 -23.06 -28.92
N ARG A 468 -4.14 -22.66 -29.82
CA ARG A 468 -4.20 -21.30 -30.25
C ARG A 468 -4.55 -20.38 -29.13
N GLY A 469 -5.42 -20.85 -28.25
CA GLY A 469 -5.91 -20.10 -27.12
C GLY A 469 -4.86 -19.70 -26.15
N THR A 470 -3.95 -20.61 -25.89
CA THR A 470 -2.84 -20.35 -25.01
C THR A 470 -1.83 -19.33 -25.53
N LYS A 471 -1.47 -19.38 -26.79
CA LYS A 471 -0.62 -18.34 -27.39
C LYS A 471 -1.26 -16.94 -27.31
N THR A 472 -2.55 -16.86 -27.54
CA THR A 472 -3.24 -15.63 -27.46
C THR A 472 -3.14 -15.01 -26.04
N LEU A 473 -3.34 -15.83 -25.02
CA LEU A 473 -3.31 -15.34 -23.66
C LEU A 473 -1.94 -14.90 -23.33
N HIS A 474 -0.95 -15.63 -23.86
CA HIS A 474 0.42 -15.21 -23.66
C HIS A 474 0.60 -13.78 -24.23
N TYR A 475 0.10 -13.53 -25.45
CA TYR A 475 0.33 -12.26 -26.15
C TYR A 475 -0.41 -11.15 -25.43
N LEU A 476 -1.67 -11.38 -25.13
CA LEU A 476 -2.43 -10.40 -24.38
C LEU A 476 -1.77 -10.06 -23.03
N SER A 477 -1.19 -11.07 -22.37
CA SER A 477 -0.61 -10.87 -21.05
C SER A 477 0.69 -10.08 -21.18
N MET A 478 1.46 -10.38 -22.21
CA MET A 478 2.65 -9.62 -22.52
C MET A 478 2.32 -8.13 -22.72
N ILE A 479 1.37 -7.81 -23.58
CA ILE A 479 1.18 -6.44 -23.92
C ILE A 479 0.55 -5.72 -22.74
N THR A 480 -0.39 -6.38 -22.09
CA THR A 480 -1.17 -5.76 -20.99
C THR A 480 -0.25 -5.32 -19.89
N VAL A 481 0.72 -6.16 -19.61
CA VAL A 481 1.64 -5.91 -18.51
C VAL A 481 2.84 -5.08 -18.95
N ASN A 482 3.42 -5.41 -20.09
CA ASN A 482 4.68 -4.79 -20.53
C ASN A 482 4.57 -3.77 -21.65
N GLY A 483 3.39 -3.60 -22.21
CA GLY A 483 3.26 -2.66 -23.33
C GLY A 483 3.71 -3.22 -24.68
N PHE A 484 3.53 -2.42 -25.70
CA PHE A 484 3.90 -2.72 -27.05
C PHE A 484 5.25 -2.10 -27.31
N PRO A 485 6.18 -2.85 -27.89
CA PRO A 485 7.53 -2.28 -28.02
C PRO A 485 7.58 -1.01 -28.87
N GLY A 486 8.33 -0.01 -28.40
CA GLY A 486 8.58 1.19 -29.16
C GLY A 486 7.49 2.26 -29.02
N ILE A 487 6.52 2.06 -28.13
CA ILE A 487 5.56 3.09 -27.83
C ILE A 487 5.30 3.12 -26.36
N GLU A 488 4.57 4.11 -25.93
CA GLU A 488 4.35 4.28 -24.49
C GLU A 488 3.33 3.30 -23.99
N ASN A 489 3.68 2.60 -22.91
CA ASN A 489 2.84 1.57 -22.29
C ASN A 489 1.67 2.24 -21.53
N THR A 490 0.54 2.45 -22.22
CA THR A 490 -0.59 3.25 -21.69
C THR A 490 -1.92 2.47 -21.67
N GLU A 491 -2.88 3.01 -20.93
CA GLU A 491 -4.14 2.32 -20.74
C GLU A 491 -5.10 2.55 -21.93
N LYS A 492 -5.72 1.43 -22.29
CA LYS A 492 -6.52 1.29 -23.46
C LYS A 492 -7.86 2.03 -23.38
N ARG A 493 -8.12 2.89 -24.36
CA ARG A 493 -9.34 3.61 -24.44
C ARG A 493 -10.45 2.67 -24.90
N HIS A 494 -11.68 3.06 -24.65
CA HIS A 494 -12.85 2.32 -25.06
C HIS A 494 -13.12 2.85 -26.43
N PHE A 495 -13.06 2.03 -27.45
CA PHE A 495 -13.35 2.49 -28.81
C PHE A 495 -14.68 1.95 -29.30
N GLU A 496 -15.47 2.82 -29.90
CA GLU A 496 -16.68 2.39 -30.61
C GLU A 496 -16.28 1.58 -31.87
N GLU A 497 -17.23 0.85 -32.43
CA GLU A 497 -17.01 0.25 -33.74
C GLU A 497 -16.82 1.38 -34.77
N PRO A 498 -15.93 1.19 -35.75
CA PRO A 498 -15.85 2.16 -36.83
C PRO A 498 -17.12 2.23 -37.65
N ARG A 499 -17.46 3.40 -38.18
CA ARG A 499 -18.68 3.52 -38.92
C ARG A 499 -18.52 2.85 -40.27
N GLN A 500 -19.58 2.19 -40.75
CA GLN A 500 -19.60 1.51 -42.07
C GLN A 500 -20.28 2.47 -42.98
N PRO A 501 -19.89 2.50 -44.25
CA PRO A 501 -20.52 3.51 -45.09
C PRO A 501 -21.86 3.06 -45.65
N LEU A 502 -22.70 4.04 -45.88
CA LEU A 502 -23.94 3.95 -46.62
C LEU A 502 -23.68 4.29 -48.07
N LEU A 503 -23.53 3.29 -48.91
CA LEU A 503 -23.19 3.49 -50.29
C LEU A 503 -24.35 3.53 -51.29
N ASN A 504 -24.20 4.32 -52.34
CA ASN A 504 -25.05 4.25 -53.48
C ASN A 504 -24.26 3.62 -54.59
N LEU A 505 -24.51 2.34 -54.82
CA LEU A 505 -23.72 1.55 -55.75
C LEU A 505 -24.11 1.74 -57.21
N GLU A 506 -23.10 1.87 -58.06
CA GLU A 506 -23.27 1.80 -59.50
C GLU A 506 -22.34 0.71 -59.98
N LYS A 507 -22.85 -0.17 -60.82
CA LYS A 507 -22.04 -1.25 -61.38
C LYS A 507 -21.47 -0.72 -62.72
N LYS A 508 -20.15 -0.77 -62.83
CA LYS A 508 -19.43 -0.36 -64.01
C LYS A 508 -18.28 -1.29 -64.24
N LYS A 509 -17.88 -1.33 -65.48
CA LYS A 509 -16.65 -1.97 -65.86
C LYS A 509 -15.47 -1.09 -65.35
N THR A 510 -14.46 -1.74 -64.81
CA THR A 510 -13.30 -1.07 -64.26
C THR A 510 -12.04 -1.48 -65.01
N ALA A 511 -10.97 -0.74 -64.75
CA ALA A 511 -9.71 -0.94 -65.43
C ALA A 511 -9.18 -2.33 -65.17
N LYS A 512 -9.41 -2.83 -63.97
CA LYS A 512 -9.08 -4.19 -63.62
C LYS A 512 -9.81 -5.25 -64.51
N ASN A 513 -11.11 -5.04 -64.70
CA ASN A 513 -11.92 -5.88 -65.56
C ASN A 513 -11.31 -5.90 -66.99
N ILE A 514 -11.03 -4.70 -67.52
CA ILE A 514 -10.35 -4.58 -68.81
C ILE A 514 -8.98 -5.27 -68.83
N LEU A 515 -8.21 -5.17 -67.78
CA LEU A 515 -6.87 -5.76 -67.79
C LEU A 515 -6.95 -7.27 -67.90
N ASP A 516 -7.88 -7.85 -67.19
CA ASP A 516 -8.09 -9.29 -67.14
C ASP A 516 -8.75 -9.84 -68.45
N GLU A 517 -9.68 -9.10 -69.03
CA GLU A 517 -10.43 -9.52 -70.22
C GLU A 517 -9.72 -9.19 -71.51
N GLN A 518 -8.96 -8.10 -71.57
CA GLN A 518 -8.30 -7.64 -72.80
C GLN A 518 -6.79 -7.33 -72.71
N GLY A 519 -6.20 -7.30 -71.50
CA GLY A 519 -4.77 -7.00 -71.39
C GLY A 519 -4.40 -5.57 -71.22
N ALA A 520 -3.10 -5.37 -71.07
CA ALA A 520 -2.54 -4.10 -70.61
C ALA A 520 -2.69 -2.96 -71.57
N ASP A 521 -2.43 -3.22 -72.86
CA ASP A 521 -2.51 -2.17 -73.87
C ASP A 521 -3.93 -1.68 -73.98
N ALA A 522 -4.88 -2.54 -73.70
CA ALA A 522 -6.30 -2.11 -73.69
C ALA A 522 -6.61 -1.16 -72.52
N VAL A 523 -5.97 -1.38 -71.37
CA VAL A 523 -6.10 -0.47 -70.23
C VAL A 523 -5.52 0.90 -70.58
N VAL A 524 -4.34 0.88 -71.21
CA VAL A 524 -3.74 2.12 -71.73
C VAL A 524 -4.69 2.85 -72.66
N ASP A 525 -5.34 2.11 -73.56
CA ASP A 525 -6.30 2.76 -74.45
C ASP A 525 -7.51 3.33 -73.69
N TYR A 526 -7.96 2.62 -72.68
CA TYR A 526 -9.06 3.14 -71.85
C TYR A 526 -8.64 4.47 -71.23
N VAL A 527 -7.40 4.55 -70.75
CA VAL A 527 -6.93 5.77 -70.13
C VAL A 527 -6.83 6.92 -71.11
N LYS A 528 -6.21 6.66 -72.26
CA LYS A 528 -6.16 7.70 -73.29
C LYS A 528 -7.54 8.18 -73.70
N ASN A 529 -8.56 7.34 -73.68
CA ASN A 529 -9.86 7.81 -74.11
C ASN A 529 -10.67 8.50 -73.02
N THR A 530 -10.12 8.59 -71.81
CA THR A 530 -10.89 9.14 -70.73
C THR A 530 -10.66 10.62 -70.67
N LYS A 531 -11.72 11.39 -70.68
CA LYS A 531 -11.59 12.85 -70.57
C LYS A 531 -11.24 13.26 -69.12
N GLU A 532 -11.84 12.59 -68.15
CA GLU A 532 -11.67 12.98 -66.76
C GLU A 532 -10.28 12.62 -66.27
N VAL A 533 -9.81 13.28 -65.22
CA VAL A 533 -8.58 12.82 -64.63
C VAL A 533 -8.89 11.59 -63.78
N LEU A 534 -8.05 10.54 -63.88
CA LEU A 534 -8.27 9.34 -63.15
C LEU A 534 -7.49 9.39 -61.87
N LEU A 535 -7.91 8.59 -60.89
CA LEU A 535 -7.35 8.58 -59.56
C LEU A 535 -6.90 7.23 -59.12
N THR A 536 -5.78 7.21 -58.42
CA THR A 536 -5.28 6.08 -57.70
C THR A 536 -5.32 6.41 -56.23
N ASP A 537 -5.83 5.50 -55.41
CA ASP A 537 -5.97 5.68 -53.95
C ASP A 537 -4.72 5.14 -53.30
N THR A 538 -4.05 5.94 -52.48
CA THR A 538 -2.78 5.53 -51.81
C THR A 538 -2.98 5.27 -50.35
N THR A 539 -4.25 5.32 -49.95
CA THR A 539 -4.64 5.14 -48.60
C THR A 539 -4.07 3.88 -47.99
N LEU A 540 -4.08 2.78 -48.73
CA LEU A 540 -3.57 1.46 -48.24
C LEU A 540 -2.07 1.31 -48.34
N ARG A 541 -1.36 2.33 -48.82
CA ARG A 541 0.15 2.21 -48.85
C ARG A 541 0.79 3.52 -48.52
N ASP A 542 0.93 4.42 -49.46
CA ASP A 542 1.74 5.61 -49.18
C ASP A 542 1.21 6.55 -48.06
N ALA A 543 -0.10 6.65 -47.93
CA ALA A 543 -0.67 7.54 -46.94
C ALA A 543 -0.28 7.14 -45.55
N HIS A 544 -0.46 5.86 -45.20
CA HIS A 544 -0.05 5.46 -43.85
C HIS A 544 1.45 5.32 -43.74
N GLN A 545 2.13 5.07 -44.84
CA GLN A 545 3.58 5.05 -44.77
C GLN A 545 4.08 6.43 -44.33
N SER A 546 3.46 7.49 -44.86
CA SER A 546 3.87 8.87 -44.51
C SER A 546 3.36 9.28 -43.16
N LEU A 547 2.16 8.89 -42.76
CA LEU A 547 1.60 9.45 -41.50
C LEU A 547 1.70 8.61 -40.30
N LEU A 548 1.71 7.31 -40.46
CA LEU A 548 1.61 6.41 -39.32
C LEU A 548 2.74 5.39 -39.35
N ALA A 549 3.89 5.79 -39.87
CA ALA A 549 5.08 4.90 -39.88
C ALA A 549 4.73 3.54 -40.43
N THR A 550 3.83 3.50 -41.42
CA THR A 550 3.49 2.33 -42.15
C THR A 550 2.86 1.23 -41.30
N ARG A 551 2.25 1.60 -40.17
CA ARG A 551 1.75 0.60 -39.26
C ARG A 551 0.33 0.16 -39.53
N LEU A 552 -0.31 0.67 -40.57
CA LEU A 552 -1.73 0.30 -40.79
C LEU A 552 -1.83 -1.22 -41.02
N ARG A 553 -2.76 -1.85 -40.30
CA ARG A 553 -2.85 -3.30 -40.22
C ARG A 553 -3.91 -3.88 -41.09
N LEU A 554 -3.66 -5.10 -41.56
CA LEU A 554 -4.67 -5.76 -42.38
C LEU A 554 -6.06 -5.76 -41.76
N GLN A 555 -6.14 -5.98 -40.44
CA GLN A 555 -7.37 -6.16 -39.79
C GLN A 555 -8.25 -4.92 -39.99
N ASP A 556 -7.63 -3.74 -40.06
CA ASP A 556 -8.37 -2.52 -40.36
C ASP A 556 -8.67 -2.33 -41.83
N MET A 557 -7.69 -2.69 -42.67
CA MET A 557 -7.90 -2.65 -44.11
C MET A 557 -9.06 -3.56 -44.58
N LYS A 558 -9.19 -4.75 -44.01
CA LYS A 558 -10.23 -5.69 -44.49
C LYS A 558 -11.64 -5.28 -44.12
N GLY A 559 -11.83 -4.47 -43.09
CA GLY A 559 -13.19 -4.01 -42.76
C GLY A 559 -13.81 -3.03 -43.75
N ILE A 560 -13.02 -2.47 -44.63
CA ILE A 560 -13.57 -1.47 -45.58
C ILE A 560 -13.29 -1.77 -47.04
N ALA A 561 -12.48 -2.80 -47.27
CA ALA A 561 -11.96 -3.10 -48.60
C ALA A 561 -13.05 -3.39 -49.63
N GLN A 562 -14.02 -4.19 -49.24
CA GLN A 562 -15.14 -4.44 -50.13
C GLN A 562 -15.87 -3.15 -50.49
N ALA A 563 -16.02 -2.26 -49.54
CA ALA A 563 -16.74 -1.01 -49.80
C ALA A 563 -15.98 -0.13 -50.78
N ILE A 564 -14.66 -0.22 -50.77
CA ILE A 564 -13.90 0.56 -51.71
C ILE A 564 -14.07 -0.05 -53.11
N ASP A 565 -14.05 -1.36 -53.18
CA ASP A 565 -14.18 -2.06 -54.44
C ASP A 565 -15.49 -1.76 -55.04
N GLN A 566 -16.54 -1.80 -54.25
CA GLN A 566 -17.87 -1.59 -54.83
C GLN A 566 -18.25 -0.15 -54.89
N GLY A 567 -17.77 0.64 -53.93
CA GLY A 567 -18.27 2.02 -53.84
C GLY A 567 -17.48 2.92 -54.75
N LEU A 568 -16.21 2.56 -55.05
CA LEU A 568 -15.38 3.47 -55.85
C LEU A 568 -14.79 2.80 -57.10
N PRO A 569 -15.66 2.31 -57.96
CA PRO A 569 -15.19 1.49 -59.08
C PRO A 569 -14.52 2.36 -60.10
N GLU A 570 -14.75 3.70 -60.03
CA GLU A 570 -14.02 4.61 -60.91
C GLU A 570 -12.49 4.57 -60.73
N LEU A 571 -11.96 4.11 -59.61
CA LEU A 571 -10.53 4.25 -59.34
C LEU A 571 -9.68 3.55 -60.41
N PHE A 572 -8.64 4.19 -60.90
CA PHE A 572 -7.69 3.50 -61.78
C PHE A 572 -7.14 2.33 -60.99
N SER A 573 -6.62 2.61 -59.79
CA SER A 573 -6.07 1.54 -58.97
C SER A 573 -6.02 1.93 -57.53
N ALA A 574 -5.75 0.95 -56.67
CA ALA A 574 -5.43 1.16 -55.27
C ALA A 574 -3.99 0.78 -55.06
N GLU A 575 -3.20 1.70 -54.51
CA GLU A 575 -1.83 1.41 -54.20
C GLU A 575 -1.84 0.75 -52.82
N MET A 576 -1.50 -0.53 -52.77
CA MET A 576 -1.62 -1.31 -51.55
C MET A 576 -0.40 -2.15 -51.17
N TRP A 577 0.73 -1.96 -51.82
CA TRP A 577 1.84 -2.87 -51.56
C TRP A 577 3.12 -2.25 -51.97
N GLY A 578 4.23 -2.84 -51.54
CA GLY A 578 5.50 -2.29 -51.81
C GLY A 578 5.81 -1.13 -50.91
N GLY A 579 6.88 -0.42 -51.26
CA GLY A 579 7.51 0.59 -50.42
C GLY A 579 7.97 -0.07 -49.16
N ALA A 580 7.77 0.59 -48.03
CA ALA A 580 8.09 0.00 -46.72
C ALA A 580 7.10 -1.06 -46.20
N THR A 581 5.96 -1.23 -46.84
CA THR A 581 4.98 -2.16 -46.31
C THR A 581 5.45 -3.57 -46.21
N PHE A 582 6.27 -4.07 -47.12
CA PHE A 582 6.70 -5.44 -47.05
C PHE A 582 7.49 -5.73 -45.81
N ASP A 583 8.44 -4.89 -45.58
CA ASP A 583 9.33 -4.95 -44.48
C ASP A 583 8.71 -4.69 -43.14
N VAL A 584 7.90 -3.66 -43.07
CA VAL A 584 7.27 -3.25 -41.86
C VAL A 584 6.28 -4.27 -41.38
N ALA A 585 5.54 -4.86 -42.29
CA ALA A 585 4.53 -5.82 -41.89
C ALA A 585 5.12 -7.02 -41.14
N TYR A 586 6.19 -7.61 -41.63
CA TYR A 586 6.80 -8.72 -40.96
C TYR A 586 7.48 -8.32 -39.70
N ARG A 587 8.26 -7.26 -39.77
CA ARG A 587 9.03 -6.76 -38.66
C ARG A 587 8.33 -6.11 -37.49
N PHE A 588 7.37 -5.26 -37.76
CA PHE A 588 6.70 -4.54 -36.71
C PHE A 588 5.29 -4.91 -36.47
N LEU A 589 4.62 -5.50 -37.43
CA LEU A 589 3.26 -5.91 -37.23
C LEU A 589 3.06 -7.44 -37.03
N ASN A 590 4.13 -8.25 -37.23
CA ASN A 590 4.10 -9.70 -37.08
C ASN A 590 2.99 -10.26 -37.94
N GLU A 591 2.87 -9.73 -39.15
CA GLU A 591 1.94 -10.27 -40.12
C GLU A 591 2.58 -10.26 -41.49
N SER A 592 2.12 -11.17 -42.35
CA SER A 592 2.76 -11.32 -43.63
C SER A 592 2.17 -10.38 -44.66
N PRO A 593 3.01 -9.68 -45.38
CA PRO A 593 2.48 -8.92 -46.48
C PRO A 593 1.80 -9.74 -47.56
N TRP A 594 2.18 -11.02 -47.74
CA TRP A 594 1.52 -11.89 -48.74
C TRP A 594 0.12 -12.27 -48.30
N TYR A 595 -0.07 -12.49 -47.00
CA TYR A 595 -1.42 -12.73 -46.46
C TYR A 595 -2.35 -11.47 -46.67
N ARG A 596 -1.78 -10.29 -46.41
CA ARG A 596 -2.45 -9.02 -46.72
C ARG A 596 -2.86 -8.95 -48.18
N LEU A 597 -1.93 -9.27 -49.07
CA LEU A 597 -2.28 -9.22 -50.50
C LEU A 597 -3.43 -10.20 -50.86
N ARG A 598 -3.37 -11.45 -50.37
CA ARG A 598 -4.38 -12.46 -50.71
C ARG A 598 -5.72 -12.05 -50.16
N LYS A 599 -5.73 -11.68 -48.89
CA LYS A 599 -6.97 -11.30 -48.25
C LYS A 599 -7.62 -10.10 -48.93
N LEU A 600 -6.86 -9.09 -49.27
CA LEU A 600 -7.45 -7.95 -49.95
C LEU A 600 -7.81 -8.32 -51.35
N ARG A 601 -6.98 -9.14 -51.97
CA ARG A 601 -7.25 -9.50 -53.36
C ARG A 601 -8.64 -10.13 -53.52
N LYS A 602 -9.00 -11.00 -52.60
CA LYS A 602 -10.32 -11.59 -52.62
C LYS A 602 -11.44 -10.61 -52.32
N LEU A 603 -11.24 -9.68 -51.39
CA LEU A 603 -12.28 -8.71 -51.06
C LEU A 603 -12.48 -7.61 -52.10
N MET A 604 -11.53 -7.46 -53.01
CA MET A 604 -11.52 -6.36 -53.98
C MET A 604 -11.32 -6.80 -55.44
N PRO A 605 -12.20 -7.69 -55.96
CA PRO A 605 -11.86 -8.40 -57.21
C PRO A 605 -11.86 -7.50 -58.45
N ASN A 606 -12.56 -6.39 -58.41
CA ASN A 606 -12.64 -5.43 -59.51
C ASN A 606 -11.73 -4.18 -59.41
N THR A 607 -10.81 -4.15 -58.46
CA THR A 607 -9.90 -3.00 -58.29
C THR A 607 -8.48 -3.39 -58.64
N MET A 608 -7.85 -2.69 -59.59
CA MET A 608 -6.42 -2.92 -59.85
C MET A 608 -5.62 -2.60 -58.63
N PHE A 609 -4.70 -3.51 -58.32
CA PHE A 609 -3.88 -3.39 -57.18
C PHE A 609 -2.50 -2.92 -57.68
N GLN A 610 -1.96 -1.89 -57.05
CA GLN A 610 -0.72 -1.32 -57.49
C GLN A 610 0.33 -1.42 -56.42
N MET A 611 1.56 -1.70 -56.80
CA MET A 611 2.69 -1.69 -55.83
C MET A 611 3.77 -0.75 -56.29
N LEU A 612 4.52 -0.24 -55.33
CA LEU A 612 5.76 0.48 -55.64
C LEU A 612 6.89 -0.56 -55.63
N PHE A 613 7.70 -0.54 -56.66
CA PHE A 613 8.72 -1.57 -56.87
C PHE A 613 10.03 -0.91 -57.27
N ARG A 614 11.09 -1.11 -56.50
CA ARG A 614 12.40 -0.60 -56.91
C ARG A 614 13.07 -1.50 -57.97
N GLY A 615 13.40 -0.90 -59.11
CA GLY A 615 13.84 -1.68 -60.28
C GLY A 615 14.84 -2.78 -60.02
N SER A 616 15.87 -2.47 -59.25
CA SER A 616 16.92 -3.39 -59.03
C SER A 616 16.74 -4.24 -57.79
N ASN A 617 15.91 -3.81 -56.84
CA ASN A 617 15.79 -4.51 -55.52
C ASN A 617 14.42 -4.97 -55.11
N ALA A 618 13.40 -4.71 -55.93
CA ALA A 618 12.03 -4.98 -55.54
C ALA A 618 11.62 -4.19 -54.25
N VAL A 619 11.61 -4.86 -53.09
CA VAL A 619 11.25 -4.29 -51.81
C VAL A 619 12.36 -4.36 -50.79
N GLY A 620 13.58 -4.77 -51.22
CA GLY A 620 14.69 -5.00 -50.29
C GLY A 620 15.79 -3.97 -50.42
N TYR A 621 16.89 -4.18 -49.69
CA TYR A 621 18.05 -3.27 -49.72
C TYR A 621 19.38 -3.97 -49.85
N GLN A 622 19.38 -5.20 -50.34
CA GLN A 622 20.62 -5.89 -50.68
C GLN A 622 20.74 -5.84 -52.20
N ASN A 623 21.83 -6.37 -52.72
CA ASN A 623 22.05 -6.46 -54.13
C ASN A 623 21.61 -7.85 -54.64
N TYR A 624 20.42 -7.94 -55.20
CA TYR A 624 19.90 -9.23 -55.62
C TYR A 624 20.14 -9.42 -57.08
N PRO A 625 20.43 -10.66 -57.48
CA PRO A 625 20.60 -10.97 -58.89
C PRO A 625 19.29 -11.00 -59.63
N ASP A 626 19.41 -10.94 -60.95
CA ASP A 626 18.31 -10.79 -61.84
C ASP A 626 17.24 -11.80 -61.67
N ASN A 627 17.61 -13.04 -61.38
CA ASN A 627 16.61 -14.10 -61.32
C ASN A 627 15.68 -13.94 -60.10
N VAL A 628 16.21 -13.36 -59.02
CA VAL A 628 15.40 -13.01 -57.83
C VAL A 628 14.34 -11.95 -58.15
N ILE A 629 14.79 -10.84 -58.75
CA ILE A 629 13.89 -9.76 -59.18
C ILE A 629 12.77 -10.30 -60.07
N GLU A 630 13.12 -11.16 -61.01
CA GLU A 630 12.13 -11.75 -61.89
C GLU A 630 11.16 -12.66 -61.18
N GLU A 631 11.67 -13.47 -60.27
CA GLU A 631 10.83 -14.39 -59.53
C GLU A 631 9.88 -13.62 -58.60
N PHE A 632 10.39 -12.59 -57.93
CA PHE A 632 9.52 -11.69 -57.14
C PHE A 632 8.34 -11.17 -57.96
N ILE A 633 8.66 -10.65 -59.13
CA ILE A 633 7.60 -10.20 -60.06
C ILE A 633 6.60 -11.28 -60.45
N ARG A 634 7.09 -12.48 -60.74
CA ARG A 634 6.21 -13.58 -61.15
C ARG A 634 5.24 -13.91 -60.00
N VAL A 635 5.76 -14.05 -58.79
CA VAL A 635 4.91 -14.39 -57.66
C VAL A 635 3.92 -13.26 -57.36
N ALA A 636 4.43 -12.02 -57.36
CA ALA A 636 3.57 -10.87 -57.03
C ALA A 636 2.41 -10.77 -57.97
N ALA A 637 2.74 -10.92 -59.25
CA ALA A 637 1.75 -10.91 -60.31
C ALA A 637 0.75 -12.04 -60.17
N HIS A 638 1.25 -13.26 -59.92
CA HIS A 638 0.36 -14.37 -59.68
C HIS A 638 -0.54 -14.11 -58.46
N GLU A 639 0.03 -13.51 -57.41
CA GLU A 639 -0.77 -13.30 -56.17
C GLU A 639 -1.75 -12.11 -56.23
N GLY A 640 -1.76 -11.34 -57.31
CA GLY A 640 -2.75 -10.30 -57.52
C GLY A 640 -2.28 -8.85 -57.71
N ILE A 641 -0.98 -8.60 -57.80
CA ILE A 641 -0.48 -7.27 -58.14
C ILE A 641 -0.66 -7.04 -59.64
N ASP A 642 -1.39 -5.99 -60.01
CA ASP A 642 -1.72 -5.68 -61.39
C ASP A 642 -0.83 -4.64 -62.04
N VAL A 643 -0.40 -3.65 -61.25
CA VAL A 643 0.37 -2.49 -61.72
C VAL A 643 1.61 -2.38 -60.90
N PHE A 644 2.76 -2.36 -61.56
CA PHE A 644 4.02 -2.25 -60.87
C PHE A 644 4.55 -0.91 -61.26
N ARG A 645 4.77 -0.07 -60.27
CA ARG A 645 5.43 1.20 -60.49
C ARG A 645 6.88 1.07 -60.21
N ILE A 646 7.66 1.10 -61.29
CA ILE A 646 9.08 0.78 -61.20
C ILE A 646 9.87 2.05 -61.20
N PHE A 647 10.70 2.20 -60.20
CA PHE A 647 11.54 3.36 -60.12
C PHE A 647 12.99 2.98 -59.79
N ASP A 648 13.87 3.93 -59.98
CA ASP A 648 15.21 3.81 -59.55
C ASP A 648 15.64 5.08 -58.84
N SER A 649 16.37 4.88 -57.77
CA SER A 649 16.74 5.95 -56.88
C SER A 649 17.61 6.98 -57.48
N LEU A 650 18.22 6.70 -58.62
CA LEU A 650 19.01 7.72 -59.31
C LEU A 650 18.52 7.96 -60.71
N ASN A 651 17.27 7.54 -60.97
CA ASN A 651 16.67 7.60 -62.29
C ASN A 651 17.59 6.94 -63.33
N TRP A 652 18.22 5.84 -62.94
CA TRP A 652 19.21 5.16 -63.83
C TRP A 652 18.56 4.02 -64.55
N LEU A 653 18.37 4.21 -65.83
CA LEU A 653 17.47 3.35 -66.60
C LEU A 653 17.86 1.87 -66.62
N PRO A 654 19.16 1.58 -66.65
CA PRO A 654 19.51 0.18 -66.68
C PRO A 654 18.93 -0.60 -65.48
N GLN A 655 18.76 0.07 -64.35
CA GLN A 655 18.26 -0.60 -63.19
C GLN A 655 16.83 -0.95 -63.31
N MET A 656 16.19 -0.40 -64.31
CA MET A 656 14.76 -0.61 -64.48
C MET A 656 14.36 -1.55 -65.61
N GLU A 657 15.27 -1.80 -66.56
CA GLU A 657 14.88 -2.49 -67.83
C GLU A 657 14.38 -3.90 -67.66
N LYS A 658 15.07 -4.68 -66.87
CA LYS A 658 14.65 -6.08 -66.71
C LYS A 658 13.30 -6.20 -66.01
N SER A 659 13.11 -5.34 -65.01
CA SER A 659 11.87 -5.36 -64.25
C SER A 659 10.72 -5.01 -65.16
N ILE A 660 10.91 -4.01 -66.01
CA ILE A 660 9.86 -3.62 -66.95
C ILE A 660 9.50 -4.76 -67.88
N GLN A 661 10.54 -5.39 -68.42
CA GLN A 661 10.34 -6.54 -69.28
C GLN A 661 9.61 -7.65 -68.56
N ALA A 662 10.03 -8.00 -67.37
CA ALA A 662 9.34 -9.09 -66.64
C ALA A 662 7.84 -8.80 -66.33
N VAL A 663 7.51 -7.53 -66.03
CA VAL A 663 6.10 -7.19 -65.77
C VAL A 663 5.28 -7.36 -67.01
N ARG A 664 5.77 -6.81 -68.14
CA ARG A 664 5.17 -7.11 -69.44
C ARG A 664 5.03 -8.63 -69.68
N ASP A 665 6.09 -9.41 -69.49
CA ASP A 665 6.03 -10.85 -69.72
C ASP A 665 5.00 -11.50 -68.84
N ASN A 666 4.74 -10.95 -67.64
CA ASN A 666 3.74 -11.59 -66.81
C ASN A 666 2.35 -11.12 -67.13
N GLY A 667 2.19 -10.34 -68.17
CA GLY A 667 0.84 -9.89 -68.52
C GLY A 667 0.28 -8.75 -67.66
N LYS A 668 1.16 -8.03 -66.98
CA LYS A 668 0.70 -6.95 -66.12
C LYS A 668 1.09 -5.56 -66.62
N ILE A 669 0.78 -4.51 -65.86
CA ILE A 669 1.05 -3.16 -66.29
C ILE A 669 2.31 -2.66 -65.66
N ALA A 670 3.17 -2.00 -66.44
CA ALA A 670 4.43 -1.46 -65.94
C ALA A 670 4.31 0.05 -66.01
N GLU A 671 4.52 0.76 -64.87
CA GLU A 671 4.73 2.21 -64.92
C GLU A 671 6.21 2.46 -64.81
N ALA A 672 6.80 3.19 -65.73
CA ALA A 672 8.22 3.49 -65.60
C ALA A 672 8.30 4.85 -65.00
N THR A 673 9.10 4.99 -63.98
CA THR A 673 9.05 6.18 -63.19
C THR A 673 10.23 7.11 -63.39
N ILE A 674 9.89 8.39 -63.39
CA ILE A 674 10.85 9.43 -63.25
C ILE A 674 10.67 10.10 -61.87
N CYS A 675 11.73 10.10 -61.07
CA CYS A 675 11.71 10.80 -59.81
C CYS A 675 12.05 12.28 -60.03
N TYR A 676 11.21 13.18 -59.51
CA TYR A 676 11.36 14.59 -59.66
C TYR A 676 12.14 15.13 -58.50
N THR A 677 13.05 16.02 -58.81
CA THR A 677 13.81 16.74 -57.78
C THR A 677 14.13 18.14 -58.35
N GLY A 678 14.69 18.99 -57.53
CA GLY A 678 15.05 20.33 -58.01
C GLY A 678 13.82 21.17 -58.32
N ASP A 679 13.94 22.03 -59.33
CA ASP A 679 12.87 22.94 -59.75
C ASP A 679 13.15 23.25 -61.21
N ILE A 680 12.34 22.73 -62.13
CA ILE A 680 12.52 23.08 -63.52
C ILE A 680 12.40 24.58 -63.79
N LEU A 681 11.86 25.37 -62.86
CA LEU A 681 11.69 26.83 -63.07
C LEU A 681 12.78 27.68 -62.49
N ASP A 682 13.72 27.05 -61.83
CA ASP A 682 14.89 27.73 -61.29
C ASP A 682 16.02 27.57 -62.30
N PRO A 683 16.33 28.65 -63.04
CA PRO A 683 17.33 28.51 -64.06
C PRO A 683 18.74 28.33 -63.47
N SER A 684 18.93 28.62 -62.18
CA SER A 684 20.22 28.38 -61.50
C SER A 684 20.49 26.91 -61.18
N ARG A 685 19.52 26.01 -61.37
CA ARG A 685 19.79 24.59 -61.23
C ARG A 685 19.43 23.84 -62.49
N PRO A 686 20.17 24.10 -63.56
CA PRO A 686 19.87 23.52 -64.87
C PRO A 686 20.10 22.02 -65.03
N LYS A 687 20.73 21.39 -64.05
CA LYS A 687 21.03 19.97 -64.18
C LYS A 687 19.74 19.12 -64.30
N TYR A 688 18.71 19.52 -63.56
CA TYR A 688 17.42 18.86 -63.67
C TYR A 688 16.41 19.80 -64.30
N ASN A 689 16.64 20.10 -65.55
CA ASN A 689 15.83 21.07 -66.27
C ASN A 689 14.87 20.29 -67.10
N ILE A 690 14.02 21.00 -67.80
CA ILE A 690 12.93 20.32 -68.46
C ILE A 690 13.48 19.35 -69.52
N GLN A 691 14.59 19.69 -70.14
CA GLN A 691 15.19 18.81 -71.14
C GLN A 691 15.63 17.45 -70.57
N TYR A 692 16.19 17.51 -69.36
CA TYR A 692 16.49 16.30 -68.62
C TYR A 692 15.30 15.36 -68.54
N TYR A 693 14.14 15.89 -68.15
CA TYR A 693 12.94 15.04 -67.97
C TYR A 693 12.39 14.56 -69.27
N LYS A 694 12.46 15.41 -70.30
CA LYS A 694 12.02 14.93 -71.61
C LYS A 694 12.88 13.77 -72.14
N ASP A 695 14.22 13.90 -72.06
CA ASP A 695 15.12 12.88 -72.59
C ASP A 695 14.90 11.57 -71.90
N LEU A 696 14.82 11.63 -70.58
CA LEU A 696 14.58 10.45 -69.79
C LEU A 696 13.19 9.88 -70.11
N ALA A 697 12.19 10.73 -70.29
CA ALA A 697 10.86 10.20 -70.64
C ALA A 697 10.89 9.45 -71.98
N LYS A 698 11.64 9.95 -72.95
CA LYS A 698 11.78 9.31 -74.24
C LYS A 698 12.44 7.93 -74.13
N GLU A 699 13.52 7.79 -73.41
CA GLU A 699 14.15 6.49 -73.13
C GLU A 699 13.18 5.57 -72.41
N LEU A 700 12.44 6.07 -71.42
CA LEU A 700 11.51 5.21 -70.70
C LEU A 700 10.46 4.72 -71.61
N GLU A 701 9.99 5.57 -72.51
CA GLU A 701 9.02 5.12 -73.51
C GLU A 701 9.56 3.96 -74.35
N ALA A 702 10.83 4.04 -74.72
CA ALA A 702 11.43 3.02 -75.60
C ALA A 702 11.59 1.65 -74.92
N THR A 703 11.53 1.56 -73.59
CA THR A 703 11.52 0.24 -72.90
C THR A 703 10.26 -0.58 -73.09
N GLY A 704 9.21 0.02 -73.62
CA GLY A 704 7.93 -0.66 -73.69
C GLY A 704 7.08 -0.58 -72.45
N ALA A 705 7.45 0.29 -71.48
CA ALA A 705 6.59 0.57 -70.34
C ALA A 705 5.22 1.04 -70.76
N HIS A 706 4.17 0.61 -70.06
CA HIS A 706 2.84 1.02 -70.45
C HIS A 706 2.53 2.45 -70.04
N ILE A 707 3.01 2.89 -68.90
CA ILE A 707 2.70 4.23 -68.40
C ILE A 707 3.93 4.86 -67.85
N LEU A 708 4.04 6.16 -68.04
CA LEU A 708 5.05 6.98 -67.38
C LEU A 708 4.54 7.59 -66.05
N ALA A 709 5.22 7.31 -64.96
CA ALA A 709 4.92 7.94 -63.69
C ALA A 709 5.93 9.01 -63.40
N VAL A 710 5.46 10.12 -62.87
CA VAL A 710 6.35 11.11 -62.29
C VAL A 710 6.20 11.06 -60.77
N LYS A 711 7.28 10.72 -60.07
CA LYS A 711 7.26 10.54 -58.62
C LYS A 711 7.94 11.74 -57.97
N ASP A 712 7.13 12.62 -57.38
CA ASP A 712 7.58 13.78 -56.62
C ASP A 712 7.54 13.43 -55.13
N MET A 713 8.55 12.70 -54.71
CA MET A 713 8.60 12.00 -53.44
C MET A 713 8.73 12.95 -52.30
N ALA A 714 9.24 14.14 -52.56
CA ALA A 714 9.38 15.08 -51.50
C ALA A 714 8.30 16.25 -51.54
N GLY A 715 7.44 16.24 -52.55
CA GLY A 715 6.39 17.25 -52.65
C GLY A 715 6.93 18.60 -53.09
N LEU A 716 7.91 18.59 -53.97
CA LEU A 716 8.58 19.82 -54.40
C LEU A 716 7.92 20.51 -55.55
N LEU A 717 7.02 19.84 -56.22
CA LEU A 717 6.50 20.38 -57.46
C LEU A 717 5.47 21.54 -57.16
N LYS A 718 5.71 22.74 -57.67
CA LYS A 718 4.82 23.88 -57.47
C LYS A 718 3.87 23.87 -58.63
N PRO A 719 2.76 24.55 -58.53
CA PRO A 719 1.76 24.35 -59.55
C PRO A 719 2.12 24.83 -60.94
N GLN A 720 2.83 25.97 -61.09
CA GLN A 720 3.28 26.39 -62.44
C GLN A 720 4.33 25.37 -63.03
N ALA A 721 5.16 24.79 -62.20
CA ALA A 721 6.13 23.78 -62.68
C ALA A 721 5.40 22.53 -63.07
N ALA A 722 4.35 22.16 -62.30
CA ALA A 722 3.57 20.95 -62.67
C ALA A 722 2.93 21.12 -63.99
N TYR A 723 2.40 22.30 -64.21
CA TYR A 723 1.79 22.60 -65.48
C TYR A 723 2.78 22.52 -66.65
N ARG A 724 3.92 23.25 -66.55
CA ARG A 724 5.00 23.23 -67.57
C ARG A 724 5.55 21.77 -67.78
N LEU A 725 5.88 21.11 -66.70
CA LEU A 725 6.36 19.74 -66.81
C LEU A 725 5.39 18.81 -67.51
N ILE A 726 4.13 18.82 -67.09
CA ILE A 726 3.20 17.85 -67.65
C ILE A 726 2.94 18.22 -69.09
N SER A 727 2.74 19.51 -69.35
CA SER A 727 2.38 19.86 -70.71
C SER A 727 3.52 19.45 -71.70
N GLU A 728 4.78 19.64 -71.30
CA GLU A 728 5.89 19.28 -72.15
C GLU A 728 6.02 17.79 -72.31
N LEU A 729 5.79 17.06 -71.24
CA LEU A 729 5.91 15.60 -71.33
C LEU A 729 4.85 15.03 -72.22
N LYS A 730 3.65 15.60 -72.19
CA LYS A 730 2.54 15.14 -73.06
C LYS A 730 2.83 15.43 -74.53
N ASP A 731 3.65 16.41 -74.85
CA ASP A 731 4.11 16.64 -76.20
C ASP A 731 5.33 15.82 -76.56
N THR A 732 5.90 15.07 -75.63
CA THR A 732 7.12 14.36 -75.91
C THR A 732 6.94 12.89 -76.04
N VAL A 733 5.99 12.33 -75.32
CA VAL A 733 5.74 10.89 -75.39
C VAL A 733 4.23 10.69 -75.48
N ASP A 734 3.82 9.51 -75.92
CA ASP A 734 2.40 9.16 -76.03
C ASP A 734 1.86 8.35 -74.88
N LEU A 735 2.72 7.84 -74.02
CA LEU A 735 2.26 7.13 -72.82
C LEU A 735 1.41 8.03 -71.91
N PRO A 736 0.40 7.46 -71.26
CA PRO A 736 -0.31 8.27 -70.26
C PRO A 736 0.64 8.57 -69.12
N ILE A 737 0.40 9.71 -68.47
CA ILE A 737 1.23 10.16 -67.39
C ILE A 737 0.45 10.08 -66.10
N HIS A 738 1.04 9.41 -65.15
CA HIS A 738 0.52 9.19 -63.80
C HIS A 738 1.42 9.96 -62.81
N LEU A 739 0.87 11.02 -62.25
CA LEU A 739 1.63 11.92 -61.36
C LEU A 739 1.32 11.63 -59.91
N HIS A 740 2.38 11.63 -59.13
CA HIS A 740 2.38 11.35 -57.72
C HIS A 740 3.09 12.42 -56.92
N THR A 741 2.40 13.08 -55.99
CA THR A 741 3.06 14.06 -55.13
C THR A 741 2.65 13.92 -53.68
N HIS A 742 3.29 14.68 -52.84
CA HIS A 742 2.94 14.73 -51.42
C HIS A 742 2.51 16.16 -51.10
N ASP A 743 1.70 16.33 -50.05
CA ASP A 743 1.08 17.60 -49.76
C ASP A 743 1.87 18.34 -48.69
N THR A 744 3.13 17.97 -48.55
CA THR A 744 3.98 18.38 -47.49
C THR A 744 4.01 19.93 -47.45
N SER A 745 4.11 20.59 -48.60
CA SER A 745 4.20 22.01 -48.64
C SER A 745 2.82 22.76 -48.52
N GLY A 746 1.73 21.99 -48.55
CA GLY A 746 0.39 22.56 -48.62
C GLY A 746 -0.04 22.91 -50.02
N ASN A 747 0.76 22.55 -51.04
CA ASN A 747 0.43 22.87 -52.46
C ASN A 747 0.01 21.73 -53.29
N GLY A 748 -0.33 20.64 -52.65
CA GLY A 748 -0.71 19.46 -53.39
C GLY A 748 -1.95 19.52 -54.25
N ILE A 749 -3.06 20.03 -53.71
CA ILE A 749 -4.31 20.16 -54.50
C ILE A 749 -4.09 21.12 -55.63
N ILE A 750 -3.45 22.24 -55.35
CA ILE A 750 -3.27 23.18 -56.45
C ILE A 750 -2.34 22.64 -57.53
N THR A 751 -1.33 21.84 -57.13
CA THR A 751 -0.42 21.27 -58.10
C THR A 751 -1.15 20.24 -58.94
N TYR A 752 -1.95 19.39 -58.32
CA TYR A 752 -2.77 18.45 -59.07
C TYR A 752 -3.71 19.09 -60.04
N SER A 753 -4.26 20.25 -59.62
CA SER A 753 -5.23 20.92 -60.42
C SER A 753 -4.54 21.55 -61.62
N GLY A 754 -3.44 22.20 -61.38
CA GLY A 754 -2.53 22.59 -62.48
C GLY A 754 -2.16 21.49 -63.46
N ALA A 755 -1.81 20.36 -62.92
CA ALA A 755 -1.41 19.23 -63.77
C ALA A 755 -2.60 18.76 -64.57
N THR A 756 -3.80 18.86 -63.99
CA THR A 756 -5.01 18.45 -64.72
C THR A 756 -5.22 19.34 -65.94
N GLN A 757 -4.98 20.63 -65.80
CA GLN A 757 -5.18 21.51 -66.92
C GLN A 757 -4.16 21.19 -67.97
N ALA A 758 -3.02 20.59 -67.60
CA ALA A 758 -1.98 20.29 -68.58
C ALA A 758 -2.17 18.98 -69.24
N GLY A 759 -3.22 18.27 -68.91
CA GLY A 759 -3.48 16.99 -69.53
C GLY A 759 -3.12 15.73 -68.75
N VAL A 760 -2.69 15.84 -67.50
CA VAL A 760 -2.30 14.66 -66.78
C VAL A 760 -3.38 13.62 -66.81
N ASP A 761 -2.99 12.36 -66.83
CA ASP A 761 -3.96 11.31 -67.02
C ASP A 761 -4.43 10.68 -65.71
N ILE A 762 -3.55 10.54 -64.75
CA ILE A 762 -3.84 9.88 -63.48
C ILE A 762 -3.08 10.56 -62.38
N ILE A 763 -3.72 10.69 -61.20
CA ILE A 763 -3.09 11.27 -60.02
C ILE A 763 -3.27 10.39 -58.77
N ASP A 764 -2.28 10.46 -57.87
CA ASP A 764 -2.31 9.69 -56.62
C ASP A 764 -2.88 10.52 -55.49
N VAL A 765 -4.04 10.10 -54.93
CA VAL A 765 -4.67 10.77 -53.85
C VAL A 765 -4.98 9.83 -52.68
N ALA A 766 -5.13 10.38 -51.48
CA ALA A 766 -5.46 9.60 -50.31
C ALA A 766 -6.85 10.07 -49.82
N THR A 767 -7.54 9.22 -49.10
CA THR A 767 -8.75 9.59 -48.49
C THR A 767 -8.46 10.73 -47.48
N ALA A 768 -9.41 11.64 -47.39
CA ALA A 768 -9.27 12.87 -46.62
C ALA A 768 -8.69 12.71 -45.25
N SER A 769 -9.20 11.75 -44.49
CA SER A 769 -8.76 11.49 -43.11
C SER A 769 -7.35 10.90 -43.01
N LEU A 770 -6.76 10.56 -44.15
CA LEU A 770 -5.31 10.12 -44.20
C LEU A 770 -4.57 10.92 -45.24
N ALA A 771 -5.06 12.15 -45.45
CA ALA A 771 -4.49 13.03 -46.43
C ALA A 771 -3.91 14.27 -45.82
N GLY A 772 -3.20 15.05 -46.63
CA GLY A 772 -2.54 16.27 -46.12
C GLY A 772 -1.24 15.95 -45.47
N GLY A 773 -0.52 16.98 -45.09
CA GLY A 773 0.80 16.86 -44.50
C GLY A 773 1.73 16.12 -45.45
N THR A 774 2.51 15.21 -44.90
CA THR A 774 3.41 14.37 -45.71
C THR A 774 2.69 13.25 -46.47
N SER A 775 1.36 13.21 -46.45
CA SER A 775 0.62 12.23 -47.23
C SER A 775 0.31 12.81 -48.62
N GLN A 776 -0.56 12.13 -49.36
CA GLN A 776 -0.97 12.64 -50.64
C GLN A 776 -2.02 13.71 -50.39
N PRO A 777 -2.27 14.54 -51.39
CA PRO A 777 -3.48 15.35 -51.37
C PRO A 777 -4.77 14.54 -51.30
N SER A 778 -5.80 15.16 -50.74
CA SER A 778 -7.12 14.53 -50.56
C SER A 778 -7.86 14.22 -51.86
N MET A 779 -8.25 12.95 -52.02
CA MET A 779 -9.21 12.51 -53.10
C MET A 779 -10.51 13.30 -53.13
N GLN A 780 -11.16 13.42 -52.01
CA GLN A 780 -12.42 14.21 -51.99
C GLN A 780 -12.21 15.65 -52.38
N SER A 781 -11.11 16.26 -51.94
CA SER A 781 -10.84 17.66 -52.22
C SER A 781 -10.63 17.95 -53.69
N ILE A 782 -9.88 17.11 -54.35
CA ILE A 782 -9.54 17.39 -55.77
C ILE A 782 -10.82 17.29 -56.59
N TYR A 783 -11.74 16.38 -56.22
CA TYR A 783 -13.03 16.34 -56.91
C TYR A 783 -13.75 17.71 -56.93
N TYR A 784 -13.83 18.29 -55.75
CA TYR A 784 -14.46 19.58 -55.62
C TYR A 784 -13.64 20.72 -56.22
N ALA A 785 -12.32 20.60 -56.26
CA ALA A 785 -11.52 21.64 -56.92
C ALA A 785 -11.75 21.68 -58.45
N LEU A 786 -12.02 20.52 -59.02
CA LEU A 786 -12.24 20.41 -60.44
C LEU A 786 -13.76 20.38 -60.82
N GLU A 787 -14.65 20.24 -59.84
CA GLU A 787 -16.14 20.06 -60.13
C GLU A 787 -16.67 21.06 -61.17
N HIS A 788 -16.32 22.34 -61.04
CA HIS A 788 -16.69 23.36 -62.02
C HIS A 788 -15.64 23.75 -63.00
N GLY A 789 -14.69 22.88 -63.26
CA GLY A 789 -13.73 23.19 -64.28
C GLY A 789 -13.99 22.39 -65.53
N PRO A 790 -13.11 22.52 -66.52
CA PRO A 790 -13.28 21.88 -67.83
C PRO A 790 -13.03 20.44 -67.79
N ARG A 791 -12.43 19.99 -66.72
CA ARG A 791 -12.05 18.62 -66.66
C ARG A 791 -12.27 18.17 -65.22
N HIS A 792 -13.09 17.14 -65.06
CA HIS A 792 -13.49 16.64 -63.79
C HIS A 792 -12.65 15.44 -63.40
N ALA A 793 -12.73 15.13 -62.12
CA ALA A 793 -12.10 13.98 -61.58
C ALA A 793 -13.10 12.84 -61.57
N SER A 794 -12.62 11.65 -61.89
CA SER A 794 -13.53 10.55 -62.06
C SER A 794 -13.59 9.79 -60.76
N ILE A 795 -14.63 10.08 -59.98
CA ILE A 795 -14.86 9.36 -58.71
C ILE A 795 -16.28 9.53 -58.20
N ASN A 796 -16.77 8.53 -57.49
CA ASN A 796 -18.06 8.70 -56.77
C ASN A 796 -17.76 9.39 -55.43
N VAL A 797 -17.86 10.71 -55.43
CA VAL A 797 -17.43 11.47 -54.33
C VAL A 797 -18.29 11.26 -53.08
N LYS A 798 -19.60 11.08 -53.24
CA LYS A 798 -20.45 10.78 -52.08
C LYS A 798 -20.07 9.47 -51.43
N ASN A 799 -19.87 8.43 -52.23
CA ASN A 799 -19.39 7.21 -51.66
C ASN A 799 -18.07 7.38 -50.98
N ALA A 800 -17.15 8.11 -51.62
CA ALA A 800 -15.80 8.37 -51.04
C ALA A 800 -15.92 9.09 -49.69
N GLU A 801 -16.85 10.05 -49.58
CA GLU A 801 -17.07 10.73 -48.29
C GLU A 801 -17.58 9.78 -47.15
N GLN A 802 -18.51 8.90 -47.49
CA GLN A 802 -18.96 7.90 -46.56
C GLN A 802 -17.85 6.99 -46.11
N ILE A 803 -17.07 6.50 -47.07
CA ILE A 803 -15.99 5.57 -46.74
C ILE A 803 -14.97 6.27 -45.85
N ASP A 804 -14.80 7.58 -46.06
CA ASP A 804 -13.85 8.31 -45.26
C ASP A 804 -14.13 8.26 -43.76
N HIS A 805 -15.40 8.10 -43.39
CA HIS A 805 -15.83 7.97 -42.02
C HIS A 805 -15.21 6.78 -41.33
N TYR A 806 -15.11 5.67 -42.03
CA TYR A 806 -14.52 4.50 -41.48
C TYR A 806 -13.02 4.84 -41.19
N TRP A 807 -12.36 5.46 -42.13
CA TRP A 807 -10.92 5.70 -41.96
C TRP A 807 -10.65 6.71 -40.89
N GLU A 808 -11.53 7.72 -40.76
CA GLU A 808 -11.43 8.67 -39.72
C GLU A 808 -11.47 7.98 -38.36
N ASP A 809 -12.38 7.03 -38.18
CA ASP A 809 -12.51 6.28 -36.92
C ASP A 809 -11.27 5.35 -36.72
N VAL A 810 -10.83 4.68 -37.77
CA VAL A 810 -9.70 3.74 -37.65
C VAL A 810 -8.35 4.47 -37.33
N ARG A 811 -8.16 5.62 -37.92
CA ARG A 811 -6.96 6.32 -37.68
C ARG A 811 -6.73 6.57 -36.17
N LYS A 812 -7.78 6.78 -35.41
CA LYS A 812 -7.61 7.01 -33.98
C LYS A 812 -6.90 5.90 -33.26
N TYR A 813 -7.05 4.66 -33.74
CA TYR A 813 -6.36 3.52 -33.10
C TYR A 813 -4.83 3.66 -33.14
N TYR A 814 -4.34 4.46 -34.12
CA TYR A 814 -2.90 4.56 -34.38
C TYR A 814 -2.26 5.82 -33.75
N ALA A 815 -2.97 6.46 -32.81
CA ALA A 815 -2.44 7.65 -32.07
C ALA A 815 -0.98 7.49 -31.62
N PRO A 816 -0.59 6.35 -31.04
CA PRO A 816 0.84 6.21 -30.65
C PRO A 816 1.85 6.30 -31.76
N PHE A 817 1.45 6.11 -33.00
CA PHE A 817 2.40 6.16 -34.08
C PHE A 817 2.32 7.47 -34.86
N GLU A 818 1.53 8.41 -34.41
CA GLU A 818 1.30 9.66 -35.13
C GLU A 818 2.64 10.49 -35.02
N ALA A 819 3.23 10.85 -36.19
CA ALA A 819 4.59 11.52 -36.34
C ALA A 819 4.59 12.91 -35.72
N GLY A 820 3.42 13.51 -35.70
CA GLY A 820 3.15 14.78 -35.01
C GLY A 820 1.82 15.27 -35.57
N ILE A 821 1.56 16.56 -35.42
CA ILE A 821 0.34 17.18 -36.01
C ILE A 821 0.47 17.26 -37.54
N THR A 822 -0.64 16.96 -38.23
CA THR A 822 -0.68 16.99 -39.72
C THR A 822 -1.02 18.43 -40.17
N SER A 823 0.01 19.10 -40.69
CA SER A 823 -0.05 20.51 -41.15
C SER A 823 1.04 20.76 -42.23
N PRO A 824 0.99 21.89 -42.97
CA PRO A 824 2.11 22.11 -43.94
C PRO A 824 3.50 22.39 -43.31
N GLN A 825 4.55 22.22 -44.13
CA GLN A 825 6.00 22.41 -43.82
C GLN A 825 6.68 22.77 -45.16
N THR A 826 6.79 24.05 -45.46
CA THR A 826 7.43 24.49 -46.70
C THR A 826 8.99 24.43 -46.73
N GLU A 827 9.63 24.13 -45.62
CA GLU A 827 11.10 23.99 -45.63
C GLU A 827 11.59 22.80 -46.46
N VAL A 828 10.67 21.93 -46.86
CA VAL A 828 10.99 20.85 -47.75
C VAL A 828 11.61 21.39 -49.01
N TYR A 829 11.24 22.60 -49.41
CA TYR A 829 11.85 23.18 -50.61
C TYR A 829 13.35 23.47 -50.42
N MET A 830 13.81 23.70 -49.19
CA MET A 830 15.24 23.91 -48.92
C MET A 830 15.99 22.57 -48.82
N HIS A 831 15.52 21.62 -48.02
CA HIS A 831 16.28 20.43 -47.79
C HIS A 831 15.90 19.23 -48.69
N GLU A 832 14.66 19.15 -49.15
CA GLU A 832 14.28 18.11 -50.10
C GLU A 832 14.25 16.66 -49.57
N MET A 833 14.24 16.48 -48.27
CA MET A 833 14.02 15.18 -47.66
C MET A 833 12.63 14.73 -47.99
N PRO A 834 12.46 13.54 -48.55
CA PRO A 834 11.09 12.96 -48.49
C PRO A 834 10.71 12.71 -47.01
N GLY A 835 9.45 12.43 -46.69
CA GLY A 835 9.01 12.35 -45.26
C GLY A 835 9.72 11.28 -44.37
N GLY A 836 9.90 10.08 -44.87
CA GLY A 836 10.54 9.05 -44.08
C GLY A 836 11.96 9.48 -43.75
N GLN A 837 12.65 10.06 -44.70
CA GLN A 837 14.02 10.50 -44.47
C GLN A 837 14.02 11.57 -43.38
N TYR A 838 12.91 12.30 -43.24
CA TYR A 838 12.84 13.42 -42.30
C TYR A 838 12.66 12.88 -40.90
N THR A 839 11.68 12.00 -40.75
CA THR A 839 11.43 11.37 -39.47
C THR A 839 12.59 10.46 -38.99
N ASN A 840 13.12 9.65 -39.89
CA ASN A 840 14.24 8.78 -39.56
C ASN A 840 15.43 9.59 -39.15
N LEU A 841 15.73 10.63 -39.90
CA LEU A 841 16.90 11.41 -39.61
C LEU A 841 16.73 12.12 -38.25
N LYS A 842 15.48 12.26 -37.83
CA LYS A 842 15.16 12.82 -36.51
C LYS A 842 15.55 11.84 -35.41
N SER A 843 15.13 10.57 -35.54
CA SER A 843 15.54 9.48 -34.61
C SER A 843 17.05 9.32 -34.45
N GLN A 844 17.76 9.32 -35.58
CA GLN A 844 19.21 9.22 -35.56
C GLN A 844 19.90 10.38 -34.81
N ALA A 845 19.46 11.61 -35.02
CA ALA A 845 20.09 12.74 -34.32
C ALA A 845 19.83 12.67 -32.79
N ALA A 846 18.66 12.14 -32.43
CA ALA A 846 18.31 11.82 -31.04
C ALA A 846 19.29 10.80 -30.46
N ALA A 847 19.32 9.59 -31.03
CA ALA A 847 20.20 8.49 -30.58
C ALA A 847 21.67 8.89 -30.40
N VAL A 848 22.07 10.04 -30.94
CA VAL A 848 23.44 10.53 -30.84
C VAL A 848 23.46 11.89 -30.08
N GLY A 849 22.33 12.27 -29.50
CA GLY A 849 22.26 13.48 -28.69
C GLY A 849 22.38 14.79 -29.44
N LEU A 850 21.93 14.80 -30.69
CA LEU A 850 21.90 16.04 -31.48
C LEU A 850 20.47 16.49 -31.86
N GLY A 851 19.45 15.86 -31.27
CA GLY A 851 18.05 16.26 -31.45
C GLY A 851 17.84 17.76 -31.36
N HIS A 852 18.55 18.39 -30.42
CA HIS A 852 18.52 19.83 -30.25
C HIS A 852 19.21 20.65 -31.40
N ARG A 853 19.98 20.01 -32.29
CA ARG A 853 20.64 20.75 -33.41
C ARG A 853 20.07 20.37 -34.81
N PHE A 854 18.85 19.83 -34.81
CA PHE A 854 18.27 19.29 -35.99
C PHE A 854 18.21 20.31 -37.13
N ASP A 855 17.95 21.56 -36.79
CA ASP A 855 17.85 22.60 -37.81
C ASP A 855 19.18 22.89 -38.51
N GLU A 856 20.28 22.58 -37.83
CA GLU A 856 21.64 22.68 -38.41
C GLU A 856 21.84 21.48 -39.34
N ILE A 857 21.28 20.35 -38.92
CA ILE A 857 21.24 19.13 -39.73
C ILE A 857 20.45 19.26 -41.06
N LYS A 858 19.24 19.83 -41.02
CA LYS A 858 18.49 20.10 -42.24
C LYS A 858 19.34 20.97 -43.13
N GLN A 859 20.03 21.94 -42.53
CA GLN A 859 20.91 22.86 -43.31
C GLN A 859 22.09 22.12 -43.92
N MET A 860 22.60 21.13 -43.19
CA MET A 860 23.76 20.34 -43.65
C MET A 860 23.34 19.36 -44.77
N TYR A 861 22.16 18.77 -44.60
CA TYR A 861 21.57 17.85 -45.57
C TYR A 861 21.50 18.51 -46.91
N ARG A 862 21.12 19.76 -46.92
CA ARG A 862 21.08 20.56 -48.14
C ARG A 862 22.48 20.77 -48.72
N LYS A 863 23.46 21.03 -47.84
CA LYS A 863 24.84 21.30 -48.28
C LYS A 863 25.49 20.05 -48.82
N VAL A 864 25.36 18.96 -48.08
CA VAL A 864 25.77 17.65 -48.56
C VAL A 864 25.22 17.34 -49.96
N ASN A 865 23.93 17.60 -50.15
CA ASN A 865 23.31 17.29 -51.42
C ASN A 865 24.03 17.97 -52.54
N MET A 866 24.33 19.26 -52.34
CA MET A 866 25.12 20.03 -53.33
C MET A 866 26.57 19.52 -53.48
N MET A 867 27.12 19.07 -52.36
CA MET A 867 28.48 18.53 -52.29
C MET A 867 28.61 17.27 -53.12
N PHE A 868 27.56 16.45 -53.10
CA PHE A 868 27.53 15.21 -53.86
C PHE A 868 27.17 15.39 -55.33
N GLY A 869 27.08 16.65 -55.78
CA GLY A 869 26.78 16.96 -57.17
C GLY A 869 25.35 17.36 -57.45
N ASP A 870 24.54 17.49 -56.39
CA ASP A 870 23.09 17.70 -56.49
C ASP A 870 22.37 16.46 -56.98
N ILE A 871 21.87 15.65 -56.06
CA ILE A 871 21.38 14.34 -56.43
C ILE A 871 19.91 14.08 -56.17
N ILE A 872 19.40 13.04 -56.83
CA ILE A 872 18.06 12.57 -56.56
C ILE A 872 18.04 11.87 -55.22
N LYS A 873 17.14 12.31 -54.32
CA LYS A 873 17.08 11.79 -52.94
C LYS A 873 15.75 11.09 -52.67
N VAL A 874 15.83 9.77 -52.78
CA VAL A 874 14.71 8.90 -52.55
C VAL A 874 15.40 7.67 -52.03
N THR A 875 14.68 6.82 -51.34
CA THR A 875 15.28 5.67 -50.70
C THR A 875 15.97 4.70 -51.71
N PRO A 876 17.24 4.37 -51.49
CA PRO A 876 18.11 4.70 -50.36
C PRO A 876 19.07 5.86 -50.55
N SER A 877 19.04 6.52 -51.68
CA SER A 877 19.95 7.65 -51.83
C SER A 877 19.70 8.75 -50.84
N SER A 878 18.46 8.90 -50.36
CA SER A 878 18.19 9.95 -49.36
C SER A 878 18.98 9.70 -48.06
N LYS A 879 19.03 8.43 -47.67
CA LYS A 879 19.80 7.99 -46.49
C LYS A 879 21.32 8.30 -46.62
N VAL A 880 21.85 8.12 -47.82
CA VAL A 880 23.23 8.43 -48.07
C VAL A 880 23.46 9.85 -47.65
N VAL A 881 22.57 10.73 -48.09
CA VAL A 881 22.78 12.15 -47.79
C VAL A 881 22.64 12.40 -46.32
N GLY A 882 21.69 11.73 -45.68
CA GLY A 882 21.43 11.95 -44.27
C GLY A 882 22.59 11.53 -43.40
N ASP A 883 23.06 10.28 -43.59
CA ASP A 883 24.22 9.73 -42.86
C ASP A 883 25.42 10.64 -42.96
N MET A 884 25.71 11.12 -44.14
CA MET A 884 26.80 12.07 -44.29
C MET A 884 26.61 13.38 -43.51
N ALA A 885 25.41 13.96 -43.57
CA ALA A 885 25.17 15.29 -43.00
C ALA A 885 25.31 15.20 -41.50
N LEU A 886 24.78 14.11 -40.98
CA LEU A 886 24.81 13.80 -39.58
C LEU A 886 26.28 13.64 -39.11
N PHE A 887 27.01 12.75 -39.77
CA PHE A 887 28.43 12.58 -39.59
C PHE A 887 29.12 13.94 -39.58
N MET A 888 28.89 14.76 -40.59
CA MET A 888 29.59 16.05 -40.67
C MET A 888 29.34 17.05 -39.53
N ILE A 889 28.11 17.08 -39.01
CA ILE A 889 27.79 17.92 -37.85
C ILE A 889 28.48 17.31 -36.65
N GLN A 890 28.22 16.03 -36.43
CA GLN A 890 28.68 15.32 -35.25
C GLN A 890 30.18 15.44 -35.01
N ASN A 891 30.95 15.48 -36.10
CA ASN A 891 32.39 15.65 -36.05
C ASN A 891 32.81 17.05 -36.48
N ASP A 892 31.94 18.03 -36.31
CA ASP A 892 32.29 19.43 -36.55
C ASP A 892 32.93 19.78 -37.90
N LEU A 893 32.55 19.03 -38.91
CA LEU A 893 33.11 19.16 -40.23
C LEU A 893 32.40 20.00 -41.26
N THR A 894 33.16 20.88 -41.89
CA THR A 894 32.76 21.74 -42.96
C THR A 894 33.18 21.06 -44.23
N GLU A 895 32.69 21.49 -45.37
CA GLU A 895 33.04 20.86 -46.62
C GLU A 895 34.53 20.98 -46.89
N GLU A 896 35.09 22.13 -46.56
CA GLU A 896 36.50 22.36 -46.77
C GLU A 896 37.22 21.34 -45.90
N ASP A 897 36.66 21.09 -44.73
CA ASP A 897 37.23 20.16 -43.81
C ASP A 897 37.28 18.83 -44.50
N VAL A 898 36.20 18.45 -45.15
CA VAL A 898 36.17 17.17 -45.81
C VAL A 898 37.22 17.11 -46.90
N TYR A 899 37.36 18.16 -47.68
CA TYR A 899 38.33 18.17 -48.74
C TYR A 899 39.78 18.13 -48.24
N ALA A 900 40.10 18.91 -47.21
CA ALA A 900 41.44 18.88 -46.68
C ALA A 900 41.87 17.64 -45.90
N ARG A 901 41.07 17.25 -44.92
CA ARG A 901 41.40 16.11 -44.08
C ARG A 901 40.59 14.86 -44.23
N GLY A 902 40.01 14.63 -45.40
CA GLY A 902 39.12 13.48 -45.60
C GLY A 902 39.87 12.17 -45.68
N ASN A 903 41.11 12.25 -46.17
CA ASN A 903 41.96 11.08 -46.37
C ASN A 903 42.22 10.33 -45.07
N GLU A 904 42.12 11.04 -43.95
CA GLU A 904 42.26 10.38 -42.65
C GLU A 904 40.92 10.15 -41.94
N LEU A 905 39.80 10.31 -42.64
CA LEU A 905 38.50 10.05 -42.00
C LEU A 905 37.80 8.82 -42.54
N ASN A 906 37.14 8.10 -41.64
CA ASN A 906 36.32 6.96 -42.03
C ASN A 906 34.85 7.37 -42.25
N PHE A 907 34.47 7.49 -43.52
CA PHE A 907 33.13 7.95 -43.86
C PHE A 907 32.09 6.86 -43.66
N PRO A 908 30.85 7.28 -43.40
CA PRO A 908 29.82 6.28 -43.15
C PRO A 908 29.70 5.26 -44.27
N GLU A 909 29.34 4.05 -43.88
CA GLU A 909 29.22 2.98 -44.83
C GLU A 909 28.43 3.39 -46.08
N SER A 910 27.20 3.88 -45.87
CA SER A 910 26.25 4.13 -46.96
C SER A 910 26.86 5.10 -47.98
N VAL A 911 27.63 6.05 -47.49
CA VAL A 911 28.27 7.03 -48.36
C VAL A 911 29.34 6.39 -49.21
N VAL A 912 30.13 5.54 -48.58
CA VAL A 912 31.23 4.85 -49.27
C VAL A 912 30.60 4.02 -50.37
N SER A 913 29.61 3.22 -50.00
CA SER A 913 28.88 2.37 -50.95
C SER A 913 28.22 3.15 -52.13
N PHE A 914 27.74 4.36 -51.86
CA PHE A 914 27.19 5.21 -52.91
C PHE A 914 28.29 5.53 -53.91
N PHE A 915 29.41 6.02 -53.38
CA PHE A 915 30.55 6.41 -54.21
C PHE A 915 31.32 5.27 -54.91
N ARG A 916 31.19 4.04 -54.41
CA ARG A 916 31.72 2.87 -55.13
C ARG A 916 30.82 2.44 -56.25
N GLY A 917 29.63 3.05 -56.38
CA GLY A 917 28.65 2.65 -57.41
C GLY A 917 27.72 1.51 -57.02
N ASP A 918 27.64 1.20 -55.74
CA ASP A 918 26.75 0.11 -55.29
C ASP A 918 25.26 0.47 -55.40
N LEU A 919 24.89 1.76 -55.49
CA LEU A 919 23.47 2.12 -55.77
C LEU A 919 23.20 2.41 -57.24
N GLY A 920 24.23 2.32 -58.06
CA GLY A 920 24.10 2.58 -59.49
C GLY A 920 24.82 3.87 -59.78
N GLN A 921 24.66 4.36 -61.00
CA GLN A 921 25.33 5.59 -61.45
C GLN A 921 24.43 6.85 -61.38
N PRO A 922 24.84 7.86 -60.65
CA PRO A 922 24.04 9.05 -60.62
C PRO A 922 24.16 9.92 -61.87
N VAL A 923 23.19 10.81 -62.02
CA VAL A 923 23.15 11.71 -63.16
C VAL A 923 24.37 12.63 -63.09
N GLY A 924 25.13 12.70 -64.18
CA GLY A 924 26.34 13.54 -64.26
C GLY A 924 27.59 13.01 -63.56
N GLY A 925 27.60 11.71 -63.24
CA GLY A 925 28.67 11.08 -62.51
C GLY A 925 28.92 11.65 -61.12
N PHE A 926 30.00 11.21 -60.50
CA PHE A 926 30.35 11.65 -59.15
C PHE A 926 31.32 12.82 -59.24
N PRO A 927 31.33 13.71 -58.23
CA PRO A 927 32.48 14.63 -58.11
C PRO A 927 33.79 13.84 -57.85
N GLU A 928 34.76 14.02 -58.76
CA GLU A 928 35.93 13.15 -58.85
C GLU A 928 36.86 13.16 -57.63
N LYS A 929 37.29 14.33 -57.21
CA LYS A 929 38.20 14.42 -56.09
C LYS A 929 37.59 13.80 -54.82
N LEU A 930 36.41 14.27 -54.46
CA LEU A 930 35.66 13.76 -53.31
C LEU A 930 35.44 12.22 -53.38
N GLN A 931 35.14 11.73 -54.59
CA GLN A 931 35.02 10.30 -54.75
C GLN A 931 36.29 9.60 -54.26
N LYS A 932 37.46 10.06 -54.73
CA LYS A 932 38.76 9.43 -54.39
C LYS A 932 38.91 9.41 -52.88
N ILE A 933 38.65 10.56 -52.27
CA ILE A 933 38.75 10.74 -50.84
C ILE A 933 37.85 9.77 -50.05
N ILE A 934 36.63 9.54 -50.54
CA ILE A 934 35.67 8.72 -49.80
C ILE A 934 35.96 7.23 -50.02
N VAL A 935 36.24 6.82 -51.26
CA VAL A 935 36.39 5.39 -51.53
C VAL A 935 37.78 4.87 -51.11
N LYS A 936 38.77 5.78 -51.19
CA LYS A 936 40.17 5.48 -50.90
C LYS A 936 40.68 4.32 -51.77
N ASP A 937 40.83 3.14 -51.21
CA ASP A 937 41.37 2.00 -51.97
C ASP A 937 40.32 0.95 -52.35
N LYS A 938 39.06 1.16 -51.99
CA LYS A 938 38.03 0.17 -52.31
C LYS A 938 37.69 0.10 -53.82
N ALA A 939 37.11 -1.02 -54.21
CA ALA A 939 36.78 -1.28 -55.61
C ALA A 939 35.57 -0.46 -56.03
N VAL A 940 35.72 0.22 -57.16
CA VAL A 940 34.66 1.04 -57.71
C VAL A 940 34.08 0.31 -58.93
N ILE A 941 32.77 0.24 -59.05
CA ILE A 941 32.16 -0.30 -60.26
C ILE A 941 31.47 0.86 -60.97
N THR A 942 31.28 0.68 -62.28
CA THR A 942 30.59 1.66 -63.09
C THR A 942 29.45 1.03 -63.87
N ASP A 943 29.18 -0.24 -63.66
CA ASP A 943 28.11 -0.89 -64.39
C ASP A 943 27.05 -1.30 -63.35
N ARG A 944 26.07 -2.05 -63.82
CA ARG A 944 24.92 -2.41 -62.99
C ARG A 944 25.24 -3.35 -61.82
N PRO A 945 24.99 -2.91 -60.58
CA PRO A 945 25.40 -3.76 -59.45
C PRO A 945 24.90 -5.22 -59.47
N GLY A 946 23.72 -5.47 -60.00
CA GLY A 946 23.14 -6.82 -59.98
C GLY A 946 23.86 -7.81 -60.88
N LEU A 947 24.68 -7.29 -61.80
CA LEU A 947 25.63 -8.10 -62.54
C LEU A 947 26.67 -8.74 -61.60
N HIS A 948 26.97 -8.09 -60.47
CA HIS A 948 27.97 -8.54 -59.52
C HIS A 948 27.36 -9.30 -58.36
N ALA A 949 26.08 -9.64 -58.47
CA ALA A 949 25.37 -10.19 -57.32
C ALA A 949 25.71 -11.66 -57.12
N GLU A 950 25.96 -12.05 -55.86
CA GLU A 950 26.10 -13.47 -55.49
C GLU A 950 24.92 -14.28 -56.02
N LYS A 951 25.23 -15.35 -56.74
CA LYS A 951 24.23 -16.18 -57.37
C LYS A 951 23.27 -16.81 -56.37
N VAL A 952 22.06 -17.12 -56.81
CA VAL A 952 21.02 -17.62 -55.92
C VAL A 952 20.26 -18.77 -56.56
N ASP A 953 20.30 -19.92 -55.90
CA ASP A 953 19.64 -21.10 -56.39
C ASP A 953 18.39 -21.32 -55.56
N PHE A 954 17.24 -21.21 -56.20
CA PHE A 954 15.96 -21.36 -55.52
C PHE A 954 15.74 -22.71 -54.84
N GLU A 955 16.28 -23.78 -55.43
CA GLU A 955 16.11 -25.11 -54.86
C GLU A 955 16.96 -25.21 -53.60
N THR A 956 18.19 -24.73 -53.64
CA THR A 956 19.05 -24.68 -52.44
C THR A 956 18.38 -23.90 -51.33
N VAL A 957 18.04 -22.65 -51.63
CA VAL A 957 17.49 -21.75 -50.63
C VAL A 957 16.24 -22.39 -50.06
N LYS A 958 15.40 -22.92 -50.93
CA LYS A 958 14.17 -23.56 -50.44
C LYS A 958 14.41 -24.69 -49.41
N ALA A 959 15.42 -25.53 -49.67
CA ALA A 959 15.77 -26.64 -48.79
C ALA A 959 16.35 -26.11 -47.48
N ASP A 960 17.27 -25.17 -47.57
CA ASP A 960 17.79 -24.47 -46.39
C ASP A 960 16.65 -23.91 -45.53
N LEU A 961 15.69 -23.27 -46.19
CA LEU A 961 14.60 -22.64 -45.47
C LEU A 961 13.68 -23.66 -44.81
N GLU A 962 13.35 -24.75 -45.52
CA GLU A 962 12.47 -25.80 -44.98
C GLU A 962 13.04 -26.42 -43.71
N GLN A 963 14.35 -26.63 -43.75
CA GLN A 963 15.09 -27.10 -42.61
C GLN A 963 14.87 -26.14 -41.45
N LYS A 964 15.06 -24.85 -41.70
CA LYS A 964 14.92 -23.84 -40.66
C LYS A 964 13.52 -23.65 -40.08
N ILE A 965 12.46 -23.78 -40.86
CA ILE A 965 11.11 -23.48 -40.35
C ILE A 965 10.26 -24.74 -40.19
N GLY A 966 10.78 -25.90 -40.60
CA GLY A 966 10.14 -27.18 -40.27
C GLY A 966 8.90 -27.53 -41.08
N TYR A 967 8.78 -26.98 -42.28
CA TYR A 967 7.74 -27.38 -43.21
C TYR A 967 8.15 -26.87 -44.58
N GLU A 968 7.41 -27.27 -45.61
CA GLU A 968 7.79 -26.93 -47.00
C GLU A 968 7.28 -25.52 -47.34
N PRO A 969 8.20 -24.58 -47.59
CA PRO A 969 7.76 -23.21 -47.87
C PRO A 969 7.21 -23.01 -49.29
N GLY A 970 6.16 -22.21 -49.40
CA GLY A 970 5.67 -21.75 -50.69
C GLY A 970 6.67 -20.85 -51.40
N ASP A 971 6.41 -20.56 -52.67
CA ASP A 971 7.29 -19.68 -53.44
C ASP A 971 7.39 -18.27 -52.86
N HIS A 972 6.28 -17.81 -52.31
CA HIS A 972 6.22 -16.53 -51.64
C HIS A 972 7.06 -16.47 -50.37
N GLU A 973 7.09 -17.55 -49.60
CA GLU A 973 7.95 -17.58 -48.42
C GLU A 973 9.42 -17.57 -48.79
N VAL A 974 9.73 -18.23 -49.90
CA VAL A 974 11.12 -18.34 -50.32
C VAL A 974 11.62 -16.98 -50.72
N ILE A 975 10.81 -16.28 -51.50
CA ILE A 975 11.20 -14.94 -51.93
C ILE A 975 11.24 -13.96 -50.73
N SER A 976 10.32 -14.12 -49.77
CA SER A 976 10.44 -13.29 -48.56
C SER A 976 11.78 -13.51 -47.88
N TYR A 977 12.16 -14.77 -47.73
CA TYR A 977 13.39 -15.10 -47.02
C TYR A 977 14.62 -14.56 -47.71
N ILE A 978 14.59 -14.59 -49.03
CA ILE A 978 15.69 -14.04 -49.82
C ILE A 978 15.78 -12.52 -49.64
N MET A 979 14.63 -11.86 -49.74
CA MET A 979 14.55 -10.39 -49.59
C MET A 979 15.04 -9.89 -48.21
N TYR A 980 14.54 -10.52 -47.13
CA TYR A 980 14.82 -10.13 -45.75
C TYR A 980 15.02 -11.40 -44.90
N PRO A 981 16.20 -11.96 -44.94
CA PRO A 981 16.43 -13.24 -44.27
C PRO A 981 16.19 -13.26 -42.74
N GLN A 982 16.92 -12.42 -42.01
CA GLN A 982 16.76 -12.35 -40.57
C GLN A 982 15.30 -11.99 -40.17
N VAL A 983 14.74 -11.01 -40.84
CA VAL A 983 13.38 -10.58 -40.50
C VAL A 983 12.38 -11.71 -40.69
N PHE A 984 12.48 -12.37 -41.84
CA PHE A 984 11.61 -13.50 -42.07
C PHE A 984 11.76 -14.55 -40.95
N LEU A 985 12.99 -14.83 -40.53
CA LEU A 985 13.16 -15.84 -39.51
C LEU A 985 12.62 -15.33 -38.17
N ASP A 986 12.86 -14.07 -37.88
CA ASP A 986 12.29 -13.48 -36.68
C ASP A 986 10.77 -13.48 -36.72
N TYR A 987 10.17 -13.30 -37.88
CA TYR A 987 8.70 -13.33 -37.96
C TYR A 987 8.20 -14.73 -37.56
N GLN A 988 8.91 -15.75 -38.05
CA GLN A 988 8.57 -17.15 -37.75
C GLN A 988 8.62 -17.45 -36.25
N LYS A 989 9.67 -17.02 -35.61
CA LYS A 989 9.76 -17.19 -34.15
C LYS A 989 8.62 -16.51 -33.42
N MET A 990 8.21 -15.33 -33.90
CA MET A 990 7.12 -14.61 -33.27
C MET A 990 5.77 -15.35 -33.51
N GLN A 991 5.58 -15.93 -34.70
CA GLN A 991 4.36 -16.72 -34.96
C GLN A 991 4.27 -17.89 -33.99
N ARG A 992 5.41 -18.52 -33.76
CA ARG A 992 5.48 -19.66 -32.88
C ARG A 992 5.19 -19.26 -31.40
N GLU A 993 5.64 -18.09 -30.98
CA GLU A 993 5.39 -17.65 -29.61
C GLU A 993 3.98 -17.07 -29.41
N PHE A 994 3.52 -16.27 -30.36
CA PHE A 994 2.30 -15.48 -30.17
C PHE A 994 1.11 -15.80 -31.08
N GLY A 995 1.38 -16.56 -32.13
CA GLY A 995 0.33 -16.95 -33.04
C GLY A 995 -0.05 -15.80 -33.94
N ALA A 996 -1.27 -15.87 -34.46
CA ALA A 996 -1.65 -15.01 -35.52
C ALA A 996 -2.23 -13.73 -34.97
N VAL A 997 -1.34 -12.86 -34.51
CA VAL A 997 -1.74 -11.55 -33.98
C VAL A 997 -2.38 -10.62 -34.97
N THR A 998 -2.19 -10.87 -36.27
CA THR A 998 -2.93 -10.18 -37.29
C THR A 998 -4.44 -10.17 -37.10
N LEU A 999 -4.97 -11.18 -36.41
CA LEU A 999 -6.45 -11.32 -36.18
C LEU A 999 -7.04 -10.45 -35.07
N LEU A 1000 -6.17 -9.92 -34.24
CA LEU A 1000 -6.62 -9.04 -33.18
C LEU A 1000 -7.00 -7.69 -33.73
N ASP A 1001 -8.07 -7.12 -33.20
CA ASP A 1001 -8.40 -5.70 -33.43
C ASP A 1001 -7.19 -4.83 -32.93
N THR A 1002 -6.99 -3.70 -33.57
CA THR A 1002 -5.83 -2.87 -33.33
C THR A 1002 -5.63 -2.35 -31.90
N PRO A 1003 -6.69 -1.80 -31.23
CA PRO A 1003 -6.46 -1.41 -29.85
C PRO A 1003 -5.98 -2.55 -28.94
N THR A 1004 -6.52 -3.74 -29.12
CA THR A 1004 -6.04 -4.91 -28.35
C THR A 1004 -4.59 -5.27 -28.75
N PHE A 1005 -4.29 -5.22 -30.03
CA PHE A 1005 -2.96 -5.56 -30.55
C PHE A 1005 -1.89 -4.66 -29.94
N LEU A 1006 -2.27 -3.41 -29.75
CA LEU A 1006 -1.36 -2.41 -29.24
C LEU A 1006 -1.38 -2.26 -27.72
N HIS A 1007 -2.48 -2.53 -27.04
CA HIS A 1007 -2.58 -2.23 -25.60
C HIS A 1007 -2.98 -3.40 -24.73
N GLY A 1008 -3.34 -4.55 -25.30
CA GLY A 1008 -3.73 -5.71 -24.46
C GLY A 1008 -5.15 -5.47 -24.00
N MET A 1009 -5.43 -5.74 -22.72
CA MET A 1009 -6.77 -5.71 -22.19
C MET A 1009 -6.82 -4.92 -20.87
N ARG A 1010 -7.95 -4.33 -20.57
CA ARG A 1010 -8.24 -3.76 -19.25
C ARG A 1010 -8.97 -4.75 -18.33
N LEU A 1011 -8.81 -4.54 -17.01
CA LEU A 1011 -9.46 -5.33 -16.02
C LEU A 1011 -10.95 -5.33 -16.24
N ASN A 1012 -11.56 -6.52 -16.22
CA ASN A 1012 -12.97 -6.77 -16.55
C ASN A 1012 -13.36 -6.57 -18.01
N GLU A 1013 -12.42 -6.29 -18.91
CA GLU A 1013 -12.78 -6.24 -20.33
C GLU A 1013 -13.06 -7.63 -20.89
N LYS A 1014 -13.91 -7.64 -21.90
CA LYS A 1014 -14.21 -8.80 -22.67
C LYS A 1014 -13.95 -8.53 -24.12
N ILE A 1015 -13.18 -9.39 -24.79
CA ILE A 1015 -13.01 -9.30 -26.23
C ILE A 1015 -13.41 -10.64 -26.90
N GLU A 1016 -13.60 -10.57 -28.20
CA GLU A 1016 -14.04 -11.69 -29.02
C GLU A 1016 -13.01 -11.78 -30.12
N VAL A 1017 -12.16 -12.80 -30.11
CA VAL A 1017 -11.13 -12.93 -31.18
C VAL A 1017 -11.51 -14.01 -32.18
N GLN A 1018 -11.71 -13.61 -33.42
CA GLN A 1018 -12.11 -14.50 -34.49
C GLN A 1018 -10.91 -15.19 -35.08
N ILE A 1019 -10.63 -16.40 -34.63
CA ILE A 1019 -9.41 -17.13 -35.02
C ILE A 1019 -9.54 -17.94 -36.31
N GLU A 1020 -10.76 -18.09 -36.77
CA GLU A 1020 -11.05 -18.93 -37.89
C GLU A 1020 -12.47 -18.71 -38.17
N LYS A 1021 -12.89 -19.12 -39.35
CA LYS A 1021 -14.29 -19.22 -39.64
C LYS A 1021 -14.82 -20.27 -38.62
N GLY A 1022 -15.83 -19.87 -37.87
CA GLY A 1022 -16.48 -20.75 -36.94
C GLY A 1022 -15.83 -20.90 -35.60
N LYS A 1023 -14.70 -20.23 -35.36
CA LYS A 1023 -14.04 -20.28 -34.06
C LYS A 1023 -13.76 -18.89 -33.48
N THR A 1024 -14.30 -18.62 -32.30
CA THR A 1024 -14.12 -17.37 -31.65
C THR A 1024 -13.66 -17.61 -30.22
N LEU A 1025 -12.63 -16.88 -29.81
CA LEU A 1025 -12.21 -16.91 -28.42
C LEU A 1025 -12.89 -15.76 -27.71
N SER A 1026 -13.79 -16.10 -26.81
CA SER A 1026 -14.36 -15.15 -25.88
C SER A 1026 -13.48 -15.03 -24.64
N ILE A 1027 -12.79 -13.90 -24.54
CA ILE A 1027 -11.81 -13.68 -23.51
C ILE A 1027 -12.13 -12.51 -22.60
N ARG A 1028 -12.09 -12.77 -21.29
CA ARG A 1028 -12.40 -11.81 -20.28
C ARG A 1028 -11.23 -11.80 -19.31
N LEU A 1029 -10.76 -10.61 -18.96
CA LEU A 1029 -9.69 -10.47 -17.98
C LEU A 1029 -10.27 -10.15 -16.61
N ASP A 1030 -10.08 -11.07 -15.68
CA ASP A 1030 -10.74 -11.02 -14.38
C ASP A 1030 -9.85 -10.52 -13.28
N GLU A 1031 -8.55 -10.72 -13.42
CA GLU A 1031 -7.65 -10.31 -12.40
C GLU A 1031 -6.27 -10.11 -12.94
N ILE A 1032 -5.63 -9.02 -12.53
CA ILE A 1032 -4.23 -8.78 -12.80
C ILE A 1032 -3.44 -8.79 -11.51
N GLY A 1033 -2.75 -9.88 -11.21
CA GLY A 1033 -2.03 -10.00 -9.94
C GLY A 1033 -0.84 -9.05 -9.90
N GLU A 1034 -0.38 -8.74 -8.69
CA GLU A 1034 0.76 -7.87 -8.46
C GLU A 1034 2.04 -8.70 -8.64
N PRO A 1035 3.12 -8.05 -9.03
CA PRO A 1035 4.30 -8.80 -9.30
C PRO A 1035 4.98 -9.20 -8.01
N ASP A 1036 5.57 -10.38 -7.97
CA ASP A 1036 6.45 -10.73 -6.88
C ASP A 1036 7.81 -10.09 -7.19
N LEU A 1037 8.80 -10.38 -6.38
CA LEU A 1037 10.08 -9.68 -6.49
C LEU A 1037 10.86 -10.08 -7.69
N ALA A 1038 10.62 -11.29 -8.18
CA ALA A 1038 11.31 -11.79 -9.38
C ALA A 1038 10.63 -11.33 -10.69
N GLY A 1039 9.53 -10.58 -10.57
CA GLY A 1039 8.78 -10.14 -11.73
C GLY A 1039 7.55 -10.98 -12.13
N ASN A 1040 7.37 -12.14 -11.50
CA ASN A 1040 6.23 -13.00 -11.80
C ASN A 1040 4.91 -12.33 -11.50
N ARG A 1041 4.06 -12.18 -12.52
CA ARG A 1041 2.70 -11.76 -12.30
C ARG A 1041 1.78 -12.83 -12.82
N VAL A 1042 0.64 -12.97 -12.17
CA VAL A 1042 -0.32 -13.99 -12.56
C VAL A 1042 -1.60 -13.29 -12.98
N LEU A 1043 -2.06 -13.57 -14.18
CA LEU A 1043 -3.34 -13.03 -14.61
C LEU A 1043 -4.32 -14.14 -14.71
N PHE A 1044 -5.58 -13.79 -14.48
CA PHE A 1044 -6.62 -14.76 -14.52
C PHE A 1044 -7.55 -14.36 -15.59
N PHE A 1045 -7.70 -15.24 -16.55
CA PHE A 1045 -8.64 -14.99 -17.65
C PHE A 1045 -9.79 -15.96 -17.56
N ASN A 1046 -10.91 -15.60 -18.17
CA ASN A 1046 -11.96 -16.55 -18.51
C ASN A 1046 -11.86 -16.69 -20.02
N LEU A 1047 -11.62 -17.90 -20.48
CA LEU A 1047 -11.57 -18.19 -21.90
C LEU A 1047 -12.67 -19.23 -22.23
N ASN A 1048 -13.69 -18.81 -22.97
CA ASN A 1048 -14.75 -19.71 -23.40
C ASN A 1048 -15.34 -20.57 -22.26
N GLY A 1049 -15.63 -19.92 -21.15
CA GLY A 1049 -16.18 -20.53 -19.96
C GLY A 1049 -15.25 -21.28 -19.02
N GLN A 1050 -13.94 -21.33 -19.33
CA GLN A 1050 -12.93 -21.81 -18.44
C GLN A 1050 -12.06 -20.70 -17.82
N ARG A 1051 -11.83 -20.83 -16.52
CA ARG A 1051 -10.78 -20.10 -15.84
C ARG A 1051 -9.37 -20.51 -16.32
N ARG A 1052 -8.54 -19.55 -16.68
CA ARG A 1052 -7.16 -19.80 -17.12
C ARG A 1052 -6.20 -18.90 -16.39
N GLU A 1053 -5.13 -19.48 -15.93
CA GLU A 1053 -4.18 -18.81 -15.08
C GLU A 1053 -2.98 -18.63 -15.91
N VAL A 1054 -2.53 -17.39 -16.06
CA VAL A 1054 -1.38 -17.11 -16.95
C VAL A 1054 -0.30 -16.35 -16.24
N VAL A 1055 0.94 -16.87 -16.31
CA VAL A 1055 2.07 -16.22 -15.75
C VAL A 1055 2.79 -15.46 -16.83
N ILE A 1056 3.07 -14.18 -16.56
CA ILE A 1056 3.89 -13.34 -17.41
C ILE A 1056 4.93 -12.59 -16.56
N ASN A 1057 6.11 -12.38 -17.12
CA ASN A 1057 7.17 -11.69 -16.40
C ASN A 1057 7.12 -10.20 -16.63
N ASP A 1058 7.08 -9.44 -15.53
CA ASP A 1058 6.91 -8.00 -15.56
C ASP A 1058 8.28 -7.39 -15.70
N GLN A 1059 8.58 -6.91 -16.89
CA GLN A 1059 9.83 -6.34 -17.29
C GLN A 1059 10.27 -5.13 -16.50
N SER A 1060 9.31 -4.32 -16.08
CA SER A 1060 9.63 -3.15 -15.32
C SER A 1060 10.29 -3.54 -13.99
N VAL A 1061 9.86 -4.60 -13.34
CA VAL A 1061 10.48 -5.00 -12.10
C VAL A 1061 11.93 -5.35 -12.33
N GLN A 1062 12.21 -6.10 -13.37
CA GLN A 1062 13.56 -6.49 -13.70
C GLN A 1062 14.49 -5.36 -14.05
N ALA A 1063 13.96 -4.36 -14.72
CA ALA A 1063 14.73 -3.22 -15.18
C ALA A 1063 14.74 -2.09 -14.20
N GLN A 1064 14.33 -2.40 -12.99
CA GLN A 1064 14.25 -1.43 -11.92
C GLN A 1064 15.55 -0.79 -11.47
N VAL A 1065 15.49 0.51 -11.25
CA VAL A 1065 16.53 1.35 -10.66
C VAL A 1065 16.45 1.09 -9.15
N VAL A 1066 17.19 0.09 -8.66
CA VAL A 1066 17.05 -0.33 -7.25
C VAL A 1066 17.84 0.61 -6.35
N ALA A 1067 17.17 1.39 -5.50
CA ALA A 1067 17.88 2.24 -4.56
C ALA A 1067 18.85 1.39 -3.73
N LYS A 1068 19.97 2.01 -3.42
CA LYS A 1068 21.03 1.36 -2.65
C LYS A 1068 20.65 1.40 -1.18
N ARG A 1069 20.96 0.33 -0.48
CA ARG A 1069 20.95 0.35 0.95
C ARG A 1069 21.75 1.51 1.53
N LYS A 1070 21.13 2.26 2.44
CA LYS A 1070 21.80 3.38 3.06
C LYS A 1070 22.42 3.00 4.36
N ALA A 1071 23.42 3.76 4.75
CA ALA A 1071 24.02 3.60 6.05
C ALA A 1071 23.07 4.15 7.14
N GLU A 1072 22.97 3.44 8.25
CA GLU A 1072 22.06 3.76 9.31
C GLU A 1072 22.55 4.97 10.11
N THR A 1073 21.65 5.90 10.38
CA THR A 1073 22.03 7.15 11.01
C THR A 1073 22.44 6.86 12.42
N GLY A 1074 23.64 7.34 12.76
CA GLY A 1074 24.14 7.19 14.13
C GLY A 1074 24.80 5.84 14.42
N ASN A 1075 24.94 5.01 13.39
CA ASN A 1075 25.52 3.71 13.56
C ASN A 1075 26.97 3.76 13.10
N PRO A 1076 27.91 3.81 14.02
CA PRO A 1076 29.27 3.93 13.62
C PRO A 1076 29.85 2.60 13.09
N ASN A 1077 29.09 1.50 13.11
CA ASN A 1077 29.52 0.29 12.43
C ASN A 1077 29.34 0.41 10.93
N GLN A 1078 28.61 1.42 10.46
CA GLN A 1078 28.26 1.46 9.04
C GLN A 1078 28.84 2.71 8.47
N ILE A 1079 29.59 2.55 7.40
CA ILE A 1079 30.21 3.68 6.74
C ILE A 1079 29.45 4.01 5.47
N GLY A 1080 28.90 5.21 5.43
CA GLY A 1080 28.14 5.65 4.29
C GLY A 1080 28.95 6.64 3.50
N ALA A 1081 28.67 6.73 2.21
CA ALA A 1081 29.26 7.75 1.40
C ALA A 1081 28.90 9.14 1.91
N THR A 1082 29.90 10.00 2.05
CA THR A 1082 29.70 11.40 2.41
C THR A 1082 29.28 12.30 1.26
N MET A 1083 29.63 11.92 0.03
CA MET A 1083 29.34 12.75 -1.13
C MET A 1083 29.25 11.88 -2.37
N PRO A 1084 28.54 12.37 -3.40
CA PRO A 1084 28.37 11.55 -4.61
C PRO A 1084 29.70 11.32 -5.35
N GLY A 1085 29.81 10.22 -6.07
CA GLY A 1085 31.07 9.89 -6.72
C GLY A 1085 31.14 8.45 -7.17
N SER A 1086 32.33 7.83 -7.08
CA SER A 1086 32.50 6.40 -7.50
C SER A 1086 33.63 5.67 -6.74
N VAL A 1087 33.55 4.34 -6.78
CA VAL A 1087 34.45 3.46 -6.08
C VAL A 1087 35.60 3.05 -6.99
N LEU A 1088 36.80 3.56 -6.67
CA LEU A 1088 38.00 3.21 -7.44
C LEU A 1088 38.52 1.83 -7.06
N GLU A 1089 38.83 1.63 -5.78
CA GLU A 1089 39.36 0.33 -5.36
C GLU A 1089 38.86 -0.17 -4.00
N ILE A 1090 38.72 -1.50 -3.90
CA ILE A 1090 38.31 -2.18 -2.68
C ILE A 1090 39.49 -2.99 -2.13
N LEU A 1091 39.92 -2.66 -0.92
CA LEU A 1091 41.14 -3.21 -0.34
C LEU A 1091 40.91 -4.37 0.63
N VAL A 1092 39.66 -4.64 0.97
CA VAL A 1092 39.33 -5.62 2.01
C VAL A 1092 38.08 -6.41 1.61
N LYS A 1093 37.83 -7.54 2.26
CA LYS A 1093 36.67 -8.37 1.96
C LYS A 1093 35.99 -8.90 3.21
N ALA A 1094 34.84 -9.53 3.03
CA ALA A 1094 34.03 -10.10 4.13
C ALA A 1094 34.80 -11.15 4.93
N GLY A 1095 34.85 -10.94 6.24
CA GLY A 1095 35.57 -11.80 7.13
C GLY A 1095 36.88 -11.21 7.64
N ASP A 1096 37.51 -10.30 6.85
CA ASP A 1096 38.85 -9.78 7.20
C ASP A 1096 38.87 -9.10 8.54
N LYS A 1097 39.95 -9.30 9.28
CA LYS A 1097 40.18 -8.53 10.50
C LYS A 1097 40.91 -7.27 10.08
N VAL A 1098 40.65 -6.17 10.79
CA VAL A 1098 41.15 -4.87 10.44
C VAL A 1098 41.46 -4.05 11.66
N GLN A 1099 42.30 -3.07 11.44
CA GLN A 1099 42.75 -2.23 12.50
C GLN A 1099 42.33 -0.79 12.28
N LYS A 1100 42.22 -0.05 13.38
CA LYS A 1100 41.90 1.36 13.31
C LYS A 1100 42.87 2.04 12.36
N GLY A 1101 42.34 2.89 11.49
CA GLY A 1101 43.14 3.68 10.55
C GLY A 1101 43.39 2.99 9.20
N GLN A 1102 43.34 1.66 9.20
CA GLN A 1102 43.67 0.85 8.04
C GLN A 1102 42.79 1.21 6.87
N ALA A 1103 43.37 1.26 5.68
CA ALA A 1103 42.62 1.65 4.48
C ALA A 1103 41.72 0.49 4.02
N LEU A 1104 40.46 0.82 3.73
CA LEU A 1104 39.45 -0.19 3.38
C LEU A 1104 39.06 -0.07 1.92
N MET A 1105 38.98 1.16 1.41
CA MET A 1105 38.66 1.40 0.03
C MET A 1105 38.96 2.83 -0.32
N VAL A 1106 38.90 3.12 -1.62
CA VAL A 1106 39.16 4.46 -2.16
C VAL A 1106 38.02 4.88 -3.01
N THR A 1107 37.65 6.14 -2.93
CA THR A 1107 36.54 6.63 -3.70
C THR A 1107 36.84 7.99 -4.29
N GLU A 1108 36.33 8.27 -5.49
CA GLU A 1108 36.59 9.56 -6.11
C GLU A 1108 35.40 10.51 -6.01
N ALA A 1109 35.66 11.69 -5.49
CA ALA A 1109 34.62 12.67 -5.36
C ALA A 1109 35.06 13.90 -6.09
N MET A 1110 34.29 14.28 -7.09
CA MET A 1110 34.61 15.48 -7.87
C MET A 1110 36.03 15.34 -8.36
N LYS A 1111 36.42 14.09 -8.59
CA LYS A 1111 37.74 13.71 -9.07
C LYS A 1111 38.80 13.58 -7.99
N MET A 1112 38.51 14.05 -6.79
CA MET A 1112 39.49 13.93 -5.73
C MET A 1112 39.40 12.51 -5.27
N GLU A 1113 40.45 12.02 -4.65
CA GLU A 1113 40.43 10.65 -4.17
C GLU A 1113 40.38 10.62 -2.66
N THR A 1114 39.48 9.81 -2.15
CA THR A 1114 39.39 9.67 -0.73
C THR A 1114 39.52 8.22 -0.38
N THR A 1115 40.20 8.03 0.73
CA THR A 1115 40.48 6.74 1.26
C THR A 1115 39.65 6.57 2.45
N ILE A 1116 38.92 5.50 2.43
CA ILE A 1116 38.03 5.18 3.55
C ILE A 1116 38.82 4.36 4.56
N GLU A 1117 38.94 4.93 5.77
CA GLU A 1117 39.65 4.28 6.89
C GLU A 1117 38.70 3.62 7.91
N ALA A 1118 39.16 2.53 8.49
CA ALA A 1118 38.43 1.86 9.54
C ALA A 1118 38.36 2.80 10.74
N PRO A 1119 37.17 3.01 11.29
CA PRO A 1119 37.04 3.87 12.46
C PRO A 1119 37.60 3.28 13.80
N PHE A 1120 37.80 1.96 13.85
CA PHE A 1120 38.32 1.27 15.01
C PHE A 1120 38.68 -0.18 14.63
N ASP A 1121 39.30 -0.91 15.53
CA ASP A 1121 39.61 -2.30 15.24
C ASP A 1121 38.32 -3.07 15.13
N GLY A 1122 38.31 -4.08 14.27
CA GLY A 1122 37.19 -4.97 14.19
C GLY A 1122 37.28 -5.86 12.98
N GLU A 1123 36.19 -6.53 12.72
CA GLU A 1123 36.12 -7.49 11.65
C GLU A 1123 35.12 -6.97 10.62
N ILE A 1124 35.52 -6.96 9.34
CA ILE A 1124 34.62 -6.59 8.25
C ILE A 1124 33.47 -7.61 8.24
N VAL A 1125 32.25 -7.11 8.08
CA VAL A 1125 31.06 -7.94 8.06
C VAL A 1125 30.67 -8.24 6.62
N ASP A 1126 30.58 -7.19 5.81
CA ASP A 1126 30.27 -7.31 4.38
C ASP A 1126 30.59 -6.02 3.64
N LEU A 1127 30.86 -6.14 2.35
CA LEU A 1127 30.89 -5.00 1.45
C LEU A 1127 29.53 -4.85 0.80
N HIS A 1128 29.25 -3.63 0.37
CA HIS A 1128 27.95 -3.34 -0.24
C HIS A 1128 28.11 -2.56 -1.53
N VAL A 1129 29.35 -2.48 -2.00
CA VAL A 1129 29.63 -1.93 -3.32
C VAL A 1129 30.66 -2.83 -4.04
N VAL A 1130 30.76 -2.62 -5.35
CA VAL A 1130 31.62 -3.38 -6.24
C VAL A 1130 32.57 -2.38 -6.90
N LYS A 1131 33.68 -2.88 -7.44
CA LYS A 1131 34.68 -2.03 -8.06
C LYS A 1131 34.07 -1.16 -9.20
N GLY A 1132 34.44 0.13 -9.23
CA GLY A 1132 33.92 1.05 -10.25
C GLY A 1132 32.42 1.32 -10.22
N GLU A 1133 31.74 1.05 -9.09
CA GLU A 1133 30.30 1.30 -8.97
C GLU A 1133 30.07 2.76 -8.59
N ALA A 1134 28.97 3.33 -9.05
CA ALA A 1134 28.62 4.71 -8.73
C ALA A 1134 27.91 4.77 -7.38
N ILE A 1135 28.08 5.87 -6.66
CA ILE A 1135 27.52 6.01 -5.32
C ILE A 1135 26.98 7.40 -5.06
N GLN A 1136 25.87 7.44 -4.31
CA GLN A 1136 25.27 8.72 -3.87
C GLN A 1136 25.45 8.91 -2.38
N THR A 1137 25.37 10.15 -1.92
CA THR A 1137 25.52 10.41 -0.49
C THR A 1137 24.59 9.53 0.37
N GLN A 1138 25.16 8.98 1.45
CA GLN A 1138 24.51 8.04 2.39
C GLN A 1138 24.52 6.60 1.96
N ASP A 1139 24.91 6.32 0.74
CA ASP A 1139 24.99 4.95 0.27
C ASP A 1139 25.89 4.17 1.21
N LEU A 1140 25.45 2.98 1.58
CA LEU A 1140 26.21 2.16 2.47
C LEU A 1140 27.36 1.45 1.71
N LEU A 1141 28.58 1.71 2.14
CA LEU A 1141 29.78 1.13 1.49
C LEU A 1141 30.23 -0.16 2.14
N ILE A 1142 30.34 -0.14 3.46
CA ILE A 1142 30.92 -1.26 4.19
C ILE A 1142 30.48 -1.27 5.65
N GLU A 1143 30.23 -2.47 6.15
CA GLU A 1143 29.85 -2.63 7.52
C GLU A 1143 30.98 -3.26 8.30
N ILE A 1144 31.14 -2.84 9.55
CA ILE A 1144 32.18 -3.36 10.45
C ILE A 1144 31.62 -3.82 11.81
N ASN A 1145 32.23 -4.86 12.36
CA ASN A 1145 31.98 -5.34 13.71
C ASN A 1145 33.30 -5.39 14.54
N GLY B 1 28.55 48.58 53.82
CA GLY B 1 29.84 48.06 53.18
C GLY B 1 30.11 46.58 53.46
N LEU B 2 29.07 45.88 53.96
CA LEU B 2 29.15 44.49 54.41
C LEU B 2 28.64 43.53 53.36
N VAL B 3 29.49 42.57 52.99
CA VAL B 3 29.10 41.56 52.02
C VAL B 3 28.54 40.29 52.71
N PRO B 4 27.35 39.81 52.32
CA PRO B 4 26.84 38.57 52.91
C PRO B 4 27.72 37.39 52.72
N ARG B 5 27.68 36.48 53.69
CA ARG B 5 28.50 35.26 53.63
C ARG B 5 27.95 34.41 52.47
N GLY B 6 28.79 33.64 51.81
CA GLY B 6 28.35 32.78 50.71
C GLY B 6 28.15 33.54 49.40
N SER B 7 28.75 34.71 49.22
CA SER B 7 28.59 35.48 47.97
C SER B 7 29.38 34.93 46.76
N HIS B 8 30.40 34.11 46.96
CA HIS B 8 31.11 33.53 45.81
C HIS B 8 30.16 32.54 45.04
N MET B 9 30.28 32.52 43.71
CA MET B 9 29.45 31.75 42.82
C MET B 9 30.27 30.88 41.89
N LYS B 10 29.81 29.66 41.65
CA LYS B 10 30.21 28.86 40.50
C LYS B 10 29.01 28.49 39.58
N LYS B 11 27.81 28.44 40.14
CA LYS B 11 26.68 28.00 39.42
C LYS B 11 25.45 28.82 39.79
N LEU B 12 24.70 29.21 38.78
CA LEU B 12 23.55 30.09 38.96
C LEU B 12 22.33 29.51 38.29
N LEU B 13 21.20 29.66 38.92
CA LEU B 13 19.93 29.12 38.41
C LEU B 13 19.06 30.30 38.11
N VAL B 14 18.36 30.26 36.98
CA VAL B 14 17.38 31.27 36.70
C VAL B 14 16.00 30.76 37.02
N ALA B 15 15.31 31.43 37.95
CA ALA B 15 13.89 31.17 38.28
C ALA B 15 12.98 31.91 37.34
N ASN B 16 13.00 31.50 36.10
CA ASN B 16 12.24 32.19 35.04
C ASN B 16 12.33 31.33 33.76
N ARG B 17 11.97 31.91 32.64
CA ARG B 17 11.84 31.18 31.40
C ARG B 17 12.01 32.18 30.28
N GLY B 18 12.16 31.67 29.08
CA GLY B 18 12.07 32.53 27.89
C GLY B 18 13.27 33.44 27.71
N GLU B 19 13.01 34.62 27.13
CA GLU B 19 14.07 35.49 26.67
C GLU B 19 14.93 35.96 27.85
N ILE B 20 14.30 36.28 28.96
CA ILE B 20 15.10 36.73 30.12
C ILE B 20 16.03 35.67 30.66
N ALA B 21 15.59 34.41 30.67
CA ALA B 21 16.43 33.32 31.15
C ALA B 21 17.62 33.14 30.22
N VAL B 22 17.37 33.14 28.91
CA VAL B 22 18.45 33.08 27.95
C VAL B 22 19.43 34.24 28.13
N ARG B 23 18.88 35.43 28.32
CA ARG B 23 19.71 36.59 28.57
C ARG B 23 20.60 36.36 29.78
N VAL B 24 20.02 35.84 30.87
CA VAL B 24 20.83 35.66 32.06
C VAL B 24 21.88 34.55 31.84
N PHE B 25 21.51 33.49 31.15
CA PHE B 25 22.47 32.44 30.90
C PHE B 25 23.68 32.93 30.11
N ARG B 26 23.43 33.78 29.11
CA ARG B 26 24.50 34.36 28.33
C ARG B 26 25.50 35.15 29.17
N ALA B 27 24.97 36.00 30.03
CA ALA B 27 25.80 36.73 30.99
C ALA B 27 26.55 35.76 31.88
N CYS B 28 25.86 34.75 32.42
CA CYS B 28 26.56 33.78 33.28
C CYS B 28 27.74 33.11 32.57
N ASN B 29 27.51 32.64 31.35
CA ASN B 29 28.54 31.95 30.60
C ASN B 29 29.72 32.84 30.34
N GLU B 30 29.47 34.11 30.08
CA GLU B 30 30.54 35.08 29.81
C GLU B 30 31.36 35.35 31.07
N LEU B 31 30.72 35.23 32.22
CA LEU B 31 31.37 35.34 33.50
C LEU B 31 31.94 34.03 34.06
N GLY B 32 31.90 32.94 33.30
CA GLY B 32 32.53 31.71 33.73
C GLY B 32 31.68 30.90 34.72
N LEU B 33 30.39 31.19 34.86
CA LEU B 33 29.48 30.47 35.69
C LEU B 33 28.74 29.44 34.91
N SER B 34 28.41 28.36 35.58
CA SER B 34 27.56 27.39 34.96
C SER B 34 26.12 27.72 35.30
N THR B 35 25.15 27.22 34.52
CA THR B 35 23.81 27.64 34.61
C THR B 35 22.82 26.47 34.74
N VAL B 36 21.67 26.75 35.34
CA VAL B 36 20.65 25.81 35.57
C VAL B 36 19.33 26.46 35.18
N ALA B 37 18.56 25.76 34.34
CA ALA B 37 17.20 26.17 34.00
C ALA B 37 16.15 25.38 34.71
N VAL B 38 14.98 26.00 34.89
CA VAL B 38 13.80 25.29 35.33
C VAL B 38 12.74 25.43 34.27
N TYR B 39 11.88 24.41 34.12
CA TYR B 39 10.82 24.47 33.14
C TYR B 39 9.63 23.69 33.55
N ALA B 40 8.46 24.21 33.23
CA ALA B 40 7.23 23.44 33.46
C ALA B 40 7.10 22.45 32.32
N ARG B 41 6.34 21.40 32.55
CA ARG B 41 6.08 20.36 31.53
C ARG B 41 5.60 20.95 30.18
N GLU B 42 4.64 21.85 30.23
CA GLU B 42 4.07 22.47 29.07
C GLU B 42 5.03 23.42 28.37
N ASP B 43 6.08 23.81 29.06
CA ASP B 43 7.09 24.72 28.54
C ASP B 43 8.29 23.93 28.17
N GLU B 44 8.12 22.63 27.97
CA GLU B 44 9.28 21.80 27.79
C GLU B 44 10.03 21.96 26.45
N TYR B 45 9.43 22.67 25.51
CA TYR B 45 10.12 23.02 24.27
C TYR B 45 10.78 24.41 24.22
N SER B 46 10.79 25.09 25.36
CA SER B 46 11.30 26.48 25.45
C SER B 46 12.79 26.48 25.26
N VAL B 47 13.26 27.35 24.39
CA VAL B 47 14.66 27.55 24.10
C VAL B 47 15.51 27.64 25.40
N HIS B 48 15.02 28.37 26.38
CA HIS B 48 15.79 28.53 27.60
C HIS B 48 16.17 27.22 28.25
N ARG B 49 15.31 26.20 28.15
CA ARG B 49 15.67 24.92 28.72
C ARG B 49 16.95 24.34 28.13
N PHE B 50 17.18 24.52 26.84
CA PHE B 50 18.35 23.93 26.17
C PHE B 50 19.57 24.83 26.11
N LYS B 51 19.44 26.04 26.59
CA LYS B 51 20.58 26.93 26.70
C LYS B 51 21.30 26.85 28.02
N ALA B 52 20.67 26.26 29.04
CA ALA B 52 21.36 26.11 30.31
C ALA B 52 22.31 24.89 30.25
N ASP B 53 23.31 24.85 31.13
CA ASP B 53 24.18 23.68 31.24
C ASP B 53 23.40 22.46 31.77
N GLU B 54 22.32 22.72 32.52
CA GLU B 54 21.50 21.72 33.16
C GLU B 54 20.12 22.29 33.29
N SER B 55 19.12 21.42 33.30
CA SER B 55 17.76 21.87 33.45
C SER B 55 16.92 20.81 34.09
N TYR B 56 15.91 21.26 34.82
CA TYR B 56 15.09 20.43 35.65
C TYR B 56 13.64 20.84 35.49
N LEU B 57 12.78 19.84 35.40
CA LEU B 57 11.38 20.03 35.46
C LEU B 57 10.96 20.46 36.83
N ILE B 58 10.07 21.43 36.91
CA ILE B 58 9.44 21.85 38.14
C ILE B 58 7.90 21.91 38.06
N GLY B 59 7.28 21.97 39.23
CA GLY B 59 5.82 22.11 39.33
C GLY B 59 4.99 20.95 38.78
N GLN B 60 5.52 19.75 38.80
CA GLN B 60 4.79 18.59 38.37
C GLN B 60 3.32 18.53 38.84
N GLY B 61 2.43 18.27 37.90
CA GLY B 61 0.97 18.23 38.15
C GLY B 61 0.27 19.57 38.33
N LYS B 62 1.02 20.67 38.33
CA LYS B 62 0.37 21.98 38.42
C LYS B 62 0.10 22.60 37.05
N LYS B 63 -0.76 23.60 37.03
CA LYS B 63 -0.89 24.48 35.92
C LYS B 63 0.44 25.19 35.63
N PRO B 64 0.71 25.49 34.36
CA PRO B 64 2.02 25.91 34.03
C PRO B 64 2.51 27.18 34.70
N ILE B 65 1.67 28.20 34.81
CA ILE B 65 2.13 29.40 35.46
C ILE B 65 2.37 29.14 36.95
N ASP B 66 1.48 28.39 37.58
CA ASP B 66 1.73 28.01 38.97
C ASP B 66 3.07 27.30 39.11
N ALA B 67 3.48 26.53 38.10
CA ALA B 67 4.74 25.83 38.20
C ALA B 67 5.88 26.84 38.34
N TYR B 68 5.85 27.95 37.63
CA TYR B 68 6.90 28.97 37.73
C TYR B 68 6.82 29.84 38.99
N LEU B 69 5.69 29.79 39.68
CA LEU B 69 5.51 30.43 40.97
C LEU B 69 5.70 29.45 42.14
N ASP B 70 6.13 28.22 41.89
CA ASP B 70 6.27 27.20 42.94
C ASP B 70 7.64 27.42 43.67
N ILE B 71 7.59 28.31 44.64
CA ILE B 71 8.80 28.69 45.43
C ILE B 71 9.60 27.50 45.95
N ASP B 72 8.94 26.58 46.62
CA ASP B 72 9.66 25.49 47.25
C ASP B 72 10.30 24.62 46.20
N ASP B 73 9.59 24.39 45.10
CA ASP B 73 10.12 23.45 44.11
C ASP B 73 11.36 24.04 43.40
N ILE B 74 11.31 25.34 43.16
CA ILE B 74 12.45 26.04 42.61
C ILE B 74 13.68 25.94 43.55
N ILE B 75 13.44 26.17 44.83
CA ILE B 75 14.50 26.06 45.79
C ILE B 75 15.04 24.65 45.85
N ARG B 76 14.12 23.68 45.80
CA ARG B 76 14.52 22.29 45.75
C ARG B 76 15.53 22.07 44.63
N VAL B 77 15.23 22.58 43.42
CA VAL B 77 16.16 22.38 42.31
C VAL B 77 17.51 23.06 42.53
N ALA B 78 17.46 24.28 43.04
CA ALA B 78 18.74 25.01 43.34
C ALA B 78 19.66 24.21 44.27
N LEU B 79 19.05 23.68 45.34
CA LEU B 79 19.80 22.91 46.33
C LEU B 79 20.30 21.61 45.79
N GLU B 80 19.45 20.89 45.05
CA GLU B 80 19.84 19.60 44.48
C GLU B 80 20.90 19.72 43.42
N SER B 81 20.85 20.80 42.63
CA SER B 81 21.81 20.98 41.58
C SER B 81 23.14 21.59 42.06
N GLY B 82 23.18 22.06 43.30
CA GLY B 82 24.37 22.69 43.84
C GLY B 82 24.56 24.13 43.35
N ALA B 83 23.45 24.81 43.05
CA ALA B 83 23.58 26.17 42.56
C ALA B 83 23.91 27.05 43.73
N ASP B 84 24.65 28.13 43.47
CA ASP B 84 24.98 29.10 44.48
C ASP B 84 23.99 30.24 44.55
N ALA B 85 23.27 30.49 43.46
CA ALA B 85 22.53 31.76 43.26
C ALA B 85 21.30 31.56 42.39
N ILE B 86 20.31 32.42 42.60
CA ILE B 86 19.11 32.47 41.80
C ILE B 86 18.90 33.87 41.28
N HIS B 87 18.78 33.99 39.95
CA HIS B 87 18.43 35.23 39.33
C HIS B 87 16.98 35.03 39.00
N PRO B 88 16.14 35.94 39.48
CA PRO B 88 14.70 35.78 39.25
C PRO B 88 14.15 36.40 37.97
N GLY B 89 15.00 37.04 37.17
CA GLY B 89 14.56 37.69 35.94
C GLY B 89 13.64 38.87 36.20
N TYR B 90 12.54 38.94 35.46
CA TYR B 90 11.48 39.91 35.72
C TYR B 90 10.16 39.19 35.62
N GLY B 91 9.08 39.84 36.05
CA GLY B 91 7.82 39.14 36.20
C GLY B 91 7.93 38.06 37.26
N LEU B 92 6.96 37.15 37.22
CA LEU B 92 6.91 35.96 38.05
C LEU B 92 7.24 36.32 39.50
N LEU B 93 8.34 35.78 40.09
CA LEU B 93 8.59 35.97 41.49
C LEU B 93 9.64 37.04 41.73
N SER B 94 9.91 37.86 40.75
CA SER B 94 11.08 38.70 40.82
C SER B 94 10.94 39.86 41.81
N GLU B 95 9.70 40.21 42.13
CA GLU B 95 9.42 41.27 43.10
C GLU B 95 8.76 40.65 44.31
N ASN B 96 8.87 39.34 44.51
CA ASN B 96 8.12 38.65 45.53
C ASN B 96 8.95 38.51 46.81
N LEU B 97 8.51 39.17 47.89
CA LEU B 97 9.25 39.19 49.16
C LEU B 97 9.40 37.83 49.76
N GLU B 98 8.33 37.06 49.72
CA GLU B 98 8.40 35.69 50.24
C GLU B 98 9.49 34.85 49.56
N PHE B 99 9.55 34.95 48.23
CA PHE B 99 10.45 34.13 47.46
C PHE B 99 11.88 34.48 47.84
N ALA B 100 12.19 35.78 47.83
CA ALA B 100 13.57 36.21 48.08
C ALA B 100 13.99 35.83 49.48
N THR B 101 13.03 35.96 50.38
CA THR B 101 13.27 35.57 51.77
C THR B 101 13.64 34.13 51.90
N LYS B 102 12.91 33.26 51.21
CA LYS B 102 13.15 31.81 51.34
C LYS B 102 14.37 31.39 50.59
N VAL B 103 14.69 32.09 49.49
CA VAL B 103 15.86 31.77 48.74
C VAL B 103 17.08 32.09 49.63
N ARG B 104 17.08 33.29 50.20
CA ARG B 104 18.18 33.66 51.10
C ARG B 104 18.25 32.75 52.31
N ALA B 105 17.09 32.39 52.86
CA ALA B 105 17.03 31.51 54.04
C ALA B 105 17.51 30.12 53.73
N ALA B 106 17.55 29.76 52.45
CA ALA B 106 18.10 28.49 52.07
C ALA B 106 19.59 28.59 51.79
N GLY B 107 20.21 29.70 52.17
CA GLY B 107 21.66 29.90 52.02
C GLY B 107 22.08 30.21 50.59
N LEU B 108 21.12 30.60 49.74
CA LEU B 108 21.48 30.93 48.33
C LEU B 108 21.51 32.42 48.15
N VAL B 109 22.28 32.84 47.18
CA VAL B 109 22.29 34.24 46.79
C VAL B 109 21.07 34.54 45.95
N PHE B 110 20.31 35.58 46.32
CA PHE B 110 19.23 36.08 45.52
C PHE B 110 19.78 37.29 44.78
N VAL B 111 19.84 37.23 43.44
CA VAL B 111 20.43 38.29 42.66
C VAL B 111 19.39 39.37 42.52
N GLY B 112 19.42 40.32 43.43
CA GLY B 112 18.42 41.38 43.51
C GLY B 112 18.68 42.23 44.75
N PRO B 113 17.83 43.24 45.00
CA PRO B 113 18.08 44.07 46.16
C PRO B 113 17.77 43.37 47.51
N GLU B 114 17.94 44.11 48.60
CA GLU B 114 17.68 43.59 49.94
C GLU B 114 16.23 43.40 50.17
N LEU B 115 15.93 42.50 51.10
CA LEU B 115 14.54 42.20 51.44
C LEU B 115 13.79 43.45 51.78
N HIS B 116 14.44 44.36 52.48
CA HIS B 116 13.83 45.61 52.86
C HIS B 116 13.39 46.38 51.62
N HIS B 117 14.20 46.37 50.58
CA HIS B 117 13.86 47.09 49.34
C HIS B 117 12.68 46.48 48.59
N LEU B 118 12.60 45.16 48.56
CA LEU B 118 11.47 44.48 47.91
C LEU B 118 10.19 44.79 48.64
N ASP B 119 10.31 44.97 49.96
CA ASP B 119 9.15 45.33 50.76
C ASP B 119 8.68 46.78 50.49
N ILE B 120 9.56 47.76 50.57
CA ILE B 120 9.12 49.13 50.41
C ILE B 120 8.87 49.54 48.98
N PHE B 121 9.51 48.87 48.03
CA PHE B 121 9.28 49.24 46.62
C PHE B 121 8.28 48.33 45.94
N GLY B 122 8.03 47.16 46.53
CA GLY B 122 6.95 46.29 46.06
C GLY B 122 5.60 46.89 46.39
N ASP B 123 5.51 47.60 47.50
CA ASP B 123 4.28 48.26 47.89
C ASP B 123 4.37 49.70 47.41
N LYS B 124 3.43 50.13 46.58
CA LYS B 124 3.52 51.47 46.01
C LYS B 124 3.19 52.56 47.01
N ILE B 125 2.54 52.23 48.12
CA ILE B 125 2.24 53.21 49.17
C ILE B 125 3.47 53.44 50.00
N LYS B 126 4.15 52.34 50.34
CA LYS B 126 5.41 52.45 51.06
C LYS B 126 6.46 53.11 50.20
N ALA B 127 6.36 52.93 48.89
CA ALA B 127 7.33 53.56 47.97
C ALA B 127 7.16 55.08 47.90
N LYS B 128 5.93 55.55 47.83
CA LYS B 128 5.68 56.99 47.87
C LYS B 128 6.14 57.54 49.22
N ALA B 129 5.91 56.79 50.31
CA ALA B 129 6.42 57.23 51.60
C ALA B 129 7.92 57.41 51.55
N ALA B 130 8.62 56.43 50.99
CA ALA B 130 10.07 56.49 50.87
C ALA B 130 10.53 57.62 49.96
N ALA B 131 9.76 57.92 48.93
CA ALA B 131 10.10 59.01 48.02
C ALA B 131 9.93 60.38 48.69
N ASP B 132 8.83 60.56 49.43
CA ASP B 132 8.63 61.74 50.25
C ASP B 132 9.77 61.91 51.23
N GLU B 133 10.13 60.84 51.92
CA GLU B 133 11.23 60.91 52.89
C GLU B 133 12.52 61.39 52.25
N ALA B 134 12.75 61.00 51.00
CA ALA B 134 13.97 61.35 50.32
C ALA B 134 13.87 62.71 49.60
N LYS B 135 12.71 63.35 49.69
CA LYS B 135 12.44 64.69 49.11
C LYS B 135 12.46 64.65 47.61
N VAL B 136 11.74 63.66 47.09
CA VAL B 136 11.58 63.48 45.68
C VAL B 136 10.11 63.72 45.40
N PRO B 137 9.83 64.70 44.57
CA PRO B 137 8.45 65.09 44.33
C PRO B 137 7.60 63.91 43.83
N GLY B 138 6.46 63.67 44.44
CA GLY B 138 5.54 62.66 43.98
C GLY B 138 4.24 63.25 43.45
N ILE B 139 3.28 62.41 43.19
CA ILE B 139 1.97 62.88 42.75
C ILE B 139 1.07 63.01 43.97
N PRO B 140 0.42 64.18 44.14
CA PRO B 140 -0.57 64.31 45.20
C PRO B 140 -1.50 63.11 45.29
N GLY B 141 -1.65 62.54 46.47
CA GLY B 141 -2.43 61.32 46.61
C GLY B 141 -2.96 61.14 48.01
N THR B 142 -3.83 60.15 48.18
CA THR B 142 -4.33 59.81 49.50
C THR B 142 -3.12 59.58 50.36
N ASN B 143 -3.24 59.92 51.63
CA ASN B 143 -2.07 59.86 52.50
C ASN B 143 -1.54 58.39 52.60
N GLY B 144 -2.45 57.42 52.66
CA GLY B 144 -2.10 56.00 52.64
C GLY B 144 -3.20 55.29 51.88
N ALA B 145 -3.49 54.05 52.26
CA ALA B 145 -4.57 53.28 51.65
C ALA B 145 -5.94 53.81 52.09
N VAL B 146 -6.97 53.58 51.28
CA VAL B 146 -8.31 54.07 51.60
C VAL B 146 -9.42 53.10 51.22
N ASP B 147 -10.55 53.26 51.90
CA ASP B 147 -11.83 52.64 51.53
C ASP B 147 -12.45 53.56 50.49
N ILE B 148 -13.64 53.20 50.02
CA ILE B 148 -14.29 54.02 48.99
C ILE B 148 -14.62 55.45 49.48
N ASP B 149 -14.73 55.65 50.78
CA ASP B 149 -15.04 56.97 51.35
C ASP B 149 -13.85 57.92 51.39
N GLY B 150 -12.66 57.36 51.64
CA GLY B 150 -11.41 58.13 51.58
C GLY B 150 -11.08 58.48 50.13
N ALA B 151 -11.47 57.58 49.23
CA ALA B 151 -11.31 57.79 47.80
C ALA B 151 -12.17 58.95 47.33
N LEU B 152 -13.47 58.86 47.62
CA LEU B 152 -14.42 59.93 47.25
C LEU B 152 -14.02 61.27 47.89
N GLU B 153 -13.57 61.21 49.15
CA GLU B 153 -12.96 62.36 49.88
C GLU B 153 -11.82 63.00 49.07
N PHE B 154 -10.90 62.17 48.56
CA PHE B 154 -9.79 62.66 47.73
C PHE B 154 -10.31 63.40 46.47
N ALA B 155 -11.22 62.75 45.73
CA ALA B 155 -11.80 63.33 44.50
C ALA B 155 -12.51 64.63 44.80
N LYS B 156 -13.14 64.70 45.97
CA LYS B 156 -13.71 65.96 46.47
C LYS B 156 -12.61 67.01 46.73
N THR B 157 -11.60 66.65 47.49
CA THR B 157 -10.49 67.57 47.77
C THR B 157 -9.77 68.04 46.47
N TYR B 158 -9.36 67.11 45.60
CA TYR B 158 -8.49 67.44 44.46
C TYR B 158 -9.17 67.50 43.10
N GLY B 159 -10.31 66.86 42.96
CA GLY B 159 -11.09 66.96 41.71
C GLY B 159 -10.74 65.88 40.71
N TYR B 160 -11.70 65.56 39.85
CA TYR B 160 -11.48 64.64 38.75
C TYR B 160 -10.63 65.31 37.67
N PRO B 161 -9.91 64.52 36.85
CA PRO B 161 -9.90 63.07 36.91
C PRO B 161 -8.87 62.54 37.92
N VAL B 162 -9.05 61.29 38.33
CA VAL B 162 -8.18 60.65 39.31
C VAL B 162 -7.80 59.22 38.90
N MET B 163 -6.67 58.76 39.42
CA MET B 163 -6.19 57.41 39.15
C MET B 163 -6.26 56.53 40.38
N ILE B 164 -7.06 55.49 40.27
CA ILE B 164 -7.16 54.50 41.32
C ILE B 164 -6.09 53.44 41.11
N LYS B 165 -5.30 53.21 42.14
CA LYS B 165 -4.16 52.29 42.02
C LYS B 165 -4.09 51.32 43.18
N ALA B 166 -3.77 50.07 42.86
CA ALA B 166 -3.46 49.09 43.88
C ALA B 166 -2.02 49.21 44.35
N ALA B 167 -1.85 49.06 45.66
CA ALA B 167 -0.55 49.00 46.30
C ALA B 167 0.45 48.02 45.63
N LEU B 168 -0.03 46.88 45.14
CA LEU B 168 0.88 45.90 44.51
C LEU B 168 0.49 45.39 43.14
N GLY B 169 0.63 46.16 42.07
CA GLY B 169 0.20 45.65 40.76
C GLY B 169 0.86 46.30 39.57
N GLY B 170 0.39 45.93 38.38
CA GLY B 170 0.94 46.48 37.14
C GLY B 170 1.02 45.44 36.06
N GLY B 174 -4.32 46.39 37.91
CA GLY B 174 -4.54 46.97 39.26
C GLY B 174 -4.70 48.49 39.28
N MET B 175 -5.14 49.07 38.16
CA MET B 175 -5.29 50.52 38.09
C MET B 175 -6.44 50.93 37.16
N ARG B 176 -7.16 51.96 37.58
CA ARG B 176 -8.29 52.48 36.83
C ARG B 176 -8.39 53.99 36.92
N VAL B 177 -8.73 54.59 35.79
CA VAL B 177 -8.99 56.02 35.72
C VAL B 177 -10.47 56.26 36.04
N ALA B 178 -10.75 57.21 36.92
CA ALA B 178 -12.13 57.58 37.20
C ALA B 178 -12.28 59.05 36.91
N ARG B 179 -13.22 59.39 36.02
CA ARG B 179 -13.50 60.81 35.71
C ARG B 179 -14.65 61.37 36.60
N ASN B 180 -15.27 60.50 37.41
CA ASN B 180 -16.53 60.85 38.09
C ASN B 180 -16.92 59.83 39.16
N ASP B 181 -18.04 60.09 39.80
CA ASP B 181 -18.48 59.27 40.92
C ASP B 181 -18.82 57.85 40.53
N ALA B 182 -19.61 57.68 39.48
CA ALA B 182 -20.04 56.33 39.10
C ALA B 182 -18.87 55.46 38.62
N GLU B 183 -17.89 56.08 37.98
CA GLU B 183 -16.66 55.40 37.60
C GLU B 183 -15.74 55.18 38.81
N MET B 184 -15.88 56.01 39.84
CA MET B 184 -15.11 55.82 41.08
C MET B 184 -15.57 54.58 41.83
N HIS B 185 -16.89 54.38 41.93
CA HIS B 185 -17.46 53.18 42.58
C HIS B 185 -17.10 51.95 41.75
N ASP B 186 -17.33 52.03 40.44
CA ASP B 186 -17.04 50.93 39.52
C ASP B 186 -15.53 50.63 39.43
N GLY B 187 -14.74 51.66 39.18
CA GLY B 187 -13.29 51.52 39.11
C GLY B 187 -12.67 50.96 40.38
N TYR B 188 -13.12 51.46 41.54
CA TYR B 188 -12.58 51.01 42.83
C TYR B 188 -12.86 49.53 43.06
N ALA B 189 -14.11 49.14 42.86
CA ALA B 189 -14.47 47.73 42.99
C ALA B 189 -13.54 46.86 42.17
N ARG B 190 -13.34 47.24 40.91
CA ARG B 190 -12.60 46.43 39.94
C ARG B 190 -11.10 46.36 40.17
N ALA B 191 -10.56 47.46 40.66
CA ALA B 191 -9.15 47.53 40.96
C ALA B 191 -8.86 46.65 42.17
N LYS B 192 -9.81 46.59 43.11
CA LYS B 192 -9.71 45.73 44.28
C LYS B 192 -9.80 44.23 43.93
N SER B 193 -10.64 43.90 42.96
CA SER B 193 -10.77 42.52 42.48
C SER B 193 -9.48 42.01 41.89
N GLU B 194 -8.97 42.72 40.87
CA GLU B 194 -7.73 42.31 40.21
C GLU B 194 -6.53 42.20 41.16
N ALA B 195 -6.46 43.12 42.14
CA ALA B 195 -5.41 43.09 43.17
C ALA B 195 -5.49 41.87 44.10
N ILE B 196 -6.70 41.45 44.48
CA ILE B 196 -6.86 40.21 45.28
C ILE B 196 -6.60 39.00 44.37
N GLY B 197 -7.21 38.99 43.18
CA GLY B 197 -7.08 37.90 42.21
C GLY B 197 -5.66 37.59 41.81
N ALA B 198 -4.93 38.62 41.38
CA ALA B 198 -3.52 38.45 40.94
C ALA B 198 -2.50 38.36 42.10
N PHE B 199 -2.67 39.14 43.18
CA PHE B 199 -1.65 39.24 44.26
C PHE B 199 -2.17 38.95 45.67
N GLY B 200 -3.35 38.37 45.80
CA GLY B 200 -3.84 37.91 47.10
C GLY B 200 -4.19 38.95 48.15
N SER B 201 -4.01 40.24 47.85
CA SER B 201 -4.40 41.32 48.73
C SER B 201 -4.88 42.47 47.87
N GLY B 202 -5.73 43.34 48.42
CA GLY B 202 -6.36 44.38 47.59
C GLY B 202 -6.43 45.77 48.21
N GLU B 203 -5.30 46.26 48.73
CA GLU B 203 -5.22 47.61 49.27
C GLU B 203 -5.13 48.67 48.17
N ILE B 204 -5.85 49.77 48.32
CA ILE B 204 -6.03 50.76 47.24
C ILE B 204 -5.75 52.17 47.70
N TYR B 205 -5.05 52.91 46.85
CA TYR B 205 -4.81 54.33 47.07
C TYR B 205 -5.21 55.06 45.80
N VAL B 206 -5.23 56.39 45.89
CA VAL B 206 -5.66 57.21 44.78
C VAL B 206 -4.68 58.35 44.55
N GLU B 207 -4.52 58.69 43.27
CA GLU B 207 -3.60 59.69 42.83
C GLU B 207 -4.34 60.67 41.96
N LYS B 208 -3.83 61.90 41.91
CA LYS B 208 -4.25 62.82 40.87
C LYS B 208 -3.84 62.20 39.54
N TYR B 209 -4.74 62.25 38.58
CA TYR B 209 -4.48 61.75 37.26
C TYR B 209 -3.89 62.86 36.45
N ILE B 210 -2.73 62.61 35.86
CA ILE B 210 -2.09 63.57 35.00
C ILE B 210 -2.47 63.36 33.53
N GLU B 211 -2.64 64.46 32.82
CA GLU B 211 -3.11 64.43 31.43
C GLU B 211 -1.93 64.40 30.47
N ASN B 212 -1.89 63.40 29.58
CA ASN B 212 -0.88 63.33 28.52
C ASN B 212 0.57 63.45 28.98
N PRO B 213 0.94 62.67 29.98
CA PRO B 213 2.30 62.71 30.46
C PRO B 213 3.26 61.87 29.60
N LYS B 214 4.55 62.14 29.79
CA LYS B 214 5.61 61.26 29.31
C LYS B 214 5.94 60.31 30.45
N HIS B 215 6.37 59.10 30.12
CA HIS B 215 6.81 58.13 31.13
C HIS B 215 8.30 58.00 30.97
N ILE B 216 9.05 58.45 31.97
CA ILE B 216 10.51 58.54 31.88
C ILE B 216 11.04 57.77 33.04
N GLU B 217 11.99 56.86 32.78
CA GLU B 217 12.47 56.02 33.85
C GLU B 217 13.96 56.02 33.84
N VAL B 218 14.52 55.82 35.01
CA VAL B 218 15.94 55.90 35.17
C VAL B 218 16.49 54.58 35.64
N GLN B 219 17.54 54.11 34.95
CA GLN B 219 18.21 52.88 35.34
C GLN B 219 19.18 53.15 36.42
N ILE B 220 19.10 52.39 37.50
CA ILE B 220 20.06 52.48 38.63
C ILE B 220 20.82 51.16 38.85
N LEU B 221 22.09 51.30 39.21
CA LEU B 221 22.87 50.22 39.83
C LEU B 221 23.48 50.67 41.13
N GLY B 222 23.37 49.83 42.15
CA GLY B 222 23.96 50.08 43.46
C GLY B 222 24.74 48.83 43.84
N ASP B 223 25.89 49.01 44.50
CA ASP B 223 26.64 47.86 44.96
C ASP B 223 26.58 47.82 46.49
N ARG B 224 27.31 46.90 47.08
CA ARG B 224 27.29 46.73 48.53
C ARG B 224 28.33 47.60 49.24
N HIS B 225 28.91 48.55 48.53
CA HIS B 225 29.96 49.37 49.07
C HIS B 225 29.53 50.81 48.98
N GLY B 226 28.23 51.08 49.05
CA GLY B 226 27.69 52.45 48.96
C GLY B 226 27.78 53.20 47.63
N ASN B 227 28.10 52.53 46.54
CA ASN B 227 28.14 53.22 45.23
C ASN B 227 26.83 53.12 44.54
N ILE B 228 26.35 54.23 44.04
CA ILE B 228 25.17 54.22 43.26
C ILE B 228 25.42 55.04 42.02
N ILE B 229 24.96 54.50 40.88
CA ILE B 229 25.04 55.24 39.63
C ILE B 229 23.81 55.01 38.83
N HIS B 230 23.55 55.99 37.98
CA HIS B 230 22.51 55.90 37.03
C HIS B 230 23.15 55.65 35.64
N LEU B 231 22.38 55.00 34.76
CA LEU B 231 22.79 54.73 33.41
C LEU B 231 21.86 55.45 32.43
N HIS B 232 21.63 56.71 32.75
CA HIS B 232 20.73 57.62 32.05
C HIS B 232 19.29 57.08 32.13
N GLU B 233 18.42 57.61 31.27
CA GLU B 233 17.03 57.33 31.33
C GLU B 233 16.51 56.70 30.08
N ARG B 234 15.25 56.29 30.14
CA ARG B 234 14.56 55.72 29.04
C ARG B 234 13.18 56.39 28.92
N ASP B 235 12.76 56.62 27.70
CA ASP B 235 11.45 57.12 27.46
C ASP B 235 10.52 55.98 27.02
N CYS B 236 9.57 55.66 27.88
CA CYS B 236 8.67 54.56 27.66
C CYS B 236 7.26 55.03 27.49
N SER B 237 7.09 56.20 26.88
CA SER B 237 5.75 56.83 26.83
C SER B 237 4.88 56.12 25.81
N VAL B 238 5.46 55.41 24.84
CA VAL B 238 4.65 54.81 23.79
C VAL B 238 3.96 53.60 24.35
N GLN B 239 2.70 53.79 24.74
CA GLN B 239 1.95 52.76 25.45
C GLN B 239 0.61 52.55 24.83
N ARG B 240 0.04 51.37 25.09
CA ARG B 240 -1.31 51.01 24.69
C ARG B 240 -2.00 50.52 25.95
N ARG B 241 -3.10 51.20 26.31
CA ARG B 241 -3.79 50.91 27.58
C ARG B 241 -2.83 50.85 28.75
N ASN B 242 -1.93 51.83 28.78
CA ASN B 242 -0.89 51.92 29.79
C ASN B 242 0.11 50.77 29.86
N GLN B 243 0.30 50.07 28.75
CA GLN B 243 1.23 48.96 28.66
C GLN B 243 2.30 49.40 27.69
N LYS B 244 3.56 49.27 28.09
CA LYS B 244 4.65 49.67 27.21
C LYS B 244 4.63 48.89 25.91
N VAL B 245 4.84 49.58 24.79
CA VAL B 245 4.93 48.94 23.50
C VAL B 245 6.32 49.14 22.92
N ILE B 246 6.75 50.39 22.87
CA ILE B 246 8.06 50.76 22.35
C ILE B 246 8.74 51.67 23.35
N GLU B 247 10.00 51.42 23.54
CA GLU B 247 10.82 52.17 24.49
C GLU B 247 12.00 52.73 23.76
N ILE B 248 12.41 53.95 24.09
CA ILE B 248 13.61 54.49 23.53
C ILE B 248 14.56 54.97 24.58
N ALA B 249 15.79 55.23 24.16
CA ALA B 249 16.79 55.77 25.02
C ALA B 249 17.82 56.54 24.19
N PRO B 250 18.31 57.68 24.69
CA PRO B 250 17.85 58.29 25.91
C PRO B 250 16.54 59.00 25.56
N ALA B 251 16.03 59.85 26.44
CA ALA B 251 14.77 60.59 26.13
C ALA B 251 15.06 61.76 25.19
N VAL B 252 15.13 61.44 23.89
CA VAL B 252 15.71 62.36 22.92
C VAL B 252 14.87 63.60 22.69
N GLY B 253 13.58 63.55 23.02
CA GLY B 253 12.70 64.71 22.95
C GLY B 253 12.70 65.65 24.16
N LEU B 254 13.58 65.43 25.12
CA LEU B 254 13.68 66.28 26.28
C LEU B 254 15.08 66.84 26.33
N SER B 255 15.23 67.95 27.02
CA SER B 255 16.51 68.64 27.05
C SER B 255 17.46 67.88 27.98
N PRO B 256 18.75 67.93 27.70
CA PRO B 256 19.72 67.19 28.52
C PRO B 256 19.82 67.64 30.00
N ASP B 257 19.59 68.90 30.27
CA ASP B 257 19.54 69.43 31.66
C ASP B 257 18.39 68.85 32.42
N PHE B 258 17.26 68.80 31.75
CA PHE B 258 16.08 68.30 32.38
C PHE B 258 16.17 66.76 32.62
N ARG B 259 16.69 66.04 31.64
CA ARG B 259 16.90 64.60 31.82
C ARG B 259 17.87 64.35 32.96
N ASN B 260 18.90 65.18 33.03
CA ASN B 260 19.89 65.00 34.06
C ASN B 260 19.30 65.20 35.46
N GLU B 261 18.36 66.13 35.54
CA GLU B 261 17.69 66.42 36.80
C GLU B 261 16.90 65.21 37.23
N ILE B 262 16.19 64.62 36.29
CA ILE B 262 15.43 63.40 36.57
C ILE B 262 16.35 62.28 37.03
N CYS B 263 17.52 62.15 36.39
CA CYS B 263 18.41 61.07 36.78
C CYS B 263 18.92 61.30 38.20
N GLU B 264 19.22 62.55 38.58
CA GLU B 264 19.71 62.87 39.96
C GLU B 264 18.66 62.62 41.00
N ALA B 265 17.42 62.90 40.66
CA ALA B 265 16.32 62.61 41.61
C ALA B 265 16.26 61.09 41.88
N ALA B 266 16.38 60.27 40.83
CA ALA B 266 16.34 58.82 41.02
C ALA B 266 17.49 58.34 41.88
N VAL B 267 18.66 58.92 41.67
CA VAL B 267 19.84 58.57 42.46
C VAL B 267 19.69 58.97 43.93
N LYS B 268 19.16 60.16 44.15
CA LYS B 268 18.91 60.62 45.49
C LYS B 268 18.04 59.65 46.28
N LEU B 269 16.96 59.21 45.66
CA LEU B 269 16.07 58.23 46.31
C LEU B 269 16.79 56.91 46.61
N CYS B 270 17.49 56.40 45.62
CA CYS B 270 18.21 55.16 45.83
C CYS B 270 19.33 55.30 46.84
N LYS B 271 20.02 56.44 46.86
CA LYS B 271 21.04 56.67 47.91
C LYS B 271 20.38 56.67 49.31
N ASN B 272 19.28 57.35 49.43
CA ASN B 272 18.62 57.46 50.70
C ASN B 272 18.25 56.15 51.33
N VAL B 273 17.82 55.16 50.53
CA VAL B 273 17.49 53.85 51.10
C VAL B 273 18.61 52.83 50.99
N GLY B 274 19.77 53.20 50.46
CA GLY B 274 20.88 52.20 50.30
C GLY B 274 20.55 51.11 49.25
N TYR B 275 19.94 51.47 48.13
CA TYR B 275 19.52 50.50 47.12
C TYR B 275 20.71 49.67 46.63
N VAL B 276 20.51 48.37 46.50
CA VAL B 276 21.54 47.45 46.03
C VAL B 276 21.01 46.68 44.82
N ASN B 277 21.92 46.41 43.89
CA ASN B 277 21.69 45.72 42.63
C ASN B 277 21.00 46.59 41.58
N ALA B 278 20.35 45.99 40.59
CA ALA B 278 19.70 46.80 39.58
C ALA B 278 18.30 47.16 39.99
N GLY B 279 17.86 48.33 39.56
CA GLY B 279 16.53 48.82 39.84
C GLY B 279 16.25 50.03 38.95
N THR B 280 14.98 50.37 38.81
CA THR B 280 14.55 51.44 37.92
C THR B 280 13.54 52.35 38.64
N VAL B 281 13.70 53.65 38.50
CA VAL B 281 12.83 54.62 39.12
C VAL B 281 12.03 55.23 38.03
N GLU B 282 10.72 55.14 38.15
CA GLU B 282 9.82 55.56 37.11
C GLU B 282 9.17 56.90 37.51
N PHE B 283 9.11 57.84 36.57
CA PHE B 283 8.50 59.14 36.76
C PHE B 283 7.49 59.45 35.66
N LEU B 284 6.43 60.17 36.00
CA LEU B 284 5.60 60.82 35.00
C LEU B 284 6.09 62.25 34.81
N VAL B 285 6.06 62.71 33.58
CA VAL B 285 6.63 63.99 33.22
C VAL B 285 5.61 64.77 32.43
N LYS B 286 5.46 66.05 32.80
CA LYS B 286 4.44 66.96 32.25
C LYS B 286 4.95 68.39 32.34
N ASP B 287 5.23 69.00 31.20
CA ASP B 287 5.61 70.43 31.13
C ASP B 287 6.80 70.79 32.03
N ASP B 288 7.90 70.11 31.86
CA ASP B 288 9.06 70.45 32.67
C ASP B 288 8.88 70.30 34.21
N LYS B 289 7.89 69.55 34.63
CA LYS B 289 7.86 68.99 35.99
C LYS B 289 7.90 67.45 35.91
N PHE B 290 8.36 66.79 36.99
CA PHE B 290 8.37 65.35 37.04
C PHE B 290 7.90 64.83 38.38
N TYR B 291 7.23 63.68 38.36
CA TYR B 291 6.65 63.13 39.54
C TYR B 291 6.96 61.65 39.65
N PHE B 292 7.49 61.25 40.80
CA PHE B 292 7.74 59.87 41.10
C PHE B 292 6.45 59.07 41.10
N ILE B 293 6.49 57.87 40.49
CA ILE B 293 5.37 56.91 40.56
C ILE B 293 5.68 55.52 41.11
N GLU B 294 6.88 55.00 40.83
CA GLU B 294 7.23 53.65 41.28
C GLU B 294 8.69 53.38 41.13
N VAL B 295 9.13 52.41 41.90
CA VAL B 295 10.40 51.74 41.65
C VAL B 295 10.12 50.28 41.29
N ASN B 296 10.81 49.78 40.26
CA ASN B 296 10.81 48.36 39.94
C ASN B 296 12.13 47.85 40.44
N PRO B 297 12.10 47.00 41.48
CA PRO B 297 13.35 46.62 42.09
C PRO B 297 13.87 45.31 41.51
N ARG B 298 14.14 45.36 40.21
CA ARG B 298 14.58 44.25 39.40
C ARG B 298 15.00 44.82 38.08
N VAL B 299 15.60 43.97 37.27
CA VAL B 299 15.88 44.29 35.88
C VAL B 299 14.55 44.39 35.12
N GLN B 300 14.56 45.12 33.99
CA GLN B 300 13.39 45.24 33.17
C GLN B 300 13.65 44.80 31.76
N VAL B 301 12.55 44.53 31.07
CA VAL B 301 12.60 44.06 29.71
C VAL B 301 13.38 45.02 28.86
N GLU B 302 13.18 46.30 29.11
CA GLU B 302 13.82 47.31 28.29
C GLU B 302 15.23 47.69 28.76
N HIS B 303 15.84 46.92 29.63
CA HIS B 303 17.27 47.18 30.01
C HIS B 303 18.21 47.19 28.81
N THR B 304 17.81 46.50 27.75
CA THR B 304 18.67 46.32 26.55
C THR B 304 19.09 47.60 25.94
N ILE B 305 18.15 48.58 25.90
CA ILE B 305 18.45 49.83 25.20
C ILE B 305 19.45 50.69 25.97
N THR B 306 19.40 50.58 27.27
CA THR B 306 20.36 51.24 28.13
C THR B 306 21.77 50.61 28.00
N GLU B 307 21.85 49.30 27.81
CA GLU B 307 23.14 48.70 27.59
C GLU B 307 23.74 49.24 26.33
N LEU B 308 22.93 49.42 25.31
CA LEU B 308 23.48 49.82 24.06
C LEU B 308 24.00 51.24 24.11
N ILE B 309 23.28 52.16 24.78
CA ILE B 309 23.73 53.54 24.78
C ILE B 309 24.78 53.82 25.80
N THR B 310 25.03 52.90 26.71
CA THR B 310 26.09 53.12 27.71
C THR B 310 27.33 52.21 27.59
N GLY B 311 27.20 51.10 26.90
CA GLY B 311 28.24 50.10 26.85
C GLY B 311 28.26 49.23 28.08
N VAL B 312 27.35 49.48 29.03
CA VAL B 312 27.39 48.71 30.28
C VAL B 312 26.48 47.49 30.22
N ASP B 313 27.04 46.33 30.56
CA ASP B 313 26.31 45.08 30.61
C ASP B 313 25.63 44.95 31.96
N ILE B 314 24.34 45.18 31.98
CA ILE B 314 23.59 45.35 33.17
C ILE B 314 23.39 44.02 33.87
N VAL B 315 23.09 42.98 33.11
CA VAL B 315 22.88 41.70 33.75
C VAL B 315 24.18 41.13 34.35
N GLN B 316 25.28 41.25 33.62
CA GLN B 316 26.59 40.89 34.23
C GLN B 316 26.85 41.71 35.51
N ALA B 317 26.50 42.99 35.43
CA ALA B 317 26.65 43.85 36.62
C ALA B 317 25.83 43.35 37.80
N GLN B 318 24.57 42.94 37.57
CA GLN B 318 23.72 42.43 38.63
C GLN B 318 24.32 41.24 39.31
N ILE B 319 24.85 40.34 38.50
CA ILE B 319 25.48 39.15 39.02
C ILE B 319 26.78 39.48 39.80
N LEU B 320 27.59 40.34 39.25
CA LEU B 320 28.80 40.74 39.98
C LEU B 320 28.49 41.49 41.28
N ILE B 321 27.47 42.35 41.27
CA ILE B 321 27.06 43.02 42.50
C ILE B 321 26.56 42.04 43.60
N ALA B 322 25.79 41.03 43.18
CA ALA B 322 25.43 39.96 44.08
C ALA B 322 26.63 39.13 44.57
N GLN B 323 27.73 39.12 43.84
CA GLN B 323 28.93 38.41 44.33
C GLN B 323 29.70 39.34 45.35
N GLY B 324 29.14 40.51 45.70
CA GLY B 324 29.85 41.44 46.56
C GLY B 324 30.90 42.40 45.92
N LYS B 325 30.88 42.58 44.61
CA LYS B 325 31.85 43.42 43.99
C LYS B 325 31.51 44.92 43.95
N ASP B 326 32.57 45.70 43.85
CA ASP B 326 32.49 47.14 43.88
C ASP B 326 32.30 47.57 42.43
N LEU B 327 31.28 48.40 42.18
CA LEU B 327 30.99 48.87 40.83
C LEU B 327 32.18 49.44 40.12
N HIS B 328 32.95 50.24 40.85
CA HIS B 328 34.06 50.97 40.21
C HIS B 328 35.32 50.13 40.22
N ARG B 329 35.62 49.56 41.35
CA ARG B 329 36.90 48.95 41.57
C ARG B 329 37.08 47.64 40.86
N GLU B 330 36.00 46.87 40.81
CA GLU B 330 36.09 45.46 40.35
C GLU B 330 35.27 45.22 39.12
N ILE B 331 34.10 45.80 39.07
CA ILE B 331 33.29 45.69 37.91
C ILE B 331 33.78 46.63 36.80
N GLY B 332 34.44 47.73 37.17
CA GLY B 332 35.04 48.59 36.15
C GLY B 332 34.20 49.72 35.59
N LEU B 333 33.08 50.05 36.23
CA LEU B 333 32.31 51.19 35.76
C LEU B 333 32.99 52.50 36.16
N PRO B 334 32.91 53.48 35.27
CA PRO B 334 33.50 54.75 35.63
C PRO B 334 32.61 55.53 36.57
N ALA B 335 33.08 56.71 36.95
CA ALA B 335 32.30 57.65 37.75
C ALA B 335 31.22 58.16 36.91
N GLN B 336 30.19 58.67 37.58
CA GLN B 336 28.97 59.09 36.95
C GLN B 336 29.17 59.95 35.73
N SER B 337 29.98 60.97 35.84
CA SER B 337 30.12 61.95 34.76
C SER B 337 30.80 61.32 33.55
N GLU B 338 31.57 60.26 33.75
CA GLU B 338 32.17 59.52 32.64
C GLU B 338 31.29 58.38 32.06
N ILE B 339 30.07 58.19 32.53
CA ILE B 339 29.26 57.10 31.99
C ILE B 339 28.91 57.47 30.52
N PRO B 340 29.33 56.64 29.56
CA PRO B 340 29.03 56.98 28.17
C PRO B 340 27.57 57.22 27.83
N LEU B 341 27.39 58.02 26.80
CA LEU B 341 26.12 58.28 26.25
C LEU B 341 26.35 58.21 24.72
N LEU B 342 26.05 57.07 24.10
CA LEU B 342 26.38 56.83 22.73
C LEU B 342 25.10 56.73 21.93
N GLY B 343 24.81 57.70 21.13
CA GLY B 343 23.66 57.64 20.25
C GLY B 343 22.38 57.27 20.96
N SER B 344 21.51 56.55 20.28
CA SER B 344 20.22 56.25 20.80
C SER B 344 19.84 54.82 20.41
N ALA B 345 18.79 54.30 21.06
CA ALA B 345 18.35 52.96 20.84
C ALA B 345 16.88 52.83 21.06
N ILE B 346 16.29 51.87 20.36
CA ILE B 346 14.86 51.65 20.37
C ILE B 346 14.60 50.16 20.55
N GLN B 347 13.62 49.83 21.37
CA GLN B 347 13.28 48.43 21.46
C GLN B 347 11.83 48.26 21.14
N CYS B 348 11.55 47.23 20.32
CA CYS B 348 10.20 46.73 20.02
C CYS B 348 10.13 45.25 20.42
N ARG B 349 8.99 44.86 20.96
CA ARG B 349 8.75 43.48 21.21
C ARG B 349 7.82 42.96 20.17
N ILE B 350 8.29 41.93 19.48
CA ILE B 350 7.48 41.25 18.52
C ILE B 350 6.81 40.07 19.19
N THR B 351 5.46 40.07 19.11
CA THR B 351 4.62 39.08 19.74
C THR B 351 3.66 38.45 18.74
N THR B 352 2.91 37.45 19.21
CA THR B 352 1.84 36.87 18.44
C THR B 352 0.50 37.61 18.63
N GLU B 353 0.53 38.76 19.26
CA GLU B 353 -0.70 39.56 19.36
C GLU B 353 -1.19 40.02 17.99
N ASP B 354 -2.42 39.63 17.66
CA ASP B 354 -3.02 39.93 16.35
C ASP B 354 -3.71 41.28 16.41
N PRO B 355 -3.18 42.29 15.71
CA PRO B 355 -3.76 43.62 15.87
C PRO B 355 -5.12 43.78 15.17
N GLN B 356 -5.48 42.86 14.28
CA GLN B 356 -6.81 42.87 13.65
C GLN B 356 -7.81 41.96 14.38
N ASN B 357 -7.38 41.33 15.45
CA ASN B 357 -8.27 40.55 16.27
C ASN B 357 -8.14 41.00 17.71
N GLY B 358 -8.21 42.30 17.91
CA GLY B 358 -8.13 42.89 19.25
C GLY B 358 -6.87 42.53 20.04
N PHE B 359 -5.74 42.37 19.35
CA PHE B 359 -4.46 42.00 20.00
C PHE B 359 -4.53 40.73 20.84
N LEU B 360 -5.44 39.84 20.46
CA LEU B 360 -5.51 38.51 21.04
C LEU B 360 -4.30 37.69 20.54
N PRO B 361 -3.58 37.07 21.46
CA PRO B 361 -2.36 36.38 21.05
C PRO B 361 -2.65 35.12 20.31
N ASP B 362 -2.12 35.02 19.10
CA ASP B 362 -2.29 33.83 18.30
C ASP B 362 -1.50 32.67 18.89
N THR B 363 -1.87 31.44 18.54
CA THR B 363 -1.15 30.26 18.96
C THR B 363 -0.96 29.36 17.76
N GLY B 364 -0.20 28.29 17.90
CA GLY B 364 0.02 27.37 16.80
C GLY B 364 1.47 27.25 16.46
N LYS B 365 1.77 26.57 15.36
CA LYS B 365 3.13 26.18 15.02
C LYS B 365 3.77 27.21 14.10
N ILE B 366 5.04 27.49 14.33
CA ILE B 366 5.80 28.42 13.52
C ILE B 366 6.41 27.62 12.39
N ASP B 367 6.00 27.95 11.18
CA ASP B 367 6.50 27.30 9.98
C ASP B 367 7.85 27.88 9.59
N THR B 368 7.96 29.21 9.66
CA THR B 368 9.15 29.87 9.16
C THR B 368 9.57 30.93 10.12
N TYR B 369 10.86 30.99 10.44
CA TYR B 369 11.39 32.06 11.28
C TYR B 369 12.77 32.46 10.78
N ARG B 370 12.86 33.58 10.09
CA ARG B 370 14.10 34.13 9.59
C ARG B 370 14.38 35.44 10.34
N SER B 371 15.48 35.50 11.08
CA SER B 371 15.82 36.69 11.83
C SER B 371 16.89 37.60 11.18
N PRO B 372 16.58 38.87 10.99
CA PRO B 372 17.55 39.79 10.46
C PRO B 372 18.72 40.14 11.40
N GLY B 373 19.75 40.76 10.82
CA GLY B 373 20.94 41.14 11.51
C GLY B 373 21.46 42.42 10.90
N GLY B 374 22.78 42.57 10.98
CA GLY B 374 23.45 43.77 10.53
C GLY B 374 23.93 44.74 11.59
N PHE B 375 24.45 45.86 11.13
CA PHE B 375 24.98 46.90 11.97
C PHE B 375 23.81 47.61 12.64
N GLY B 376 23.91 47.78 13.96
CA GLY B 376 22.88 48.45 14.73
C GLY B 376 21.70 47.62 15.15
N ILE B 377 21.79 46.30 15.02
CA ILE B 377 20.65 45.43 15.31
C ILE B 377 21.03 44.43 16.42
N ARG B 378 20.20 44.38 17.41
CA ARG B 378 20.34 43.44 18.52
C ARG B 378 19.04 42.66 18.65
N LEU B 379 19.21 41.35 18.75
CA LEU B 379 18.05 40.48 18.98
C LEU B 379 18.20 39.72 20.26
N ASP B 380 17.14 39.71 21.05
CA ASP B 380 17.07 38.82 22.20
C ASP B 380 15.84 37.95 22.02
N VAL B 381 16.06 36.72 21.57
CA VAL B 381 14.94 35.81 21.21
C VAL B 381 14.22 35.17 22.40
N GLY B 382 12.92 35.08 22.30
CA GLY B 382 12.11 34.32 23.21
C GLY B 382 11.96 32.93 22.60
N ASN B 383 10.73 32.48 22.51
CA ASN B 383 10.48 31.22 21.89
C ASN B 383 9.96 31.40 20.48
N ALA B 384 10.87 31.30 19.56
CA ALA B 384 10.57 31.43 18.17
C ALA B 384 11.72 30.68 17.49
N TYR B 385 11.36 29.65 16.77
CA TYR B 385 12.24 28.89 15.93
C TYR B 385 11.31 28.07 15.05
N ALA B 386 11.80 27.68 13.90
CA ALA B 386 10.99 26.87 12.97
C ALA B 386 10.57 25.54 13.63
N GLY B 387 9.28 25.27 13.77
CA GLY B 387 8.77 24.05 14.39
C GLY B 387 8.14 24.26 15.78
N TYR B 388 8.45 25.38 16.43
CA TYR B 388 7.98 25.64 17.75
C TYR B 388 6.48 25.87 17.78
N GLU B 389 5.81 25.28 18.75
CA GLU B 389 4.38 25.45 18.97
C GLU B 389 4.17 26.47 20.06
N VAL B 390 3.62 27.61 19.68
CA VAL B 390 3.24 28.61 20.62
C VAL B 390 1.96 28.15 21.30
N THR B 391 2.03 28.08 22.64
CA THR B 391 0.98 27.53 23.46
C THR B 391 0.18 28.69 24.02
N PRO B 392 -1.01 28.40 24.54
CA PRO B 392 -1.76 29.47 25.16
C PRO B 392 -1.37 29.75 26.61
N TYR B 393 -0.37 29.06 27.15
CA TYR B 393 -0.10 29.14 28.59
C TYR B 393 0.77 30.31 29.09
N PHE B 394 1.57 30.90 28.21
CA PHE B 394 2.55 31.87 28.64
C PHE B 394 2.41 33.12 27.78
N ASP B 395 3.34 34.06 27.93
CA ASP B 395 3.22 35.32 27.21
C ASP B 395 3.45 35.09 25.69
N SER B 396 3.15 36.10 24.90
CA SER B 396 3.15 35.92 23.47
C SER B 396 4.43 36.36 22.80
N LEU B 397 5.49 36.64 23.56
CA LEU B 397 6.71 37.20 22.99
C LEU B 397 7.51 36.23 22.12
N LEU B 398 7.82 36.65 20.91
CA LEU B 398 8.62 35.88 20.03
C LEU B 398 10.10 36.33 20.09
N VAL B 399 10.32 37.63 19.94
CA VAL B 399 11.65 38.19 19.96
C VAL B 399 11.62 39.68 20.26
N LYS B 400 12.64 40.13 20.97
CA LYS B 400 12.82 41.52 21.24
C LYS B 400 13.84 42.00 20.25
N VAL B 401 13.53 43.12 19.62
CA VAL B 401 14.43 43.73 18.63
C VAL B 401 14.81 45.09 19.11
N CYS B 402 16.11 45.35 19.15
CA CYS B 402 16.66 46.65 19.41
C CYS B 402 17.46 47.15 18.24
N THR B 403 17.30 48.42 17.93
CA THR B 403 18.21 49.09 17.01
C THR B 403 18.92 50.20 17.70
N PHE B 404 20.11 50.50 17.23
CA PHE B 404 20.93 51.56 17.79
C PHE B 404 21.74 52.22 16.68
N ALA B 405 21.96 53.53 16.85
CA ALA B 405 22.76 54.34 15.91
C ALA B 405 23.12 55.68 16.52
N ASN B 406 24.12 56.36 15.95
CA ASN B 406 24.50 57.73 16.39
C ASN B 406 23.30 58.68 16.42
N GLU B 407 22.49 58.67 15.38
CA GLU B 407 21.34 59.54 15.28
C GLU B 407 20.07 58.76 15.46
N PHE B 408 19.15 59.34 16.23
CA PHE B 408 17.80 58.81 16.41
C PHE B 408 17.06 58.48 15.13
N SER B 409 17.17 59.32 14.12
CA SER B 409 16.51 59.04 12.84
C SER B 409 17.08 57.81 12.14
N ASP B 410 18.41 57.56 12.21
CA ASP B 410 18.95 56.31 11.65
C ASP B 410 18.49 55.12 12.52
N SER B 411 18.33 55.31 13.83
CA SER B 411 17.83 54.21 14.68
C SER B 411 16.43 53.81 14.29
N VAL B 412 15.60 54.81 13.97
CA VAL B 412 14.25 54.57 13.48
C VAL B 412 14.25 53.85 12.11
N ARG B 413 15.11 54.30 11.20
CA ARG B 413 15.20 53.70 9.91
C ARG B 413 15.62 52.24 10.05
N LYS B 414 16.52 51.97 10.98
CA LYS B 414 16.99 50.62 11.13
C LYS B 414 15.87 49.77 11.66
N MET B 415 15.08 50.29 12.58
CA MET B 415 13.99 49.51 13.12
C MET B 415 12.97 49.19 12.02
N ASP B 416 12.68 50.20 11.22
CA ASP B 416 11.80 50.01 10.08
C ASP B 416 12.34 48.98 9.12
N ARG B 417 13.61 49.06 8.80
CA ARG B 417 14.22 48.06 7.93
C ARG B 417 14.02 46.65 8.52
N VAL B 418 14.32 46.52 9.82
CA VAL B 418 14.29 45.23 10.48
C VAL B 418 12.89 44.64 10.52
N LEU B 419 11.91 45.46 10.87
CA LEU B 419 10.57 44.96 10.96
C LEU B 419 10.08 44.44 9.62
N HIS B 420 10.40 45.14 8.54
CA HIS B 420 9.99 44.70 7.18
C HIS B 420 10.74 43.47 6.73
N GLU B 421 11.93 43.23 7.28
CA GLU B 421 12.76 42.13 6.82
C GLU B 421 12.37 40.79 7.51
N PHE B 422 11.81 40.83 8.70
CA PHE B 422 11.37 39.64 9.39
C PHE B 422 10.38 38.82 8.52
N ARG B 423 10.55 37.49 8.55
CA ARG B 423 9.67 36.54 7.91
C ARG B 423 9.30 35.52 8.98
N ILE B 424 8.06 35.60 9.39
CA ILE B 424 7.52 34.77 10.41
C ILE B 424 6.20 34.24 9.88
N ARG B 425 6.10 32.95 9.69
CA ARG B 425 4.90 32.33 9.12
C ARG B 425 4.34 31.31 10.09
N GLY B 426 3.01 31.23 10.16
CA GLY B 426 2.36 30.18 10.94
C GLY B 426 1.61 30.75 12.11
N VAL B 427 2.01 31.92 12.57
CA VAL B 427 1.23 32.64 13.55
C VAL B 427 1.16 34.09 13.11
N LYS B 428 0.11 34.79 13.52
CA LYS B 428 0.02 36.24 13.40
C LYS B 428 1.02 36.95 14.31
N THR B 429 1.40 38.20 13.95
CA THR B 429 2.25 39.01 14.80
C THR B 429 1.81 40.45 14.87
N ASN B 430 2.43 41.20 15.78
CA ASN B 430 2.08 42.58 15.98
C ASN B 430 2.93 43.47 15.08
N ILE B 431 3.69 42.86 14.16
CA ILE B 431 4.57 43.66 13.31
C ILE B 431 3.85 44.80 12.56
N PRO B 432 2.73 44.51 11.89
CA PRO B 432 2.11 45.62 11.18
C PRO B 432 1.73 46.83 12.09
N PHE B 433 1.35 46.56 13.34
CA PHE B 433 1.15 47.62 14.28
C PHE B 433 2.45 48.38 14.60
N LEU B 434 3.51 47.65 14.88
CA LEU B 434 4.78 48.32 15.19
C LEU B 434 5.25 49.22 14.03
N ILE B 435 5.08 48.73 12.81
CA ILE B 435 5.42 49.49 11.65
C ILE B 435 4.65 50.83 11.63
N ASN B 436 3.36 50.78 11.95
CA ASN B 436 2.56 52.03 11.92
C ASN B 436 3.07 52.98 12.96
N VAL B 437 3.35 52.46 14.16
CA VAL B 437 3.78 53.29 15.24
C VAL B 437 5.04 54.05 14.92
N ILE B 438 6.04 53.39 14.36
CA ILE B 438 7.30 54.09 14.10
C ILE B 438 7.24 55.01 12.85
N ALA B 439 6.16 54.93 12.08
CA ALA B 439 6.01 55.74 10.89
C ALA B 439 5.51 57.12 11.31
N ASN B 440 4.80 57.15 12.43
CA ASN B 440 4.11 58.31 12.89
C ASN B 440 5.07 59.40 13.44
N GLU B 441 4.68 60.66 13.19
CA GLU B 441 5.46 61.85 13.52
C GLU B 441 5.54 62.06 15.04
N ASN B 442 4.51 61.64 15.77
CA ASN B 442 4.58 61.71 17.22
C ASN B 442 5.73 60.87 17.78
N PHE B 443 5.94 59.70 17.19
CA PHE B 443 7.05 58.86 17.54
C PHE B 443 8.38 59.39 17.05
N THR B 444 8.49 59.78 15.78
CA THR B 444 9.80 60.19 15.25
C THR B 444 10.35 61.51 15.81
N SER B 445 9.46 62.40 16.28
CA SER B 445 9.82 63.67 16.84
C SER B 445 10.40 63.43 18.19
N GLY B 446 10.02 62.34 18.80
CA GLY B 446 10.44 62.05 20.19
C GLY B 446 9.49 62.61 21.22
N GLN B 447 8.30 63.04 20.79
CA GLN B 447 7.36 63.76 21.67
C GLN B 447 6.13 62.97 22.06
N ALA B 448 6.13 61.67 21.82
CA ALA B 448 4.95 60.90 22.15
C ALA B 448 4.64 60.96 23.66
N THR B 449 3.37 60.77 24.00
CA THR B 449 2.95 60.74 25.40
C THR B 449 2.19 59.44 25.62
N THR B 450 1.86 59.15 26.86
CA THR B 450 1.24 57.91 27.22
C THR B 450 -0.13 57.73 26.63
N THR B 451 -0.69 58.78 26.05
CA THR B 451 -2.04 58.72 25.47
C THR B 451 -2.04 58.70 23.94
N PHE B 452 -0.87 58.90 23.36
CA PHE B 452 -0.68 58.94 21.89
C PHE B 452 -1.32 57.80 21.13
N ILE B 453 -1.02 56.55 21.49
CA ILE B 453 -1.59 55.43 20.75
C ILE B 453 -3.10 55.34 20.94
N ASP B 454 -3.52 55.42 22.19
CA ASP B 454 -4.94 55.31 22.52
C ASP B 454 -5.80 56.38 21.78
N ASN B 455 -5.24 57.51 21.40
CA ASN B 455 -5.97 58.54 20.64
C ASN B 455 -5.65 58.63 19.15
N THR B 456 -4.97 57.64 18.56
CA THR B 456 -4.62 57.75 17.15
C THR B 456 -5.17 56.53 16.43
N PRO B 457 -6.40 56.64 15.91
CA PRO B 457 -6.98 55.45 15.26
C PRO B 457 -6.28 55.09 13.92
N SER B 458 -5.61 56.03 13.27
CA SER B 458 -4.91 55.73 12.01
C SER B 458 -3.84 54.62 12.14
N LEU B 459 -3.36 54.40 13.34
CA LEU B 459 -2.44 53.31 13.64
C LEU B 459 -3.06 51.93 13.48
N PHE B 460 -4.38 51.84 13.44
CA PHE B 460 -5.03 50.52 13.35
C PHE B 460 -5.57 50.22 11.96
N ASN B 461 -5.12 50.99 10.97
CA ASN B 461 -5.37 50.69 9.59
C ASN B 461 -4.19 49.89 9.06
N PHE B 462 -4.44 48.65 8.70
CA PHE B 462 -3.39 47.83 8.16
C PHE B 462 -3.56 47.50 6.68
N PRO B 463 -2.46 47.56 5.90
CA PRO B 463 -2.59 47.16 4.49
C PRO B 463 -3.03 45.68 4.29
N ARG B 464 -3.58 45.33 3.14
CA ARG B 464 -3.92 43.91 2.85
C ARG B 464 -2.62 43.09 2.77
N LEU B 465 -2.53 42.06 3.59
CA LEU B 465 -1.32 41.28 3.58
C LEU B 465 -1.52 40.39 2.39
N ARG B 466 -0.83 40.77 1.32
CA ARG B 466 -0.92 40.03 0.07
C ARG B 466 0.10 38.87 -0.11
N ASP B 467 -0.43 37.74 -0.58
CA ASP B 467 0.33 36.51 -0.73
C ASP B 467 -0.02 35.82 -2.06
N ARG B 468 0.64 36.25 -3.12
CA ARG B 468 0.50 35.61 -4.42
C ARG B 468 1.00 34.17 -4.40
N GLY B 469 2.05 33.92 -3.61
CA GLY B 469 2.69 32.62 -3.50
C GLY B 469 1.69 31.51 -3.09
N THR B 470 0.87 31.83 -2.11
CA THR B 470 -0.08 30.89 -1.55
C THR B 470 -1.25 30.58 -2.52
N LYS B 471 -1.79 31.57 -3.18
CA LYS B 471 -2.72 31.28 -4.24
C LYS B 471 -2.12 30.31 -5.33
N THR B 472 -0.87 30.50 -5.68
CA THR B 472 -0.24 29.72 -6.71
C THR B 472 -0.15 28.27 -6.32
N LEU B 473 0.20 28.04 -5.06
CA LEU B 473 0.26 26.70 -4.57
C LEU B 473 -1.07 26.06 -4.50
N HIS B 474 -2.06 26.84 -4.14
CA HIS B 474 -3.42 26.35 -4.12
C HIS B 474 -3.82 25.87 -5.52
N TYR B 475 -3.51 26.68 -6.55
CA TYR B 475 -3.87 26.33 -7.93
C TYR B 475 -3.10 25.10 -8.38
N LEU B 476 -1.80 25.09 -8.18
CA LEU B 476 -0.99 23.94 -8.59
C LEU B 476 -1.45 22.65 -7.94
N SER B 477 -1.86 22.75 -6.69
CA SER B 477 -2.32 21.61 -5.95
C SER B 477 -3.67 21.09 -6.49
N MET B 478 -4.56 22.02 -6.79
CA MET B 478 -5.82 21.70 -7.36
C MET B 478 -5.61 20.92 -8.65
N ILE B 479 -4.79 21.42 -9.57
CA ILE B 479 -4.69 20.82 -10.89
C ILE B 479 -3.93 19.51 -10.78
N THR B 480 -2.87 19.49 -9.97
CA THR B 480 -2.01 18.31 -9.84
C THR B 480 -2.82 17.11 -9.35
N VAL B 481 -3.72 17.37 -8.40
CA VAL B 481 -4.48 16.32 -7.77
C VAL B 481 -5.82 16.04 -8.49
N ASN B 482 -6.58 17.08 -8.84
CA ASN B 482 -7.88 16.92 -9.43
C ASN B 482 -7.96 17.14 -10.95
N GLY B 483 -6.86 17.57 -11.60
CA GLY B 483 -6.92 17.78 -13.05
C GLY B 483 -7.50 19.13 -13.42
N PHE B 484 -7.44 19.41 -14.72
CA PHE B 484 -7.99 20.59 -15.28
C PHE B 484 -9.41 20.27 -15.73
N PRO B 485 -10.39 21.12 -15.38
CA PRO B 485 -11.76 20.81 -15.77
C PRO B 485 -11.95 20.65 -17.25
N GLY B 486 -12.68 19.59 -17.63
CA GLY B 486 -13.10 19.39 -19.01
C GLY B 486 -12.07 18.70 -19.86
N ILE B 487 -10.98 18.22 -19.27
CA ILE B 487 -10.03 17.37 -20.02
C ILE B 487 -9.58 16.24 -19.16
N GLU B 488 -8.88 15.31 -19.75
CA GLU B 488 -8.49 14.11 -19.05
C GLU B 488 -7.37 14.41 -18.10
N ASN B 489 -7.56 14.02 -16.83
CA ASN B 489 -6.62 14.29 -15.72
C ASN B 489 -5.40 13.38 -15.89
N THR B 490 -4.39 13.90 -16.60
CA THR B 490 -3.27 13.12 -17.14
C THR B 490 -1.91 13.62 -16.68
N GLU B 491 -0.92 12.74 -16.78
CA GLU B 491 0.40 13.03 -16.29
C GLU B 491 1.21 13.90 -17.28
N LYS B 492 1.86 14.92 -16.71
CA LYS B 492 2.52 15.98 -17.42
C LYS B 492 3.81 15.55 -18.11
N ARG B 493 3.90 15.76 -19.40
CA ARG B 493 5.09 15.42 -20.15
C ARG B 493 6.20 16.43 -19.86
N HIS B 494 7.42 16.04 -20.16
CA HIS B 494 8.57 16.91 -20.02
C HIS B 494 8.64 17.65 -21.34
N PHE B 495 8.54 18.96 -21.33
CA PHE B 495 8.63 19.71 -22.56
C PHE B 495 9.90 20.52 -22.64
N GLU B 496 10.55 20.47 -23.79
CA GLU B 496 11.65 21.37 -24.09
C GLU B 496 11.14 22.81 -24.25
N GLU B 497 12.05 23.77 -24.17
CA GLU B 497 11.75 25.14 -24.55
C GLU B 497 11.38 25.19 -26.05
N PRO B 498 10.38 26.03 -26.40
CA PRO B 498 10.08 26.24 -27.79
C PRO B 498 11.25 26.86 -28.53
N ARG B 499 11.41 26.56 -29.79
CA ARG B 499 12.50 27.16 -30.54
C ARG B 499 12.18 28.60 -30.81
N GLN B 500 13.21 29.44 -30.73
CA GLN B 500 13.13 30.83 -31.08
C GLN B 500 13.61 30.95 -32.51
N PRO B 501 13.07 31.90 -33.27
CA PRO B 501 13.50 31.95 -34.64
C PRO B 501 14.79 32.75 -34.83
N LEU B 502 15.52 32.36 -35.85
CA LEU B 502 16.64 33.10 -36.37
C LEU B 502 16.15 33.97 -37.51
N LEU B 503 15.94 35.24 -37.23
CA LEU B 503 15.44 36.15 -38.21
C LEU B 503 16.47 36.91 -39.00
N ASN B 504 16.11 37.20 -40.25
CA ASN B 504 16.83 38.18 -41.05
C ASN B 504 15.96 39.41 -41.21
N LEU B 505 16.24 40.41 -40.41
CA LEU B 505 15.37 41.59 -40.34
C LEU B 505 15.56 42.55 -41.50
N GLU B 506 14.47 43.04 -42.05
CA GLU B 506 14.46 44.19 -42.92
C GLU B 506 13.57 45.21 -42.27
N LYS B 507 14.01 46.45 -42.26
CA LYS B 507 13.25 47.51 -41.66
C LYS B 507 12.40 48.18 -42.77
N LYS B 508 11.07 48.19 -42.58
CA LYS B 508 10.13 48.82 -43.50
C LYS B 508 9.01 49.55 -42.75
N LYS B 509 8.45 50.52 -43.44
CA LYS B 509 7.25 51.18 -42.99
C LYS B 509 6.07 50.22 -43.21
N THR B 510 5.22 50.10 -42.21
CA THR B 510 4.09 49.16 -42.23
C THR B 510 2.79 49.93 -42.26
N ALA B 511 1.71 49.20 -42.54
CA ALA B 511 0.40 49.77 -42.62
C ALA B 511 0.04 50.44 -41.32
N LYS B 512 0.45 49.85 -40.19
CA LYS B 512 0.20 50.42 -38.89
C LYS B 512 0.86 51.81 -38.74
N ASN B 513 2.10 51.90 -39.16
CA ASN B 513 2.85 53.15 -39.18
C ASN B 513 2.09 54.23 -39.99
N ILE B 514 1.66 53.85 -41.19
CA ILE B 514 0.81 54.72 -42.00
C ILE B 514 -0.53 55.08 -41.30
N LEU B 515 -1.18 54.15 -40.65
CA LEU B 515 -2.48 54.47 -39.99
C LEU B 515 -2.32 55.54 -38.90
N ASP B 516 -1.25 55.42 -38.14
CA ASP B 516 -0.94 56.30 -37.05
C ASP B 516 -0.46 57.68 -37.51
N GLU B 517 0.33 57.72 -38.59
CA GLU B 517 0.97 58.93 -39.07
C GLU B 517 0.05 59.68 -40.00
N GLN B 518 -0.78 58.97 -40.77
CA GLN B 518 -1.63 59.58 -41.83
C GLN B 518 -3.10 59.23 -41.83
N GLY B 519 -3.54 58.24 -41.06
CA GLY B 519 -4.95 57.90 -41.02
C GLY B 519 -5.40 56.81 -41.99
N ALA B 520 -6.69 56.47 -41.88
CA ALA B 520 -7.26 55.30 -42.47
C ALA B 520 -7.29 55.30 -43.97
N ASP B 521 -7.68 56.43 -44.54
CA ASP B 521 -7.79 56.53 -45.99
C ASP B 521 -6.42 56.37 -46.62
N ALA B 522 -5.37 56.79 -45.92
CA ALA B 522 -4.00 56.62 -46.41
C ALA B 522 -3.63 55.14 -46.42
N VAL B 523 -4.13 54.35 -45.46
CA VAL B 523 -3.91 52.89 -45.47
C VAL B 523 -4.58 52.28 -46.69
N VAL B 524 -5.81 52.69 -46.93
CA VAL B 524 -6.55 52.22 -48.07
C VAL B 524 -5.80 52.52 -49.34
N ASP B 525 -5.20 53.71 -49.44
CA ASP B 525 -4.39 54.04 -50.63
C ASP B 525 -3.18 53.18 -50.75
N TYR B 526 -2.56 52.88 -49.63
CA TYR B 526 -1.38 52.00 -49.64
C TYR B 526 -1.79 50.62 -50.21
N VAL B 527 -2.97 50.14 -49.81
CA VAL B 527 -3.43 48.85 -50.26
C VAL B 527 -3.69 48.87 -51.77
N LYS B 528 -4.45 49.86 -52.24
CA LYS B 528 -4.71 50.00 -53.66
C LYS B 528 -3.43 50.06 -54.47
N ASN B 529 -2.38 50.65 -53.95
CA ASN B 529 -1.15 50.77 -54.75
C ASN B 529 -0.23 49.56 -54.66
N THR B 530 -0.63 48.53 -53.93
CA THR B 530 0.21 47.39 -53.79
C THR B 530 -0.14 46.38 -54.85
N LYS B 531 0.86 45.96 -55.59
CA LYS B 531 0.66 44.98 -56.64
C LYS B 531 0.49 43.54 -56.05
N GLU B 532 1.25 43.23 -55.02
CA GLU B 532 1.23 41.92 -54.42
C GLU B 532 -0.07 41.72 -53.66
N VAL B 533 -0.48 40.47 -53.47
CA VAL B 533 -1.51 40.19 -52.51
C VAL B 533 -0.99 40.35 -51.09
N LEU B 534 -1.75 41.02 -50.24
CA LEU B 534 -1.31 41.22 -48.85
C LEU B 534 -1.89 40.17 -47.99
N LEU B 535 -1.31 40.00 -46.81
CA LEU B 535 -1.72 38.96 -45.89
C LEU B 535 -2.03 39.47 -44.50
N THR B 536 -3.04 38.85 -43.90
CA THR B 536 -3.39 39.01 -42.50
C THR B 536 -3.19 37.70 -41.81
N ASP B 537 -2.49 37.70 -40.68
CA ASP B 537 -2.20 36.50 -39.91
C ASP B 537 -3.33 36.26 -38.92
N THR B 538 -3.96 35.07 -38.94
CA THR B 538 -5.09 34.75 -38.07
C THR B 538 -4.68 33.80 -36.94
N THR B 539 -3.38 33.52 -36.87
CA THR B 539 -2.80 32.60 -35.94
C THR B 539 -3.19 32.94 -34.53
N LEU B 540 -3.25 34.24 -34.20
CA LEU B 540 -3.59 34.65 -32.81
C LEU B 540 -5.10 34.72 -32.53
N ARG B 541 -5.95 34.39 -33.51
CA ARG B 541 -7.42 34.41 -33.27
C ARG B 541 -8.11 33.28 -33.94
N ASP B 542 -8.41 33.40 -35.21
CA ASP B 542 -9.23 32.37 -35.85
C ASP B 542 -8.57 30.95 -35.97
N ALA B 543 -7.25 30.88 -36.15
CA ALA B 543 -6.58 29.57 -36.27
C ALA B 543 -6.79 28.74 -35.02
N HIS B 544 -6.52 29.30 -33.83
CA HIS B 544 -6.72 28.52 -32.63
C HIS B 544 -8.18 28.44 -32.25
N GLN B 545 -8.99 29.37 -32.67
CA GLN B 545 -10.43 29.22 -32.43
C GLN B 545 -10.94 28.01 -33.16
N SER B 546 -10.48 27.79 -34.39
CA SER B 546 -10.87 26.61 -35.14
C SER B 546 -10.24 25.35 -34.66
N LEU B 547 -8.97 25.36 -34.27
CA LEU B 547 -8.27 24.06 -34.00
C LEU B 547 -8.18 23.65 -32.55
N LEU B 548 -8.13 24.61 -31.63
CA LEU B 548 -7.84 24.35 -30.29
C LEU B 548 -8.91 24.92 -29.37
N ALA B 549 -10.15 24.95 -29.83
CA ALA B 549 -11.26 25.48 -29.03
C ALA B 549 -10.90 26.81 -28.41
N THR B 550 -10.13 27.63 -29.14
CA THR B 550 -9.83 29.01 -28.72
C THR B 550 -9.06 29.09 -27.41
N ARG B 551 -8.37 28.03 -27.05
CA ARG B 551 -7.66 27.98 -25.80
C ARG B 551 -6.23 28.53 -25.89
N LEU B 552 -5.79 29.08 -26.98
CA LEU B 552 -4.36 29.57 -27.03
C LEU B 552 -4.17 30.74 -26.05
N ARG B 553 -3.10 30.64 -25.24
CA ARG B 553 -2.93 31.53 -24.08
C ARG B 553 -1.93 32.63 -24.33
N LEU B 554 -2.16 33.75 -23.67
CA LEU B 554 -1.27 34.88 -23.78
C LEU B 554 0.19 34.48 -23.57
N GLN B 555 0.43 33.64 -22.59
CA GLN B 555 1.76 33.29 -22.23
C GLN B 555 2.53 32.71 -23.41
N ASP B 556 1.85 31.95 -24.27
CA ASP B 556 2.47 31.46 -25.46
C ASP B 556 2.59 32.50 -26.57
N MET B 557 1.58 33.33 -26.69
CA MET B 557 1.57 34.41 -27.65
C MET B 557 2.67 35.41 -27.42
N LYS B 558 2.94 35.77 -26.17
CA LYS B 558 3.96 36.80 -25.90
C LYS B 558 5.42 36.32 -26.16
N GLY B 559 5.68 35.03 -26.18
CA GLY B 559 7.04 34.54 -26.45
C GLY B 559 7.46 34.65 -27.89
N ILE B 560 6.53 34.92 -28.80
CA ILE B 560 6.88 35.07 -30.22
C ILE B 560 6.38 36.35 -30.88
N ALA B 561 5.61 37.14 -30.14
CA ALA B 561 4.98 38.35 -30.68
C ALA B 561 5.96 39.36 -31.26
N GLN B 562 7.03 39.61 -30.55
CA GLN B 562 8.01 40.57 -31.04
C GLN B 562 8.62 40.08 -32.35
N ALA B 563 8.86 38.77 -32.45
CA ALA B 563 9.42 38.24 -33.65
C ALA B 563 8.50 38.35 -34.84
N ILE B 564 7.18 38.31 -34.61
CA ILE B 564 6.27 38.51 -35.72
C ILE B 564 6.30 39.95 -36.16
N ASP B 565 6.32 40.84 -35.18
CA ASP B 565 6.30 42.24 -35.48
C ASP B 565 7.51 42.58 -36.30
N GLN B 566 8.68 42.12 -35.88
CA GLN B 566 9.91 42.53 -36.57
C GLN B 566 10.20 41.66 -37.75
N GLY B 567 9.81 40.40 -37.67
CA GLY B 567 10.20 39.49 -38.71
C GLY B 567 9.24 39.52 -39.87
N LEU B 568 7.97 39.89 -39.64
CA LEU B 568 6.98 39.90 -40.73
C LEU B 568 6.30 41.29 -40.84
N PRO B 569 7.10 42.32 -41.11
CA PRO B 569 6.54 43.66 -41.26
C PRO B 569 5.66 43.82 -42.48
N GLU B 570 5.75 42.91 -43.43
CA GLU B 570 4.86 42.99 -44.60
C GLU B 570 3.36 42.73 -44.29
N LEU B 571 3.02 42.12 -43.16
CA LEU B 571 1.63 41.76 -42.88
C LEU B 571 0.72 42.99 -42.89
N PHE B 572 -0.41 42.89 -43.54
CA PHE B 572 -1.40 43.96 -43.45
C PHE B 572 -1.74 44.05 -41.99
N SER B 573 -2.09 42.93 -41.37
CA SER B 573 -2.49 42.96 -39.98
C SER B 573 -2.35 41.61 -39.35
N ALA B 574 -2.52 41.58 -38.02
CA ALA B 574 -2.65 40.36 -37.24
C ALA B 574 -4.01 40.36 -36.64
N GLU B 575 -4.75 39.29 -36.88
CA GLU B 575 -6.06 39.14 -36.28
C GLU B 575 -5.82 38.52 -34.93
N MET B 576 -6.09 39.28 -33.87
CA MET B 576 -5.76 38.86 -32.54
C MET B 576 -6.84 39.06 -31.48
N TRP B 577 -8.07 39.35 -31.88
CA TRP B 577 -9.08 39.64 -30.90
C TRP B 577 -10.44 39.48 -31.45
N GLY B 578 -11.42 39.44 -30.56
CA GLY B 578 -12.79 39.22 -30.96
C GLY B 578 -13.08 37.76 -31.19
N GLY B 579 -14.20 37.52 -31.83
CA GLY B 579 -14.74 36.19 -32.02
C GLY B 579 -14.95 35.62 -30.64
N ALA B 580 -14.67 34.35 -30.50
CA ALA B 580 -14.77 33.63 -29.25
C ALA B 580 -13.69 33.97 -28.23
N THR B 581 -12.62 34.63 -28.64
CA THR B 581 -11.55 34.93 -27.71
C THR B 581 -11.91 35.74 -26.49
N PHE B 582 -12.77 36.73 -26.59
CA PHE B 582 -13.11 37.55 -25.47
C PHE B 582 -13.74 36.79 -24.34
N ASP B 583 -14.72 35.99 -24.67
CA ASP B 583 -15.43 35.19 -23.74
C ASP B 583 -14.65 34.02 -23.16
N VAL B 584 -13.96 33.30 -24.01
CA VAL B 584 -13.18 32.13 -23.62
C VAL B 584 -12.03 32.47 -22.70
N ALA B 585 -11.42 33.60 -22.94
CA ALA B 585 -10.31 34.00 -22.14
C ALA B 585 -10.72 34.16 -20.70
N TYR B 586 -11.82 34.85 -20.42
CA TYR B 586 -12.28 35.01 -19.07
C TYR B 586 -12.82 33.76 -18.46
N ARG B 587 -13.68 33.10 -19.20
CA ARG B 587 -14.34 31.91 -18.77
C ARG B 587 -13.53 30.65 -18.64
N PHE B 588 -12.71 30.36 -19.60
CA PHE B 588 -11.95 29.15 -19.62
C PHE B 588 -10.49 29.23 -19.30
N LEU B 589 -9.89 30.33 -19.63
CA LEU B 589 -8.46 30.51 -19.35
C LEU B 589 -8.13 31.32 -18.10
N ASN B 590 -9.14 31.94 -17.50
CA ASN B 590 -8.99 32.81 -16.31
C ASN B 590 -7.99 33.87 -16.57
N GLU B 591 -8.06 34.44 -17.75
CA GLU B 591 -7.26 35.61 -18.07
C GLU B 591 -8.08 36.63 -18.82
N SER B 592 -7.69 37.90 -18.73
CA SER B 592 -8.43 38.93 -19.33
C SER B 592 -8.03 39.13 -20.77
N PRO B 593 -9.00 39.21 -21.67
CA PRO B 593 -8.66 39.55 -23.02
C PRO B 593 -8.11 40.96 -23.15
N TRP B 594 -8.45 41.88 -22.22
CA TRP B 594 -7.88 43.24 -22.27
C TRP B 594 -6.39 43.23 -21.92
N TYR B 595 -6.01 42.39 -20.97
CA TYR B 595 -4.60 42.23 -20.61
C TYR B 595 -3.81 41.68 -21.82
N ARG B 596 -4.40 40.69 -22.48
CA ARG B 596 -3.82 40.17 -23.70
C ARG B 596 -3.60 41.29 -24.72
N LEU B 597 -4.62 42.12 -24.94
CA LEU B 597 -4.48 43.17 -25.91
C LEU B 597 -3.36 44.15 -25.54
N ARG B 598 -3.29 44.56 -24.27
CA ARG B 598 -2.24 45.51 -23.83
C ARG B 598 -0.86 44.95 -23.92
N LYS B 599 -0.70 43.73 -23.42
CA LYS B 599 0.57 43.04 -23.50
C LYS B 599 1.04 42.88 -24.95
N LEU B 600 0.17 42.46 -25.85
CA LEU B 600 0.62 42.25 -27.22
C LEU B 600 0.81 43.59 -27.89
N ARG B 601 -0.05 44.54 -27.53
CA ARG B 601 0.06 45.84 -28.15
C ARG B 601 1.47 46.42 -27.96
N LYS B 602 1.99 46.33 -26.75
CA LYS B 602 3.33 46.82 -26.51
C LYS B 602 4.43 46.02 -27.22
N LEU B 603 4.30 44.69 -27.32
CA LEU B 603 5.31 43.88 -27.99
C LEU B 603 5.30 43.98 -29.53
N MET B 604 4.21 44.54 -30.08
CA MET B 604 4.01 44.56 -31.51
C MET B 604 3.63 45.94 -32.03
N PRO B 605 4.50 46.95 -31.79
CA PRO B 605 4.06 48.36 -32.01
C PRO B 605 3.84 48.71 -33.49
N ASN B 606 4.42 47.95 -34.41
CA ASN B 606 4.28 48.19 -35.84
C ASN B 606 3.32 47.31 -36.62
N THR B 607 2.49 46.54 -35.89
CA THR B 607 1.59 45.59 -36.55
C THR B 607 0.16 45.95 -36.31
N MET B 608 -0.59 46.21 -37.34
CA MET B 608 -2.03 46.52 -37.14
C MET B 608 -2.66 45.34 -36.50
N PHE B 609 -3.47 45.63 -35.51
CA PHE B 609 -4.17 44.63 -34.76
C PHE B 609 -5.61 44.64 -35.27
N GLN B 610 -6.11 43.48 -35.63
CA GLN B 610 -7.44 43.35 -36.12
C GLN B 610 -8.33 42.52 -35.25
N MET B 611 -9.62 42.90 -35.11
CA MET B 611 -10.58 42.10 -34.37
C MET B 611 -11.76 41.76 -35.23
N LEU B 612 -12.41 40.67 -34.90
CA LEU B 612 -13.70 40.37 -35.47
C LEU B 612 -14.73 40.95 -34.50
N PHE B 613 -15.68 41.69 -35.04
CA PHE B 613 -16.67 42.43 -34.25
C PHE B 613 -18.07 42.24 -34.82
N ARG B 614 -19.00 41.71 -34.04
CA ARG B 614 -20.38 41.59 -34.52
C ARG B 614 -21.14 42.91 -34.42
N GLY B 615 -21.66 43.37 -35.55
CA GLY B 615 -22.20 44.75 -35.65
C GLY B 615 -23.09 45.19 -34.53
N SER B 616 -24.03 44.33 -34.16
CA SER B 616 -25.01 44.69 -33.16
C SER B 616 -24.62 44.30 -31.75
N ASN B 617 -23.69 43.35 -31.58
CA ASN B 617 -23.34 42.82 -30.26
C ASN B 617 -21.89 42.86 -29.83
N ALA B 618 -21.01 43.36 -30.67
CA ALA B 618 -19.60 43.37 -30.39
C ALA B 618 -19.12 41.92 -30.22
N VAL B 619 -18.91 41.49 -28.98
CA VAL B 619 -18.38 40.14 -28.68
C VAL B 619 -19.33 39.32 -27.86
N GLY B 620 -20.56 39.82 -27.67
CA GLY B 620 -21.52 39.17 -26.73
C GLY B 620 -22.69 38.55 -27.42
N TYR B 621 -23.67 38.07 -26.64
CA TYR B 621 -24.88 37.43 -27.22
C TYR B 621 -26.21 37.93 -26.63
N GLN B 622 -26.21 39.08 -26.00
CA GLN B 622 -27.44 39.72 -25.53
C GLN B 622 -27.76 40.83 -26.51
N ASN B 623 -28.86 41.51 -26.26
CA ASN B 623 -29.27 42.65 -27.05
C ASN B 623 -28.79 43.95 -26.40
N TYR B 624 -27.69 44.50 -26.86
CA TYR B 624 -27.15 45.68 -26.21
C TYR B 624 -27.59 46.92 -26.94
N PRO B 625 -27.85 48.00 -26.21
CA PRO B 625 -28.15 49.25 -26.85
C PRO B 625 -26.96 49.89 -27.50
N ASP B 626 -27.26 50.82 -28.39
CA ASP B 626 -26.28 51.48 -29.21
C ASP B 626 -25.14 52.05 -28.45
N ASN B 627 -25.40 52.58 -27.26
CA ASN B 627 -24.34 53.34 -26.54
C ASN B 627 -23.24 52.37 -26.05
N VAL B 628 -23.66 51.15 -25.74
CA VAL B 628 -22.75 50.07 -25.36
C VAL B 628 -21.81 49.71 -26.50
N ILE B 629 -22.39 49.47 -27.67
CA ILE B 629 -21.64 49.16 -28.88
C ILE B 629 -20.62 50.26 -29.15
N GLU B 630 -21.05 51.51 -29.04
CA GLU B 630 -20.18 52.66 -29.27
C GLU B 630 -19.06 52.78 -28.26
N GLU B 631 -19.41 52.58 -27.00
CA GLU B 631 -18.39 52.63 -25.96
C GLU B 631 -17.34 51.46 -26.11
N PHE B 632 -17.81 50.26 -26.39
CA PHE B 632 -16.88 49.09 -26.63
C PHE B 632 -15.86 49.46 -27.69
N ILE B 633 -16.35 50.00 -28.79
CA ILE B 633 -15.46 50.45 -29.86
C ILE B 633 -14.47 51.52 -29.38
N ARG B 634 -14.95 52.49 -28.60
CA ARG B 634 -14.07 53.58 -28.15
C ARG B 634 -12.91 53.00 -27.33
N VAL B 635 -13.26 52.11 -26.38
CA VAL B 635 -12.25 51.55 -25.47
C VAL B 635 -11.32 50.60 -26.27
N ALA B 636 -11.88 49.77 -27.11
CA ALA B 636 -11.05 48.85 -27.94
C ALA B 636 -10.03 49.62 -28.77
N ALA B 637 -10.52 50.65 -29.42
CA ALA B 637 -9.69 51.51 -30.23
C ALA B 637 -8.63 52.20 -29.40
N HIS B 638 -9.01 52.72 -28.24
CA HIS B 638 -8.00 53.33 -27.34
C HIS B 638 -6.95 52.28 -26.92
N GLU B 639 -7.40 51.05 -26.66
CA GLU B 639 -6.48 50.04 -26.17
C GLU B 639 -5.60 49.40 -27.22
N GLY B 640 -5.78 49.76 -28.49
CA GLY B 640 -4.91 49.29 -29.56
C GLY B 640 -5.48 48.47 -30.74
N ILE B 641 -6.81 48.30 -30.80
CA ILE B 641 -7.41 47.66 -31.96
C ILE B 641 -7.40 48.68 -33.10
N ASP B 642 -6.82 48.29 -34.23
CA ASP B 642 -6.70 49.19 -35.39
C ASP B 642 -7.69 48.95 -36.49
N VAL B 643 -8.07 47.69 -36.69
CA VAL B 643 -9.01 47.29 -37.73
C VAL B 643 -10.15 46.51 -37.12
N PHE B 644 -11.36 46.90 -37.42
CA PHE B 644 -12.55 46.24 -36.91
C PHE B 644 -13.26 45.65 -38.08
N ARG B 645 -13.35 44.34 -38.10
CA ARG B 645 -14.08 43.66 -39.10
C ARG B 645 -15.49 43.46 -38.59
N ILE B 646 -16.40 44.19 -39.21
CA ILE B 646 -17.77 44.21 -38.76
C ILE B 646 -18.62 43.32 -39.60
N PHE B 647 -19.27 42.37 -38.97
CA PHE B 647 -20.15 41.53 -39.68
C PHE B 647 -21.52 41.40 -38.99
N ASP B 648 -22.49 40.87 -39.74
CA ASP B 648 -23.80 40.58 -39.16
C ASP B 648 -24.16 39.23 -39.60
N SER B 649 -24.71 38.51 -38.67
CA SER B 649 -24.99 37.15 -38.86
C SER B 649 -26.04 36.80 -39.89
N LEU B 650 -26.83 37.79 -40.32
CA LEU B 650 -27.77 37.57 -41.41
C LEU B 650 -27.48 38.46 -42.61
N ASN B 651 -26.27 39.05 -42.63
CA ASN B 651 -25.91 40.05 -43.59
C ASN B 651 -26.96 41.17 -43.62
N TRP B 652 -27.43 41.57 -42.43
CA TRP B 652 -28.41 42.63 -42.33
C TRP B 652 -27.74 43.98 -42.02
N LEU B 653 -27.71 44.84 -43.02
CA LEU B 653 -26.95 46.06 -42.98
C LEU B 653 -27.27 47.01 -41.84
N PRO B 654 -28.57 47.15 -41.48
CA PRO B 654 -28.81 48.06 -40.37
C PRO B 654 -28.05 47.69 -39.09
N GLN B 655 -27.78 46.44 -38.89
CA GLN B 655 -27.09 46.04 -37.70
C GLN B 655 -25.65 46.51 -37.71
N MET B 656 -25.13 46.89 -38.86
CA MET B 656 -23.72 47.22 -39.02
C MET B 656 -23.43 48.70 -39.10
N GLU B 657 -24.43 49.52 -39.42
CA GLU B 657 -24.20 50.96 -39.69
C GLU B 657 -23.62 51.75 -38.54
N LYS B 658 -24.17 51.62 -37.34
CA LYS B 658 -23.63 52.37 -36.20
C LYS B 658 -22.20 52.02 -35.86
N SER B 659 -21.92 50.73 -35.83
CA SER B 659 -20.57 50.25 -35.60
C SER B 659 -19.57 50.82 -36.60
N ILE B 660 -19.92 50.80 -37.87
CA ILE B 660 -19.03 51.33 -38.89
C ILE B 660 -18.76 52.81 -38.68
N GLN B 661 -19.83 53.59 -38.46
CA GLN B 661 -19.67 55.01 -38.15
C GLN B 661 -18.78 55.23 -36.89
N ALA B 662 -19.02 54.51 -35.81
CA ALA B 662 -18.18 54.70 -34.61
C ALA B 662 -16.68 54.40 -34.83
N VAL B 663 -16.39 53.37 -35.62
CA VAL B 663 -14.99 53.03 -35.88
C VAL B 663 -14.39 54.18 -36.62
N ARG B 664 -15.09 54.65 -37.65
CA ARG B 664 -14.62 55.87 -38.39
C ARG B 664 -14.40 57.03 -37.41
N ASP B 665 -15.40 57.29 -36.56
CA ASP B 665 -15.26 58.39 -35.62
C ASP B 665 -14.09 58.18 -34.68
N ASN B 666 -13.69 56.93 -34.40
CA ASN B 666 -12.51 56.76 -33.55
C ASN B 666 -11.19 56.79 -34.29
N GLY B 667 -11.22 57.13 -35.57
CA GLY B 667 -9.96 57.21 -36.33
C GLY B 667 -9.39 55.86 -36.77
N LYS B 668 -10.21 54.80 -36.73
CA LYS B 668 -9.67 53.46 -37.04
C LYS B 668 -10.24 52.95 -38.36
N ILE B 669 -9.89 51.73 -38.73
CA ILE B 669 -10.30 51.17 -40.03
C ILE B 669 -11.49 50.25 -39.86
N ALA B 670 -12.48 50.39 -40.72
CA ALA B 670 -13.67 49.58 -40.63
C ALA B 670 -13.68 48.68 -41.83
N GLU B 671 -13.81 47.35 -41.63
CA GLU B 671 -14.10 46.46 -42.75
C GLU B 671 -15.56 46.11 -42.67
N ALA B 672 -16.30 46.27 -43.74
CA ALA B 672 -17.69 45.85 -43.67
C ALA B 672 -17.75 44.50 -44.30
N THR B 673 -18.43 43.58 -43.65
CA THR B 673 -18.36 42.18 -44.05
C THR B 673 -19.64 41.59 -44.69
N ILE B 674 -19.42 40.82 -45.74
CA ILE B 674 -20.40 40.01 -46.32
C ILE B 674 -20.03 38.56 -46.01
N CYS B 675 -20.95 37.85 -45.36
CA CYS B 675 -20.79 36.45 -45.08
C CYS B 675 -21.24 35.68 -46.29
N TYR B 676 -20.37 34.75 -46.74
CA TYR B 676 -20.64 33.90 -47.90
C TYR B 676 -21.27 32.60 -47.50
N THR B 677 -22.30 32.21 -48.23
CA THR B 677 -22.99 30.92 -48.00
C THR B 677 -23.47 30.42 -49.37
N GLY B 678 -23.94 29.20 -49.43
CA GLY B 678 -24.42 28.63 -50.69
C GLY B 678 -23.28 28.45 -51.67
N ASP B 679 -23.54 28.69 -52.95
CA ASP B 679 -22.58 28.46 -54.04
C ASP B 679 -23.07 29.32 -55.19
N ILE B 680 -22.36 30.41 -55.49
CA ILE B 680 -22.78 31.25 -56.60
C ILE B 680 -22.83 30.48 -57.93
N LEU B 681 -22.16 29.32 -58.03
CA LEU B 681 -22.16 28.53 -59.26
C LEU B 681 -23.22 27.42 -59.38
N ASP B 682 -24.01 27.22 -58.33
CA ASP B 682 -25.11 26.26 -58.31
C ASP B 682 -26.39 27.02 -58.69
N PRO B 683 -26.87 26.82 -59.91
CA PRO B 683 -28.06 27.58 -60.35
C PRO B 683 -29.35 27.15 -59.62
N SER B 684 -29.34 26.01 -58.93
CA SER B 684 -30.45 25.61 -58.10
C SER B 684 -30.60 26.39 -56.79
N ARG B 685 -29.62 27.22 -56.43
CA ARG B 685 -29.74 28.02 -55.21
C ARG B 685 -29.52 29.47 -55.50
N PRO B 686 -30.45 30.06 -56.25
CA PRO B 686 -30.30 31.42 -56.74
C PRO B 686 -30.48 32.51 -55.71
N LYS B 687 -30.92 32.14 -54.52
CA LYS B 687 -31.16 33.15 -53.50
C LYS B 687 -29.86 33.89 -53.17
N TYR B 688 -28.76 33.16 -53.16
CA TYR B 688 -27.47 33.75 -52.87
C TYR B 688 -26.59 33.69 -54.11
N ASN B 689 -27.00 34.43 -55.11
CA ASN B 689 -26.32 34.42 -56.37
C ASN B 689 -25.44 35.63 -56.43
N ILE B 690 -24.71 35.76 -57.52
CA ILE B 690 -23.69 36.76 -57.60
C ILE B 690 -24.29 38.18 -57.50
N GLN B 691 -25.50 38.34 -58.00
CA GLN B 691 -26.17 39.63 -57.91
C GLN B 691 -26.43 40.02 -56.43
N TYR B 692 -26.86 39.04 -55.62
CA TYR B 692 -27.06 39.25 -54.19
C TYR B 692 -25.86 39.91 -53.55
N TYR B 693 -24.67 39.36 -53.85
CA TYR B 693 -23.45 39.88 -53.28
C TYR B 693 -23.07 41.23 -53.81
N LYS B 694 -23.25 41.45 -55.11
CA LYS B 694 -22.92 42.76 -55.68
C LYS B 694 -23.77 43.85 -55.09
N ASP B 695 -25.08 43.59 -54.96
CA ASP B 695 -26.01 44.62 -54.38
C ASP B 695 -25.60 44.96 -52.98
N LEU B 696 -25.38 43.93 -52.18
CA LEU B 696 -24.98 44.12 -50.79
C LEU B 696 -23.64 44.83 -50.74
N ALA B 697 -22.71 44.49 -51.65
CA ALA B 697 -21.41 45.20 -51.62
C ALA B 697 -21.58 46.71 -51.88
N LYS B 698 -22.51 47.08 -52.76
CA LYS B 698 -22.75 48.52 -53.05
C LYS B 698 -23.31 49.27 -51.87
N GLU B 699 -24.26 48.68 -51.19
CA GLU B 699 -24.79 49.26 -49.95
C GLU B 699 -23.69 49.38 -48.92
N LEU B 700 -22.85 48.34 -48.78
CA LEU B 700 -21.76 48.44 -47.79
C LEU B 700 -20.82 49.53 -48.12
N GLU B 701 -20.52 49.69 -49.38
CA GLU B 701 -19.67 50.81 -49.77
C GLU B 701 -20.26 52.17 -49.36
N ALA B 702 -21.57 52.31 -49.50
CA ALA B 702 -22.25 53.58 -49.17
C ALA B 702 -22.23 53.95 -47.69
N THR B 703 -22.00 52.99 -46.78
CA THR B 703 -21.83 53.31 -45.34
C THR B 703 -20.57 54.08 -45.01
N GLY B 704 -19.64 54.20 -45.93
CA GLY B 704 -18.31 54.77 -45.61
C GLY B 704 -17.26 53.81 -45.04
N ALA B 705 -17.53 52.52 -45.06
CA ALA B 705 -16.54 51.50 -44.67
C ALA B 705 -15.24 51.65 -45.47
N HIS B 706 -14.11 51.44 -44.85
CA HIS B 706 -12.86 51.54 -45.57
C HIS B 706 -12.60 50.33 -46.44
N ILE B 707 -12.99 49.14 -45.97
CA ILE B 707 -12.66 47.90 -46.72
C ILE B 707 -13.84 47.01 -46.70
N LEU B 708 -14.05 46.29 -47.80
CA LEU B 708 -15.02 45.23 -47.87
C LEU B 708 -14.36 43.87 -47.57
N ALA B 709 -14.89 43.15 -46.59
CA ALA B 709 -14.46 41.81 -46.32
C ALA B 709 -15.47 40.80 -46.83
N VAL B 710 -14.97 39.65 -47.32
CA VAL B 710 -15.82 38.54 -47.57
C VAL B 710 -15.47 37.41 -46.65
N LYS B 711 -16.43 37.00 -45.83
CA LYS B 711 -16.21 36.03 -44.78
C LYS B 711 -16.87 34.73 -45.15
N ASP B 712 -16.04 33.77 -45.55
CA ASP B 712 -16.46 32.46 -45.90
C ASP B 712 -16.20 31.55 -44.68
N MET B 713 -17.11 31.67 -43.73
CA MET B 713 -16.95 31.10 -42.39
C MET B 713 -16.95 29.60 -42.37
N ALA B 714 -17.55 28.96 -43.37
CA ALA B 714 -17.61 27.53 -43.40
C ALA B 714 -16.65 26.89 -44.41
N GLY B 715 -15.94 27.71 -45.16
CA GLY B 715 -15.02 27.23 -46.18
C GLY B 715 -15.71 26.64 -47.39
N LEU B 716 -16.78 27.26 -47.80
CA LEU B 716 -17.60 26.76 -48.91
C LEU B 716 -17.15 27.29 -50.27
N LEU B 717 -16.25 28.26 -50.32
CA LEU B 717 -15.91 28.89 -51.57
C LEU B 717 -14.95 27.98 -52.41
N LYS B 718 -15.36 27.56 -53.60
CA LYS B 718 -14.52 26.76 -54.50
C LYS B 718 -13.74 27.70 -55.37
N PRO B 719 -12.66 27.23 -55.98
CA PRO B 719 -11.80 28.23 -56.58
C PRO B 719 -12.39 28.99 -57.73
N GLN B 720 -13.22 28.35 -58.56
CA GLN B 720 -13.80 29.09 -59.69
C GLN B 720 -14.82 30.11 -59.17
N ALA B 721 -15.47 29.80 -58.06
CA ALA B 721 -16.41 30.72 -57.50
C ALA B 721 -15.67 31.85 -56.88
N ALA B 722 -14.50 31.56 -56.31
CA ALA B 722 -13.72 32.65 -55.69
C ALA B 722 -13.22 33.62 -56.73
N TYR B 723 -12.78 33.07 -57.83
CA TYR B 723 -12.38 33.92 -58.96
C TYR B 723 -13.57 34.83 -59.45
N ARG B 724 -14.72 34.22 -59.73
CA ARG B 724 -15.85 34.98 -60.26
C ARG B 724 -16.34 35.97 -59.24
N LEU B 725 -16.52 35.54 -57.98
CA LEU B 725 -17.00 36.46 -56.97
C LEU B 725 -16.08 37.65 -56.82
N ILE B 726 -14.78 37.40 -56.70
CA ILE B 726 -13.86 38.51 -56.46
C ILE B 726 -13.76 39.39 -57.69
N SER B 727 -13.63 38.76 -58.85
CA SER B 727 -13.58 39.59 -60.05
C SER B 727 -14.82 40.56 -60.20
N GLU B 728 -16.02 40.05 -59.94
CA GLU B 728 -17.22 40.84 -60.09
C GLU B 728 -17.31 41.92 -59.02
N LEU B 729 -16.87 41.62 -57.80
CA LEU B 729 -16.92 42.58 -56.74
C LEU B 729 -15.95 43.70 -57.03
N LYS B 730 -14.80 43.38 -57.59
CA LYS B 730 -13.82 44.40 -57.93
C LYS B 730 -14.33 45.31 -59.02
N ASP B 731 -15.21 44.83 -59.85
CA ASP B 731 -15.81 45.70 -60.87
C ASP B 731 -16.99 46.47 -60.35
N THR B 732 -17.44 46.19 -59.14
CA THR B 732 -18.65 46.76 -58.60
C THR B 732 -18.39 47.85 -57.57
N VAL B 733 -17.32 47.76 -56.81
CA VAL B 733 -16.98 48.76 -55.81
C VAL B 733 -15.52 49.05 -55.89
N ASP B 734 -15.13 50.19 -55.34
CA ASP B 734 -13.73 50.58 -55.31
C ASP B 734 -12.95 50.24 -54.04
N LEU B 735 -13.66 49.83 -53.01
CA LEU B 735 -12.99 49.41 -51.79
C LEU B 735 -12.11 48.23 -51.99
N PRO B 736 -10.98 48.18 -51.28
CA PRO B 736 -10.19 46.92 -51.35
C PRO B 736 -10.98 45.80 -50.74
N ILE B 737 -10.70 44.59 -51.22
CA ILE B 737 -11.41 43.41 -50.80
C ILE B 737 -10.44 42.52 -50.04
N HIS B 738 -10.89 42.14 -48.84
CA HIS B 738 -10.21 41.31 -47.92
C HIS B 738 -11.01 40.02 -47.73
N LEU B 739 -10.43 38.93 -48.24
CA LEU B 739 -11.10 37.66 -48.27
C LEU B 739 -10.58 36.71 -47.20
N HIS B 740 -11.52 36.00 -46.62
CA HIS B 740 -11.29 35.13 -45.51
C HIS B 740 -11.97 33.80 -45.73
N THR B 741 -11.19 32.72 -45.79
CA THR B 741 -11.80 31.38 -45.89
C THR B 741 -11.18 30.38 -44.92
N HIS B 742 -11.78 29.21 -44.85
CA HIS B 742 -11.26 28.13 -44.06
C HIS B 742 -10.88 27.05 -45.01
N ASP B 743 -9.95 26.21 -44.60
CA ASP B 743 -9.40 25.16 -45.47
C ASP B 743 -10.07 23.84 -45.24
N THR B 744 -11.29 23.88 -44.71
CA THR B 744 -12.00 22.72 -44.23
C THR B 744 -12.11 21.70 -45.35
N SER B 745 -12.39 22.16 -46.55
CA SER B 745 -12.57 21.24 -47.67
C SER B 745 -11.28 20.78 -48.35
N GLY B 746 -10.17 21.35 -47.95
CA GLY B 746 -8.88 21.12 -48.60
C GLY B 746 -8.64 21.99 -49.79
N ASN B 747 -9.49 22.94 -50.04
CA ASN B 747 -9.37 23.83 -51.26
C ASN B 747 -8.97 25.25 -50.96
N GLY B 748 -8.56 25.50 -49.73
CA GLY B 748 -8.23 26.84 -49.34
C GLY B 748 -7.10 27.52 -50.12
N ILE B 749 -5.98 26.84 -50.36
CA ILE B 749 -4.88 27.44 -51.08
C ILE B 749 -5.28 27.71 -52.51
N ILE B 750 -5.92 26.73 -53.14
CA ILE B 750 -6.30 26.96 -54.54
C ILE B 750 -7.37 28.03 -54.66
N THR B 751 -8.23 28.15 -53.64
CA THR B 751 -9.20 29.24 -53.65
C THR B 751 -8.52 30.60 -53.50
N TYR B 752 -7.56 30.69 -52.60
CA TYR B 752 -6.88 31.95 -52.44
C TYR B 752 -6.10 32.36 -53.68
N SER B 753 -5.54 31.33 -54.37
CA SER B 753 -4.78 31.57 -55.55
C SER B 753 -5.68 32.08 -56.67
N GLY B 754 -6.78 31.41 -56.88
CA GLY B 754 -7.83 31.93 -57.75
C GLY B 754 -8.24 33.36 -57.44
N ALA B 755 -8.43 33.65 -56.20
CA ALA B 755 -8.83 34.98 -55.81
C ALA B 755 -7.74 35.99 -56.10
N THR B 756 -6.49 35.57 -55.99
CA THR B 756 -5.38 36.46 -56.30
C THR B 756 -5.35 36.81 -57.77
N GLN B 757 -5.67 35.87 -58.64
CA GLN B 757 -5.70 36.20 -60.02
C GLN B 757 -6.85 37.16 -60.27
N ALA B 758 -7.91 37.12 -59.45
CA ALA B 758 -9.06 38.00 -59.67
C ALA B 758 -8.86 39.41 -59.09
N GLY B 759 -7.73 39.69 -58.50
CA GLY B 759 -7.48 41.00 -57.97
C GLY B 759 -7.68 41.18 -56.48
N VAL B 760 -8.04 40.14 -55.72
CA VAL B 760 -8.16 40.31 -54.28
C VAL B 760 -6.98 41.03 -53.64
N ASP B 761 -7.26 41.85 -52.67
CA ASP B 761 -6.26 42.75 -52.15
C ASP B 761 -5.57 42.19 -50.91
N ILE B 762 -6.32 41.49 -50.07
CA ILE B 762 -5.83 40.94 -48.81
C ILE B 762 -6.48 39.61 -48.55
N ILE B 763 -5.66 38.64 -48.11
CA ILE B 763 -6.19 37.34 -47.68
C ILE B 763 -5.82 36.96 -46.23
N ASP B 764 -6.69 36.19 -45.58
CA ASP B 764 -6.47 35.71 -44.19
C ASP B 764 -5.81 34.33 -44.16
N VAL B 765 -4.57 34.26 -43.68
CA VAL B 765 -3.84 33.01 -43.58
C VAL B 765 -3.36 32.75 -42.14
N ALA B 766 -3.09 31.49 -41.81
CA ALA B 766 -2.48 31.13 -40.55
C ALA B 766 -1.08 30.57 -40.81
N THR B 767 -0.27 30.56 -39.76
CA THR B 767 1.03 29.93 -39.87
C THR B 767 0.79 28.43 -40.10
N ALA B 768 1.68 27.84 -40.87
CA ALA B 768 1.58 26.44 -41.31
C ALA B 768 1.23 25.46 -40.23
N SER B 769 1.92 25.54 -39.09
CA SER B 769 1.64 24.64 -37.94
C SER B 769 0.30 24.81 -37.25
N LEU B 770 -0.40 25.90 -37.59
CA LEU B 770 -1.77 26.10 -37.10
C LEU B 770 -2.74 26.32 -38.28
N ALA B 771 -2.38 25.76 -39.41
CA ALA B 771 -3.17 25.92 -40.61
C ALA B 771 -3.76 24.60 -41.11
N GLY B 772 -4.58 24.68 -42.14
CA GLY B 772 -5.22 23.47 -42.65
C GLY B 772 -6.42 23.11 -41.79
N GLY B 773 -7.14 22.11 -42.25
CA GLY B 773 -8.35 21.61 -41.60
C GLY B 773 -9.31 22.75 -41.51
N THR B 774 -9.98 22.86 -40.37
CA THR B 774 -10.91 23.98 -40.14
C THR B 774 -10.29 25.32 -39.93
N SER B 775 -8.97 25.41 -40.04
CA SER B 775 -8.27 26.71 -39.85
C SER B 775 -8.20 27.43 -41.19
N GLN B 776 -7.40 28.48 -41.25
CA GLN B 776 -7.18 29.15 -42.49
C GLN B 776 -6.13 28.35 -43.30
N PRO B 777 -6.04 28.61 -44.59
CA PRO B 777 -4.96 28.11 -45.34
C PRO B 777 -3.60 28.68 -44.88
N SER B 778 -2.52 27.92 -45.15
CA SER B 778 -1.19 28.26 -44.72
C SER B 778 -0.61 29.48 -45.37
N MET B 779 -0.16 30.42 -44.56
CA MET B 779 0.63 31.61 -45.06
C MET B 779 1.87 31.18 -45.90
N GLN B 780 2.68 30.27 -45.37
CA GLN B 780 3.90 29.85 -46.10
C GLN B 780 3.54 29.20 -47.42
N SER B 781 2.49 28.39 -47.44
CA SER B 781 2.11 27.70 -48.66
C SER B 781 1.69 28.62 -49.80
N ILE B 782 0.91 29.66 -49.45
CA ILE B 782 0.36 30.51 -50.48
C ILE B 782 1.48 31.30 -51.09
N TYR B 783 2.49 31.64 -50.30
CA TYR B 783 3.69 32.28 -50.89
C TYR B 783 4.23 31.45 -52.04
N TYR B 784 4.43 30.17 -51.75
CA TYR B 784 5.07 29.29 -52.73
C TYR B 784 4.12 28.92 -53.84
N ALA B 785 2.78 28.91 -53.58
CA ALA B 785 1.84 28.68 -54.71
C ALA B 785 1.89 29.82 -55.73
N LEU B 786 2.16 31.02 -55.27
CA LEU B 786 2.20 32.20 -56.15
C LEU B 786 3.59 32.60 -56.64
N GLU B 787 4.62 32.05 -56.02
CA GLU B 787 6.00 32.55 -56.24
C GLU B 787 6.33 32.72 -57.74
N HIS B 788 6.00 31.71 -58.54
CA HIS B 788 6.20 31.78 -59.97
C HIS B 788 4.99 32.19 -60.78
N GLY B 789 4.03 32.85 -60.18
CA GLY B 789 2.92 33.36 -60.97
C GLY B 789 3.09 34.84 -61.24
N PRO B 790 2.10 35.43 -61.90
CA PRO B 790 2.08 36.86 -62.24
C PRO B 790 1.91 37.76 -61.05
N ARG B 791 1.52 37.24 -59.91
CA ARG B 791 1.27 38.08 -58.76
C ARG B 791 1.68 37.32 -57.53
N HIS B 792 2.52 37.96 -56.72
CA HIS B 792 3.12 37.34 -55.57
C HIS B 792 2.42 37.71 -54.31
N ALA B 793 2.73 36.95 -53.27
CA ALA B 793 2.30 37.28 -51.95
C ALA B 793 3.36 38.11 -51.26
N SER B 794 2.92 39.12 -50.50
CA SER B 794 3.88 39.97 -49.83
C SER B 794 4.16 39.45 -48.43
N ILE B 795 5.30 38.76 -48.27
CA ILE B 795 5.73 38.27 -46.99
C ILE B 795 7.22 37.87 -46.99
N ASN B 796 7.86 37.96 -45.84
CA ASN B 796 9.19 37.42 -45.68
C ASN B 796 9.05 35.97 -45.33
N VAL B 797 9.08 35.13 -46.34
CA VAL B 797 8.73 33.74 -46.13
C VAL B 797 9.77 32.96 -45.30
N LYS B 798 11.04 33.28 -45.45
CA LYS B 798 12.07 32.64 -44.61
C LYS B 798 11.86 32.96 -43.16
N ASN B 799 11.61 34.21 -42.85
CA ASN B 799 11.31 34.53 -41.48
C ASN B 799 10.05 33.82 -40.98
N ALA B 800 9.00 33.78 -41.83
CA ALA B 800 7.77 33.11 -41.50
C ALA B 800 8.03 31.64 -41.18
N GLU B 801 8.92 30.99 -41.94
CA GLU B 801 9.22 29.58 -41.69
C GLU B 801 9.89 29.39 -40.34
N GLN B 802 10.86 30.25 -40.04
CA GLN B 802 11.53 30.20 -38.74
C GLN B 802 10.54 30.40 -37.58
N ILE B 803 9.64 31.38 -37.73
CA ILE B 803 8.70 31.65 -36.68
C ILE B 803 7.76 30.47 -36.50
N ASP B 804 7.46 29.80 -37.58
CA ASP B 804 6.59 28.65 -37.48
C ASP B 804 7.08 27.53 -36.53
N HIS B 805 8.41 27.44 -36.40
CA HIS B 805 9.00 26.47 -35.51
C HIS B 805 8.57 26.69 -34.09
N TYR B 806 8.46 27.94 -33.69
CA TYR B 806 7.94 28.24 -32.34
C TYR B 806 6.52 27.69 -32.18
N TRP B 807 5.72 27.92 -33.19
CA TRP B 807 4.28 27.58 -33.06
C TRP B 807 4.09 26.09 -33.13
N GLU B 808 4.92 25.43 -33.94
CA GLU B 808 4.93 23.97 -33.99
C GLU B 808 5.20 23.35 -32.61
N ASP B 809 6.19 23.89 -31.90
CA ASP B 809 6.49 23.44 -30.53
C ASP B 809 5.36 23.83 -29.49
N VAL B 810 4.84 25.03 -29.60
CA VAL B 810 3.78 25.45 -28.67
C VAL B 810 2.49 24.64 -28.84
N ARG B 811 2.15 24.31 -30.06
CA ARG B 811 0.93 23.61 -30.30
C ARG B 811 0.88 22.32 -29.52
N LYS B 812 2.03 21.67 -29.32
CA LYS B 812 2.03 20.38 -28.59
C LYS B 812 1.51 20.49 -27.16
N TYR B 813 1.65 21.67 -26.56
CA TYR B 813 1.07 21.89 -25.22
C TYR B 813 -0.45 21.77 -25.17
N TYR B 814 -1.11 22.00 -26.29
CA TYR B 814 -2.58 22.02 -26.35
C TYR B 814 -3.21 20.71 -26.80
N ALA B 815 -2.42 19.63 -26.82
CA ALA B 815 -2.93 18.30 -27.22
C ALA B 815 -4.32 17.97 -26.63
N PRO B 816 -4.52 18.18 -25.34
CA PRO B 816 -5.88 17.84 -24.79
C PRO B 816 -7.05 18.60 -25.41
N PHE B 817 -6.81 19.70 -26.10
CA PHE B 817 -7.92 20.42 -26.68
C PHE B 817 -8.05 20.15 -28.18
N GLU B 818 -7.26 19.25 -28.73
CA GLU B 818 -7.29 19.06 -30.20
C GLU B 818 -8.64 18.40 -30.60
N ALA B 819 -9.37 19.02 -31.54
CA ALA B 819 -10.76 18.62 -32.01
C ALA B 819 -10.76 17.27 -32.70
N GLY B 820 -9.62 16.92 -33.28
CA GLY B 820 -9.33 15.59 -33.77
C GLY B 820 -8.06 15.72 -34.62
N ILE B 821 -7.87 14.80 -35.54
CA ILE B 821 -6.79 14.93 -36.54
C ILE B 821 -7.14 16.08 -37.51
N THR B 822 -6.13 16.86 -37.86
CA THR B 822 -6.27 17.96 -38.83
C THR B 822 -6.14 17.41 -40.25
N SER B 823 -7.30 17.31 -40.93
CA SER B 823 -7.41 16.77 -42.31
C SER B 823 -8.62 17.39 -43.04
N PRO B 824 -8.67 17.29 -44.40
CA PRO B 824 -9.92 17.77 -45.05
C PRO B 824 -11.24 17.00 -44.69
N GLN B 825 -12.38 17.68 -44.91
CA GLN B 825 -13.78 17.24 -44.64
C GLN B 825 -14.70 17.97 -45.65
N THR B 826 -14.92 17.36 -46.80
CA THR B 826 -15.73 17.99 -47.83
C THR B 826 -17.28 17.92 -47.59
N GLU B 827 -17.75 17.20 -46.58
CA GLU B 827 -19.15 17.21 -46.25
C GLU B 827 -19.66 18.59 -45.79
N VAL B 828 -18.76 19.52 -45.57
CA VAL B 828 -19.13 20.85 -45.22
C VAL B 828 -19.98 21.45 -46.33
N TYR B 829 -19.75 21.02 -47.57
CA TYR B 829 -20.54 21.54 -48.66
C TYR B 829 -22.03 21.12 -48.55
N MET B 830 -22.31 20.02 -47.86
CA MET B 830 -23.65 19.51 -47.64
C MET B 830 -24.29 20.25 -46.42
N HIS B 831 -23.64 20.30 -45.26
CA HIS B 831 -24.32 20.82 -44.09
C HIS B 831 -24.02 22.27 -43.81
N GLU B 832 -22.86 22.77 -44.27
CA GLU B 832 -22.53 24.21 -44.11
C GLU B 832 -22.34 24.73 -42.67
N MET B 833 -22.10 23.85 -41.72
CA MET B 833 -21.69 24.27 -40.37
C MET B 833 -20.31 24.88 -40.45
N PRO B 834 -20.13 26.08 -39.89
CA PRO B 834 -18.72 26.50 -39.61
C PRO B 834 -18.11 25.51 -38.56
N GLY B 835 -16.79 25.54 -38.32
CA GLY B 835 -16.15 24.49 -37.48
C GLY B 835 -16.59 24.42 -35.99
N GLY B 836 -16.73 25.55 -35.35
CA GLY B 836 -17.18 25.56 -33.99
C GLY B 836 -18.56 24.94 -33.92
N GLN B 837 -19.41 25.29 -34.87
CA GLN B 837 -20.79 24.80 -34.82
C GLN B 837 -20.74 23.25 -34.93
N TYR B 838 -19.67 22.72 -35.56
CA TYR B 838 -19.58 21.30 -35.83
C TYR B 838 -19.15 20.57 -34.56
N THR B 839 -18.10 21.09 -33.94
CA THR B 839 -17.62 20.52 -32.71
C THR B 839 -18.61 20.70 -31.52
N ASN B 840 -19.18 21.88 -31.37
CA ASN B 840 -20.18 22.13 -30.35
C ASN B 840 -21.37 21.24 -30.52
N LEU B 841 -21.84 21.11 -31.75
CA LEU B 841 -23.03 20.33 -31.96
C LEU B 841 -22.73 18.86 -31.64
N LYS B 842 -21.45 18.50 -31.71
CA LYS B 842 -21.00 17.15 -31.38
C LYS B 842 -21.16 16.91 -29.87
N SER B 843 -20.65 17.84 -29.04
CA SER B 843 -20.81 17.80 -27.59
C SER B 843 -22.27 17.68 -27.15
N GLN B 844 -23.14 18.51 -27.73
CA GLN B 844 -24.55 18.51 -27.41
C GLN B 844 -25.21 17.16 -27.71
N ALA B 845 -24.92 16.55 -28.86
CA ALA B 845 -25.53 15.24 -29.18
C ALA B 845 -25.05 14.13 -28.21
N ALA B 846 -23.79 14.24 -27.76
CA ALA B 846 -23.21 13.41 -26.70
C ALA B 846 -24.01 13.57 -25.39
N ALA B 847 -24.02 14.79 -24.83
CA ALA B 847 -24.73 15.10 -23.57
C ALA B 847 -26.18 14.59 -23.53
N VAL B 848 -26.74 14.25 -24.67
CA VAL B 848 -28.12 13.79 -24.75
C VAL B 848 -28.15 12.36 -25.31
N GLY B 849 -26.98 11.74 -25.40
CA GLY B 849 -26.90 10.33 -25.82
C GLY B 849 -27.24 10.06 -27.28
N LEU B 850 -26.99 11.03 -28.15
CA LEU B 850 -27.18 10.82 -29.60
C LEU B 850 -25.87 10.90 -30.42
N GLY B 851 -24.72 10.91 -29.73
CA GLY B 851 -23.41 10.87 -30.37
C GLY B 851 -23.34 9.83 -31.49
N HIS B 852 -23.97 8.68 -31.25
CA HIS B 852 -24.07 7.61 -32.25
C HIS B 852 -24.99 7.92 -33.48
N ARG B 853 -25.80 8.99 -33.43
CA ARG B 853 -26.66 9.34 -34.59
C ARG B 853 -26.24 10.68 -35.27
N PHE B 854 -24.99 11.08 -35.04
CA PHE B 854 -24.54 12.38 -35.48
C PHE B 854 -24.71 12.60 -36.98
N ASP B 855 -24.49 11.55 -37.75
CA ASP B 855 -24.61 11.63 -39.21
C ASP B 855 -26.06 11.90 -39.67
N GLU B 856 -27.03 11.50 -38.85
CA GLU B 856 -28.45 11.83 -39.06
C GLU B 856 -28.66 13.33 -38.72
N ILE B 857 -27.96 13.77 -37.67
CA ILE B 857 -27.95 15.15 -37.25
C ILE B 857 -27.40 16.15 -38.30
N LYS B 858 -26.23 15.83 -38.89
CA LYS B 858 -25.69 16.64 -39.98
C LYS B 858 -26.75 16.71 -41.08
N GLN B 859 -27.39 15.58 -41.35
CA GLN B 859 -28.44 15.51 -42.38
C GLN B 859 -29.66 16.38 -42.03
N MET B 860 -29.98 16.43 -40.74
CA MET B 860 -31.12 17.21 -40.25
C MET B 860 -30.79 18.71 -40.27
N TYR B 861 -29.54 19.04 -39.90
CA TYR B 861 -29.03 20.42 -39.89
C TYR B 861 -29.21 21.03 -41.27
N ARG B 862 -28.90 20.23 -42.27
CA ARG B 862 -29.12 20.62 -43.65
C ARG B 862 -30.61 20.83 -44.00
N LYS B 863 -31.47 19.93 -43.51
CA LYS B 863 -32.91 20.02 -43.76
C LYS B 863 -33.48 21.24 -43.06
N VAL B 864 -33.13 21.41 -41.79
CA VAL B 864 -33.54 22.55 -41.03
C VAL B 864 -33.18 23.86 -41.72
N ASN B 865 -31.96 23.94 -42.23
CA ASN B 865 -31.52 25.14 -42.91
C ASN B 865 -32.48 25.47 -44.04
N MET B 866 -32.85 24.47 -44.84
CA MET B 866 -33.80 24.66 -45.94
C MET B 866 -35.19 25.02 -45.41
N MET B 867 -35.56 24.42 -44.28
CA MET B 867 -36.87 24.62 -43.63
C MET B 867 -37.02 26.08 -43.19
N PHE B 868 -35.92 26.66 -42.71
CA PHE B 868 -35.92 28.01 -42.27
C PHE B 868 -35.76 29.04 -43.39
N GLY B 869 -35.80 28.60 -44.63
CA GLY B 869 -35.75 29.50 -45.80
C GLY B 869 -34.40 29.54 -46.51
N ASP B 870 -33.46 28.68 -46.08
CA ASP B 870 -32.05 28.71 -46.52
C ASP B 870 -31.35 29.95 -46.00
N ILE B 871 -30.71 29.83 -44.83
CA ILE B 871 -30.20 31.00 -44.16
C ILE B 871 -28.67 31.06 -44.03
N ILE B 872 -28.17 32.26 -43.78
CA ILE B 872 -26.77 32.45 -43.47
C ILE B 872 -26.49 31.90 -42.06
N LYS B 873 -25.51 30.97 -41.95
CA LYS B 873 -25.23 30.28 -40.69
C LYS B 873 -23.85 30.62 -40.22
N VAL B 874 -23.84 31.55 -39.29
CA VAL B 874 -22.65 31.99 -38.64
C VAL B 874 -23.17 32.30 -37.24
N THR B 875 -22.29 32.34 -36.27
CA THR B 875 -22.72 32.60 -34.90
C THR B 875 -23.46 33.96 -34.74
N PRO B 876 -24.67 33.93 -34.16
CA PRO B 876 -25.39 32.79 -33.53
C PRO B 876 -26.44 32.13 -34.37
N SER B 877 -26.65 32.57 -35.60
CA SER B 877 -27.61 31.90 -36.41
C SER B 877 -27.27 30.44 -36.64
N SER B 878 -25.97 30.06 -36.64
CA SER B 878 -25.65 28.61 -36.83
C SER B 878 -26.20 27.74 -35.70
N LYS B 879 -26.11 28.28 -34.50
CA LYS B 879 -26.64 27.62 -33.31
C LYS B 879 -28.18 27.41 -33.39
N VAL B 880 -28.87 28.41 -33.90
CA VAL B 880 -30.29 28.32 -34.07
C VAL B 880 -30.55 27.07 -34.87
N VAL B 881 -29.81 26.91 -35.95
CA VAL B 881 -30.08 25.74 -36.81
C VAL B 881 -29.77 24.45 -36.08
N GLY B 882 -28.68 24.46 -35.33
CA GLY B 882 -28.22 23.24 -34.63
C GLY B 882 -29.20 22.77 -33.57
N ASP B 883 -29.57 23.69 -32.69
CA ASP B 883 -30.56 23.41 -31.65
C ASP B 883 -31.82 22.81 -32.25
N MET B 884 -32.31 23.38 -33.33
CA MET B 884 -33.52 22.85 -33.94
C MET B 884 -33.36 21.43 -34.47
N ALA B 885 -32.22 21.18 -35.12
CA ALA B 885 -32.00 19.90 -35.79
C ALA B 885 -31.90 18.79 -34.76
N LEU B 886 -31.23 19.14 -33.67
CA LEU B 886 -31.04 18.30 -32.54
C LEU B 886 -32.41 17.93 -31.91
N PHE B 887 -33.16 18.98 -31.55
CA PHE B 887 -34.51 18.85 -31.07
C PHE B 887 -35.28 17.91 -31.97
N MET B 888 -35.26 18.17 -33.27
CA MET B 888 -36.06 17.35 -34.20
C MET B 888 -35.73 15.84 -34.28
N ILE B 889 -34.45 15.49 -34.19
CA ILE B 889 -34.03 14.10 -34.14
C ILE B 889 -34.48 13.52 -32.78
N GLN B 890 -34.10 14.23 -31.71
CA GLN B 890 -34.33 13.78 -30.35
C GLN B 890 -35.79 13.43 -30.05
N ASN B 891 -36.71 14.18 -30.65
CA ASN B 891 -38.12 13.93 -30.51
C ASN B 891 -38.71 13.30 -31.77
N ASP B 892 -37.90 12.57 -32.51
CA ASP B 892 -38.38 11.90 -33.71
C ASP B 892 -39.30 12.68 -34.65
N LEU B 893 -38.96 13.90 -35.00
CA LEU B 893 -39.83 14.74 -35.90
C LEU B 893 -39.32 14.96 -37.31
N THR B 894 -40.19 14.73 -38.26
CA THR B 894 -40.00 15.15 -39.65
C THR B 894 -40.39 16.61 -39.77
N GLU B 895 -40.04 17.22 -40.90
CA GLU B 895 -40.56 18.54 -41.24
C GLU B 895 -42.11 18.54 -41.21
N GLU B 896 -42.71 17.51 -41.79
CA GLU B 896 -44.16 17.28 -41.71
C GLU B 896 -44.74 17.37 -40.31
N ASP B 897 -44.15 16.62 -39.39
CA ASP B 897 -44.57 16.61 -37.99
C ASP B 897 -44.63 18.04 -37.42
N VAL B 898 -43.59 18.82 -37.69
CA VAL B 898 -43.48 20.18 -37.18
C VAL B 898 -44.64 21.06 -37.66
N TYR B 899 -45.01 20.90 -38.94
CA TYR B 899 -46.12 21.63 -39.57
C TYR B 899 -47.49 21.13 -39.10
N ALA B 900 -47.58 19.82 -38.85
CA ALA B 900 -48.79 19.21 -38.30
C ALA B 900 -48.97 19.59 -36.82
N ARG B 901 -48.08 19.15 -35.93
CA ARG B 901 -48.35 19.27 -34.48
C ARG B 901 -47.40 20.20 -33.74
N GLY B 902 -46.95 21.24 -34.43
CA GLY B 902 -45.99 22.17 -33.83
C GLY B 902 -46.64 23.05 -32.77
N ASN B 903 -47.94 23.31 -32.95
CA ASN B 903 -48.72 24.17 -32.05
C ASN B 903 -48.73 23.68 -30.61
N GLU B 904 -48.46 22.39 -30.46
CA GLU B 904 -48.38 21.77 -29.15
C GLU B 904 -46.95 21.44 -28.73
N LEU B 905 -45.97 21.94 -29.45
CA LEU B 905 -44.56 21.72 -29.07
C LEU B 905 -43.84 22.97 -28.59
N ASN B 906 -43.01 22.83 -27.56
CA ASN B 906 -42.16 23.92 -27.10
C ASN B 906 -40.79 23.89 -27.78
N PHE B 907 -40.59 24.79 -28.73
CA PHE B 907 -39.37 24.82 -29.51
C PHE B 907 -38.24 25.44 -28.73
N PRO B 908 -37.00 25.08 -29.10
CA PRO B 908 -35.85 25.59 -28.33
C PRO B 908 -35.83 27.09 -28.28
N GLU B 909 -35.34 27.61 -27.18
CA GLU B 909 -35.25 29.04 -26.97
C GLU B 909 -34.72 29.77 -28.19
N SER B 910 -33.53 29.35 -28.65
CA SER B 910 -32.78 30.08 -29.68
C SER B 910 -33.61 30.19 -30.97
N VAL B 911 -34.36 29.15 -31.28
CA VAL B 911 -35.20 29.09 -32.46
C VAL B 911 -36.37 30.06 -32.35
N VAL B 912 -36.96 30.12 -31.16
CA VAL B 912 -38.05 31.06 -30.89
C VAL B 912 -37.55 32.48 -31.08
N SER B 913 -36.44 32.81 -30.42
CA SER B 913 -35.84 34.17 -30.52
C SER B 913 -35.50 34.55 -31.95
N PHE B 914 -35.05 33.57 -32.74
CA PHE B 914 -34.74 33.84 -34.12
C PHE B 914 -36.01 34.33 -34.83
N PHE B 915 -37.06 33.54 -34.70
CA PHE B 915 -38.31 33.81 -35.36
C PHE B 915 -39.10 35.02 -34.81
N ARG B 916 -38.82 35.46 -33.59
CA ARG B 916 -39.36 36.72 -33.09
C ARG B 916 -38.63 37.91 -33.68
N GLY B 917 -37.51 37.69 -34.40
CA GLY B 917 -36.66 38.81 -34.90
C GLY B 917 -35.60 39.33 -33.96
N ASP B 918 -35.31 38.56 -32.91
CA ASP B 918 -34.29 38.99 -31.95
C ASP B 918 -32.85 38.98 -32.52
N LEU B 919 -32.59 38.23 -33.60
CA LEU B 919 -31.26 38.29 -34.25
C LEU B 919 -31.23 39.23 -35.43
N GLY B 920 -32.36 39.85 -35.72
CA GLY B 920 -32.49 40.73 -36.88
C GLY B 920 -33.31 40.04 -37.93
N GLN B 921 -33.38 40.66 -39.11
CA GLN B 921 -34.21 40.15 -40.22
C GLN B 921 -33.39 39.34 -41.25
N PRO B 922 -33.82 38.15 -41.56
CA PRO B 922 -33.05 37.40 -42.51
C PRO B 922 -33.40 37.78 -43.95
N VAL B 923 -32.53 37.38 -44.86
CA VAL B 923 -32.71 37.66 -46.29
C VAL B 923 -33.94 36.90 -46.72
N GLY B 924 -34.92 37.64 -47.30
CA GLY B 924 -36.15 37.04 -47.85
C GLY B 924 -37.23 36.74 -46.82
N GLY B 925 -37.07 37.30 -45.62
CA GLY B 925 -38.00 37.10 -44.51
C GLY B 925 -38.06 35.69 -43.95
N PHE B 926 -39.00 35.44 -43.05
CA PHE B 926 -39.22 34.11 -42.49
C PHE B 926 -40.31 33.36 -43.24
N PRO B 927 -40.24 32.02 -43.24
CA PRO B 927 -41.41 31.26 -43.69
C PRO B 927 -42.59 31.47 -42.73
N GLU B 928 -43.70 31.96 -43.28
CA GLU B 928 -44.79 32.54 -42.49
C GLU B 928 -45.48 31.55 -41.53
N LYS B 929 -45.95 30.44 -42.06
CA LYS B 929 -46.71 29.48 -41.27
C LYS B 929 -45.86 28.98 -40.10
N LEU B 930 -44.67 28.50 -40.44
CA LEU B 930 -43.70 28.02 -39.44
C LEU B 930 -43.36 29.09 -38.39
N GLN B 931 -43.17 30.31 -38.83
CA GLN B 931 -43.00 31.39 -37.87
C GLN B 931 -44.13 31.40 -36.83
N LYS B 932 -45.39 31.37 -37.28
CA LYS B 932 -46.57 31.46 -36.36
C LYS B 932 -46.51 30.32 -35.36
N ILE B 933 -46.27 29.13 -35.91
CA ILE B 933 -46.16 27.90 -35.12
C ILE B 933 -45.09 28.01 -34.04
N ILE B 934 -43.96 28.62 -34.37
CA ILE B 934 -42.83 28.68 -33.43
C ILE B 934 -43.01 29.78 -32.39
N VAL B 935 -43.37 30.97 -32.84
CA VAL B 935 -43.45 32.11 -31.94
C VAL B 935 -44.73 32.05 -31.04
N LYS B 936 -45.78 31.43 -31.58
CA LYS B 936 -47.07 31.36 -30.89
C LYS B 936 -47.54 32.75 -30.44
N ASP B 937 -47.53 33.02 -29.13
CA ASP B 937 -48.14 34.26 -28.64
C ASP B 937 -47.12 35.35 -28.31
N LYS B 938 -45.83 35.07 -28.45
CA LYS B 938 -44.82 36.07 -28.04
C LYS B 938 -44.73 37.19 -29.09
N ALA B 939 -44.16 38.30 -28.63
CA ALA B 939 -44.07 39.51 -29.42
C ALA B 939 -43.00 39.37 -30.55
N VAL B 940 -43.39 39.74 -31.76
CA VAL B 940 -42.51 39.67 -32.91
C VAL B 940 -42.09 41.09 -33.26
N ILE B 941 -40.80 41.31 -33.54
CA ILE B 941 -40.36 42.61 -34.03
C ILE B 941 -39.86 42.44 -35.45
N THR B 942 -39.86 43.55 -36.20
CA THR B 942 -39.36 43.55 -37.57
C THR B 942 -38.32 44.63 -37.79
N ASP B 943 -37.98 45.36 -36.75
CA ASP B 943 -36.98 46.42 -36.88
C ASP B 943 -35.74 45.98 -36.04
N ARG B 944 -34.78 46.87 -35.94
CA ARG B 944 -33.50 46.56 -35.31
C ARG B 944 -33.59 46.30 -33.80
N PRO B 945 -33.23 45.08 -33.35
CA PRO B 945 -33.43 44.74 -31.95
C PRO B 945 -32.87 45.73 -30.94
N GLY B 946 -31.77 46.38 -31.26
CA GLY B 946 -31.13 47.28 -30.31
C GLY B 946 -31.95 48.52 -29.99
N LEU B 947 -32.91 48.81 -30.86
CA LEU B 947 -33.88 49.89 -30.62
C LEU B 947 -34.76 49.55 -29.43
N HIS B 948 -34.92 48.26 -29.14
CA HIS B 948 -35.73 47.79 -28.03
C HIS B 948 -34.91 47.44 -26.81
N ALA B 949 -33.63 47.81 -26.79
CA ALA B 949 -32.73 47.31 -25.76
C ALA B 949 -32.93 48.12 -24.49
N GLU B 950 -33.02 47.42 -23.36
CA GLU B 950 -33.04 48.06 -22.04
C GLU B 950 -31.87 49.02 -21.92
N LYS B 951 -32.20 50.25 -21.54
CA LYS B 951 -31.22 51.34 -21.41
C LYS B 951 -30.10 50.97 -20.43
N VAL B 952 -28.93 51.56 -20.65
CA VAL B 952 -27.75 51.25 -19.83
C VAL B 952 -26.99 52.52 -19.47
N ASP B 953 -26.86 52.75 -18.18
CA ASP B 953 -26.19 53.96 -17.68
C ASP B 953 -24.84 53.52 -17.14
N PHE B 954 -23.80 53.99 -17.80
CA PHE B 954 -22.44 53.64 -17.44
C PHE B 954 -22.02 54.01 -16.04
N GLU B 955 -22.54 55.13 -15.53
CA GLU B 955 -22.23 55.51 -14.15
C GLU B 955 -22.89 54.56 -13.15
N THR B 956 -24.17 54.24 -13.37
CA THR B 956 -24.87 53.27 -12.52
C THR B 956 -24.10 51.93 -12.52
N VAL B 957 -23.86 51.39 -13.72
CA VAL B 957 -23.26 50.07 -13.86
C VAL B 957 -21.88 50.09 -13.19
N LYS B 958 -21.12 51.14 -13.42
CA LYS B 958 -19.84 51.27 -12.79
C LYS B 958 -19.89 51.19 -11.25
N ALA B 959 -20.87 51.87 -10.65
CA ALA B 959 -21.02 51.88 -9.19
C ALA B 959 -21.47 50.49 -8.68
N ASP B 960 -22.46 49.88 -9.37
CA ASP B 960 -22.87 48.49 -9.08
C ASP B 960 -21.64 47.58 -9.10
N LEU B 961 -20.81 47.74 -10.12
CA LEU B 961 -19.68 46.84 -10.31
C LEU B 961 -18.60 47.04 -9.24
N GLU B 962 -18.33 48.29 -8.87
CA GLU B 962 -17.32 48.60 -7.85
C GLU B 962 -17.67 47.98 -6.49
N GLN B 963 -18.94 48.03 -6.20
CA GLN B 963 -19.48 47.46 -5.02
C GLN B 963 -19.18 45.99 -5.06
N LYS B 964 -19.45 45.36 -6.19
CA LYS B 964 -19.26 43.90 -6.33
C LYS B 964 -17.84 43.41 -6.30
N ILE B 965 -16.89 44.19 -6.81
CA ILE B 965 -15.49 43.69 -6.91
C ILE B 965 -14.53 44.38 -5.96
N GLY B 966 -15.02 45.40 -5.25
CA GLY B 966 -14.25 46.02 -4.17
C GLY B 966 -13.10 46.93 -4.59
N TYR B 967 -13.19 47.52 -5.77
CA TYR B 967 -12.27 48.56 -6.21
C TYR B 967 -12.89 49.24 -7.43
N GLU B 968 -12.26 50.32 -7.90
CA GLU B 968 -12.87 51.17 -8.92
C GLU B 968 -12.52 50.60 -10.30
N PRO B 969 -13.53 50.12 -11.04
CA PRO B 969 -13.22 49.47 -12.32
C PRO B 969 -12.90 50.45 -13.42
N GLY B 970 -11.93 50.08 -14.24
CA GLY B 970 -11.62 50.81 -15.46
C GLY B 970 -12.74 50.70 -16.46
N ASP B 971 -12.67 51.50 -17.51
CA ASP B 971 -13.73 51.52 -18.53
C ASP B 971 -13.84 50.18 -19.25
N HIS B 972 -12.71 49.51 -19.37
CA HIS B 972 -12.65 48.19 -19.95
C HIS B 972 -13.34 47.16 -19.09
N GLU B 973 -13.19 47.27 -17.79
CA GLU B 973 -13.86 46.32 -16.92
C GLU B 973 -15.36 46.50 -16.92
N VAL B 974 -15.78 47.74 -17.07
CA VAL B 974 -17.19 48.04 -17.12
C VAL B 974 -17.81 47.44 -18.36
N ILE B 975 -17.17 47.64 -19.55
CA ILE B 975 -17.74 47.05 -20.80
C ILE B 975 -17.62 45.50 -20.71
N SER B 976 -16.55 44.93 -20.10
CA SER B 976 -16.57 43.49 -19.95
C SER B 976 -17.78 43.02 -19.19
N TYR B 977 -18.08 43.72 -18.10
CA TYR B 977 -19.18 43.29 -17.21
C TYR B 977 -20.53 43.38 -17.91
N ILE B 978 -20.68 44.41 -18.72
CA ILE B 978 -21.89 44.59 -19.49
C ILE B 978 -22.03 43.47 -20.54
N MET B 979 -20.95 43.18 -21.23
CA MET B 979 -20.94 42.12 -22.24
C MET B 979 -21.28 40.74 -21.67
N TYR B 980 -20.60 40.38 -20.58
CA TYR B 980 -20.69 39.04 -19.97
C TYR B 980 -20.71 39.20 -18.45
N PRO B 981 -21.87 39.50 -17.88
CA PRO B 981 -21.92 39.80 -16.45
C PRO B 981 -21.48 38.65 -15.52
N GLN B 982 -22.16 37.51 -15.61
CA GLN B 982 -21.83 36.39 -14.77
C GLN B 982 -20.37 35.94 -14.96
N VAL B 983 -19.93 35.86 -16.21
CA VAL B 983 -18.57 35.36 -16.51
C VAL B 983 -17.54 36.29 -15.91
N PHE B 984 -17.74 37.59 -16.09
CA PHE B 984 -16.84 38.56 -15.48
C PHE B 984 -16.83 38.39 -13.96
N LEU B 985 -17.98 38.17 -13.34
CA LEU B 985 -17.95 38.02 -11.89
C LEU B 985 -17.24 36.73 -11.51
N ASP B 986 -17.50 35.67 -12.26
CA ASP B 986 -16.83 34.39 -12.02
C ASP B 986 -15.32 34.51 -12.25
N TYR B 987 -14.88 35.31 -13.21
CA TYR B 987 -13.44 35.50 -13.42
C TYR B 987 -12.83 36.14 -12.18
N GLN B 988 -13.51 37.14 -11.64
CA GLN B 988 -13.05 37.82 -10.40
C GLN B 988 -12.92 36.88 -9.22
N LYS B 989 -13.93 36.03 -9.01
CA LYS B 989 -13.83 35.05 -7.93
C LYS B 989 -12.60 34.16 -8.16
N MET B 990 -12.34 33.78 -9.39
CA MET B 990 -11.22 32.87 -9.67
C MET B 990 -9.89 33.63 -9.45
N GLN B 991 -9.83 34.90 -9.77
CA GLN B 991 -8.62 35.69 -9.54
C GLN B 991 -8.32 35.73 -8.04
N ARG B 992 -9.38 35.93 -7.27
CA ARG B 992 -9.26 35.94 -5.81
C ARG B 992 -8.80 34.60 -5.23
N GLU B 993 -9.29 33.48 -5.77
CA GLU B 993 -8.87 32.16 -5.25
C GLU B 993 -7.50 31.71 -5.80
N PHE B 994 -7.24 31.92 -7.09
CA PHE B 994 -6.07 31.32 -7.75
C PHE B 994 -4.98 32.31 -8.21
N GLY B 995 -5.30 33.59 -8.20
CA GLY B 995 -4.35 34.59 -8.68
C GLY B 995 -4.18 34.57 -10.20
N ALA B 996 -3.07 35.14 -10.64
CA ALA B 996 -2.92 35.44 -12.03
C ALA B 996 -2.35 34.20 -12.80
N VAL B 997 -3.21 33.21 -13.03
CA VAL B 997 -2.82 31.97 -13.69
C VAL B 997 -2.35 32.17 -15.14
N THR B 998 -2.68 33.31 -15.72
CA THR B 998 -2.13 33.68 -17.03
C THR B 998 -0.62 33.59 -17.10
N LEU B 999 0.05 33.76 -15.97
CA LEU B 999 1.54 33.79 -15.91
C LEU B 999 2.20 32.43 -15.92
N LEU B 1000 1.41 31.40 -15.68
CA LEU B 1000 1.94 30.07 -15.77
C LEU B 1000 2.19 29.64 -17.20
N ASP B 1001 3.27 28.89 -17.42
CA ASP B 1001 3.48 28.15 -18.65
C ASP B 1001 2.30 27.17 -18.85
N THR B 1002 1.99 26.90 -20.08
CA THR B 1002 0.82 26.14 -20.44
C THR B 1002 0.78 24.71 -19.94
N PRO B 1003 1.85 23.93 -20.12
CA PRO B 1003 1.79 22.59 -19.45
C PRO B 1003 1.46 22.64 -17.91
N THR B 1004 2.02 23.60 -17.18
CA THR B 1004 1.77 23.70 -15.75
C THR B 1004 0.31 24.15 -15.52
N PHE B 1005 -0.14 25.07 -16.32
CA PHE B 1005 -1.51 25.56 -16.24
C PHE B 1005 -2.52 24.42 -16.36
N LEU B 1006 -2.18 23.44 -17.21
CA LEU B 1006 -3.09 22.41 -17.59
C LEU B 1006 -2.91 21.18 -16.75
N HIS B 1007 -1.69 20.89 -16.30
CA HIS B 1007 -1.45 19.64 -15.63
C HIS B 1007 -0.95 19.76 -14.19
N GLY B 1008 -0.59 20.95 -13.72
CA GLY B 1008 0.00 21.09 -12.39
C GLY B 1008 1.48 20.68 -12.47
N MET B 1009 1.94 19.89 -11.50
CA MET B 1009 3.33 19.56 -11.35
C MET B 1009 3.54 18.07 -11.10
N ARG B 1010 4.67 17.54 -11.51
CA ARG B 1010 5.13 16.22 -11.13
C ARG B 1010 6.02 16.25 -9.91
N LEU B 1011 6.05 15.12 -9.20
CA LEU B 1011 6.90 14.92 -8.07
C LEU B 1011 8.37 15.23 -8.44
N ASN B 1012 9.01 16.02 -7.61
CA ASN B 1012 10.35 16.52 -7.80
C ASN B 1012 10.51 17.54 -8.91
N GLU B 1013 9.44 17.98 -9.54
CA GLU B 1013 9.56 19.02 -10.54
C GLU B 1013 9.84 20.37 -9.94
N LYS B 1014 10.56 21.19 -10.70
CA LYS B 1014 10.81 22.55 -10.33
C LYS B 1014 10.32 23.46 -11.44
N ILE B 1015 9.51 24.46 -11.12
CA ILE B 1015 9.14 25.46 -12.08
C ILE B 1015 9.51 26.87 -11.56
N GLU B 1016 9.54 27.83 -12.46
CA GLU B 1016 9.91 29.19 -12.23
C GLU B 1016 8.78 30.02 -12.75
N VAL B 1017 8.01 30.64 -11.88
CA VAL B 1017 6.86 31.43 -12.33
C VAL B 1017 7.18 32.91 -12.22
N GLN B 1018 7.17 33.59 -13.35
CA GLN B 1018 7.50 35.01 -13.44
C GLN B 1018 6.28 35.82 -13.11
N ILE B 1019 6.12 36.25 -11.85
CA ILE B 1019 4.89 36.98 -11.41
C ILE B 1019 4.92 38.47 -11.57
N GLU B 1020 6.03 39.01 -12.00
CA GLU B 1020 6.19 40.44 -12.16
C GLU B 1020 7.53 40.60 -12.74
N LYS B 1021 7.80 41.78 -13.26
CA LYS B 1021 9.16 42.09 -13.66
C LYS B 1021 9.95 42.13 -12.35
N GLY B 1022 11.03 41.35 -12.33
CA GLY B 1022 11.86 41.27 -11.17
C GLY B 1022 11.39 40.39 -10.03
N LYS B 1023 10.30 39.62 -10.21
CA LYS B 1023 9.86 38.64 -9.21
C LYS B 1023 9.57 37.29 -9.78
N THR B 1024 10.20 36.25 -9.24
CA THR B 1024 10.01 34.91 -9.71
C THR B 1024 9.74 33.98 -8.55
N LEU B 1025 8.72 33.12 -8.69
CA LEU B 1025 8.49 32.08 -7.72
C LEU B 1025 9.17 30.84 -8.18
N SER B 1026 10.20 30.45 -7.44
CA SER B 1026 10.85 29.13 -7.66
C SER B 1026 10.19 28.03 -6.82
N ILE B 1027 9.47 27.16 -7.52
CA ILE B 1027 8.59 26.20 -6.87
C ILE B 1027 8.94 24.79 -7.20
N ARG B 1028 9.11 23.99 -6.14
CA ARG B 1028 9.49 22.60 -6.26
C ARG B 1028 8.48 21.76 -5.50
N LEU B 1029 8.01 20.67 -6.10
CA LEU B 1029 7.07 19.78 -5.44
C LEU B 1029 7.79 18.60 -4.90
N ASP B 1030 7.78 18.48 -3.56
CA ASP B 1030 8.64 17.49 -2.84
C ASP B 1030 7.91 16.27 -2.42
N GLU B 1031 6.61 16.39 -2.23
CA GLU B 1031 5.84 15.27 -1.77
C GLU B 1031 4.38 15.46 -2.06
N ILE B 1032 3.75 14.39 -2.54
CA ILE B 1032 2.30 14.31 -2.71
C ILE B 1032 1.72 13.27 -1.79
N GLY B 1033 1.16 13.69 -0.66
CA GLY B 1033 0.59 12.73 0.32
C GLY B 1033 -0.65 12.02 -0.22
N GLU B 1034 -0.92 10.85 0.34
CA GLU B 1034 -2.05 10.03 -0.06
C GLU B 1034 -3.26 10.57 0.61
N PRO B 1035 -4.43 10.40 -0.01
CA PRO B 1035 -5.62 10.98 0.59
C PRO B 1035 -6.13 10.17 1.80
N ASP B 1036 -6.62 10.84 2.83
CA ASP B 1036 -7.27 10.16 3.92
C ASP B 1036 -8.72 9.90 3.44
N LEU B 1037 -9.58 9.40 4.32
CA LEU B 1037 -10.92 8.98 3.92
C LEU B 1037 -11.84 10.14 3.60
N ALA B 1038 -11.57 11.30 4.20
CA ALA B 1038 -12.34 12.52 3.90
C ALA B 1038 -11.85 13.26 2.64
N GLY B 1039 -10.81 12.75 1.97
CA GLY B 1039 -10.27 13.39 0.76
C GLY B 1039 -9.04 14.27 0.96
N ASN B 1040 -8.70 14.55 2.22
CA ASN B 1040 -7.57 15.43 2.53
C ASN B 1040 -6.27 14.85 2.01
N ARG B 1041 -5.60 15.61 1.15
CA ARG B 1041 -4.25 15.30 0.78
C ARG B 1041 -3.36 16.45 1.15
N VAL B 1042 -2.12 16.15 1.50
CA VAL B 1042 -1.18 17.17 1.88
C VAL B 1042 -0.04 17.12 0.91
N LEU B 1043 0.26 18.24 0.30
CA LEU B 1043 1.40 18.35 -0.57
C LEU B 1043 2.41 19.25 0.10
N PHE B 1044 3.66 18.94 -0.17
CA PHE B 1044 4.73 19.69 0.41
C PHE B 1044 5.51 20.31 -0.71
N PHE B 1045 5.54 21.63 -0.71
CA PHE B 1045 6.29 22.37 -1.70
C PHE B 1045 7.51 23.02 -1.06
N ASN B 1046 8.48 23.35 -1.88
CA ASN B 1046 9.47 24.33 -1.54
C ASN B 1046 9.20 25.54 -2.39
N LEU B 1047 8.96 26.67 -1.75
CA LEU B 1047 8.75 27.91 -2.43
C LEU B 1047 9.82 28.97 -2.00
N ASN B 1048 10.68 29.35 -2.94
CA ASN B 1048 11.71 30.35 -2.67
C ASN B 1048 12.42 30.08 -1.33
N GLY B 1049 12.82 28.82 -1.15
CA GLY B 1049 13.53 28.37 0.01
C GLY B 1049 12.76 28.14 1.27
N GLN B 1050 11.44 28.33 1.25
CA GLN B 1050 10.56 27.99 2.38
C GLN B 1050 9.77 26.69 2.11
N ARG B 1051 9.76 25.78 3.09
CA ARG B 1051 8.86 24.63 3.10
C ARG B 1051 7.41 25.08 3.26
N ARG B 1052 6.53 24.61 2.38
CA ARG B 1052 5.11 25.01 2.45
C ARG B 1052 4.27 23.78 2.39
N GLU B 1053 3.33 23.70 3.28
CA GLU B 1053 2.50 22.54 3.42
C GLU B 1053 1.14 22.96 2.91
N VAL B 1054 0.61 22.23 1.93
CA VAL B 1054 -0.63 22.63 1.29
C VAL B 1054 -1.63 21.51 1.28
N VAL B 1055 -2.81 21.80 1.82
CA VAL B 1055 -3.88 20.84 1.88
C VAL B 1055 -4.77 21.12 0.71
N ILE B 1056 -5.07 20.08 -0.03
CA ILE B 1056 -6.06 20.10 -1.10
C ILE B 1056 -7.02 18.90 -0.94
N ASN B 1057 -8.28 19.12 -1.29
CA ASN B 1057 -9.24 18.04 -1.25
C ASN B 1057 -9.31 17.24 -2.54
N ASP B 1058 -9.12 15.93 -2.43
CA ASP B 1058 -9.11 15.04 -3.57
C ASP B 1058 -10.55 14.67 -3.92
N GLN B 1059 -11.06 15.25 -4.99
CA GLN B 1059 -12.43 15.14 -5.47
C GLN B 1059 -12.86 13.74 -5.84
N SER B 1060 -11.94 12.94 -6.34
CA SER B 1060 -12.24 11.60 -6.69
C SER B 1060 -12.64 10.81 -5.46
N VAL B 1061 -12.00 11.06 -4.35
CA VAL B 1061 -12.34 10.37 -3.12
C VAL B 1061 -13.75 10.73 -2.70
N GLN B 1062 -14.09 11.98 -2.82
CA GLN B 1062 -15.40 12.46 -2.47
C GLN B 1062 -16.51 11.88 -3.28
N ALA B 1063 -16.22 11.65 -4.55
CA ALA B 1063 -17.20 11.19 -5.48
C ALA B 1063 -17.39 9.71 -5.52
N GLN B 1064 -16.68 9.00 -4.68
CA GLN B 1064 -16.71 7.55 -4.68
C GLN B 1064 -18.01 6.82 -4.50
N VAL B 1065 -18.16 5.77 -5.29
CA VAL B 1065 -19.32 4.90 -5.11
C VAL B 1065 -19.16 4.24 -3.74
N VAL B 1066 -19.92 4.66 -2.72
CA VAL B 1066 -19.88 4.02 -1.37
C VAL B 1066 -20.83 2.82 -1.34
N ALA B 1067 -20.28 1.62 -1.30
CA ALA B 1067 -21.11 0.40 -1.37
C ALA B 1067 -22.13 0.30 -0.21
N LYS B 1068 -23.23 -0.40 -0.48
CA LYS B 1068 -24.21 -0.68 0.55
C LYS B 1068 -23.69 -1.80 1.45
N ARG B 1069 -23.93 -1.65 2.74
CA ARG B 1069 -23.69 -2.73 3.67
C ARG B 1069 -24.42 -4.00 3.22
N LYS B 1070 -23.70 -5.10 3.19
CA LYS B 1070 -24.29 -6.39 2.86
C LYS B 1070 -24.70 -7.16 4.09
N ALA B 1071 -25.69 -8.02 3.91
CA ALA B 1071 -26.12 -8.95 4.95
C ALA B 1071 -25.09 -10.03 5.11
N GLU B 1072 -24.80 -10.37 6.36
CA GLU B 1072 -23.75 -11.30 6.67
C GLU B 1072 -24.19 -12.71 6.32
N THR B 1073 -23.31 -13.45 5.66
CA THR B 1073 -23.71 -14.78 5.19
C THR B 1073 -23.90 -15.71 6.39
N GLY B 1074 -25.08 -16.32 6.45
CA GLY B 1074 -25.42 -17.28 7.48
C GLY B 1074 -25.92 -16.67 8.78
N ASN B 1075 -26.09 -15.36 8.77
CA ASN B 1075 -26.55 -14.68 9.95
C ASN B 1075 -28.02 -14.50 9.84
N PRO B 1076 -28.77 -15.28 10.59
CA PRO B 1076 -30.21 -15.19 10.41
C PRO B 1076 -30.84 -13.98 11.07
N ASN B 1077 -30.06 -13.18 11.78
CA ASN B 1077 -30.55 -11.88 12.28
C ASN B 1077 -30.56 -10.81 11.21
N GLN B 1078 -29.92 -11.08 10.07
CA GLN B 1078 -29.83 -10.05 9.03
C GLN B 1078 -30.50 -10.54 7.75
N ILE B 1079 -31.41 -9.71 7.25
CA ILE B 1079 -32.15 -10.04 6.05
C ILE B 1079 -31.62 -9.26 4.86
N GLY B 1080 -31.12 -9.99 3.89
CA GLY B 1080 -30.50 -9.36 2.74
C GLY B 1080 -31.38 -9.54 1.55
N ALA B 1081 -31.23 -8.66 0.59
CA ALA B 1081 -31.98 -8.77 -0.66
C ALA B 1081 -31.63 -10.04 -1.41
N THR B 1082 -32.65 -10.78 -1.79
CA THR B 1082 -32.52 -12.04 -2.53
C THR B 1082 -32.34 -11.81 -4.04
N MET B 1083 -32.75 -10.65 -4.54
CA MET B 1083 -32.59 -10.30 -5.97
C MET B 1083 -32.66 -8.79 -6.17
N PRO B 1084 -32.11 -8.30 -7.30
CA PRO B 1084 -32.04 -6.83 -7.50
C PRO B 1084 -33.42 -6.24 -7.71
N GLY B 1085 -33.61 -4.98 -7.36
CA GLY B 1085 -34.94 -4.40 -7.44
C GLY B 1085 -35.04 -3.11 -6.67
N SER B 1086 -36.17 -2.92 -5.98
CA SER B 1086 -36.34 -1.74 -5.12
C SER B 1086 -37.34 -1.90 -3.96
N VAL B 1087 -37.27 -0.97 -3.03
CA VAL B 1087 -38.09 -0.97 -1.83
C VAL B 1087 -39.36 -0.14 -2.03
N LEU B 1088 -40.51 -0.82 -2.07
CA LEU B 1088 -41.80 -0.13 -2.18
C LEU B 1088 -42.25 0.45 -0.86
N GLU B 1089 -42.39 -0.38 0.16
CA GLU B 1089 -42.88 0.11 1.45
C GLU B 1089 -42.19 -0.51 2.69
N ILE B 1090 -42.05 0.32 3.73
CA ILE B 1090 -41.47 -0.08 5.01
C ILE B 1090 -42.54 -0.07 6.08
N LEU B 1091 -42.80 -1.22 6.67
CA LEU B 1091 -43.94 -1.39 7.58
C LEU B 1091 -43.59 -1.29 9.06
N VAL B 1092 -42.30 -1.24 9.37
CA VAL B 1092 -41.85 -1.35 10.75
C VAL B 1092 -40.70 -0.40 10.94
N LYS B 1093 -40.37 -0.09 12.19
CA LYS B 1093 -39.26 0.82 12.48
C LYS B 1093 -38.39 0.32 13.63
N ALA B 1094 -37.27 1.00 13.83
CA ALA B 1094 -36.31 0.64 14.88
C ALA B 1094 -36.95 0.66 16.25
N GLY B 1095 -36.81 -0.45 16.96
CA GLY B 1095 -37.38 -0.60 18.29
C GLY B 1095 -38.57 -1.53 18.32
N ASP B 1096 -39.32 -1.64 17.20
CA ASP B 1096 -40.59 -2.36 17.21
C ASP B 1096 -40.41 -3.82 17.59
N LYS B 1097 -41.36 -4.35 18.36
CA LYS B 1097 -41.41 -5.78 18.64
C LYS B 1097 -42.23 -6.41 17.56
N VAL B 1098 -41.90 -7.64 17.20
CA VAL B 1098 -42.40 -8.24 15.99
C VAL B 1098 -42.50 -9.75 16.15
N GLN B 1099 -43.39 -10.35 15.36
CA GLN B 1099 -43.71 -11.76 15.48
C GLN B 1099 -43.35 -12.52 14.24
N LYS B 1100 -43.06 -13.82 14.41
CA LYS B 1100 -42.71 -14.66 13.27
C LYS B 1100 -43.79 -14.55 12.21
N GLY B 1101 -43.37 -14.40 10.96
CA GLY B 1101 -44.32 -14.30 9.85
C GLY B 1101 -44.82 -12.89 9.54
N GLN B 1102 -44.79 -12.00 10.53
CA GLN B 1102 -45.27 -10.61 10.35
C GLN B 1102 -44.55 -9.86 9.23
N ALA B 1103 -45.30 -9.08 8.46
CA ALA B 1103 -44.74 -8.38 7.31
C ALA B 1103 -43.90 -7.19 7.78
N LEU B 1104 -42.71 -7.06 7.22
CA LEU B 1104 -41.76 -6.01 7.63
C LEU B 1104 -41.59 -4.97 6.56
N MET B 1105 -41.58 -5.41 5.30
CA MET B 1105 -41.44 -4.52 4.18
C MET B 1105 -41.83 -5.22 2.90
N VAL B 1106 -42.03 -4.42 1.86
CA VAL B 1106 -42.37 -4.92 0.53
C VAL B 1106 -41.34 -4.43 -0.43
N THR B 1107 -40.93 -5.34 -1.33
CA THR B 1107 -39.92 -5.00 -2.34
C THR B 1107 -40.32 -5.49 -3.73
N GLU B 1108 -39.73 -4.89 -4.73
CA GLU B 1108 -40.03 -5.25 -6.07
C GLU B 1108 -38.85 -5.74 -6.85
N ALA B 1109 -39.09 -6.74 -7.67
CA ALA B 1109 -38.08 -7.27 -8.56
C ALA B 1109 -38.83 -7.54 -9.85
N MET B 1110 -38.53 -6.80 -10.89
CA MET B 1110 -39.22 -7.00 -12.14
C MET B 1110 -40.68 -6.75 -11.92
N LYS B 1111 -40.95 -5.86 -10.99
CA LYS B 1111 -42.28 -5.46 -10.68
C LYS B 1111 -43.15 -6.56 -10.11
N MET B 1112 -42.50 -7.58 -9.59
CA MET B 1112 -43.20 -8.64 -8.96
C MET B 1112 -43.05 -8.10 -7.57
N GLU B 1113 -43.93 -8.45 -6.67
CA GLU B 1113 -43.85 -7.92 -5.34
C GLU B 1113 -43.61 -8.94 -4.30
N THR B 1114 -42.59 -8.69 -3.50
CA THR B 1114 -42.32 -9.63 -2.42
C THR B 1114 -42.46 -8.91 -1.08
N THR B 1115 -43.03 -9.64 -0.13
CA THR B 1115 -43.21 -9.16 1.21
C THR B 1115 -42.15 -9.83 2.06
N ILE B 1116 -41.33 -9.03 2.72
CA ILE B 1116 -40.32 -9.54 3.60
C ILE B 1116 -40.95 -9.83 4.97
N GLU B 1117 -40.87 -11.09 5.37
CA GLU B 1117 -41.41 -11.56 6.65
C GLU B 1117 -40.34 -11.76 7.73
N ALA B 1118 -40.72 -11.56 8.99
CA ALA B 1118 -39.85 -11.79 10.12
C ALA B 1118 -39.59 -13.28 10.26
N PRO B 1119 -38.31 -13.70 10.32
CA PRO B 1119 -37.99 -15.14 10.43
C PRO B 1119 -38.36 -15.77 11.79
N PHE B 1120 -38.59 -14.93 12.80
CA PHE B 1120 -38.94 -15.39 14.15
C PHE B 1120 -39.36 -14.19 14.99
N ASP B 1121 -39.84 -14.43 16.19
CA ASP B 1121 -40.17 -13.34 17.09
C ASP B 1121 -38.90 -12.62 17.46
N GLY B 1122 -39.00 -11.31 17.62
CA GLY B 1122 -37.89 -10.53 18.11
C GLY B 1122 -38.17 -9.05 17.96
N GLU B 1123 -37.12 -8.28 18.15
CA GLU B 1123 -37.22 -6.84 18.17
C GLU B 1123 -36.40 -6.32 17.02
N ILE B 1124 -36.98 -5.42 16.23
CA ILE B 1124 -36.26 -4.76 15.14
C ILE B 1124 -35.14 -3.93 15.75
N VAL B 1125 -33.97 -4.02 15.15
CA VAL B 1125 -32.78 -3.33 15.64
C VAL B 1125 -32.61 -2.04 14.87
N ASP B 1126 -32.61 -2.14 13.55
CA ASP B 1126 -32.49 -0.99 12.66
C ASP B 1126 -32.89 -1.35 11.26
N LEU B 1127 -33.29 -0.32 10.51
CA LEU B 1127 -33.42 -0.44 9.08
C LEU B 1127 -32.17 0.06 8.40
N HIS B 1128 -31.97 -0.41 7.18
CA HIS B 1128 -30.79 -0.02 6.42
C HIS B 1128 -31.15 0.38 5.01
N VAL B 1129 -32.43 0.59 4.77
CA VAL B 1129 -32.92 1.15 3.50
C VAL B 1129 -34.01 2.17 3.80
N VAL B 1130 -34.30 2.97 2.79
CA VAL B 1130 -35.29 4.04 2.86
C VAL B 1130 -36.33 3.74 1.78
N LYS B 1131 -37.50 4.37 1.89
CA LYS B 1131 -38.58 4.16 0.93
C LYS B 1131 -38.11 4.46 -0.50
N GLY B 1132 -38.49 3.60 -1.44
CA GLY B 1132 -38.13 3.79 -2.85
C GLY B 1132 -36.64 3.74 -3.19
N GLU B 1133 -35.82 3.18 -2.30
CA GLU B 1133 -34.39 3.05 -2.54
C GLU B 1133 -34.10 1.81 -3.40
N ALA B 1134 -33.09 1.90 -4.25
CA ALA B 1134 -32.72 0.79 -5.13
C ALA B 1134 -31.81 -0.18 -4.37
N ILE B 1135 -31.90 -1.46 -4.71
CA ILE B 1135 -31.17 -2.50 -3.96
C ILE B 1135 -30.61 -3.55 -4.89
N GLN B 1136 -29.41 -4.01 -4.56
CA GLN B 1136 -28.76 -5.14 -5.24
C GLN B 1136 -28.78 -6.40 -4.36
N THR B 1137 -28.68 -7.56 -5.00
CA THR B 1137 -28.66 -8.80 -4.29
C THR B 1137 -27.62 -8.79 -3.17
N GLN B 1138 -28.02 -9.25 -1.97
CA GLN B 1138 -27.22 -9.27 -0.72
C GLN B 1138 -27.25 -7.98 0.08
N ASP B 1139 -27.80 -6.91 -0.49
CA ASP B 1139 -27.90 -5.65 0.25
C ASP B 1139 -28.64 -5.88 1.55
N LEU B 1140 -28.12 -5.32 2.62
CA LEU B 1140 -28.75 -5.48 3.93
C LEU B 1140 -29.97 -4.59 4.10
N LEU B 1141 -31.12 -5.19 4.33
CA LEU B 1141 -32.36 -4.47 4.44
C LEU B 1141 -32.68 -4.11 5.88
N ILE B 1142 -32.64 -5.10 6.73
CA ILE B 1142 -33.13 -4.95 8.09
C ILE B 1142 -32.48 -5.96 9.01
N GLU B 1143 -32.19 -5.50 10.23
CA GLU B 1143 -31.60 -6.36 11.24
C GLU B 1143 -32.63 -6.65 12.33
N ILE B 1144 -32.59 -7.87 12.85
CA ILE B 1144 -33.49 -8.27 13.93
C ILE B 1144 -32.74 -8.90 15.12
N ASN B 1145 -33.31 -8.70 16.31
CA ASN B 1145 -32.86 -9.35 17.53
C ASN B 1145 -34.03 -10.05 18.19
N GLY C 1 -40.83 -44.30 -51.77
CA GLY C 1 -39.42 -44.85 -51.73
C GLY C 1 -38.39 -43.87 -52.34
N LEU C 2 -38.79 -42.61 -52.50
CA LEU C 2 -37.97 -41.58 -53.16
C LEU C 2 -37.15 -40.81 -52.14
N VAL C 3 -35.83 -40.89 -52.27
CA VAL C 3 -34.92 -40.16 -51.41
C VAL C 3 -34.56 -38.78 -52.02
N PRO C 4 -34.72 -37.69 -51.28
CA PRO C 4 -34.36 -36.38 -51.86
C PRO C 4 -32.90 -36.33 -52.30
N ARG C 5 -32.62 -35.54 -53.34
CA ARG C 5 -31.27 -35.36 -53.82
C ARG C 5 -30.54 -34.60 -52.72
N GLY C 6 -29.24 -34.86 -52.57
CA GLY C 6 -28.43 -34.15 -51.56
C GLY C 6 -28.61 -34.70 -50.15
N SER C 7 -29.08 -35.93 -50.00
CA SER C 7 -29.22 -36.55 -48.70
C SER C 7 -27.92 -36.99 -48.03
N HIS C 8 -26.82 -37.13 -48.76
CA HIS C 8 -25.54 -37.43 -48.15
C HIS C 8 -25.05 -36.22 -47.26
N MET C 9 -24.54 -36.53 -46.07
CA MET C 9 -24.10 -35.54 -45.07
C MET C 9 -22.64 -35.71 -44.69
N LYS C 10 -21.92 -34.60 -44.54
CA LYS C 10 -20.63 -34.55 -43.81
C LYS C 10 -20.68 -33.62 -42.58
N LYS C 11 -21.59 -32.63 -42.59
CA LYS C 11 -21.67 -31.62 -41.59
C LYS C 11 -23.10 -31.21 -41.28
N LEU C 12 -23.42 -31.12 -39.99
CA LEU C 12 -24.75 -30.84 -39.59
C LEU C 12 -24.78 -29.67 -38.61
N LEU C 13 -25.82 -28.85 -38.69
CA LEU C 13 -25.97 -27.61 -37.87
C LEU C 13 -27.23 -27.69 -37.07
N VAL C 14 -27.15 -27.38 -35.78
CA VAL C 14 -28.32 -27.49 -34.96
C VAL C 14 -28.88 -26.08 -34.79
N ALA C 15 -30.10 -25.88 -35.24
CA ALA C 15 -30.81 -24.62 -35.06
C ALA C 15 -31.51 -24.62 -33.72
N ASN C 16 -30.72 -24.58 -32.67
CA ASN C 16 -31.25 -24.65 -31.32
C ASN C 16 -30.10 -24.37 -30.37
N ARG C 17 -30.29 -24.71 -29.10
CA ARG C 17 -29.35 -24.35 -28.04
C ARG C 17 -29.55 -25.31 -26.89
N GLY C 18 -28.61 -25.31 -25.96
CA GLY C 18 -28.83 -26.04 -24.74
C GLY C 18 -28.75 -27.54 -24.88
N GLU C 19 -29.51 -28.22 -24.02
CA GLU C 19 -29.33 -29.66 -23.89
C GLU C 19 -29.63 -30.33 -25.21
N ILE C 20 -30.70 -29.93 -25.88
CA ILE C 20 -31.04 -30.64 -27.11
C ILE C 20 -30.00 -30.48 -28.21
N ALA C 21 -29.33 -29.32 -28.25
CA ALA C 21 -28.20 -29.12 -29.20
C ALA C 21 -27.04 -30.04 -28.84
N VAL C 22 -26.66 -30.10 -27.56
CA VAL C 22 -25.61 -31.02 -27.12
C VAL C 22 -25.98 -32.52 -27.44
N ARG C 23 -27.21 -32.89 -27.15
CA ARG C 23 -27.72 -34.21 -27.51
C ARG C 23 -27.55 -34.52 -29.03
N VAL C 24 -27.92 -33.58 -29.88
CA VAL C 24 -27.72 -33.79 -31.32
C VAL C 24 -26.24 -33.83 -31.71
N PHE C 25 -25.42 -32.99 -31.13
CA PHE C 25 -24.00 -33.04 -31.48
C PHE C 25 -23.35 -34.38 -31.15
N ARG C 26 -23.69 -34.91 -29.99
CA ARG C 26 -23.22 -36.21 -29.61
C ARG C 26 -23.56 -37.34 -30.62
N ALA C 27 -24.80 -37.38 -31.06
CA ALA C 27 -25.22 -38.30 -32.10
C ALA C 27 -24.43 -38.04 -33.38
N CYS C 28 -24.30 -36.77 -33.75
CA CYS C 28 -23.54 -36.48 -34.97
C CYS C 28 -22.14 -37.04 -34.90
N ASN C 29 -21.45 -36.77 -33.82
CA ASN C 29 -20.08 -37.14 -33.70
C ASN C 29 -19.94 -38.66 -33.77
N GLU C 30 -20.88 -39.36 -33.13
CA GLU C 30 -20.87 -40.82 -33.12
C GLU C 30 -21.14 -41.37 -34.53
N LEU C 31 -21.82 -40.58 -35.34
CA LEU C 31 -22.04 -40.91 -36.77
C LEU C 31 -21.00 -40.36 -37.69
N GLY C 32 -19.94 -39.76 -37.18
CA GLY C 32 -18.84 -39.30 -38.05
C GLY C 32 -19.14 -37.99 -38.76
N LEU C 33 -20.16 -37.25 -38.33
CA LEU C 33 -20.48 -35.93 -38.88
C LEU C 33 -19.87 -34.81 -38.06
N SER C 34 -19.48 -33.74 -38.74
CA SER C 34 -18.98 -32.56 -38.06
C SER C 34 -20.18 -31.72 -37.72
N THR C 35 -20.04 -30.83 -36.76
CA THR C 35 -21.18 -30.12 -36.24
C THR C 35 -20.94 -28.62 -36.20
N VAL C 36 -22.05 -27.89 -36.24
CA VAL C 36 -22.03 -26.46 -36.21
C VAL C 36 -23.11 -25.96 -35.26
N ALA C 37 -22.72 -25.08 -34.32
CA ALA C 37 -23.66 -24.46 -33.40
C ALA C 37 -23.95 -23.05 -33.82
N VAL C 38 -25.13 -22.57 -33.45
CA VAL C 38 -25.45 -21.16 -33.48
C VAL C 38 -25.74 -20.67 -32.04
N TYR C 39 -25.39 -19.43 -31.75
CA TYR C 39 -25.67 -18.84 -30.44
C TYR C 39 -25.99 -17.38 -30.51
N ALA C 40 -26.94 -16.95 -29.69
CA ALA C 40 -27.15 -15.53 -29.49
C ALA C 40 -26.05 -14.98 -28.58
N ARG C 41 -25.77 -13.68 -28.71
CA ARG C 41 -24.74 -12.98 -27.88
C ARG C 41 -24.92 -13.24 -26.37
N GLU C 42 -26.14 -13.13 -25.91
CA GLU C 42 -26.48 -13.35 -24.50
C GLU C 42 -26.35 -14.78 -24.07
N ASP C 43 -26.31 -15.70 -25.03
CA ASP C 43 -26.21 -17.14 -24.75
C ASP C 43 -24.82 -17.54 -24.99
N GLU C 44 -23.89 -16.59 -25.00
CA GLU C 44 -22.54 -16.95 -25.49
C GLU C 44 -21.76 -17.86 -24.57
N TYR C 45 -22.24 -18.05 -23.36
CA TYR C 45 -21.55 -18.96 -22.46
C TYR C 45 -22.18 -20.38 -22.41
N SER C 46 -23.14 -20.64 -23.32
CA SER C 46 -23.87 -21.91 -23.35
C SER C 46 -22.93 -23.02 -23.75
N VAL C 47 -22.93 -24.08 -22.98
CA VAL C 47 -22.16 -25.30 -23.23
C VAL C 47 -22.29 -25.73 -24.69
N HIS C 48 -23.49 -25.71 -25.24
CA HIS C 48 -23.64 -26.17 -26.64
C HIS C 48 -22.72 -25.46 -27.60
N ARG C 49 -22.42 -24.18 -27.34
CA ARG C 49 -21.53 -23.46 -28.25
C ARG C 49 -20.18 -24.12 -28.33
N PHE C 50 -19.69 -24.64 -27.22
CA PHE C 50 -18.32 -25.20 -27.18
C PHE C 50 -18.25 -26.67 -27.44
N LYS C 51 -19.42 -27.29 -27.57
CA LYS C 51 -19.46 -28.70 -27.93
C LYS C 51 -19.46 -28.94 -29.44
N ALA C 52 -19.79 -27.93 -30.23
CA ALA C 52 -19.80 -28.10 -31.68
C ALA C 52 -18.38 -27.99 -32.22
N ASP C 53 -18.15 -28.50 -33.41
CA ASP C 53 -16.81 -28.33 -34.04
C ASP C 53 -16.57 -26.88 -34.47
N GLU C 54 -17.65 -26.15 -34.67
CA GLU C 54 -17.66 -24.76 -35.11
C GLU C 54 -18.87 -24.13 -34.55
N SER C 55 -18.80 -22.82 -34.34
CA SER C 55 -19.99 -22.10 -33.91
C SER C 55 -19.96 -20.69 -34.41
N TYR C 56 -21.16 -20.10 -34.55
CA TYR C 56 -21.33 -18.80 -35.14
C TYR C 56 -22.39 -18.08 -34.38
N LEU C 57 -22.12 -16.80 -34.15
CA LEU C 57 -23.08 -15.89 -33.58
C LEU C 57 -24.15 -15.64 -34.56
N ILE C 58 -25.39 -15.66 -34.10
CA ILE C 58 -26.50 -15.23 -34.89
C ILE C 58 -27.38 -14.17 -34.23
N GLY C 59 -28.25 -13.58 -35.02
CA GLY C 59 -29.25 -12.61 -34.51
C GLY C 59 -28.67 -11.32 -33.93
N GLN C 60 -27.50 -10.91 -34.41
CA GLN C 60 -26.89 -9.67 -33.94
C GLN C 60 -27.86 -8.50 -33.83
N GLY C 61 -27.83 -7.85 -32.65
CA GLY C 61 -28.70 -6.71 -32.34
C GLY C 61 -30.13 -7.04 -31.96
N LYS C 62 -30.52 -8.32 -32.03
CA LYS C 62 -31.91 -8.69 -31.64
C LYS C 62 -32.00 -9.10 -30.19
N LYS C 63 -33.21 -9.17 -29.68
CA LYS C 63 -33.48 -9.87 -28.43
C LYS C 63 -33.14 -11.35 -28.52
N PRO C 64 -32.78 -11.97 -27.38
CA PRO C 64 -32.13 -13.27 -27.54
C PRO C 64 -33.03 -14.38 -28.11
N ILE C 65 -34.29 -14.43 -27.71
CA ILE C 65 -35.14 -15.43 -28.26
C ILE C 65 -35.39 -15.17 -29.74
N ASP C 66 -35.62 -13.91 -30.10
CA ASP C 66 -35.74 -13.59 -31.54
C ASP C 66 -34.51 -14.03 -32.32
N ALA C 67 -33.34 -13.97 -31.70
CA ALA C 67 -32.16 -14.44 -32.41
C ALA C 67 -32.32 -15.92 -32.83
N TYR C 68 -32.85 -16.76 -31.96
CA TYR C 68 -32.97 -18.18 -32.25
C TYR C 68 -34.14 -18.49 -33.22
N LEU C 69 -35.00 -17.50 -33.43
CA LEU C 69 -36.07 -17.56 -34.40
C LEU C 69 -35.70 -16.85 -35.70
N ASP C 70 -34.46 -16.42 -35.86
CA ASP C 70 -34.03 -15.68 -37.06
C ASP C 70 -33.69 -16.69 -38.18
N ILE C 71 -34.73 -17.09 -38.88
CA ILE C 71 -34.62 -18.03 -40.02
C ILE C 71 -33.53 -17.72 -41.02
N ASP C 72 -33.49 -16.48 -41.53
CA ASP C 72 -32.54 -16.14 -42.58
C ASP C 72 -31.15 -16.15 -42.07
N ASP C 73 -30.95 -15.72 -40.81
CA ASP C 73 -29.57 -15.71 -40.29
C ASP C 73 -29.00 -17.14 -40.02
N ILE C 74 -29.85 -18.03 -39.56
CA ILE C 74 -29.51 -19.44 -39.37
C ILE C 74 -29.14 -20.11 -40.70
N ILE C 75 -29.95 -19.86 -41.71
CA ILE C 75 -29.63 -20.39 -43.06
C ILE C 75 -28.32 -19.81 -43.57
N ARG C 76 -28.10 -18.51 -43.32
CA ARG C 76 -26.84 -17.87 -43.71
C ARG C 76 -25.65 -18.66 -43.13
N VAL C 77 -25.74 -19.00 -41.83
CA VAL C 77 -24.64 -19.73 -41.20
C VAL C 77 -24.47 -21.14 -41.80
N ALA C 78 -25.58 -21.83 -42.01
CA ALA C 78 -25.49 -23.20 -42.63
C ALA C 78 -24.76 -23.15 -43.97
N LEU C 79 -25.13 -22.16 -44.79
CA LEU C 79 -24.49 -22.04 -46.13
C LEU C 79 -23.06 -21.61 -46.05
N GLU C 80 -22.74 -20.65 -45.19
CA GLU C 80 -21.35 -20.18 -45.05
C GLU C 80 -20.45 -21.24 -44.49
N SER C 81 -21.00 -22.09 -43.60
CA SER C 81 -20.17 -23.09 -42.95
C SER C 81 -20.05 -24.36 -43.78
N GLY C 82 -20.86 -24.49 -44.82
CA GLY C 82 -20.81 -25.67 -45.66
C GLY C 82 -21.54 -26.85 -45.01
N ALA C 83 -22.56 -26.56 -44.19
CA ALA C 83 -23.31 -27.63 -43.57
C ALA C 83 -24.23 -28.24 -44.58
N ASP C 84 -24.50 -29.53 -44.43
CA ASP C 84 -25.40 -30.25 -45.30
C ASP C 84 -26.83 -30.30 -44.79
N ALA C 85 -26.97 -30.18 -43.48
CA ALA C 85 -28.22 -30.48 -42.84
C ALA C 85 -28.45 -29.58 -41.60
N ILE C 86 -29.70 -29.41 -41.25
CA ILE C 86 -30.09 -28.72 -40.05
C ILE C 86 -31.01 -29.59 -39.26
N HIS C 87 -30.68 -29.75 -37.98
CA HIS C 87 -31.56 -30.43 -37.04
C HIS C 87 -32.13 -29.30 -36.19
N PRO C 88 -33.45 -29.18 -36.12
CA PRO C 88 -34.06 -28.09 -35.41
C PRO C 88 -34.32 -28.31 -33.91
N GLY C 89 -34.02 -29.50 -33.39
CA GLY C 89 -34.26 -29.84 -32.01
C GLY C 89 -35.74 -29.89 -31.70
N TYR C 90 -36.12 -29.34 -30.55
CA TYR C 90 -37.55 -29.14 -30.19
C TYR C 90 -37.74 -27.70 -29.71
N GLY C 91 -38.98 -27.26 -29.57
CA GLY C 91 -39.21 -25.86 -29.36
C GLY C 91 -38.73 -25.03 -30.57
N LEU C 92 -38.66 -23.73 -30.35
CA LEU C 92 -38.14 -22.78 -31.32
C LEU C 92 -38.77 -23.01 -32.70
N LEU C 93 -37.98 -23.34 -33.73
CA LEU C 93 -38.50 -23.40 -35.08
C LEU C 93 -38.77 -24.82 -35.52
N SER C 94 -38.82 -25.74 -34.59
CA SER C 94 -38.80 -27.16 -34.95
C SER C 94 -40.10 -27.62 -35.59
N GLU C 95 -41.19 -26.91 -35.32
CA GLU C 95 -42.48 -27.24 -35.93
C GLU C 95 -42.87 -26.16 -36.91
N ASN C 96 -41.93 -25.33 -37.35
CA ASN C 96 -42.29 -24.14 -38.08
C ASN C 96 -42.20 -24.41 -39.61
N LEU C 97 -43.33 -24.35 -40.29
CA LEU C 97 -43.40 -24.69 -41.73
C LEU C 97 -42.52 -23.79 -42.55
N GLU C 98 -42.59 -22.52 -42.30
CA GLU C 98 -41.77 -21.56 -43.01
C GLU C 98 -40.28 -21.92 -42.94
N PHE C 99 -39.83 -22.29 -41.76
CA PHE C 99 -38.41 -22.50 -41.53
C PHE C 99 -37.96 -23.73 -42.30
N ALA C 100 -38.72 -24.79 -42.20
CA ALA C 100 -38.38 -26.04 -42.92
C ALA C 100 -38.37 -25.82 -44.44
N THR C 101 -39.34 -25.08 -44.89
CA THR C 101 -39.48 -24.78 -46.31
C THR C 101 -38.28 -24.05 -46.80
N LYS C 102 -37.82 -23.07 -46.03
CA LYS C 102 -36.72 -22.24 -46.50
C LYS C 102 -35.41 -22.97 -46.38
N VAL C 103 -35.30 -23.85 -45.38
CA VAL C 103 -34.11 -24.66 -45.20
C VAL C 103 -33.97 -25.60 -46.41
N ARG C 104 -35.07 -26.26 -46.74
CA ARG C 104 -35.08 -27.15 -47.89
C ARG C 104 -34.87 -26.40 -49.18
N ALA C 105 -35.49 -25.21 -49.29
CA ALA C 105 -35.30 -24.38 -50.50
C ALA C 105 -33.87 -23.88 -50.64
N ALA C 106 -33.10 -23.85 -49.57
CA ALA C 106 -31.73 -23.49 -49.68
C ALA C 106 -30.84 -24.70 -50.00
N GLY C 107 -31.44 -25.81 -50.35
CA GLY C 107 -30.71 -27.04 -50.72
C GLY C 107 -30.16 -27.85 -49.53
N LEU C 108 -30.65 -27.58 -48.33
CA LEU C 108 -30.15 -28.27 -47.15
C LEU C 108 -31.13 -29.32 -46.74
N VAL C 109 -30.61 -30.37 -46.12
CA VAL C 109 -31.47 -31.36 -45.49
C VAL C 109 -32.06 -30.83 -44.18
N PHE C 110 -33.38 -30.91 -44.03
CA PHE C 110 -34.04 -30.56 -42.79
C PHE C 110 -34.35 -31.85 -42.10
N VAL C 111 -33.76 -32.08 -40.93
CA VAL C 111 -33.90 -33.36 -40.26
C VAL C 111 -35.22 -33.35 -39.54
N GLY C 112 -36.25 -33.84 -40.19
CA GLY C 112 -37.62 -33.80 -39.68
C GLY C 112 -38.56 -34.36 -40.74
N PRO C 113 -39.87 -34.36 -40.48
CA PRO C 113 -40.77 -34.90 -41.50
C PRO C 113 -40.91 -34.01 -42.74
N GLU C 114 -41.73 -34.44 -43.68
CA GLU C 114 -42.03 -33.66 -44.87
C GLU C 114 -42.77 -32.40 -44.52
N LEU C 115 -42.64 -31.42 -45.40
CA LEU C 115 -43.40 -30.17 -45.25
C LEU C 115 -44.86 -30.41 -45.02
N HIS C 116 -45.43 -31.36 -45.78
CA HIS C 116 -46.85 -31.66 -45.69
C HIS C 116 -47.21 -32.05 -44.27
N HIS C 117 -46.36 -32.87 -43.63
CA HIS C 117 -46.61 -33.28 -42.23
C HIS C 117 -46.52 -32.13 -41.21
N LEU C 118 -45.54 -31.23 -41.38
CA LEU C 118 -45.46 -30.03 -40.51
C LEU C 118 -46.70 -29.18 -40.63
N ASP C 119 -47.25 -29.12 -41.84
CA ASP C 119 -48.49 -28.40 -42.08
C ASP C 119 -49.71 -29.06 -41.40
N ILE C 120 -49.96 -30.34 -41.65
CA ILE C 120 -51.17 -30.95 -41.09
C ILE C 120 -51.09 -31.25 -39.57
N PHE C 121 -49.88 -31.46 -39.06
CA PHE C 121 -49.73 -31.77 -37.65
C PHE C 121 -49.40 -30.54 -36.83
N GLY C 122 -48.89 -29.50 -37.46
CA GLY C 122 -48.72 -28.22 -36.79
C GLY C 122 -50.07 -27.59 -36.51
N ASP C 123 -51.04 -27.79 -37.38
CA ASP C 123 -52.39 -27.23 -37.20
C ASP C 123 -53.25 -28.29 -36.57
N LYS C 124 -53.84 -27.99 -35.42
CA LYS C 124 -54.59 -29.01 -34.67
C LYS C 124 -55.92 -29.36 -35.30
N ILE C 125 -56.42 -28.49 -36.14
CA ILE C 125 -57.67 -28.75 -36.83
C ILE C 125 -57.41 -29.71 -37.97
N LYS C 126 -56.33 -29.46 -38.71
CA LYS C 126 -55.95 -30.33 -39.82
C LYS C 126 -55.46 -31.68 -39.26
N ALA C 127 -54.89 -31.67 -38.07
CA ALA C 127 -54.49 -32.92 -37.44
C ALA C 127 -55.68 -33.80 -37.06
N LYS C 128 -56.72 -33.22 -36.49
CA LYS C 128 -57.89 -34.02 -36.13
C LYS C 128 -58.51 -34.53 -37.42
N ALA C 129 -58.54 -33.69 -38.45
CA ALA C 129 -59.07 -34.15 -39.73
C ALA C 129 -58.30 -35.39 -40.16
N ALA C 130 -56.98 -35.33 -40.13
CA ALA C 130 -56.14 -36.47 -40.52
C ALA C 130 -56.36 -37.71 -39.64
N ALA C 131 -56.61 -37.50 -38.34
CA ALA C 131 -56.86 -38.60 -37.44
C ALA C 131 -58.20 -39.28 -37.73
N ASP C 132 -59.26 -38.48 -37.92
CA ASP C 132 -60.56 -39.01 -38.38
C ASP C 132 -60.40 -39.79 -39.68
N GLU C 133 -59.69 -39.22 -40.65
CA GLU C 133 -59.49 -39.89 -41.95
C GLU C 133 -58.84 -41.25 -41.77
N ALA C 134 -57.98 -41.38 -40.77
CA ALA C 134 -57.27 -42.62 -40.54
C ALA C 134 -58.02 -43.57 -39.62
N LYS C 135 -59.18 -43.13 -39.16
CA LYS C 135 -60.07 -43.93 -38.28
C LYS C 135 -59.43 -44.16 -36.92
N VAL C 136 -58.91 -43.07 -36.36
CA VAL C 136 -58.34 -43.05 -35.02
C VAL C 136 -59.25 -42.19 -34.18
N PRO C 137 -59.86 -42.80 -33.16
CA PRO C 137 -60.82 -42.08 -32.33
C PRO C 137 -60.24 -40.76 -31.74
N GLY C 138 -60.95 -39.67 -31.92
CA GLY C 138 -60.54 -38.40 -31.33
C GLY C 138 -61.49 -37.98 -30.24
N ILE C 139 -61.31 -36.75 -29.77
CA ILE C 139 -62.23 -36.20 -28.79
C ILE C 139 -63.27 -35.43 -29.58
N PRO C 140 -64.56 -35.73 -29.34
CA PRO C 140 -65.61 -34.89 -29.96
C PRO C 140 -65.29 -33.36 -29.97
N GLY C 141 -65.44 -32.71 -31.15
CA GLY C 141 -65.11 -31.29 -31.38
C GLY C 141 -65.74 -30.66 -32.61
N THR C 142 -65.32 -29.45 -32.99
CA THR C 142 -66.05 -28.62 -34.00
C THR C 142 -65.93 -29.15 -35.42
N TYR C 205 -60.04 -23.50 -32.02
CA TYR C 205 -61.18 -24.41 -32.01
C TYR C 205 -61.48 -24.88 -30.58
N VAL C 206 -62.60 -25.60 -30.43
CA VAL C 206 -63.06 -26.06 -29.12
C VAL C 206 -63.45 -27.56 -29.20
N GLU C 207 -63.19 -28.28 -28.12
CA GLU C 207 -63.40 -29.76 -28.02
C GLU C 207 -63.80 -30.13 -26.57
N LYS C 208 -64.42 -31.29 -26.39
CA LYS C 208 -64.94 -31.69 -25.08
C LYS C 208 -63.76 -31.95 -24.08
N TYR C 209 -63.99 -31.65 -22.80
CA TYR C 209 -62.97 -31.80 -21.73
C TYR C 209 -63.15 -33.12 -20.96
N ILE C 210 -62.08 -33.91 -20.84
CA ILE C 210 -62.09 -35.18 -20.08
C ILE C 210 -61.54 -35.05 -18.63
N GLU C 211 -62.15 -35.80 -17.71
CA GLU C 211 -61.90 -35.61 -16.29
C GLU C 211 -60.83 -36.62 -15.79
N ASN C 212 -59.73 -36.13 -15.20
CA ASN C 212 -58.66 -36.99 -14.62
C ASN C 212 -58.12 -38.05 -15.58
N PRO C 213 -57.77 -37.64 -16.81
CA PRO C 213 -57.17 -38.56 -17.74
C PRO C 213 -55.69 -38.85 -17.48
N LYS C 214 -55.20 -39.93 -18.09
CA LYS C 214 -53.79 -40.15 -18.23
C LYS C 214 -53.36 -39.54 -19.57
N HIS C 215 -52.13 -39.07 -19.66
CA HIS C 215 -51.62 -38.56 -20.93
C HIS C 215 -50.62 -39.60 -21.39
N ILE C 216 -50.87 -40.23 -22.53
CA ILE C 216 -50.03 -41.35 -22.98
C ILE C 216 -49.62 -41.00 -24.38
N GLU C 217 -48.34 -41.16 -24.70
CA GLU C 217 -47.89 -40.78 -26.01
C GLU C 217 -47.02 -41.87 -26.59
N VAL C 218 -46.99 -41.94 -27.91
CA VAL C 218 -46.35 -43.05 -28.56
C VAL C 218 -45.25 -42.53 -29.46
N GLN C 219 -44.07 -43.10 -29.33
CA GLN C 219 -42.92 -42.68 -30.14
C GLN C 219 -42.95 -43.42 -31.46
N ILE C 220 -42.83 -42.67 -32.56
CA ILE C 220 -42.82 -43.22 -33.91
C ILE C 220 -41.52 -42.86 -34.64
N LEU C 221 -41.04 -43.82 -35.43
CA LEU C 221 -40.07 -43.58 -36.45
C LEU C 221 -40.56 -44.09 -37.81
N GLY C 222 -40.39 -43.27 -38.85
CA GLY C 222 -40.76 -43.62 -40.23
C GLY C 222 -39.60 -43.28 -41.13
N ASP C 223 -39.31 -44.14 -42.10
CA ASP C 223 -38.22 -43.88 -43.01
C ASP C 223 -38.81 -43.56 -44.37
N ARG C 224 -37.95 -43.39 -45.36
CA ARG C 224 -38.41 -42.99 -46.70
C ARG C 224 -38.70 -44.19 -47.55
N HIS C 225 -38.74 -45.36 -46.96
CA HIS C 225 -38.93 -46.59 -47.70
C HIS C 225 -40.20 -47.26 -47.22
N GLY C 226 -41.17 -46.50 -46.72
CA GLY C 226 -42.43 -47.04 -46.20
C GLY C 226 -42.40 -47.87 -44.91
N ASN C 227 -41.32 -47.82 -44.15
CA ASN C 227 -41.30 -48.49 -42.85
C ASN C 227 -41.71 -47.60 -41.72
N ILE C 228 -42.62 -48.08 -40.89
CA ILE C 228 -43.01 -47.31 -39.75
C ILE C 228 -43.03 -48.20 -38.56
N ILE C 229 -42.47 -47.73 -37.46
CA ILE C 229 -42.45 -48.50 -36.22
C ILE C 229 -42.64 -47.60 -35.05
N HIS C 230 -43.14 -48.21 -33.98
CA HIS C 230 -43.34 -47.52 -32.74
C HIS C 230 -42.31 -48.08 -31.79
N LEU C 231 -41.89 -47.23 -30.84
CA LEU C 231 -40.92 -47.59 -29.82
C LEU C 231 -41.59 -47.58 -28.44
N HIS C 232 -42.75 -48.18 -28.42
CA HIS C 232 -43.65 -48.23 -27.26
C HIS C 232 -44.13 -46.83 -26.88
N GLU C 233 -44.70 -46.70 -25.68
CA GLU C 233 -45.30 -45.46 -25.25
C GLU C 233 -44.64 -44.88 -23.99
N ARG C 234 -45.11 -43.72 -23.61
CA ARG C 234 -44.64 -43.00 -22.48
C ARG C 234 -45.84 -42.48 -21.75
N ASP C 235 -45.77 -42.54 -20.44
CA ASP C 235 -46.79 -41.94 -19.63
C ASP C 235 -46.26 -40.60 -19.12
N CYS C 236 -46.91 -39.53 -19.55
CA CYS C 236 -46.55 -38.20 -19.20
C CYS C 236 -47.66 -37.55 -18.43
N SER C 237 -48.34 -38.33 -17.58
CA SER C 237 -49.52 -37.78 -16.87
C SER C 237 -49.10 -36.85 -15.71
N VAL C 238 -47.87 -36.96 -15.22
CA VAL C 238 -47.47 -36.14 -14.05
C VAL C 238 -47.20 -34.74 -14.50
N GLN C 239 -48.21 -33.88 -14.34
CA GLN C 239 -48.16 -32.54 -14.86
C GLN C 239 -48.54 -31.53 -13.80
N ARG C 240 -48.11 -30.30 -14.01
CA ARG C 240 -48.46 -29.16 -13.16
C ARG C 240 -48.99 -28.09 -14.09
N ARG C 241 -50.23 -27.66 -13.85
CA ARG C 241 -50.90 -26.70 -14.73
C ARG C 241 -50.74 -27.14 -16.18
N ASN C 242 -50.99 -28.42 -16.40
CA ASN C 242 -50.89 -29.02 -17.72
C ASN C 242 -49.52 -28.95 -18.37
N GLN C 243 -48.46 -28.90 -17.57
CA GLN C 243 -47.09 -28.90 -18.06
C GLN C 243 -46.40 -30.12 -17.56
N LYS C 244 -45.73 -30.86 -18.45
CA LYS C 244 -45.11 -32.10 -18.04
C LYS C 244 -44.04 -31.83 -17.00
N VAL C 245 -43.97 -32.66 -15.98
CA VAL C 245 -42.96 -32.56 -14.95
C VAL C 245 -42.10 -33.80 -14.92
N ILE C 246 -42.76 -34.93 -14.81
CA ILE C 246 -42.07 -36.24 -14.79
C ILE C 246 -42.74 -37.15 -15.80
N GLU C 247 -41.92 -37.89 -16.51
CA GLU C 247 -42.36 -38.77 -17.56
C GLU C 247 -41.78 -40.13 -17.28
N ILE C 248 -42.58 -41.18 -17.51
CA ILE C 248 -42.07 -42.52 -17.35
C ILE C 248 -42.33 -43.35 -18.59
N ALA C 249 -41.62 -44.48 -18.65
CA ALA C 249 -41.78 -45.41 -19.73
C ALA C 249 -41.44 -46.80 -19.25
N PRO C 250 -42.24 -47.80 -19.64
CA PRO C 250 -43.40 -47.63 -20.44
C PRO C 250 -44.49 -47.19 -19.54
N ALA C 251 -45.74 -47.22 -19.99
CA ALA C 251 -46.85 -46.89 -19.09
C ALA C 251 -47.18 -48.08 -18.11
N VAL C 252 -46.43 -48.15 -17.01
CA VAL C 252 -46.39 -49.35 -16.19
C VAL C 252 -47.68 -49.64 -15.47
N GLY C 253 -48.50 -48.61 -15.29
CA GLY C 253 -49.79 -48.76 -14.64
C GLY C 253 -50.95 -49.19 -15.54
N LEU C 254 -50.67 -49.46 -16.80
CA LEU C 254 -51.72 -49.86 -17.75
C LEU C 254 -51.35 -51.24 -18.26
N SER C 255 -52.36 -51.96 -18.71
CA SER C 255 -52.13 -53.35 -19.10
C SER C 255 -51.39 -53.39 -20.43
N PRO C 256 -50.58 -54.41 -20.66
CA PRO C 256 -49.81 -54.48 -21.90
C PRO C 256 -50.62 -54.60 -23.20
N ASP C 257 -51.78 -55.23 -23.11
CA ASP C 257 -52.71 -55.26 -24.25
C ASP C 257 -53.21 -53.89 -24.59
N PHE C 258 -53.56 -53.15 -23.56
CA PHE C 258 -54.14 -51.85 -23.78
C PHE C 258 -53.10 -50.87 -24.32
N ARG C 259 -51.89 -50.96 -23.80
CA ARG C 259 -50.80 -50.13 -24.30
C ARG C 259 -50.51 -50.46 -25.74
N ASN C 260 -50.58 -51.74 -26.05
CA ASN C 260 -50.27 -52.14 -27.42
C ASN C 260 -51.30 -51.61 -28.43
N GLU C 261 -52.54 -51.55 -27.98
CA GLU C 261 -53.65 -51.03 -28.79
C GLU C 261 -53.41 -49.55 -29.08
N ILE C 262 -52.98 -48.83 -28.06
CA ILE C 262 -52.61 -47.42 -28.24
C ILE C 262 -51.46 -47.26 -29.23
N CYS C 263 -50.45 -48.12 -29.11
CA CYS C 263 -49.32 -47.99 -30.01
C CYS C 263 -49.76 -48.24 -31.45
N GLU C 264 -50.67 -49.21 -31.66
CA GLU C 264 -51.12 -49.55 -33.03
C GLU C 264 -51.92 -48.43 -33.62
N ALA C 265 -52.73 -47.79 -32.79
CA ALA C 265 -53.50 -46.64 -33.30
C ALA C 265 -52.53 -45.53 -33.79
N ALA C 266 -51.45 -45.30 -33.05
CA ALA C 266 -50.49 -44.27 -33.47
C ALA C 266 -49.84 -44.64 -34.76
N VAL C 267 -49.51 -45.92 -34.89
CA VAL C 267 -48.90 -46.40 -36.15
C VAL C 267 -49.84 -46.29 -37.35
N LYS C 268 -51.09 -46.64 -37.14
CA LYS C 268 -52.08 -46.55 -38.19
C LYS C 268 -52.19 -45.13 -38.76
N LEU C 269 -52.22 -44.16 -37.88
CA LEU C 269 -52.26 -42.75 -38.30
C LEU C 269 -51.00 -42.38 -39.07
N CYS C 270 -49.86 -42.73 -38.54
CA CYS C 270 -48.63 -42.39 -39.23
C CYS C 270 -48.51 -43.11 -40.57
N LYS C 271 -48.92 -44.38 -40.64
CA LYS C 271 -48.93 -45.08 -41.95
C LYS C 271 -49.83 -44.36 -42.96
N ASN C 272 -51.00 -44.00 -42.50
CA ASN C 272 -51.93 -43.34 -43.38
C ASN C 272 -51.40 -42.11 -44.05
N VAL C 273 -50.59 -41.31 -43.36
CA VAL C 273 -50.04 -40.09 -43.97
C VAL C 273 -48.63 -40.23 -44.44
N GLY C 274 -48.04 -41.42 -44.35
CA GLY C 274 -46.66 -41.59 -44.79
C GLY C 274 -45.68 -40.77 -43.95
N TYR C 275 -45.87 -40.76 -42.63
CA TYR C 275 -45.00 -40.00 -41.74
C TYR C 275 -43.53 -40.40 -41.90
N VAL C 276 -42.65 -39.41 -41.96
CA VAL C 276 -41.22 -39.65 -42.10
C VAL C 276 -40.49 -38.97 -40.93
N ASN C 277 -39.44 -39.63 -40.48
CA ASN C 277 -38.58 -39.21 -39.37
C ASN C 277 -39.19 -39.48 -38.02
N ALA C 278 -38.72 -38.80 -36.97
CA ALA C 278 -39.27 -39.06 -35.64
C ALA C 278 -40.48 -38.20 -35.41
N GLY C 279 -41.40 -38.72 -34.64
CA GLY C 279 -42.64 -37.99 -34.30
C GLY C 279 -43.32 -38.72 -33.16
N THR C 280 -44.28 -38.06 -32.54
CA THR C 280 -44.95 -38.61 -31.39
C THR C 280 -46.45 -38.38 -31.52
N VAL C 281 -47.24 -39.37 -31.13
CA VAL C 281 -48.69 -39.24 -31.16
C VAL C 281 -49.16 -39.25 -29.74
N GLU C 282 -49.91 -38.23 -29.40
CA GLU C 282 -50.37 -38.03 -28.03
C GLU C 282 -51.83 -38.35 -27.89
N PHE C 283 -52.17 -39.07 -26.82
CA PHE C 283 -53.54 -39.46 -26.53
C PHE C 283 -53.90 -39.15 -25.09
N LEU C 284 -55.16 -38.83 -24.84
CA LEU C 284 -55.71 -38.87 -23.49
C LEU C 284 -56.38 -40.21 -23.26
N VAL C 285 -56.25 -40.70 -22.06
CA VAL C 285 -56.71 -42.03 -21.72
C VAL C 285 -57.54 -42.00 -20.44
N LYS C 286 -58.68 -42.70 -20.49
CA LYS C 286 -59.69 -42.67 -19.45
C LYS C 286 -60.47 -43.99 -19.49
N ASP C 287 -60.30 -44.81 -18.45
CA ASP C 287 -61.11 -46.03 -18.28
C ASP C 287 -61.05 -46.94 -19.49
N ASP C 288 -59.85 -47.32 -19.87
CA ASP C 288 -59.74 -48.23 -21.02
C ASP C 288 -60.32 -47.73 -22.37
N LYS C 289 -60.53 -46.42 -22.50
CA LYS C 289 -60.68 -45.77 -23.81
C LYS C 289 -59.54 -44.74 -24.02
N PHE C 290 -59.25 -44.43 -25.27
CA PHE C 290 -58.20 -43.48 -25.59
C PHE C 290 -58.58 -42.58 -26.76
N TYR C 291 -58.10 -41.35 -26.70
CA TYR C 291 -58.54 -40.33 -27.63
C TYR C 291 -57.35 -39.52 -28.11
N PHE C 292 -57.23 -39.40 -29.44
CA PHE C 292 -56.17 -38.65 -30.06
C PHE C 292 -56.30 -37.20 -29.69
N ILE C 293 -55.16 -36.57 -29.38
CA ILE C 293 -55.18 -35.11 -29.17
C ILE C 293 -54.23 -34.35 -30.07
N GLU C 294 -53.06 -34.89 -30.38
CA GLU C 294 -52.07 -34.16 -31.18
C GLU C 294 -50.95 -35.08 -31.66
N VAL C 295 -50.28 -34.62 -32.71
CA VAL C 295 -48.98 -35.14 -33.09
C VAL C 295 -47.91 -34.04 -32.95
N ASN C 296 -46.75 -34.41 -32.42
CA ASN C 296 -45.63 -33.51 -32.35
C ASN C 296 -44.68 -34.01 -33.36
N PRO C 297 -44.47 -33.23 -34.41
CA PRO C 297 -43.74 -33.81 -35.53
C PRO C 297 -42.30 -33.44 -35.45
N ARG C 298 -41.69 -33.92 -34.36
CA ARG C 298 -40.31 -33.65 -34.02
C ARG C 298 -39.95 -34.55 -32.88
N VAL C 299 -38.69 -34.53 -32.51
CA VAL C 299 -38.23 -35.18 -31.27
C VAL C 299 -38.77 -34.42 -30.07
N GLN C 300 -38.84 -35.11 -28.94
CA GLN C 300 -39.28 -34.50 -27.71
C GLN C 300 -38.27 -34.64 -26.64
N VAL C 301 -38.43 -33.77 -25.64
CA VAL C 301 -37.54 -33.71 -24.49
C VAL C 301 -37.48 -35.07 -23.81
N GLU C 302 -38.60 -35.77 -23.76
CA GLU C 302 -38.65 -37.05 -23.06
C GLU C 302 -38.26 -38.25 -23.93
N HIS C 303 -37.66 -38.02 -25.08
CA HIS C 303 -37.27 -39.18 -25.92
C HIS C 303 -36.26 -40.12 -25.20
N THR C 304 -35.52 -39.54 -24.26
CA THR C 304 -34.48 -40.25 -23.55
C THR C 304 -34.93 -41.55 -22.91
N ILE C 305 -36.13 -41.52 -22.35
CA ILE C 305 -36.57 -42.70 -21.61
C ILE C 305 -36.95 -43.83 -22.55
N THR C 306 -37.44 -43.47 -23.73
CA THR C 306 -37.72 -44.46 -24.74
C THR C 306 -36.41 -45.11 -25.29
N GLU C 307 -35.35 -44.34 -25.39
CA GLU C 307 -34.10 -44.88 -25.80
C GLU C 307 -33.63 -45.90 -24.81
N LEU C 308 -33.86 -45.61 -23.52
CA LEU C 308 -33.34 -46.53 -22.50
C LEU C 308 -34.13 -47.85 -22.47
N ILE C 309 -35.45 -47.80 -22.57
CA ILE C 309 -36.19 -49.07 -22.56
C ILE C 309 -36.21 -49.83 -23.87
N THR C 310 -35.74 -49.21 -24.97
CA THR C 310 -35.68 -49.95 -26.24
C THR C 310 -34.30 -50.27 -26.76
N GLY C 311 -33.30 -49.56 -26.28
CA GLY C 311 -31.94 -49.69 -26.80
C GLY C 311 -31.78 -48.92 -28.10
N VAL C 312 -32.81 -48.24 -28.55
CA VAL C 312 -32.72 -47.55 -29.80
C VAL C 312 -32.29 -46.10 -29.60
N ASP C 313 -31.26 -45.69 -30.32
CA ASP C 313 -30.83 -44.29 -30.36
C ASP C 313 -31.65 -43.42 -31.34
N ILE C 314 -32.59 -42.67 -30.81
CA ILE C 314 -33.57 -42.02 -31.60
C ILE C 314 -32.99 -40.86 -32.39
N VAL C 315 -32.09 -40.11 -31.79
CA VAL C 315 -31.54 -38.99 -32.52
C VAL C 315 -30.65 -39.45 -33.67
N GLN C 316 -29.85 -40.47 -33.44
CA GLN C 316 -29.08 -41.05 -34.53
C GLN C 316 -30.03 -41.53 -35.62
N ALA C 317 -31.11 -42.15 -35.20
CA ALA C 317 -32.08 -42.65 -36.15
C ALA C 317 -32.64 -41.51 -37.01
N GLN C 318 -32.92 -40.35 -36.41
CA GLN C 318 -33.44 -39.21 -37.13
C GLN C 318 -32.51 -38.77 -38.20
N ILE C 319 -31.22 -38.75 -37.84
CA ILE C 319 -30.25 -38.25 -38.76
C ILE C 319 -30.06 -39.28 -39.87
N LEU C 320 -30.05 -40.53 -39.52
CA LEU C 320 -29.88 -41.57 -40.57
C LEU C 320 -31.11 -41.65 -41.51
N ILE C 321 -32.30 -41.50 -40.97
CA ILE C 321 -33.47 -41.40 -41.82
C ILE C 321 -33.39 -40.23 -42.83
N ALA C 322 -32.89 -39.09 -42.35
CA ALA C 322 -32.76 -37.92 -43.18
C ALA C 322 -31.69 -38.13 -44.24
N GLN C 323 -30.79 -39.07 -44.02
CA GLN C 323 -29.82 -39.41 -45.02
C GLN C 323 -30.40 -40.41 -46.05
N GLY C 324 -31.69 -40.72 -45.95
CA GLY C 324 -32.34 -41.68 -46.82
C GLY C 324 -32.20 -43.17 -46.46
N LYS C 325 -31.84 -43.50 -45.23
CA LYS C 325 -31.64 -44.88 -44.89
C LYS C 325 -32.88 -45.64 -44.44
N ASP C 326 -32.79 -46.96 -44.58
CA ASP C 326 -33.92 -47.86 -44.33
C ASP C 326 -33.79 -48.25 -42.88
N LEU C 327 -34.86 -48.14 -42.13
CA LEU C 327 -34.85 -48.45 -40.69
C LEU C 327 -34.29 -49.79 -40.40
N HIS C 328 -34.72 -50.77 -41.20
CA HIS C 328 -34.38 -52.17 -40.91
C HIS C 328 -33.05 -52.51 -41.52
N ARG C 329 -32.87 -52.16 -42.78
CA ARG C 329 -31.77 -52.66 -43.54
C ARG C 329 -30.44 -52.04 -43.17
N GLU C 330 -30.45 -50.75 -42.88
CA GLU C 330 -29.22 -49.97 -42.76
C GLU C 330 -29.07 -49.41 -41.37
N ILE C 331 -30.15 -48.94 -40.79
CA ILE C 331 -30.12 -48.49 -39.44
C ILE C 331 -30.12 -49.66 -38.44
N GLY C 332 -30.69 -50.81 -38.83
CA GLY C 332 -30.60 -52.02 -38.00
C GLY C 332 -31.71 -52.28 -37.00
N LEU C 333 -32.84 -51.60 -37.09
CA LEU C 333 -33.92 -51.85 -36.19
C LEU C 333 -34.60 -53.13 -36.59
N PRO C 334 -34.96 -53.95 -35.61
CA PRO C 334 -35.77 -55.12 -35.94
C PRO C 334 -37.20 -54.82 -36.33
N ALA C 335 -37.94 -55.89 -36.62
CA ALA C 335 -39.38 -55.76 -36.83
C ALA C 335 -40.08 -55.39 -35.58
N GLN C 336 -41.31 -54.87 -35.72
CA GLN C 336 -42.07 -54.34 -34.62
C GLN C 336 -42.14 -55.27 -33.40
N SER C 337 -42.50 -56.52 -33.60
CA SER C 337 -42.72 -57.45 -32.49
C SER C 337 -41.39 -57.75 -31.78
N GLU C 338 -40.26 -57.56 -32.46
CA GLU C 338 -38.95 -57.73 -31.87
C GLU C 338 -38.37 -56.44 -31.20
N ILE C 339 -39.08 -55.34 -31.16
CA ILE C 339 -38.51 -54.16 -30.54
C ILE C 339 -38.42 -54.33 -29.02
N PRO C 340 -37.19 -54.23 -28.44
CA PRO C 340 -37.06 -54.58 -27.04
C PRO C 340 -37.94 -53.75 -26.13
N LEU C 341 -38.22 -54.33 -24.99
CA LEU C 341 -38.90 -53.65 -23.94
C LEU C 341 -38.15 -54.02 -22.66
N LEU C 342 -37.24 -53.16 -22.22
CA LEU C 342 -36.32 -53.47 -21.15
C LEU C 342 -36.64 -52.62 -19.94
N GLY C 343 -37.21 -53.21 -18.94
CA GLY C 343 -37.46 -52.51 -17.72
C GLY C 343 -38.22 -51.20 -17.93
N SER C 344 -37.92 -50.21 -17.10
CA SER C 344 -38.62 -48.97 -17.13
C SER C 344 -37.64 -47.81 -16.91
N ALA C 345 -38.12 -46.60 -17.14
CA ALA C 345 -37.26 -45.45 -17.02
C ALA C 345 -38.06 -44.25 -16.68
N ILE C 346 -37.43 -43.32 -16.02
CA ILE C 346 -38.09 -42.13 -15.53
C ILE C 346 -37.22 -40.92 -15.84
N GLN C 347 -37.84 -39.84 -16.24
CA GLN C 347 -37.06 -38.62 -16.48
C GLN C 347 -37.64 -37.49 -15.67
N CYS C 348 -36.74 -36.77 -15.00
CA CYS C 348 -37.01 -35.51 -14.31
C CYS C 348 -36.16 -34.44 -14.94
N ARG C 349 -36.72 -33.27 -15.02
CA ARG C 349 -35.95 -32.09 -15.37
C ARG C 349 -35.65 -31.26 -14.15
N ILE C 350 -34.36 -31.04 -13.91
CA ILE C 350 -33.93 -30.20 -12.83
C ILE C 350 -33.73 -28.81 -13.38
N THR C 351 -34.49 -27.89 -12.80
CA THR C 351 -34.47 -26.49 -13.21
C THR C 351 -34.12 -25.54 -12.03
N THR C 352 -33.95 -24.26 -12.33
CA THR C 352 -33.85 -23.22 -11.29
C THR C 352 -35.22 -22.72 -10.81
N GLU C 353 -36.31 -23.34 -11.22
CA GLU C 353 -37.59 -22.97 -10.68
C GLU C 353 -37.61 -23.17 -9.16
N ASP C 354 -37.89 -22.10 -8.43
CA ASP C 354 -37.98 -22.11 -6.97
C ASP C 354 -39.39 -22.49 -6.54
N PRO C 355 -39.57 -23.69 -5.99
CA PRO C 355 -40.94 -24.09 -5.60
C PRO C 355 -41.54 -23.32 -4.41
N GLN C 356 -40.73 -22.63 -3.63
CA GLN C 356 -41.22 -21.79 -2.52
C GLN C 356 -41.41 -20.34 -2.92
N ASN C 357 -41.13 -20.03 -4.18
CA ASN C 357 -41.38 -18.73 -4.70
C ASN C 357 -42.21 -18.88 -5.97
N GLY C 358 -43.25 -19.67 -5.90
CA GLY C 358 -44.17 -19.85 -7.04
C GLY C 358 -43.50 -20.34 -8.30
N PHE C 359 -42.48 -21.20 -8.16
CA PHE C 359 -41.77 -21.76 -9.31
C PHE C 359 -41.18 -20.72 -10.25
N LEU C 360 -40.87 -19.55 -9.70
CA LEU C 360 -40.18 -18.49 -10.41
C LEU C 360 -38.72 -18.94 -10.60
N PRO C 361 -38.22 -18.84 -11.84
CA PRO C 361 -36.88 -19.37 -12.07
C PRO C 361 -35.81 -18.47 -11.55
N ASP C 362 -34.95 -19.01 -10.71
CA ASP C 362 -33.88 -18.25 -10.12
C ASP C 362 -32.80 -17.97 -11.19
N THR C 363 -31.99 -16.94 -10.97
CA THR C 363 -30.91 -16.60 -11.88
C THR C 363 -29.67 -16.37 -11.03
N GLY C 364 -28.53 -16.18 -11.66
CA GLY C 364 -27.31 -15.93 -10.95
C GLY C 364 -26.29 -17.00 -11.25
N LYS C 365 -25.19 -16.98 -10.51
CA LYS C 365 -24.01 -17.78 -10.81
C LYS C 365 -24.07 -19.09 -10.06
N ILE C 366 -23.65 -20.14 -10.73
CA ILE C 366 -23.54 -21.44 -10.13
C ILE C 366 -22.17 -21.54 -9.49
N ASP C 367 -22.14 -21.70 -8.17
CA ASP C 367 -20.90 -21.87 -7.41
C ASP C 367 -20.43 -23.31 -7.48
N THR C 368 -21.35 -24.25 -7.35
CA THR C 368 -20.97 -25.66 -7.21
C THR C 368 -21.88 -26.49 -8.04
N TYR C 369 -21.32 -27.42 -8.82
CA TYR C 369 -22.16 -28.33 -9.60
C TYR C 369 -21.48 -29.65 -9.60
N ARG C 370 -22.01 -30.59 -8.82
CA ARG C 370 -21.49 -31.97 -8.76
C ARG C 370 -22.58 -32.92 -9.25
N SER C 371 -22.30 -33.62 -10.34
CA SER C 371 -23.32 -34.51 -10.93
C SER C 371 -23.11 -35.99 -10.56
N PRO C 372 -24.14 -36.66 -10.06
CA PRO C 372 -24.03 -38.07 -9.78
C PRO C 372 -23.99 -38.96 -11.02
N GLY C 373 -23.65 -40.23 -10.82
CA GLY C 373 -23.57 -41.25 -11.85
C GLY C 373 -23.96 -42.61 -11.24
N GLY C 374 -23.36 -43.66 -11.76
CA GLY C 374 -23.66 -45.01 -11.38
C GLY C 374 -24.56 -45.80 -12.36
N PHE C 375 -24.90 -47.02 -11.95
CA PHE C 375 -25.70 -47.93 -12.73
C PHE C 375 -27.12 -47.39 -12.74
N GLY C 376 -27.69 -47.27 -13.95
CA GLY C 376 -29.06 -46.86 -14.09
C GLY C 376 -29.28 -45.38 -14.10
N ILE C 377 -28.21 -44.62 -14.29
CA ILE C 377 -28.36 -43.17 -14.27
C ILE C 377 -27.90 -42.63 -15.61
N ARG C 378 -28.72 -41.75 -16.17
CA ARG C 378 -28.37 -41.02 -17.37
C ARG C 378 -28.57 -39.51 -17.16
N LEU C 379 -27.57 -38.76 -17.55
CA LEU C 379 -27.65 -37.30 -17.50
C LEU C 379 -27.48 -36.67 -18.89
N ASP C 380 -28.39 -35.73 -19.19
CA ASP C 380 -28.23 -34.90 -20.37
C ASP C 380 -28.23 -33.49 -19.89
N VAL C 381 -27.05 -32.94 -19.79
CA VAL C 381 -26.92 -31.58 -19.21
C VAL C 381 -27.42 -30.44 -20.13
N GLY C 382 -28.03 -29.42 -19.53
CA GLY C 382 -28.23 -28.15 -20.18
C GLY C 382 -27.06 -27.23 -19.84
N ASN C 383 -27.38 -26.08 -19.30
CA ASN C 383 -26.36 -25.15 -18.92
C ASN C 383 -26.22 -25.16 -17.42
N ALA C 384 -25.22 -25.90 -16.99
CA ALA C 384 -24.92 -25.99 -15.61
C ALA C 384 -23.49 -26.48 -15.63
N TYR C 385 -22.63 -25.69 -15.00
CA TYR C 385 -21.27 -25.99 -14.73
C TYR C 385 -20.81 -24.92 -13.72
N ALA C 386 -19.78 -25.23 -12.94
CA ALA C 386 -19.27 -24.30 -11.96
C ALA C 386 -18.82 -23.02 -12.62
N GLY C 387 -19.45 -21.90 -12.31
CA GLY C 387 -19.06 -20.61 -12.92
C GLY C 387 -20.06 -20.03 -13.90
N TYR C 388 -20.98 -20.86 -14.37
CA TYR C 388 -21.98 -20.44 -15.32
C TYR C 388 -22.99 -19.51 -14.70
N GLU C 389 -23.29 -18.45 -15.41
CA GLU C 389 -24.29 -17.47 -14.99
C GLU C 389 -25.63 -17.77 -15.67
N VAL C 390 -26.60 -18.17 -14.89
CA VAL C 390 -27.94 -18.39 -15.39
C VAL C 390 -28.60 -17.03 -15.63
N THR C 391 -29.05 -16.80 -16.88
CA THR C 391 -29.60 -15.51 -17.31
C THR C 391 -31.10 -15.62 -17.27
N PRO C 392 -31.78 -14.49 -17.36
CA PRO C 392 -33.24 -14.60 -17.39
C PRO C 392 -33.81 -14.83 -18.79
N TYR C 393 -32.98 -14.95 -19.82
CA TYR C 393 -33.49 -14.92 -21.21
C TYR C 393 -34.03 -16.19 -21.80
N PHE C 394 -33.64 -17.34 -21.25
CA PHE C 394 -34.03 -18.62 -21.82
C PHE C 394 -34.66 -19.49 -20.74
N ASP C 395 -34.85 -20.77 -21.00
CA ASP C 395 -35.53 -21.63 -20.04
C ASP C 395 -34.64 -21.90 -18.84
N SER C 396 -35.21 -22.45 -17.80
CA SER C 396 -34.50 -22.59 -16.55
C SER C 396 -33.86 -23.98 -16.36
N LEU C 397 -33.78 -24.79 -17.41
CA LEU C 397 -33.24 -26.13 -17.28
C LEU C 397 -31.75 -26.24 -17.01
N LEU C 398 -31.38 -27.00 -16.00
CA LEU C 398 -30.02 -27.21 -15.68
C LEU C 398 -29.53 -28.54 -16.20
N VAL C 399 -30.32 -29.58 -15.89
CA VAL C 399 -29.95 -30.92 -16.32
C VAL C 399 -31.17 -31.84 -16.29
N LYS C 400 -31.20 -32.74 -17.25
CA LYS C 400 -32.24 -33.76 -17.30
C LYS C 400 -31.64 -35.01 -16.72
N VAL C 401 -32.34 -35.62 -15.81
CA VAL C 401 -31.90 -36.84 -15.19
C VAL C 401 -32.88 -37.95 -15.57
N CYS C 402 -32.32 -39.05 -16.03
CA CYS C 402 -33.09 -40.29 -16.21
C CYS C 402 -32.53 -41.41 -15.41
N THR C 403 -33.43 -42.21 -14.86
CA THR C 403 -33.04 -43.48 -14.25
C THR C 403 -33.73 -44.60 -14.94
N PHE C 404 -33.08 -45.76 -14.94
CA PHE C 404 -33.63 -46.94 -15.57
C PHE C 404 -33.21 -48.17 -14.75
N ALA C 405 -34.09 -49.17 -14.73
CA ALA C 405 -33.85 -50.43 -14.06
C ALA C 405 -34.88 -51.46 -14.51
N ASN C 406 -34.57 -52.73 -14.24
CA ASN C 406 -35.49 -53.83 -14.52
C ASN C 406 -36.85 -53.64 -13.91
N GLU C 407 -36.90 -53.20 -12.67
CA GLU C 407 -38.17 -52.97 -11.98
C GLU C 407 -38.41 -51.48 -11.77
N PHE C 408 -39.64 -51.07 -12.01
CA PHE C 408 -40.07 -49.73 -11.75
C PHE C 408 -39.73 -49.20 -10.37
N SER C 409 -39.90 -50.03 -9.35
CA SER C 409 -39.64 -49.58 -8.01
C SER C 409 -38.15 -49.31 -7.80
N ASP C 410 -37.25 -50.09 -8.42
CA ASP C 410 -35.80 -49.75 -8.33
C ASP C 410 -35.52 -48.44 -9.13
N SER C 411 -36.25 -48.20 -10.23
CA SER C 411 -36.05 -47.00 -11.03
C SER C 411 -36.36 -45.81 -10.18
N VAL C 412 -37.40 -45.95 -9.36
CA VAL C 412 -37.84 -44.89 -8.45
C VAL C 412 -36.82 -44.66 -7.32
N ARG C 413 -36.30 -45.73 -6.77
CA ARG C 413 -35.26 -45.64 -5.77
C ARG C 413 -34.02 -44.96 -6.35
N LYS C 414 -33.68 -45.30 -7.57
CA LYS C 414 -32.52 -44.67 -8.20
C LYS C 414 -32.73 -43.20 -8.42
N MET C 415 -33.92 -42.80 -8.83
CA MET C 415 -34.18 -41.40 -8.98
C MET C 415 -34.00 -40.71 -7.64
N ASP C 416 -34.54 -41.33 -6.60
CA ASP C 416 -34.52 -40.71 -5.29
C ASP C 416 -33.10 -40.58 -4.82
N ARG C 417 -32.33 -41.63 -4.97
CA ARG C 417 -30.90 -41.56 -4.64
C ARG C 417 -30.24 -40.38 -5.38
N VAL C 418 -30.52 -40.24 -6.69
CA VAL C 418 -29.86 -39.25 -7.53
C VAL C 418 -30.23 -37.83 -7.14
N LEU C 419 -31.51 -37.59 -6.93
CA LEU C 419 -31.96 -36.28 -6.54
C LEU C 419 -31.33 -35.82 -5.22
N HIS C 420 -31.19 -36.72 -4.27
CA HIS C 420 -30.57 -36.39 -2.99
C HIS C 420 -29.07 -36.20 -3.12
N GLU C 421 -28.43 -36.80 -4.12
CA GLU C 421 -26.99 -36.78 -4.22
C GLU C 421 -26.49 -35.52 -4.95
N PHE C 422 -27.32 -34.92 -5.77
CA PHE C 422 -26.96 -33.68 -6.45
C PHE C 422 -26.56 -32.61 -5.45
N ARG C 423 -25.50 -31.85 -5.80
CA ARG C 423 -25.06 -30.69 -5.07
C ARG C 423 -24.97 -29.53 -6.06
N ILE C 424 -25.90 -28.61 -5.92
CA ILE C 424 -25.98 -27.46 -6.75
C ILE C 424 -26.13 -26.28 -5.85
N ARG C 425 -25.15 -25.36 -5.91
CA ARG C 425 -25.15 -24.17 -5.06
C ARG C 425 -25.07 -22.94 -5.88
N GLY C 426 -25.78 -21.91 -5.44
CA GLY C 426 -25.70 -20.60 -6.08
C GLY C 426 -27.03 -20.20 -6.68
N VAL C 427 -27.86 -21.17 -7.02
CA VAL C 427 -29.20 -20.92 -7.49
C VAL C 427 -30.11 -21.92 -6.84
N LYS C 428 -31.36 -21.53 -6.65
CA LYS C 428 -32.42 -22.43 -6.19
C LYS C 428 -32.70 -23.46 -7.26
N THR C 429 -33.24 -24.63 -6.86
CA THR C 429 -33.74 -25.59 -7.83
C THR C 429 -35.07 -26.19 -7.46
N ASN C 430 -35.62 -26.98 -8.37
CA ASN C 430 -36.91 -27.63 -8.14
C ASN C 430 -36.75 -29.01 -7.50
N ILE C 431 -35.55 -29.34 -7.09
CA ILE C 431 -35.30 -30.65 -6.55
C ILE C 431 -36.20 -31.04 -5.36
N PRO C 432 -36.36 -30.14 -4.39
CA PRO C 432 -37.24 -30.58 -3.29
C PRO C 432 -38.67 -30.93 -3.76
N PHE C 433 -39.17 -30.24 -4.78
CA PHE C 433 -40.48 -30.61 -5.36
C PHE C 433 -40.42 -32.00 -6.03
N LEU C 434 -39.37 -32.26 -6.81
CA LEU C 434 -39.28 -33.56 -7.46
C LEU C 434 -39.20 -34.69 -6.45
N ILE C 435 -38.47 -34.47 -5.38
CA ILE C 435 -38.36 -35.43 -4.31
C ILE C 435 -39.73 -35.75 -3.72
N ASN C 436 -40.56 -34.74 -3.49
CA ASN C 436 -41.91 -34.98 -2.98
C ASN C 436 -42.75 -35.78 -3.93
N VAL C 437 -42.70 -35.42 -5.21
CA VAL C 437 -43.50 -36.10 -6.23
C VAL C 437 -43.20 -37.60 -6.28
N ILE C 438 -41.95 -38.00 -6.28
CA ILE C 438 -41.66 -39.42 -6.43
C ILE C 438 -41.85 -40.21 -5.12
N ALA C 439 -42.07 -39.51 -4.01
CA ALA C 439 -42.31 -40.15 -2.73
C ALA C 439 -43.76 -40.59 -2.67
N ASN C 440 -44.62 -39.86 -3.35
CA ASN C 440 -46.04 -40.08 -3.29
C ASN C 440 -46.51 -41.39 -3.96
N GLU C 441 -47.54 -41.98 -3.34
CA GLU C 441 -48.09 -43.29 -3.74
C GLU C 441 -48.82 -43.23 -5.13
N ASN C 442 -49.40 -42.08 -5.46
CA ASN C 442 -49.97 -41.89 -6.79
C ASN C 442 -48.90 -42.09 -7.89
N PHE C 443 -47.70 -41.58 -7.65
CA PHE C 443 -46.61 -41.75 -8.57
C PHE C 443 -46.06 -43.18 -8.55
N THR C 444 -45.81 -43.76 -7.38
CA THR C 444 -45.13 -45.07 -7.34
C THR C 444 -45.99 -46.27 -7.79
N SER C 445 -47.29 -46.10 -7.69
CA SER C 445 -48.26 -47.09 -8.16
C SER C 445 -48.28 -47.12 -9.68
N GLY C 446 -47.92 -46.00 -10.30
CA GLY C 446 -48.03 -45.83 -11.72
C GLY C 446 -49.38 -45.33 -12.19
N GLN C 447 -50.18 -44.81 -11.27
CA GLN C 447 -51.58 -44.45 -11.57
C GLN C 447 -51.86 -42.99 -11.62
N ALA C 448 -50.84 -42.18 -11.67
CA ALA C 448 -51.10 -40.76 -11.61
C ALA C 448 -51.92 -40.31 -12.82
N THR C 449 -52.65 -39.21 -12.65
CA THR C 449 -53.38 -38.61 -13.74
C THR C 449 -52.93 -37.17 -13.90
N THR C 450 -53.42 -36.50 -14.95
CA THR C 450 -53.03 -35.12 -15.25
C THR C 450 -53.41 -34.12 -14.21
N THR C 451 -54.26 -34.52 -13.28
CA THR C 451 -54.77 -33.61 -12.23
C THR C 451 -54.15 -33.88 -10.85
N PHE C 452 -53.38 -34.96 -10.75
CA PHE C 452 -52.73 -35.38 -9.50
C PHE C 452 -51.98 -34.27 -8.75
N ILE C 453 -51.07 -33.60 -9.41
CA ILE C 453 -50.24 -32.60 -8.72
C ILE C 453 -51.10 -31.43 -8.32
N ASP C 454 -51.90 -30.95 -9.25
CA ASP C 454 -52.73 -29.79 -9.01
C ASP C 454 -53.67 -30.00 -7.82
N ASN C 455 -54.01 -31.25 -7.47
CA ASN C 455 -54.90 -31.52 -6.34
C ASN C 455 -54.22 -32.08 -5.11
N THR C 456 -52.89 -32.04 -5.03
CA THR C 456 -52.22 -32.63 -3.86
C THR C 456 -51.36 -31.55 -3.19
N PRO C 457 -51.90 -30.85 -2.17
CA PRO C 457 -51.15 -29.73 -1.61
C PRO C 457 -49.99 -30.21 -0.73
N SER C 458 -50.04 -31.45 -0.25
CA SER C 458 -48.92 -32.01 0.52
C SER C 458 -47.56 -32.03 -0.21
N LEU C 459 -47.59 -32.02 -1.53
CA LEU C 459 -46.38 -31.90 -2.34
C LEU C 459 -45.66 -30.57 -2.20
N PHE C 460 -46.32 -29.57 -1.64
CA PHE C 460 -45.71 -28.28 -1.49
C PHE C 460 -45.21 -27.94 -0.11
N ASN C 461 -45.15 -28.95 0.74
CA ASN C 461 -44.64 -28.74 2.05
C ASN C 461 -43.19 -29.06 1.87
N PHE C 462 -42.32 -28.10 2.09
CA PHE C 462 -40.90 -28.35 1.94
C PHE C 462 -40.15 -28.25 3.23
N PRO C 463 -39.34 -29.34 3.55
CA PRO C 463 -38.63 -29.22 4.82
C PRO C 463 -37.55 -28.16 4.78
N ARG C 464 -37.17 -27.69 5.96
CA ARG C 464 -36.14 -26.70 6.09
C ARG C 464 -34.92 -27.55 6.11
N LEU C 465 -33.96 -27.31 5.23
CA LEU C 465 -32.77 -28.14 5.23
C LEU C 465 -31.64 -27.57 6.07
N ARG C 466 -31.17 -28.36 7.04
CA ARG C 466 -30.14 -27.95 7.99
C ARG C 466 -28.79 -27.55 7.41
N ASP C 467 -28.25 -26.48 7.97
CA ASP C 467 -26.96 -25.96 7.55
C ASP C 467 -25.99 -25.59 8.69
N ARG C 468 -25.45 -26.59 9.36
CA ARG C 468 -24.51 -26.39 10.41
C ARG C 468 -23.23 -25.75 9.91
N GLY C 469 -22.82 -26.14 8.69
CA GLY C 469 -21.63 -25.68 8.00
C GLY C 469 -21.59 -24.15 7.92
N THR C 470 -22.72 -23.59 7.57
CA THR C 470 -22.78 -22.20 7.33
C THR C 470 -22.73 -21.38 8.62
N LYS C 471 -23.41 -21.81 9.66
CA LYS C 471 -23.33 -21.08 10.96
C LYS C 471 -21.89 -21.09 11.46
N THR C 472 -21.19 -22.18 11.25
CA THR C 472 -19.84 -22.28 11.60
C THR C 472 -18.97 -21.23 10.89
N LEU C 473 -19.17 -21.08 9.59
CA LEU C 473 -18.36 -20.16 8.82
C LEU C 473 -18.70 -18.76 9.22
N HIS C 474 -19.96 -18.52 9.54
CA HIS C 474 -20.37 -17.18 10.06
C HIS C 474 -19.59 -16.88 11.38
N TYR C 475 -19.47 -17.86 12.29
CA TYR C 475 -18.80 -17.65 13.55
C TYR C 475 -17.28 -17.45 13.32
N LEU C 476 -16.67 -18.36 12.57
CA LEU C 476 -15.27 -18.25 12.29
C LEU C 476 -14.92 -16.91 11.66
N SER C 477 -15.80 -16.44 10.78
CA SER C 477 -15.55 -15.18 10.07
C SER C 477 -15.66 -14.03 11.03
N MET C 478 -16.67 -14.10 11.89
CA MET C 478 -16.86 -13.10 12.92
C MET C 478 -15.58 -12.95 13.78
N ILE C 479 -15.09 -14.04 14.33
CA ILE C 479 -14.00 -13.94 15.28
C ILE C 479 -12.71 -13.55 14.55
N THR C 480 -12.51 -14.10 13.37
CA THR C 480 -11.27 -13.89 12.60
C THR C 480 -11.10 -12.42 12.30
N VAL C 481 -12.21 -11.79 11.93
CA VAL C 481 -12.19 -10.42 11.47
C VAL C 481 -12.33 -9.46 12.61
N ASN C 482 -13.25 -9.75 13.52
CA ASN C 482 -13.60 -8.80 14.61
C ASN C 482 -13.10 -9.16 15.99
N GLY C 483 -12.53 -10.34 16.16
CA GLY C 483 -12.06 -10.73 17.49
C GLY C 483 -13.14 -11.29 18.39
N PHE C 484 -12.73 -11.73 19.57
CA PHE C 484 -13.62 -12.29 20.56
C PHE C 484 -13.99 -11.18 21.52
N PRO C 485 -15.30 -11.02 21.82
CA PRO C 485 -15.66 -9.85 22.66
C PRO C 485 -14.98 -9.85 24.03
N GLY C 486 -14.48 -8.69 24.43
CA GLY C 486 -13.90 -8.50 25.76
C GLY C 486 -12.44 -8.90 25.89
N ILE C 487 -11.78 -9.24 24.80
CA ILE C 487 -10.35 -9.51 24.83
C ILE C 487 -9.70 -8.90 23.63
N GLU C 488 -8.38 -8.89 23.62
CA GLU C 488 -7.66 -8.24 22.55
C GLU C 488 -7.72 -9.07 21.30
N ASN C 489 -8.10 -8.44 20.19
CA ASN C 489 -8.23 -9.07 18.87
C ASN C 489 -6.84 -9.34 18.28
N THR C 490 -6.29 -10.51 18.57
CA THR C 490 -4.87 -10.84 18.23
C THR C 490 -4.72 -12.11 17.37
N GLU C 491 -3.56 -12.25 16.76
CA GLU C 491 -3.35 -13.34 15.82
C GLU C 491 -2.98 -14.64 16.56
N LYS C 492 -3.63 -15.68 16.05
CA LYS C 492 -3.67 -16.99 16.64
C LYS C 492 -2.35 -17.72 16.56
N ARG C 493 -1.87 -18.20 17.69
CA ARG C 493 -0.61 -18.95 17.72
C ARG C 493 -0.84 -20.35 17.21
N HIS C 494 0.25 -21.01 16.84
CA HIS C 494 0.21 -22.39 16.39
C HIS C 494 0.33 -23.18 17.68
N PHE C 495 -0.66 -23.97 18.01
CA PHE C 495 -0.59 -24.78 19.20
C PHE C 495 -0.46 -26.23 18.84
N GLU C 496 0.46 -26.89 19.53
CA GLU C 496 0.57 -28.33 19.44
C GLU C 496 -0.65 -28.99 20.10
N GLU C 497 -0.86 -30.25 19.82
CA GLU C 497 -1.80 -31.06 20.61
C GLU C 497 -1.35 -31.11 22.07
N PRO C 498 -2.30 -31.07 22.99
CA PRO C 498 -1.92 -31.23 24.39
C PRO C 498 -1.38 -32.62 24.63
N ARG C 499 -0.47 -32.77 25.56
CA ARG C 499 0.05 -34.06 25.83
C ARG C 499 -1.00 -34.90 26.55
N GLN C 500 -1.03 -36.19 26.24
CA GLN C 500 -1.89 -37.16 26.87
C GLN C 500 -1.08 -37.84 27.91
N PRO C 501 -1.69 -38.29 28.99
CA PRO C 501 -0.85 -38.90 29.99
C PRO C 501 -0.60 -40.39 29.72
N LEU C 502 0.56 -40.83 30.15
CA LEU C 502 0.92 -42.23 30.30
C LEU C 502 0.59 -42.75 31.69
N LEU C 503 -0.53 -43.42 31.84
CA LEU C 503 -0.99 -43.84 33.16
C LEU C 503 -0.59 -45.25 33.58
N ASN C 504 -0.45 -45.46 34.88
CA ASN C 504 -0.39 -46.77 35.45
C ASN C 504 -1.63 -46.99 36.23
N LEU C 505 -2.56 -47.73 35.63
CA LEU C 505 -3.91 -47.91 36.19
C LEU C 505 -3.96 -48.94 37.31
N GLU C 506 -4.68 -48.61 38.37
CA GLU C 506 -5.05 -49.56 39.38
C GLU C 506 -6.57 -49.50 39.43
N LYS C 507 -7.21 -50.66 39.43
CA LYS C 507 -8.63 -50.72 39.55
C LYS C 507 -8.98 -50.83 41.05
N LYS C 508 -9.83 -49.92 41.52
CA LYS C 508 -10.29 -49.88 42.89
C LYS C 508 -11.73 -49.43 42.94
N LYS C 509 -12.38 -49.80 44.04
CA LYS C 509 -13.68 -49.29 44.31
C LYS C 509 -13.53 -47.83 44.76
N THR C 510 -14.41 -46.97 44.27
CA THR C 510 -14.39 -45.54 44.58
C THR C 510 -15.64 -45.12 45.34
N ALA C 511 -15.59 -43.93 45.91
CA ALA C 511 -16.66 -43.42 46.71
C ALA C 511 -17.94 -43.37 45.92
N LYS C 512 -17.83 -43.07 44.64
CA LYS C 512 -18.96 -43.03 43.73
C LYS C 512 -19.62 -44.40 43.59
N ASN C 513 -18.80 -45.42 43.43
CA ASN C 513 -19.25 -46.80 43.39
C ASN C 513 -20.03 -47.13 44.67
N ILE C 514 -19.44 -46.82 45.83
CA ILE C 514 -20.12 -47.00 47.10
C ILE C 514 -21.44 -46.20 47.20
N LEU C 515 -21.47 -44.96 46.71
CA LEU C 515 -22.71 -44.16 46.82
C LEU C 515 -23.84 -44.82 46.06
N ASP C 516 -23.53 -45.35 44.88
CA ASP C 516 -24.48 -45.93 43.97
C ASP C 516 -24.95 -47.31 44.44
N GLU C 517 -24.03 -48.10 44.99
CA GLU C 517 -24.29 -49.47 45.45
C GLU C 517 -24.86 -49.54 46.85
N GLN C 518 -24.47 -48.62 47.73
CA GLN C 518 -24.88 -48.63 49.16
C GLN C 518 -25.44 -47.34 49.74
N GLY C 519 -25.37 -46.20 49.03
CA GLY C 519 -25.94 -44.97 49.56
C GLY C 519 -24.97 -44.09 50.34
N ALA C 520 -25.49 -42.93 50.75
CA ALA C 520 -24.72 -41.85 51.26
C ALA C 520 -24.04 -42.14 52.58
N ASP C 521 -24.79 -42.72 53.53
CA ASP C 521 -24.25 -42.97 54.89
C ASP C 521 -23.11 -43.97 54.78
N ALA C 522 -23.16 -44.85 53.78
CA ALA C 522 -22.06 -45.78 53.57
C ALA C 522 -20.82 -45.01 53.09
N VAL C 523 -21.00 -43.97 52.27
CA VAL C 523 -19.87 -43.12 51.87
C VAL C 523 -19.25 -42.42 53.09
N VAL C 524 -20.10 -41.89 53.93
CA VAL C 524 -19.65 -41.28 55.18
C VAL C 524 -18.85 -42.27 55.99
N ASP C 525 -19.31 -43.52 56.09
CA ASP C 525 -18.54 -44.54 56.84
C ASP C 525 -17.21 -44.83 56.19
N TYR C 526 -17.20 -44.87 54.87
CA TYR C 526 -15.93 -45.09 54.17
C TYR C 526 -14.91 -43.97 54.52
N VAL C 527 -15.40 -42.73 54.58
CA VAL C 527 -14.57 -41.61 54.92
C VAL C 527 -14.05 -41.71 56.32
N LYS C 528 -14.95 -41.91 57.28
CA LYS C 528 -14.51 -42.09 58.67
C LYS C 528 -13.48 -43.18 58.83
N ASN C 529 -13.55 -44.24 58.04
CA ASN C 529 -12.57 -45.33 58.21
C ASN C 529 -11.29 -45.14 57.45
N THR C 530 -11.16 -44.02 56.72
CA THR C 530 -9.96 -43.83 55.96
C THR C 530 -8.93 -43.09 56.78
N LYS C 531 -7.73 -43.66 56.88
CA LYS C 531 -6.67 -43.04 57.66
C LYS C 531 -6.05 -41.84 56.88
N GLU C 532 -5.90 -42.01 55.56
CA GLU C 532 -5.25 -41.01 54.75
C GLU C 532 -6.18 -39.79 54.63
N VAL C 533 -5.62 -38.63 54.36
CA VAL C 533 -6.48 -37.50 54.02
C VAL C 533 -6.98 -37.67 52.58
N LEU C 534 -8.28 -37.49 52.37
CA LEU C 534 -8.84 -37.64 51.04
C LEU C 534 -8.84 -36.29 50.33
N LEU C 535 -8.90 -36.35 49.00
CA LEU C 535 -8.81 -35.18 48.13
C LEU C 535 -10.00 -35.05 47.19
N THR C 536 -10.46 -33.82 47.04
CA THR C 536 -11.36 -33.41 46.02
C THR C 536 -10.63 -32.51 45.03
N ASP C 537 -10.78 -32.77 43.73
CA ASP C 537 -10.11 -32.01 42.66
C ASP C 537 -11.01 -30.87 42.27
N THR C 538 -10.50 -29.63 42.30
CA THR C 538 -11.33 -28.42 42.00
C THR C 538 -10.97 -27.85 40.63
N THR C 539 -10.10 -28.59 39.91
CA THR C 539 -9.57 -28.19 38.65
C THR C 539 -10.67 -27.86 37.67
N LEU C 540 -11.73 -28.67 37.63
CA LEU C 540 -12.90 -28.41 36.72
C LEU C 540 -13.88 -27.34 37.17
N ARG C 541 -13.65 -26.74 38.32
CA ARG C 541 -14.59 -25.66 38.79
C ARG C 541 -13.82 -24.54 39.44
N ASP C 542 -13.47 -24.66 40.71
CA ASP C 542 -12.96 -23.48 41.43
C ASP C 542 -11.60 -22.95 40.91
N ALA C 543 -10.73 -23.85 40.46
CA ALA C 543 -9.42 -23.45 39.98
C ALA C 543 -9.48 -22.54 38.80
N HIS C 544 -10.28 -22.90 37.78
CA HIS C 544 -10.43 -21.98 36.67
C HIS C 544 -11.37 -20.82 36.98
N GLN C 545 -12.24 -20.97 37.93
CA GLN C 545 -13.07 -19.79 38.32
C GLN C 545 -12.12 -18.74 38.90
N SER C 546 -11.12 -19.16 39.69
CA SER C 546 -10.18 -18.21 40.29
C SER C 546 -9.18 -17.67 39.28
N LEU C 547 -8.66 -18.47 38.39
CA LEU C 547 -7.53 -18.05 37.60
C LEU C 547 -7.83 -17.60 36.22
N LEU C 548 -8.91 -18.12 35.62
CA LEU C 548 -9.20 -17.87 34.22
C LEU C 548 -10.63 -17.32 34.05
N ALA C 549 -11.12 -16.57 35.02
CA ALA C 549 -12.46 -15.98 34.96
C ALA C 549 -13.51 -17.02 34.55
N THR C 550 -13.33 -18.24 35.01
CA THR C 550 -14.29 -19.32 34.80
C THR C 550 -14.49 -19.74 33.34
N ARG C 551 -13.52 -19.47 32.49
CA ARG C 551 -13.76 -19.64 31.09
C ARG C 551 -13.37 -21.00 30.61
N LEU C 552 -12.96 -21.92 31.48
CA LEU C 552 -12.50 -23.22 30.98
C LEU C 552 -13.70 -23.93 30.29
N ARG C 553 -13.46 -24.45 29.09
CA ARG C 553 -14.52 -24.98 28.21
C ARG C 553 -14.60 -26.51 28.21
N LEU C 554 -15.82 -26.99 28.00
CA LEU C 554 -16.04 -28.42 27.94
C LEU C 554 -15.07 -29.11 27.00
N GLN C 555 -14.81 -28.50 25.85
CA GLN C 555 -14.01 -29.13 24.86
C GLN C 555 -12.65 -29.52 25.41
N ASP C 556 -12.08 -28.68 26.27
CA ASP C 556 -10.81 -29.01 26.92
C ASP C 556 -10.95 -29.98 28.06
N MET C 557 -12.02 -29.84 28.82
CA MET C 557 -12.32 -30.80 29.89
C MET C 557 -12.49 -32.24 29.38
N LYS C 558 -13.14 -32.43 28.23
CA LYS C 558 -13.38 -33.81 27.73
C LYS C 558 -12.16 -34.56 27.36
N GLY C 559 -11.12 -33.86 26.92
CA GLY C 559 -9.94 -34.54 26.42
C GLY C 559 -9.16 -35.23 27.50
N ILE C 560 -9.46 -34.92 28.77
CA ILE C 560 -8.69 -35.52 29.86
C ILE C 560 -9.55 -36.16 30.94
N ALA C 561 -10.85 -35.99 30.83
CA ALA C 561 -11.75 -36.51 31.82
C ALA C 561 -11.67 -38.00 32.06
N GLN C 562 -11.52 -38.81 31.03
CA GLN C 562 -11.41 -40.22 31.20
C GLN C 562 -10.15 -40.55 31.98
N ALA C 563 -9.08 -39.84 31.72
CA ALA C 563 -7.82 -40.05 32.38
C ALA C 563 -7.90 -39.77 33.87
N ILE C 564 -8.65 -38.78 34.25
CA ILE C 564 -8.87 -38.45 35.64
C ILE C 564 -9.66 -39.56 36.37
N ASP C 565 -10.71 -40.08 35.74
CA ASP C 565 -11.53 -41.10 36.31
C ASP C 565 -10.82 -42.38 36.52
N GLN C 566 -10.13 -42.83 35.49
CA GLN C 566 -9.33 -44.02 35.54
C GLN C 566 -8.05 -43.82 36.28
N GLY C 567 -7.42 -42.70 36.04
CA GLY C 567 -6.14 -42.35 36.63
C GLY C 567 -6.06 -42.07 38.10
N LEU C 568 -7.07 -41.42 38.62
CA LEU C 568 -7.10 -41.01 40.00
C LEU C 568 -8.37 -41.48 40.67
N PRO C 569 -8.46 -42.86 40.78
CA PRO C 569 -9.67 -43.36 41.41
C PRO C 569 -9.75 -42.99 42.86
N GLU C 570 -8.63 -42.68 43.47
CA GLU C 570 -8.61 -42.35 44.90
C GLU C 570 -9.37 -41.06 45.24
N LEU C 571 -9.64 -40.19 44.28
CA LEU C 571 -10.32 -38.92 44.62
C LEU C 571 -11.63 -39.14 45.36
N PHE C 572 -11.87 -38.39 46.39
CA PHE C 572 -13.22 -38.36 46.96
C PHE C 572 -14.16 -37.91 45.88
N SER C 573 -13.86 -36.79 45.26
CA SER C 573 -14.76 -36.24 44.23
C SER C 573 -14.05 -35.30 43.34
N ALA C 574 -14.70 -34.95 42.24
CA ALA C 574 -14.28 -33.85 41.39
C ALA C 574 -15.32 -32.75 41.49
N GLU C 575 -14.88 -31.54 41.81
CA GLU C 575 -15.77 -30.41 41.86
C GLU C 575 -15.85 -29.87 40.44
N MET C 576 -17.02 -30.00 39.82
CA MET C 576 -17.16 -29.67 38.41
C MET C 576 -18.37 -28.85 38.03
N TRP C 577 -19.06 -28.27 38.99
CA TRP C 577 -20.26 -27.56 38.65
C TRP C 577 -20.65 -26.60 39.70
N GLY C 578 -21.58 -25.73 39.39
CA GLY C 578 -21.97 -24.72 40.32
C GLY C 578 -20.97 -23.56 40.37
N GLY C 579 -21.16 -22.71 41.37
CA GLY C 579 -20.48 -21.45 41.50
C GLY C 579 -20.83 -20.64 40.28
N ALA C 580 -19.85 -19.90 39.74
CA ALA C 580 -20.07 -19.12 38.51
C ALA C 580 -20.16 -19.94 37.21
N THR C 581 -19.85 -21.25 37.21
CA THR C 581 -19.81 -21.98 35.96
C THR C 581 -21.15 -22.00 35.25
N PHE C 582 -22.24 -21.98 35.97
CA PHE C 582 -23.53 -22.17 35.32
C PHE C 582 -23.84 -21.01 34.40
N ASP C 583 -23.71 -19.85 34.97
CA ASP C 583 -23.96 -18.59 34.35
C ASP C 583 -22.98 -18.27 33.21
N VAL C 584 -21.71 -18.37 33.51
CA VAL C 584 -20.65 -18.05 32.58
C VAL C 584 -20.71 -18.98 31.37
N ALA C 585 -21.05 -20.23 31.57
CA ALA C 585 -21.10 -21.18 30.45
C ALA C 585 -22.08 -20.72 29.40
N TYR C 586 -23.25 -20.29 29.84
CA TYR C 586 -24.28 -19.82 28.94
C TYR C 586 -23.94 -18.49 28.36
N ARG C 587 -23.59 -17.56 29.23
CA ARG C 587 -23.49 -16.15 28.87
C ARG C 587 -22.22 -15.84 28.12
N PHE C 588 -21.08 -16.46 28.47
CA PHE C 588 -19.82 -16.08 27.84
C PHE C 588 -19.24 -17.15 26.98
N LEU C 589 -19.54 -18.42 27.24
CA LEU C 589 -18.99 -19.49 26.42
C LEU C 589 -19.96 -20.04 25.37
N ASN C 590 -21.22 -19.60 25.42
CA ASN C 590 -22.30 -20.04 24.53
C ASN C 590 -22.38 -21.54 24.55
N GLU C 591 -22.30 -22.11 25.72
CA GLU C 591 -22.47 -23.58 25.86
C GLU C 591 -23.25 -23.85 27.14
N SER C 592 -23.97 -24.96 27.14
CA SER C 592 -24.83 -25.26 28.24
C SER C 592 -24.10 -25.98 29.33
N PRO C 593 -24.29 -25.53 30.56
CA PRO C 593 -23.69 -26.27 31.65
C PRO C 593 -24.28 -27.65 31.81
N TRP C 594 -25.55 -27.88 31.37
CA TRP C 594 -26.15 -29.22 31.44
C TRP C 594 -25.48 -30.18 30.48
N TYR C 595 -25.15 -29.68 29.29
CA TYR C 595 -24.45 -30.51 28.30
C TYR C 595 -23.07 -30.90 28.85
N ARG C 596 -22.40 -29.93 29.49
CA ARG C 596 -21.12 -30.20 30.21
C ARG C 596 -21.27 -31.30 31.24
N LEU C 597 -22.32 -31.20 32.05
CA LEU C 597 -22.54 -32.22 33.05
C LEU C 597 -22.78 -33.63 32.42
N ARG C 598 -23.60 -33.73 31.39
CA ARG C 598 -23.89 -35.04 30.73
C ARG C 598 -22.69 -35.61 30.09
N LYS C 599 -21.99 -34.78 29.35
CA LYS C 599 -20.80 -35.24 28.65
C LYS C 599 -19.74 -35.72 29.63
N LEU C 600 -19.50 -34.98 30.71
CA LEU C 600 -18.48 -35.42 31.67
C LEU C 600 -18.98 -36.59 32.46
N ARG C 601 -20.26 -36.56 32.77
CA ARG C 601 -20.84 -37.67 33.52
C ARG C 601 -20.55 -39.02 32.84
N LYS C 602 -20.73 -39.09 31.53
CA LYS C 602 -20.48 -40.33 30.82
C LYS C 602 -19.01 -40.67 30.79
N LEU C 603 -18.13 -39.69 30.63
CA LEU C 603 -16.68 -39.98 30.55
C LEU C 603 -16.06 -40.36 31.89
N MET C 604 -16.79 -40.08 32.98
CA MET C 604 -16.23 -40.28 34.34
C MET C 604 -17.14 -41.05 35.25
N PRO C 605 -17.50 -42.29 34.87
CA PRO C 605 -18.63 -42.96 35.58
C PRO C 605 -18.30 -43.34 37.03
N ASN C 606 -17.04 -43.48 37.39
CA ASN C 606 -16.61 -43.83 38.75
C ASN C 606 -16.16 -42.68 39.68
N THR C 607 -16.35 -41.43 39.26
CA THR C 607 -15.92 -40.30 40.02
C THR C 607 -17.13 -39.52 40.55
N MET C 608 -17.24 -39.33 41.86
CA MET C 608 -18.28 -38.49 42.37
C MET C 608 -18.10 -37.10 41.82
N PHE C 609 -19.22 -36.52 41.41
CA PHE C 609 -19.25 -35.23 40.89
C PHE C 609 -19.80 -34.33 41.97
N GLN C 610 -19.08 -33.22 42.24
CA GLN C 610 -19.51 -32.30 43.27
C GLN C 610 -19.83 -30.93 42.72
N MET C 611 -20.85 -30.27 43.28
CA MET C 611 -21.15 -28.90 42.87
C MET C 611 -21.19 -27.98 44.09
N LEU C 612 -20.97 -26.70 43.85
CA LEU C 612 -21.20 -25.70 44.85
C LEU C 612 -22.61 -25.18 44.64
N PHE C 613 -23.36 -25.10 45.72
CA PHE C 613 -24.80 -24.78 45.62
C PHE C 613 -25.16 -23.79 46.70
N ARG C 614 -25.65 -22.60 46.33
CA ARG C 614 -26.09 -21.65 47.35
C ARG C 614 -27.47 -22.03 47.89
N GLY C 615 -27.56 -22.21 49.19
CA GLY C 615 -28.77 -22.78 49.81
C GLY C 615 -30.11 -22.22 49.35
N SER C 616 -30.19 -20.91 49.26
CA SER C 616 -31.43 -20.29 48.88
C SER C 616 -31.61 -20.07 47.38
N ASN C 617 -30.53 -20.04 46.60
CA ASN C 617 -30.60 -19.65 45.21
C ASN C 617 -30.05 -20.60 44.21
N ALA C 618 -29.52 -21.74 44.65
CA ALA C 618 -28.85 -22.67 43.77
C ALA C 618 -27.58 -22.02 43.08
N VAL C 619 -27.72 -21.62 41.83
CA VAL C 619 -26.67 -21.00 41.04
C VAL C 619 -27.03 -19.60 40.55
N GLY C 620 -28.14 -19.04 41.03
CA GLY C 620 -28.66 -17.76 40.52
C GLY C 620 -28.54 -16.65 41.53
N TYR C 621 -29.10 -15.48 41.20
CA TYR C 621 -29.03 -14.29 42.06
C TYR C 621 -30.36 -13.55 42.21
N GLN C 622 -31.45 -14.22 41.89
CA GLN C 622 -32.78 -13.71 42.16
C GLN C 622 -33.29 -14.46 43.36
N ASN C 623 -34.49 -14.07 43.79
CA ASN C 623 -35.13 -14.67 44.91
C ASN C 623 -36.09 -15.78 44.44
N TYR C 624 -35.67 -17.03 44.49
CA TYR C 624 -36.51 -18.10 43.99
C TYR C 624 -37.27 -18.74 45.13
N PRO C 625 -38.56 -19.10 44.88
CA PRO C 625 -39.29 -19.90 45.86
C PRO C 625 -38.79 -21.33 46.02
N ASP C 626 -39.17 -21.93 47.14
CA ASP C 626 -38.69 -23.21 47.54
C ASP C 626 -38.86 -24.29 46.54
N ASN C 627 -39.95 -24.27 45.77
CA ASN C 627 -40.22 -25.37 44.83
C ASN C 627 -39.19 -25.39 43.66
N VAL C 628 -38.70 -24.21 43.30
CA VAL C 628 -37.64 -24.05 42.31
C VAL C 628 -36.35 -24.67 42.79
N ILE C 629 -35.93 -24.27 43.99
CA ILE C 629 -34.72 -24.84 44.61
C ILE C 629 -34.82 -26.38 44.64
N GLU C 630 -35.98 -26.90 45.03
CA GLU C 630 -36.19 -28.36 45.11
C GLU C 630 -36.13 -29.04 43.76
N GLU C 631 -36.75 -28.41 42.78
CA GLU C 631 -36.69 -28.94 41.42
C GLU C 631 -35.25 -28.93 40.82
N PHE C 632 -34.52 -27.83 41.03
CA PHE C 632 -33.11 -27.76 40.60
C PHE C 632 -32.34 -28.94 41.11
N ILE C 633 -32.44 -29.16 42.41
CA ILE C 633 -31.79 -30.29 43.04
C ILE C 633 -32.22 -31.63 42.41
N ARG C 634 -33.52 -31.80 42.15
CA ARG C 634 -33.99 -33.07 41.58
C ARG C 634 -33.35 -33.30 40.23
N VAL C 635 -33.35 -32.26 39.39
CA VAL C 635 -32.78 -32.41 38.04
C VAL C 635 -31.25 -32.64 38.13
N ALA C 636 -30.56 -31.85 38.96
CA ALA C 636 -29.10 -31.93 39.06
C ALA C 636 -28.68 -33.30 39.49
N ALA C 637 -29.39 -33.80 40.48
CA ALA C 637 -29.16 -35.14 40.98
C ALA C 637 -29.43 -36.20 39.93
N HIS C 638 -30.56 -36.07 39.23
CA HIS C 638 -30.87 -37.01 38.15
C HIS C 638 -29.77 -36.94 37.06
N GLU C 639 -29.29 -35.73 36.76
CA GLU C 639 -28.29 -35.59 35.69
C GLU C 639 -26.88 -35.94 36.07
N GLY C 640 -26.63 -36.27 37.34
CA GLY C 640 -25.30 -36.83 37.74
C GLY C 640 -24.48 -36.10 38.82
N ILE C 641 -25.03 -35.06 39.42
CA ILE C 641 -24.42 -34.46 40.58
C ILE C 641 -24.62 -35.38 41.78
N ASP C 642 -23.52 -35.78 42.42
CA ASP C 642 -23.52 -36.69 43.56
C ASP C 642 -23.40 -36.01 44.94
N VAL C 643 -22.64 -34.92 45.01
CA VAL C 643 -22.36 -34.19 46.23
C VAL C 643 -22.72 -32.73 46.05
N PHE C 644 -23.57 -32.21 46.92
CA PHE C 644 -23.99 -30.82 46.87
C PHE C 644 -23.40 -30.14 48.08
N ARG C 645 -22.54 -29.17 47.84
CA ARG C 645 -21.99 -28.38 48.92
C ARG C 645 -22.85 -27.15 49.08
N ILE C 646 -23.56 -27.12 50.18
CA ILE C 646 -24.56 -26.10 50.40
C ILE C 646 -24.04 -25.05 51.34
N PHE C 647 -24.05 -23.84 50.87
CA PHE C 647 -23.57 -22.75 51.70
C PHE C 647 -24.56 -21.58 51.68
N ASP C 648 -24.39 -20.71 52.65
CA ASP C 648 -25.10 -19.44 52.64
C ASP C 648 -24.14 -18.30 52.89
N SER C 649 -24.34 -17.23 52.14
CA SER C 649 -23.43 -16.10 52.16
C SER C 649 -23.27 -15.43 53.47
N LEU C 650 -24.21 -15.67 54.40
CA LEU C 650 -24.09 -15.06 55.74
C LEU C 650 -24.09 -16.12 56.81
N ASN C 651 -23.83 -17.35 56.41
CA ASN C 651 -23.87 -18.51 57.30
C ASN C 651 -25.24 -18.55 58.04
N TRP C 652 -26.31 -18.21 57.32
CA TRP C 652 -27.64 -18.17 57.94
C TRP C 652 -28.40 -19.46 57.69
N LEU C 653 -28.54 -20.26 58.73
CA LEU C 653 -28.97 -21.66 58.59
C LEU C 653 -30.33 -21.85 57.92
N PRO C 654 -31.29 -20.95 58.19
CA PRO C 654 -32.57 -21.15 57.54
C PRO C 654 -32.46 -21.20 55.99
N GLN C 655 -31.52 -20.49 55.42
CA GLN C 655 -31.34 -20.51 54.01
C GLN C 655 -30.89 -21.83 53.50
N MET C 656 -30.38 -22.68 54.35
CA MET C 656 -29.82 -23.96 53.94
C MET C 656 -30.69 -25.19 54.20
N GLU C 657 -31.69 -25.08 55.06
CA GLU C 657 -32.40 -26.30 55.55
C GLU C 657 -33.17 -27.07 54.50
N LYS C 658 -33.89 -26.37 53.67
CA LYS C 658 -34.71 -27.08 52.65
C LYS C 658 -33.83 -27.78 51.63
N SER C 659 -32.73 -27.11 51.27
CA SER C 659 -31.81 -27.67 50.27
C SER C 659 -31.22 -28.95 50.80
N ILE C 660 -30.81 -28.94 52.05
CA ILE C 660 -30.18 -30.10 52.64
C ILE C 660 -31.17 -31.27 52.64
N GLN C 661 -32.39 -30.99 53.08
CA GLN C 661 -33.44 -32.03 53.07
C GLN C 661 -33.68 -32.57 51.65
N ALA C 662 -33.79 -31.69 50.66
CA ALA C 662 -34.01 -32.19 49.28
C ALA C 662 -32.86 -33.05 48.73
N VAL C 663 -31.62 -32.72 49.10
CA VAL C 663 -30.50 -33.54 48.62
C VAL C 663 -30.58 -34.91 49.23
N ARG C 664 -30.81 -34.96 50.54
CA ARG C 664 -31.09 -36.24 51.20
C ARG C 664 -32.25 -37.00 50.51
N ASP C 665 -33.38 -36.33 50.31
CA ASP C 665 -34.52 -36.96 49.65
C ASP C 665 -34.13 -37.50 48.28
N ASN C 666 -33.18 -36.87 47.58
CA ASN C 666 -32.86 -37.40 46.26
C ASN C 666 -31.78 -38.45 46.31
N GLY C 667 -31.40 -38.88 47.49
CA GLY C 667 -30.46 -39.98 47.58
C GLY C 667 -29.00 -39.58 47.38
N LYS C 668 -28.72 -38.29 47.52
CA LYS C 668 -27.34 -37.81 47.29
C LYS C 668 -26.68 -37.31 48.56
N ILE C 669 -25.45 -36.79 48.45
CA ILE C 669 -24.70 -36.38 49.62
C ILE C 669 -24.79 -34.87 49.81
N ALA C 670 -25.04 -34.42 51.04
CA ALA C 670 -25.17 -33.02 51.33
C ALA C 670 -23.98 -32.63 52.20
N GLU C 671 -23.20 -31.63 51.78
CA GLU C 671 -22.22 -31.01 52.69
C GLU C 671 -22.83 -29.75 53.19
N ALA C 672 -22.93 -29.57 54.49
CA ALA C 672 -23.42 -28.29 54.98
C ALA C 672 -22.20 -27.42 55.28
N THR C 673 -22.22 -26.18 54.83
CA THR C 673 -21.02 -25.38 54.84
C THR C 673 -21.01 -24.26 55.84
N ILE C 674 -19.83 -24.11 56.43
CA ILE C 674 -19.52 -22.94 57.20
C ILE C 674 -18.46 -22.11 56.46
N CYS C 675 -18.81 -20.86 56.15
CA CYS C 675 -17.89 -19.95 55.58
C CYS C 675 -17.02 -19.34 56.67
N TYR C 676 -15.69 -19.41 56.48
CA TYR C 676 -14.73 -18.88 57.44
C TYR C 676 -14.36 -17.45 57.08
N THR C 677 -14.23 -16.63 58.09
CA THR C 677 -13.80 -15.26 57.93
C THR C 677 -13.10 -14.85 59.24
N GLY C 678 -12.51 -13.66 59.27
CA GLY C 678 -11.83 -13.21 60.47
C GLY C 678 -10.61 -14.06 60.78
N ASP C 679 -10.35 -14.27 62.07
CA ASP C 679 -9.19 -15.01 62.56
C ASP C 679 -9.53 -15.52 63.96
N ILE C 680 -9.72 -16.83 64.12
CA ILE C 680 -10.02 -17.36 65.44
C ILE C 680 -8.90 -17.12 66.45
N LEU C 681 -7.71 -16.75 66.00
CA LEU C 681 -6.57 -16.48 66.88
C LEU C 681 -6.32 -15.03 67.20
N ASP C 682 -7.14 -14.15 66.67
CA ASP C 682 -7.10 -12.72 67.00
C ASP C 682 -8.19 -12.49 68.05
N PRO C 683 -7.79 -12.35 69.33
CA PRO C 683 -8.81 -12.07 70.34
C PRO C 683 -9.50 -10.66 70.23
N SER C 684 -8.96 -9.72 69.43
CA SER C 684 -9.62 -8.45 69.15
C SER C 684 -10.79 -8.57 68.16
N ARG C 685 -11.01 -9.73 67.54
CA ARG C 685 -12.20 -9.93 66.70
C ARG C 685 -12.99 -11.14 67.13
N PRO C 686 -13.58 -11.05 68.32
CA PRO C 686 -14.26 -12.18 68.94
C PRO C 686 -15.59 -12.59 68.30
N LYS C 687 -16.11 -11.78 67.40
CA LYS C 687 -17.42 -12.08 66.82
C LYS C 687 -17.40 -13.44 66.06
N TYR C 688 -16.28 -13.73 65.41
CA TYR C 688 -16.09 -14.99 64.73
C TYR C 688 -15.03 -15.85 65.38
N ASN C 689 -15.32 -16.27 66.59
CA ASN C 689 -14.36 -16.93 67.41
C ASN C 689 -14.68 -18.37 67.31
N ILE C 690 -13.91 -19.16 68.01
CA ILE C 690 -14.06 -20.58 67.85
C ILE C 690 -15.44 -21.09 68.31
N GLN C 691 -16.01 -20.44 69.30
CA GLN C 691 -17.34 -20.83 69.79
C GLN C 691 -18.43 -20.62 68.74
N TYR C 692 -18.33 -19.51 68.04
CA TYR C 692 -19.19 -19.25 66.86
C TYR C 692 -19.21 -20.45 65.90
N TYR C 693 -18.03 -20.93 65.51
CA TYR C 693 -17.92 -22.06 64.62
C TYR C 693 -18.45 -23.35 65.18
N LYS C 694 -18.23 -23.61 66.46
CA LYS C 694 -18.75 -24.80 67.07
C LYS C 694 -20.25 -24.78 67.13
N ASP C 695 -20.82 -23.65 67.48
CA ASP C 695 -22.24 -23.55 67.60
C ASP C 695 -22.94 -23.79 66.32
N LEU C 696 -22.42 -23.18 65.29
CA LEU C 696 -22.96 -23.33 63.98
C LEU C 696 -22.71 -24.78 63.48
N ALA C 697 -21.56 -25.37 63.76
CA ALA C 697 -21.34 -26.77 63.35
C ALA C 697 -22.34 -27.74 63.98
N LYS C 698 -22.73 -27.51 65.24
CA LYS C 698 -23.72 -28.37 65.89
C LYS C 698 -25.08 -28.23 65.24
N GLU C 699 -25.52 -27.01 64.99
CA GLU C 699 -26.79 -26.80 64.29
C GLU C 699 -26.74 -27.45 62.92
N LEU C 700 -25.63 -27.31 62.19
CA LEU C 700 -25.56 -27.95 60.88
C LEU C 700 -25.66 -29.42 61.01
N GLU C 701 -25.01 -30.01 62.01
CA GLU C 701 -25.12 -31.46 62.22
C GLU C 701 -26.58 -31.91 62.43
N ALA C 702 -27.33 -31.12 63.18
CA ALA C 702 -28.71 -31.47 63.48
C ALA C 702 -29.64 -31.46 62.24
N THR C 703 -29.27 -30.78 61.14
CA THR C 703 -30.07 -30.79 59.88
C THR C 703 -30.06 -32.15 59.16
N GLY C 704 -29.19 -33.05 59.57
CA GLY C 704 -29.02 -34.31 58.85
C GLY C 704 -28.05 -34.25 57.66
N ALA C 705 -27.31 -33.15 57.52
CA ALA C 705 -26.22 -33.09 56.54
C ALA C 705 -25.24 -34.24 56.68
N HIS C 706 -24.76 -34.78 55.57
CA HIS C 706 -23.80 -35.88 55.67
C HIS C 706 -22.39 -35.42 56.03
N ILE C 707 -21.99 -34.25 55.55
CA ILE C 707 -20.61 -33.80 55.77
C ILE C 707 -20.62 -32.33 56.09
N LEU C 708 -19.71 -31.91 56.97
CA LEU C 708 -19.48 -30.51 57.25
C LEU C 708 -18.34 -29.96 56.44
N ALA C 709 -18.62 -28.90 55.68
CA ALA C 709 -17.58 -28.25 54.91
C ALA C 709 -17.20 -26.95 55.56
N VAL C 710 -15.91 -26.66 55.57
CA VAL C 710 -15.43 -25.33 55.96
C VAL C 710 -14.88 -24.63 54.73
N LYS C 711 -15.50 -23.52 54.36
CA LYS C 711 -15.20 -22.82 53.12
C LYS C 711 -14.47 -21.55 53.45
N ASP C 712 -13.17 -21.55 53.23
CA ASP C 712 -12.34 -20.41 53.47
C ASP C 712 -12.10 -19.75 52.10
N MET C 713 -13.08 -18.96 51.71
CA MET C 713 -13.19 -18.44 50.34
C MET C 713 -12.15 -17.40 50.03
N ALA C 714 -11.62 -16.75 51.04
CA ALA C 714 -10.60 -15.74 50.81
C ALA C 714 -9.16 -16.20 51.15
N GLY C 715 -9.02 -17.43 51.63
CA GLY C 715 -7.71 -17.98 51.94
C GLY C 715 -7.12 -17.34 53.19
N LEU C 716 -7.94 -17.05 54.17
CA LEU C 716 -7.50 -16.40 55.37
C LEU C 716 -6.94 -17.33 56.43
N LEU C 717 -7.12 -18.61 56.29
CA LEU C 717 -6.87 -19.51 57.39
C LEU C 717 -5.35 -19.77 57.50
N LYS C 718 -4.73 -19.44 58.63
CA LYS C 718 -3.30 -19.64 58.82
C LYS C 718 -3.13 -20.99 59.43
N PRO C 719 -1.92 -21.56 59.36
CA PRO C 719 -1.86 -22.98 59.70
C PRO C 719 -2.14 -23.32 61.15
N GLN C 720 -1.74 -22.49 62.10
CA GLN C 720 -2.11 -22.71 63.52
C GLN C 720 -3.63 -22.58 63.78
N ALA C 721 -4.27 -21.66 63.08
CA ALA C 721 -5.70 -21.54 63.22
C ALA C 721 -6.38 -22.76 62.58
N ALA C 722 -5.83 -23.25 61.48
CA ALA C 722 -6.46 -24.42 60.82
C ALA C 722 -6.41 -25.60 61.75
N TYR C 723 -5.26 -25.75 62.39
CA TYR C 723 -5.09 -26.79 63.36
C TYR C 723 -6.08 -26.68 64.52
N ARG C 724 -6.15 -25.52 65.16
CA ARG C 724 -7.10 -25.29 66.26
C ARG C 724 -8.57 -25.50 65.79
N LEU C 725 -8.92 -24.89 64.67
CA LEU C 725 -10.30 -24.99 64.19
C LEU C 725 -10.72 -26.42 63.90
N ILE C 726 -9.89 -27.11 63.15
CA ILE C 726 -10.24 -28.45 62.82
C ILE C 726 -10.26 -29.31 64.06
N SER C 727 -9.25 -29.18 64.92
CA SER C 727 -9.23 -30.09 66.08
C SER C 727 -10.45 -29.90 66.97
N GLU C 728 -10.88 -28.65 67.16
CA GLU C 728 -12.08 -28.38 67.96
C GLU C 728 -13.33 -28.88 67.32
N LEU C 729 -13.42 -28.76 66.02
CA LEU C 729 -14.63 -29.16 65.32
C LEU C 729 -14.75 -30.65 65.38
N LYS C 730 -13.63 -31.36 65.28
CA LYS C 730 -13.66 -32.81 65.31
C LYS C 730 -14.11 -33.31 66.70
N ASP C 731 -13.87 -32.54 67.74
CA ASP C 731 -14.39 -32.88 69.07
C ASP C 731 -15.77 -32.34 69.32
N THR C 732 -16.37 -31.67 68.35
CA THR C 732 -17.71 -31.11 68.54
C THR C 732 -18.78 -31.83 67.76
N VAL C 733 -18.46 -32.35 66.58
CA VAL C 733 -19.41 -33.08 65.78
C VAL C 733 -18.77 -34.34 65.26
N ASP C 734 -19.59 -35.29 64.83
CA ASP C 734 -19.09 -36.58 64.29
C ASP C 734 -19.01 -36.63 62.79
N LEU C 735 -19.63 -35.65 62.11
CA LEU C 735 -19.51 -35.58 60.66
C LEU C 735 -18.07 -35.45 60.19
N PRO C 736 -17.71 -36.09 59.06
CA PRO C 736 -16.42 -35.77 58.49
C PRO C 736 -16.37 -34.29 58.08
N ILE C 737 -15.17 -33.74 58.14
CA ILE C 737 -14.92 -32.37 57.82
C ILE C 737 -14.12 -32.29 56.53
N HIS C 738 -14.66 -31.51 55.63
CA HIS C 738 -14.13 -31.25 54.31
C HIS C 738 -13.75 -29.76 54.23
N LEU C 739 -12.44 -29.53 54.20
CA LEU C 739 -11.89 -28.20 54.24
C LEU C 739 -11.50 -27.74 52.87
N HIS C 740 -11.86 -26.49 52.60
CA HIS C 740 -11.59 -25.81 51.32
C HIS C 740 -10.90 -24.47 51.54
N THR C 741 -9.68 -24.31 51.03
CA THR C 741 -9.06 -22.97 51.09
C THR C 741 -8.51 -22.51 49.75
N HIS C 742 -8.00 -21.30 49.74
CA HIS C 742 -7.31 -20.76 48.55
C HIS C 742 -5.88 -20.49 48.94
N ASP C 743 -4.96 -20.51 47.96
CA ASP C 743 -3.54 -20.33 48.20
C ASP C 743 -3.09 -18.91 48.05
N THR C 744 -4.04 -17.98 48.16
CA THR C 744 -3.84 -16.59 47.84
C THR C 744 -2.70 -16.03 48.65
N SER C 745 -2.61 -16.36 49.94
CA SER C 745 -1.52 -15.86 50.78
C SER C 745 -0.15 -16.62 50.61
N GLY C 746 -0.14 -17.66 49.83
CA GLY C 746 1.06 -18.57 49.81
C GLY C 746 1.12 -19.56 50.97
N ASN C 747 0.09 -19.62 51.82
CA ASN C 747 0.07 -20.55 52.96
C ASN C 747 -0.89 -21.72 52.83
N GLY C 748 -1.35 -21.97 51.62
CA GLY C 748 -2.30 -23.03 51.40
C GLY C 748 -1.84 -24.46 51.74
N ILE C 749 -0.64 -24.83 51.26
CA ILE C 749 -0.12 -26.19 51.57
C ILE C 749 0.12 -26.34 53.05
N ILE C 750 0.73 -25.35 53.65
CA ILE C 750 1.05 -25.51 55.07
C ILE C 750 -0.23 -25.54 55.91
N THR C 751 -1.25 -24.81 55.49
CA THR C 751 -2.54 -24.85 56.18
C THR C 751 -3.21 -26.22 56.04
N TYR C 752 -3.18 -26.75 54.82
CA TYR C 752 -3.72 -28.11 54.63
C TYR C 752 -2.96 -29.17 55.42
N SER C 753 -1.66 -28.98 55.57
CA SER C 753 -0.84 -29.93 56.26
C SER C 753 -1.14 -29.84 57.74
N GLY C 754 -1.21 -28.66 58.24
CA GLY C 754 -1.75 -28.43 59.62
C GLY C 754 -3.08 -29.06 59.87
N ALA C 755 -4.00 -28.87 58.93
CA ALA C 755 -5.35 -29.39 59.10
C ALA C 755 -5.31 -30.94 59.09
N THR C 756 -4.36 -31.50 58.33
CA THR C 756 -4.20 -32.93 58.28
C THR C 756 -3.76 -33.48 59.64
N GLN C 757 -2.85 -32.81 60.29
CA GLN C 757 -2.46 -33.25 61.59
C GLN C 757 -3.63 -33.15 62.56
N ALA C 758 -4.59 -32.27 62.33
CA ALA C 758 -5.70 -32.12 63.26
C ALA C 758 -6.84 -33.08 63.00
N GLY C 759 -6.71 -33.92 62.01
CA GLY C 759 -7.74 -34.88 61.73
C GLY C 759 -8.62 -34.61 60.55
N VAL C 760 -8.39 -33.54 59.77
CA VAL C 760 -9.27 -33.26 58.67
C VAL C 760 -9.48 -34.46 57.79
N ASP C 761 -10.66 -34.63 57.25
CA ASP C 761 -11.01 -35.82 56.50
C ASP C 761 -10.81 -35.68 55.00
N ILE C 762 -11.12 -34.51 54.46
CA ILE C 762 -11.03 -34.25 53.01
C ILE C 762 -10.55 -32.81 52.78
N ILE C 763 -9.77 -32.61 51.73
CA ILE C 763 -9.32 -31.27 51.32
C ILE C 763 -9.50 -31.02 49.82
N ASP C 764 -9.72 -29.76 49.46
CA ASP C 764 -9.92 -29.33 48.10
C ASP C 764 -8.62 -28.85 47.48
N VAL C 765 -8.16 -29.55 46.46
CA VAL C 765 -6.90 -29.22 45.78
C VAL C 765 -7.07 -29.16 44.29
N ALA C 766 -6.19 -28.43 43.62
CA ALA C 766 -6.22 -28.28 42.16
C ALA C 766 -4.98 -28.90 41.61
N THR C 767 -5.00 -29.26 40.35
CA THR C 767 -3.83 -29.77 39.73
C THR C 767 -2.80 -28.62 39.65
N ALA C 768 -1.54 -28.98 39.75
CA ALA C 768 -0.45 -28.04 39.92
C ALA C 768 -0.47 -26.87 38.95
N SER C 769 -0.67 -27.17 37.67
CA SER C 769 -0.66 -26.17 36.63
C SER C 769 -1.86 -25.23 36.65
N LEU C 770 -2.84 -25.52 37.49
CA LEU C 770 -3.98 -24.58 37.76
C LEU C 770 -4.11 -24.33 39.26
N ALA C 771 -2.97 -24.40 39.95
CA ALA C 771 -2.94 -24.22 41.40
C ALA C 771 -2.09 -23.05 41.78
N GLY C 772 -2.14 -22.69 43.06
CA GLY C 772 -1.42 -21.55 43.54
C GLY C 772 -2.18 -20.29 43.27
N GLY C 773 -1.61 -19.19 43.76
CA GLY C 773 -2.29 -17.88 43.65
C GLY C 773 -3.66 -17.96 44.26
N THR C 774 -4.62 -17.34 43.61
CA THR C 774 -6.05 -17.37 44.09
C THR C 774 -6.77 -18.71 43.85
N SER C 775 -6.04 -19.70 43.39
CA SER C 775 -6.62 -21.04 43.22
C SER C 775 -6.42 -21.85 44.48
N GLN C 776 -6.70 -23.15 44.40
CA GLN C 776 -6.52 -23.99 45.55
C GLN C 776 -5.04 -24.33 45.59
N PRO C 777 -4.58 -24.75 46.73
CA PRO C 777 -3.27 -25.40 46.76
C PRO C 777 -3.13 -26.60 45.86
N SER C 778 -1.91 -26.89 45.45
CA SER C 778 -1.63 -28.01 44.55
C SER C 778 -1.86 -29.42 45.16
N MET C 779 -2.64 -30.23 44.46
CA MET C 779 -2.76 -31.67 44.75
C MET C 779 -1.41 -32.42 44.80
N GLN C 780 -0.62 -32.31 43.77
CA GLN C 780 0.65 -33.00 43.76
C GLN C 780 1.55 -32.54 44.95
N SER C 781 1.50 -31.27 45.29
CA SER C 781 2.37 -30.73 46.34
C SER C 781 2.02 -31.23 47.74
N ILE C 782 0.73 -31.37 48.00
CA ILE C 782 0.33 -31.80 49.35
C ILE C 782 0.72 -33.25 49.52
N TYR C 783 0.69 -34.03 48.45
CA TYR C 783 1.15 -35.43 48.53
C TYR C 783 2.56 -35.52 49.06
N TYR C 784 3.42 -34.72 48.46
CA TYR C 784 4.83 -34.73 48.84
C TYR C 784 5.06 -34.06 50.19
N ALA C 785 4.18 -33.11 50.59
CA ALA C 785 4.31 -32.51 51.92
C ALA C 785 3.99 -33.50 53.08
N LEU C 786 3.08 -34.41 52.80
CA LEU C 786 2.72 -35.44 53.75
C LEU C 786 3.43 -36.83 53.53
N GLU C 787 4.13 -37.01 52.42
CA GLU C 787 4.69 -38.34 52.06
C GLU C 787 5.42 -38.98 53.26
N HIS C 788 6.25 -38.21 53.96
CA HIS C 788 6.93 -38.69 55.19
C HIS C 788 6.33 -38.31 56.50
N GLY C 789 5.04 -38.04 56.52
CA GLY C 789 4.38 -37.80 57.79
C GLY C 789 3.51 -38.96 58.21
N PRO C 790 2.78 -38.79 59.31
CA PRO C 790 1.95 -39.82 59.90
C PRO C 790 0.68 -40.10 59.16
N ARG C 791 0.33 -39.18 58.29
CA ARG C 791 -0.86 -39.32 57.51
C ARG C 791 -0.50 -38.88 56.14
N HIS C 792 -0.77 -39.75 55.18
CA HIS C 792 -0.52 -39.50 53.83
C HIS C 792 -1.80 -39.00 53.16
N ALA C 793 -1.60 -38.47 51.96
CA ALA C 793 -2.68 -38.10 51.12
C ALA C 793 -2.98 -39.24 50.19
N SER C 794 -4.26 -39.46 49.95
CA SER C 794 -4.65 -40.61 49.18
C SER C 794 -4.79 -40.19 47.73
N ILE C 795 -3.76 -40.49 46.95
CA ILE C 795 -3.80 -40.19 45.54
C ILE C 795 -2.68 -40.96 44.79
N ASN C 796 -2.91 -41.24 43.53
CA ASN C 796 -1.85 -41.77 42.66
C ASN C 796 -1.08 -40.60 42.08
N VAL C 797 0.01 -40.25 42.74
CA VAL C 797 0.68 -39.02 42.44
C VAL C 797 1.37 -39.06 41.08
N LYS C 798 1.92 -40.21 40.69
CA LYS C 798 2.56 -40.32 39.36
C LYS C 798 1.54 -40.12 38.27
N ASN C 799 0.38 -40.74 38.41
CA ASN C 799 -0.67 -40.46 37.48
C ASN C 799 -1.07 -39.01 37.47
N ALA C 800 -1.20 -38.43 38.66
CA ALA C 800 -1.60 -37.00 38.77
C ALA C 800 -0.57 -36.11 38.07
N GLU C 801 0.72 -36.44 38.19
CA GLU C 801 1.74 -35.61 37.52
C GLU C 801 1.63 -35.69 35.98
N GLN C 802 1.43 -36.91 35.46
CA GLN C 802 1.21 -37.09 34.03
C GLN C 802 -0.01 -36.30 33.55
N ILE C 803 -1.10 -36.37 34.29
CA ILE C 803 -2.33 -35.67 33.87
C ILE C 803 -2.11 -34.17 33.91
N ASP C 804 -1.31 -33.70 34.85
CA ASP C 804 -1.00 -32.30 34.90
C ASP C 804 -0.39 -31.70 33.61
N HIS C 805 0.32 -32.53 32.87
CA HIS C 805 0.86 -32.12 31.58
C HIS C 805 -0.16 -31.66 30.62
N TYR C 806 -1.27 -32.35 30.60
CA TYR C 806 -2.35 -31.96 29.71
C TYR C 806 -2.86 -30.57 30.12
N TRP C 807 -3.03 -30.36 31.41
CA TRP C 807 -3.59 -29.07 31.89
C TRP C 807 -2.61 -27.95 31.74
N GLU C 808 -1.32 -28.25 31.84
CA GLU C 808 -0.28 -27.27 31.59
C GLU C 808 -0.35 -26.77 30.16
N ASP C 809 -0.55 -27.69 29.21
CA ASP C 809 -0.69 -27.30 27.77
C ASP C 809 -1.99 -26.56 27.55
N VAL C 810 -3.07 -27.02 28.14
CA VAL C 810 -4.40 -26.40 27.88
C VAL C 810 -4.51 -25.00 28.44
N ARG C 811 -3.90 -24.78 29.60
CA ARG C 811 -3.91 -23.49 30.18
C ARG C 811 -3.40 -22.39 29.25
N LYS C 812 -2.46 -22.70 28.40
CA LYS C 812 -1.92 -21.68 27.49
C LYS C 812 -2.91 -21.12 26.54
N TYR C 813 -3.93 -21.93 26.15
CA TYR C 813 -5.01 -21.41 25.31
C TYR C 813 -5.79 -20.22 25.95
N TYR C 814 -5.78 -20.14 27.28
CA TYR C 814 -6.59 -19.18 28.00
C TYR C 814 -5.78 -17.95 28.41
N ALA C 815 -4.57 -17.79 27.83
CA ALA C 815 -3.76 -16.57 28.11
C ALA C 815 -4.60 -15.24 28.16
N PRO C 816 -5.51 -15.00 27.22
CA PRO C 816 -6.22 -13.67 27.28
C PRO C 816 -7.07 -13.48 28.49
N PHE C 817 -7.37 -14.55 29.22
CA PHE C 817 -8.22 -14.40 30.38
C PHE C 817 -7.43 -14.43 31.66
N GLU C 818 -6.09 -14.48 31.57
CA GLU C 818 -5.28 -14.58 32.78
C GLU C 818 -5.46 -13.25 33.54
N ALA C 819 -5.78 -13.34 34.85
CA ALA C 819 -5.95 -12.21 35.82
C ALA C 819 -4.67 -11.40 36.06
N GLY C 820 -3.54 -12.08 35.95
CA GLY C 820 -2.21 -11.48 36.01
C GLY C 820 -1.25 -12.64 36.23
N ILE C 821 -0.08 -12.34 36.78
CA ILE C 821 0.88 -13.39 37.15
C ILE C 821 0.34 -14.12 38.39
N THR C 822 0.53 -15.44 38.42
CA THR C 822 0.11 -16.28 39.56
C THR C 822 1.24 -16.30 40.61
N SER C 823 1.02 -15.56 41.70
CA SER C 823 1.99 -15.40 42.80
C SER C 823 1.22 -15.09 44.14
N PRO C 824 1.88 -15.21 45.30
CA PRO C 824 1.16 -14.80 46.53
C PRO C 824 0.80 -13.29 46.65
N GLN C 825 -0.16 -13.00 47.54
CA GLN C 825 -0.75 -11.65 47.87
C GLN C 825 -1.24 -11.79 49.32
N THR C 826 -0.40 -11.48 50.28
CA THR C 826 -0.80 -11.54 51.70
C THR C 826 -1.72 -10.39 52.18
N GLU C 827 -1.93 -9.38 51.37
CA GLU C 827 -2.86 -8.30 51.75
C GLU C 827 -4.32 -8.76 51.87
N VAL C 828 -4.58 -9.98 51.43
CA VAL C 828 -5.88 -10.60 51.60
C VAL C 828 -6.21 -10.65 53.08
N TYR C 829 -5.20 -10.76 53.95
CA TYR C 829 -5.50 -10.74 55.38
C TYR C 829 -6.08 -9.39 55.87
N MET C 830 -5.78 -8.30 55.16
CA MET C 830 -6.22 -6.96 55.51
C MET C 830 -7.65 -6.73 54.92
N HIS C 831 -7.85 -6.97 53.63
CA HIS C 831 -9.11 -6.64 53.03
C HIS C 831 -10.13 -7.82 52.97
N GLU C 832 -9.66 -9.06 52.91
CA GLU C 832 -10.56 -10.24 52.93
C GLU C 832 -11.47 -10.45 51.70
N MET C 833 -11.17 -9.80 50.59
CA MET C 833 -11.81 -10.08 49.32
C MET C 833 -11.49 -11.47 48.87
N PRO C 834 -12.50 -12.27 48.55
CA PRO C 834 -12.17 -13.49 47.79
C PRO C 834 -11.65 -13.05 46.40
N GLY C 835 -11.06 -13.94 45.60
CA GLY C 835 -10.39 -13.54 44.33
C GLY C 835 -11.26 -12.87 43.25
N GLY C 836 -12.44 -13.40 43.00
CA GLY C 836 -13.28 -12.80 41.99
C GLY C 836 -13.63 -11.38 42.43
N GLN C 837 -13.92 -11.20 43.72
CA GLN C 837 -14.27 -9.89 44.21
C GLN C 837 -13.09 -8.92 43.97
N TYR C 838 -11.87 -9.45 43.92
CA TYR C 838 -10.68 -8.61 43.80
C TYR C 838 -10.50 -8.16 42.37
N THR C 839 -10.59 -9.12 41.46
CA THR C 839 -10.49 -8.82 40.04
C THR C 839 -11.65 -7.98 39.50
N ASN C 840 -12.85 -8.33 39.88
CA ASN C 840 -14.02 -7.58 39.48
C ASN C 840 -13.92 -6.16 39.98
N LEU C 841 -13.58 -6.02 41.24
CA LEU C 841 -13.56 -4.69 41.80
C LEU C 841 -12.50 -3.85 41.08
N LYS C 842 -11.54 -4.54 40.47
CA LYS C 842 -10.49 -3.88 39.69
C LYS C 842 -11.07 -3.32 38.39
N SER C 843 -11.82 -4.13 37.67
CA SER C 843 -12.56 -3.68 36.47
C SER C 843 -13.47 -2.48 36.72
N GLN C 844 -14.25 -2.54 37.80
CA GLN C 844 -15.14 -1.46 38.17
C GLN C 844 -14.40 -0.15 38.45
N ALA C 845 -13.28 -0.18 39.16
CA ALA C 845 -12.55 1.06 39.44
C ALA C 845 -11.96 1.67 38.15
N ALA C 846 -11.56 0.79 37.22
CA ALA C 846 -11.15 1.16 35.84
C ALA C 846 -12.28 1.88 35.09
N ALA C 847 -13.40 1.18 34.87
CA ALA C 847 -14.59 1.74 34.18
C ALA C 847 -15.06 3.09 34.72
N VAL C 848 -14.63 3.49 35.91
CA VAL C 848 -14.98 4.75 36.50
C VAL C 848 -13.72 5.63 36.69
N GLY C 849 -12.61 5.22 36.10
CA GLY C 849 -11.40 6.03 36.14
C GLY C 849 -10.74 6.16 37.49
N LEU C 850 -10.88 5.14 38.34
CA LEU C 850 -10.18 5.12 39.65
C LEU C 850 -9.15 3.97 39.78
N GLY C 851 -8.85 3.30 38.66
CA GLY C 851 -7.79 2.27 38.62
C GLY C 851 -6.51 2.69 39.34
N HIS C 852 -6.14 3.96 39.18
CA HIS C 852 -5.01 4.55 39.88
C HIS C 852 -5.18 4.70 41.43
N ARG C 853 -6.39 4.55 41.98
CA ARG C 853 -6.57 4.71 43.44
C ARG C 853 -6.97 3.38 44.13
N PHE C 854 -6.69 2.28 43.45
CA PHE C 854 -7.17 0.98 43.89
C PHE C 854 -6.74 0.64 45.31
N ASP C 855 -5.54 1.04 45.68
CA ASP C 855 -5.04 0.76 46.99
C ASP C 855 -5.83 1.47 48.09
N GLU C 856 -6.43 2.61 47.72
CA GLU C 856 -7.31 3.36 48.64
C GLU C 856 -8.63 2.60 48.76
N ILE C 857 -9.04 2.00 47.65
CA ILE C 857 -10.18 1.16 47.56
C ILE C 857 -10.08 -0.12 48.43
N LYS C 858 -8.96 -0.85 48.34
CA LYS C 858 -8.75 -2.02 49.21
C LYS C 858 -8.85 -1.57 50.65
N GLN C 859 -8.28 -0.40 50.94
CA GLN C 859 -8.37 0.18 52.30
C GLN C 859 -9.81 0.51 52.71
N MET C 860 -10.59 0.96 51.74
CA MET C 860 -11.98 1.37 52.01
C MET C 860 -12.86 0.13 52.20
N TYR C 861 -12.58 -0.90 51.40
CA TYR C 861 -13.25 -2.21 51.45
C TYR C 861 -13.17 -2.76 52.85
N ARG C 862 -12.01 -2.60 53.44
CA ARG C 862 -11.78 -3.05 54.80
C ARG C 862 -12.57 -2.21 55.80
N LYS C 863 -12.62 -0.90 55.59
CA LYS C 863 -13.36 0.00 56.47
C LYS C 863 -14.86 -0.26 56.37
N VAL C 864 -15.36 -0.33 55.14
CA VAL C 864 -16.76 -0.67 54.90
C VAL C 864 -17.17 -1.96 55.60
N ASN C 865 -16.31 -3.00 55.54
CA ASN C 865 -16.60 -4.25 56.16
C ASN C 865 -16.84 -4.06 57.64
N MET C 866 -15.98 -3.29 58.30
CA MET C 866 -16.18 -2.97 59.72
C MET C 866 -17.42 -2.07 60.00
N MET C 867 -17.70 -1.17 59.06
CA MET C 867 -18.83 -0.27 59.12
C MET C 867 -20.13 -1.05 59.11
N PHE C 868 -20.16 -2.12 58.31
CA PHE C 868 -21.33 -2.96 58.18
C PHE C 868 -21.46 -3.99 59.29
N GLY C 869 -20.63 -3.88 60.32
CA GLY C 869 -20.69 -4.76 61.50
C GLY C 869 -19.64 -5.88 61.51
N ASP C 870 -18.74 -5.89 60.52
CA ASP C 870 -17.79 -7.01 60.24
C ASP C 870 -18.54 -8.26 59.72
N ILE C 871 -18.63 -8.39 58.39
CA ILE C 871 -19.49 -9.41 57.83
C ILE C 871 -18.76 -10.52 57.04
N ILE C 872 -19.49 -11.60 56.80
CA ILE C 872 -18.99 -12.67 55.97
C ILE C 872 -19.08 -12.20 54.52
N LYS C 873 -17.97 -12.26 53.80
CA LYS C 873 -17.88 -11.71 52.42
C LYS C 873 -17.56 -12.81 51.43
N VAL C 874 -18.65 -13.27 50.81
CA VAL C 874 -18.64 -14.29 49.81
C VAL C 874 -19.78 -13.88 48.92
N THR C 875 -19.79 -14.35 47.67
CA THR C 875 -20.81 -13.94 46.72
C THR C 875 -22.24 -14.30 47.19
N PRO C 876 -23.14 -13.31 47.24
CA PRO C 876 -23.00 -11.90 46.81
C PRO C 876 -22.69 -10.85 47.87
N SER C 877 -22.55 -11.24 49.13
CA SER C 877 -22.21 -10.28 50.13
C SER C 877 -20.85 -9.55 49.91
N SER C 878 -19.90 -10.20 49.25
CA SER C 878 -18.63 -9.52 48.97
C SER C 878 -18.82 -8.30 48.04
N LYS C 879 -19.69 -8.48 47.05
CA LYS C 879 -20.06 -7.39 46.10
C LYS C 879 -20.70 -6.16 46.84
N VAL C 880 -21.54 -6.47 47.82
CA VAL C 880 -22.17 -5.43 48.61
C VAL C 880 -21.08 -4.55 49.19
N VAL C 881 -20.06 -5.19 49.74
CA VAL C 881 -18.98 -4.41 50.35
C VAL C 881 -18.19 -3.62 49.32
N GLY C 882 -17.98 -4.22 48.16
CA GLY C 882 -17.23 -3.58 47.09
C GLY C 882 -17.88 -2.34 46.55
N ASP C 883 -19.12 -2.52 46.13
CA ASP C 883 -19.93 -1.41 45.59
C ASP C 883 -19.92 -0.23 46.54
N MET C 884 -20.11 -0.50 47.81
CA MET C 884 -20.11 0.59 48.76
C MET C 884 -18.77 1.31 48.85
N ALA C 885 -17.68 0.54 48.85
CA ALA C 885 -16.34 1.10 49.08
C ALA C 885 -15.95 1.98 47.92
N LEU C 886 -16.30 1.49 46.74
CA LEU C 886 -16.14 2.20 45.49
C LEU C 886 -16.93 3.55 45.49
N PHE C 887 -18.24 3.44 45.75
CA PHE C 887 -19.11 4.58 45.93
C PHE C 887 -18.48 5.57 46.88
N MET C 888 -18.07 5.14 48.04
CA MET C 888 -17.52 6.05 49.05
C MET C 888 -16.24 6.81 48.64
N ILE C 889 -15.36 6.15 47.90
CA ILE C 889 -14.15 6.82 47.37
C ILE C 889 -14.61 7.79 46.30
N GLN C 890 -15.37 7.29 45.35
CA GLN C 890 -15.79 8.04 44.16
C GLN C 890 -16.47 9.36 44.49
N ASN C 891 -17.22 9.39 45.59
CA ASN C 891 -17.88 10.59 46.08
C ASN C 891 -17.18 11.16 47.32
N ASP C 892 -15.89 10.93 47.44
CA ASP C 892 -15.06 11.42 48.56
C ASP C 892 -15.67 11.37 49.96
N LEU C 893 -16.21 10.23 50.33
CA LEU C 893 -16.89 10.06 51.61
C LEU C 893 -16.18 9.27 52.68
N THR C 894 -16.10 9.84 53.88
CA THR C 894 -15.65 9.14 55.08
C THR C 894 -16.84 8.41 55.66
N GLU C 895 -16.58 7.53 56.62
CA GLU C 895 -17.63 6.95 57.43
C GLU C 895 -18.48 8.05 58.12
N GLU C 896 -17.81 9.05 58.70
CA GLU C 896 -18.50 10.21 59.29
C GLU C 896 -19.49 10.86 58.29
N ASP C 897 -19.05 11.11 57.05
CA ASP C 897 -19.90 11.74 56.02
C ASP C 897 -21.19 10.94 55.84
N VAL C 898 -21.07 9.63 55.76
CA VAL C 898 -22.20 8.74 55.52
C VAL C 898 -23.24 8.85 56.64
N TYR C 899 -22.75 8.94 57.87
CA TYR C 899 -23.62 9.11 59.05
C TYR C 899 -24.22 10.52 59.15
N ALA C 900 -23.44 11.53 58.73
CA ALA C 900 -23.91 12.91 58.68
C ALA C 900 -24.91 13.10 57.54
N ARG C 901 -24.49 12.95 56.28
CA ARG C 901 -25.35 13.34 55.13
C ARG C 901 -25.82 12.18 54.24
N GLY C 902 -26.04 11.03 54.85
CA GLY C 902 -26.47 9.85 54.11
C GLY C 902 -27.91 9.92 53.66
N ASN C 903 -28.69 10.65 54.46
CA ASN C 903 -30.12 10.84 54.22
C ASN C 903 -30.40 11.52 52.88
N GLU C 904 -29.44 12.29 52.37
CA GLU C 904 -29.54 12.85 51.02
C GLU C 904 -28.71 12.08 49.95
N LEU C 905 -28.22 10.88 50.24
CA LEU C 905 -27.49 10.10 49.21
C LEU C 905 -28.18 8.83 48.74
N ASN C 906 -28.09 8.55 47.45
CA ASN C 906 -28.63 7.31 46.90
C ASN C 906 -27.57 6.23 46.85
N PHE C 907 -27.67 5.28 47.79
CA PHE C 907 -26.68 4.24 47.94
C PHE C 907 -26.83 3.17 46.88
N PRO C 908 -25.73 2.47 46.60
CA PRO C 908 -25.79 1.52 45.50
C PRO C 908 -26.84 0.46 45.75
N GLU C 909 -27.41 -0.02 44.66
CA GLU C 909 -28.47 -1.00 44.72
C GLU C 909 -28.16 -2.12 45.71
N SER C 910 -27.02 -2.78 45.49
CA SER C 910 -26.67 -4.02 46.20
C SER C 910 -26.59 -3.78 47.70
N VAL C 911 -26.16 -2.59 48.09
CA VAL C 911 -26.10 -2.22 49.49
C VAL C 911 -27.46 -2.09 50.07
N VAL C 912 -28.35 -1.42 49.33
CA VAL C 912 -29.70 -1.17 49.79
C VAL C 912 -30.35 -2.53 50.03
N SER C 913 -30.24 -3.43 49.04
CA SER C 913 -30.81 -4.80 49.12
C SER C 913 -30.29 -5.57 50.28
N PHE C 914 -29.01 -5.35 50.60
CA PHE C 914 -28.41 -6.05 51.72
C PHE C 914 -29.12 -5.63 53.01
N PHE C 915 -29.20 -4.32 53.20
CA PHE C 915 -29.79 -3.75 54.40
C PHE C 915 -31.34 -3.88 54.49
N ARG C 916 -32.00 -4.15 53.37
CA ARG C 916 -33.41 -4.55 53.40
C ARG C 916 -33.61 -6.02 53.84
N GLY C 917 -32.52 -6.80 53.94
CA GLY C 917 -32.62 -8.23 54.21
C GLY C 917 -32.82 -9.16 53.02
N ASP C 918 -32.61 -8.63 51.80
CA ASP C 918 -32.80 -9.46 50.60
C ASP C 918 -31.76 -10.55 50.44
N LEU C 919 -30.60 -10.45 51.14
CA LEU C 919 -29.64 -11.57 51.14
C LEU C 919 -29.75 -12.46 52.37
N GLY C 920 -30.66 -12.13 53.27
CA GLY C 920 -30.84 -12.89 54.52
C GLY C 920 -30.37 -12.04 55.68
N GLN C 921 -30.33 -12.63 56.87
CA GLN C 921 -29.92 -11.96 58.10
C GLN C 921 -28.46 -12.20 58.48
N PRO C 922 -27.68 -11.14 58.66
CA PRO C 922 -26.27 -11.38 59.00
C PRO C 922 -26.10 -11.67 60.47
N VAL C 923 -24.94 -12.23 60.80
CA VAL C 923 -24.61 -12.58 62.17
C VAL C 923 -24.51 -11.28 62.98
N GLY C 924 -25.25 -11.21 64.09
CA GLY C 924 -25.29 -10.02 64.96
C GLY C 924 -26.17 -8.85 64.47
N GLY C 925 -27.03 -9.10 63.47
CA GLY C 925 -27.91 -8.08 62.88
C GLY C 925 -27.19 -6.93 62.19
N PHE C 926 -27.95 -5.92 61.78
CA PHE C 926 -27.39 -4.76 61.08
C PHE C 926 -27.11 -3.66 62.07
N PRO C 927 -26.07 -2.83 61.80
CA PRO C 927 -25.99 -1.55 62.55
C PRO C 927 -27.23 -0.64 62.29
N GLU C 928 -27.93 -0.30 63.36
CA GLU C 928 -29.31 0.24 63.27
C GLU C 928 -29.43 1.59 62.56
N LYS C 929 -28.65 2.58 63.01
CA LYS C 929 -28.76 3.94 62.41
C LYS C 929 -28.45 3.88 60.92
N LEU C 930 -27.30 3.29 60.59
CA LEU C 930 -26.87 3.13 59.21
C LEU C 930 -27.90 2.40 58.36
N GLN C 931 -28.50 1.36 58.93
CA GLN C 931 -29.58 0.69 58.22
C GLN C 931 -30.66 1.71 57.79
N LYS C 932 -31.11 2.54 58.74
CA LYS C 932 -32.23 3.48 58.47
C LYS C 932 -31.83 4.40 57.35
N ILE C 933 -30.62 4.91 57.46
CA ILE C 933 -30.04 5.83 56.49
C ILE C 933 -30.01 5.22 55.09
N ILE C 934 -29.64 3.95 54.99
CA ILE C 934 -29.48 3.33 53.70
C ILE C 934 -30.84 2.96 53.11
N VAL C 935 -31.68 2.31 53.91
CA VAL C 935 -32.90 1.71 53.40
C VAL C 935 -34.00 2.77 53.18
N LYS C 936 -33.94 3.86 53.95
CA LYS C 936 -34.97 4.92 53.89
C LYS C 936 -36.38 4.26 53.76
N ASP C 937 -37.02 4.41 52.61
CA ASP C 937 -38.43 4.03 52.47
C ASP C 937 -38.66 2.68 51.79
N LYS C 938 -37.63 1.97 51.40
CA LYS C 938 -37.86 0.64 50.84
C LYS C 938 -38.30 -0.40 51.90
N ALA C 939 -38.91 -1.49 51.44
CA ALA C 939 -39.43 -2.53 52.33
C ALA C 939 -38.31 -3.38 52.97
N VAL C 940 -38.33 -3.52 54.29
CA VAL C 940 -37.36 -4.29 55.02
C VAL C 940 -38.00 -5.60 55.46
N ILE C 941 -37.33 -6.72 55.25
CA ILE C 941 -37.77 -8.01 55.81
C ILE C 941 -36.75 -8.50 56.81
N THR C 942 -37.21 -9.37 57.70
CA THR C 942 -36.33 -10.00 58.71
C THR C 942 -36.43 -11.51 58.69
N ASP C 943 -37.16 -12.05 57.75
CA ASP C 943 -37.28 -13.49 57.66
C ASP C 943 -36.68 -13.93 56.31
N ARG C 944 -36.88 -15.20 55.99
CA ARG C 944 -36.26 -15.79 54.84
C ARG C 944 -36.79 -15.25 53.50
N PRO C 945 -35.92 -14.65 52.66
CA PRO C 945 -36.44 -14.01 51.45
C PRO C 945 -37.32 -14.88 50.57
N GLY C 946 -37.02 -16.18 50.49
CA GLY C 946 -37.77 -17.08 49.63
C GLY C 946 -39.24 -17.26 50.02
N LEU C 947 -39.57 -16.93 51.26
CA LEU C 947 -40.96 -16.89 51.72
C LEU C 947 -41.74 -15.80 50.98
N HIS C 948 -41.04 -14.79 50.49
CA HIS C 948 -41.64 -13.67 49.78
C HIS C 948 -41.54 -13.79 48.28
N ALA C 949 -41.13 -14.96 47.81
CA ALA C 949 -40.82 -15.08 46.40
C ALA C 949 -42.11 -15.26 45.61
N GLU C 950 -42.21 -14.53 44.50
CA GLU C 950 -43.31 -14.73 43.55
C GLU C 950 -43.44 -16.20 43.17
N LYS C 951 -44.66 -16.73 43.29
CA LYS C 951 -44.94 -18.13 42.99
C LYS C 951 -44.56 -18.53 41.60
N VAL C 952 -44.24 -19.82 41.40
CA VAL C 952 -43.79 -20.30 40.11
C VAL C 952 -44.43 -21.63 39.75
N ASP C 953 -45.14 -21.64 38.62
CA ASP C 953 -45.82 -22.81 38.16
C ASP C 953 -45.04 -23.39 37.00
N PHE C 954 -44.51 -24.58 37.21
CA PHE C 954 -43.69 -25.22 36.18
C PHE C 954 -44.40 -25.49 34.84
N GLU C 955 -45.71 -25.75 34.88
CA GLU C 955 -46.47 -25.98 33.65
C GLU C 955 -46.61 -24.68 32.87
N THR C 956 -46.96 -23.60 33.56
CA THR C 956 -47.05 -22.28 32.93
C THR C 956 -45.71 -21.92 32.27
N VAL C 957 -44.64 -21.96 33.07
CA VAL C 957 -43.34 -21.51 32.62
C VAL C 957 -42.90 -22.36 31.46
N LYS C 958 -43.12 -23.67 31.57
CA LYS C 958 -42.79 -24.54 30.47
C LYS C 958 -43.47 -24.17 29.13
N ALA C 959 -44.76 -23.83 29.20
CA ALA C 959 -45.53 -23.44 28.00
C ALA C 959 -45.04 -22.10 27.47
N ASP C 960 -44.87 -21.13 28.35
CA ASP C 960 -44.26 -19.84 27.99
C ASP C 960 -42.92 -20.05 27.26
N LEU C 961 -42.09 -20.91 27.81
CA LEU C 961 -40.79 -21.11 27.25
C LEU C 961 -40.84 -21.78 25.88
N GLU C 962 -41.70 -22.80 25.72
CA GLU C 962 -41.82 -23.53 24.46
C GLU C 962 -42.21 -22.61 23.34
N GLN C 963 -43.12 -21.71 23.68
CA GLN C 963 -43.56 -20.70 22.77
C GLN C 963 -42.35 -19.92 22.33
N LYS C 964 -41.55 -19.46 23.29
CA LYS C 964 -40.39 -18.61 23.02
C LYS C 964 -39.27 -19.28 22.25
N ILE C 965 -39.03 -20.56 22.42
CA ILE C 965 -37.87 -21.21 21.74
C ILE C 965 -38.29 -22.19 20.63
N GLY C 966 -39.60 -22.44 20.48
CA GLY C 966 -40.13 -23.19 19.34
C GLY C 966 -39.93 -24.69 19.37
N TYR C 967 -39.78 -25.25 20.56
CA TYR C 967 -39.77 -26.70 20.73
C TYR C 967 -40.02 -26.98 22.20
N GLU C 968 -40.20 -28.25 22.55
CA GLU C 968 -40.62 -28.61 23.91
C GLU C 968 -39.38 -28.73 24.82
N PRO C 969 -39.27 -27.82 25.82
CA PRO C 969 -38.05 -27.83 26.64
C PRO C 969 -38.04 -28.94 27.65
N GLY C 970 -36.88 -29.53 27.85
CA GLY C 970 -36.64 -30.49 28.92
C GLY C 970 -36.75 -29.82 30.27
N ASP C 971 -36.78 -30.62 31.32
CA ASP C 971 -36.88 -30.08 32.68
C ASP C 971 -35.66 -29.21 33.04
N HIS C 972 -34.51 -29.59 32.52
CA HIS C 972 -33.27 -28.84 32.68
C HIS C 972 -33.32 -27.49 31.99
N GLU C 973 -33.95 -27.41 30.83
CA GLU C 973 -34.08 -26.11 30.19
C GLU C 973 -35.00 -25.20 30.96
N VAL C 974 -36.01 -25.80 31.55
CA VAL C 974 -37.04 -25.02 32.25
C VAL C 974 -36.41 -24.38 33.45
N ILE C 975 -35.63 -25.19 34.16
CA ILE C 975 -34.95 -24.67 35.34
C ILE C 975 -33.84 -23.64 34.97
N SER C 976 -33.13 -23.88 33.87
CA SER C 976 -32.20 -22.84 33.42
C SER C 976 -32.92 -21.49 33.18
N TYR C 977 -34.07 -21.55 32.54
CA TYR C 977 -34.81 -20.34 32.21
C TYR C 977 -35.32 -19.61 33.44
N ILE C 978 -35.69 -20.38 34.44
CA ILE C 978 -36.12 -19.82 35.68
C ILE C 978 -34.93 -19.14 36.40
N MET C 979 -33.80 -19.85 36.44
CA MET C 979 -32.58 -19.32 37.08
C MET C 979 -32.07 -18.03 36.45
N TYR C 980 -31.94 -18.03 35.12
CA TYR C 980 -31.40 -16.90 34.38
C TYR C 980 -32.20 -16.66 33.10
N PRO C 981 -33.28 -15.86 33.17
CA PRO C 981 -34.23 -15.83 32.05
C PRO C 981 -33.68 -15.17 30.80
N GLN C 982 -33.19 -13.95 30.95
CA GLN C 982 -32.61 -13.25 29.84
C GLN C 982 -31.38 -13.99 29.27
N VAL C 983 -30.50 -14.43 30.15
CA VAL C 983 -29.29 -15.15 29.70
C VAL C 983 -29.66 -16.40 28.89
N PHE C 984 -30.59 -17.20 29.42
CA PHE C 984 -31.05 -18.38 28.71
C PHE C 984 -31.62 -18.00 27.35
N LEU C 985 -32.40 -16.93 27.29
CA LEU C 985 -32.93 -16.57 25.99
C LEU C 985 -31.79 -16.06 25.07
N ASP C 986 -30.87 -15.27 25.61
CA ASP C 986 -29.74 -14.84 24.82
C ASP C 986 -28.87 -16.03 24.39
N TYR C 987 -28.74 -17.07 25.20
CA TYR C 987 -27.99 -18.24 24.73
C TYR C 987 -28.66 -18.84 23.49
N GLN C 988 -30.00 -18.95 23.54
CA GLN C 988 -30.78 -19.52 22.43
C GLN C 988 -30.56 -18.73 21.16
N LYS C 989 -30.63 -17.40 21.25
CA LYS C 989 -30.33 -16.58 20.08
C LYS C 989 -28.92 -16.87 19.51
N MET C 990 -27.94 -17.07 20.39
CA MET C 990 -26.56 -17.29 19.95
C MET C 990 -26.43 -18.68 19.32
N GLN C 991 -27.15 -19.67 19.83
CA GLN C 991 -27.16 -20.99 19.20
C GLN C 991 -27.71 -20.89 17.80
N ARG C 992 -28.77 -20.13 17.66
CA ARG C 992 -29.40 -19.93 16.38
C ARG C 992 -28.48 -19.19 15.35
N GLU C 993 -27.69 -18.22 15.81
CA GLU C 993 -26.78 -17.50 14.91
C GLU C 993 -25.51 -18.29 14.61
N PHE C 994 -24.94 -18.93 15.62
CA PHE C 994 -23.59 -19.48 15.50
C PHE C 994 -23.48 -21.00 15.64
N GLY C 995 -24.56 -21.63 16.09
CA GLY C 995 -24.56 -23.07 16.28
C GLY C 995 -23.75 -23.49 17.50
N ALA C 996 -23.31 -24.74 17.48
CA ALA C 996 -22.74 -25.33 18.64
C ALA C 996 -21.23 -25.05 18.73
N VAL C 997 -20.90 -23.83 19.12
CA VAL C 997 -19.50 -23.38 19.29
C VAL C 997 -18.72 -24.14 20.35
N THR C 998 -19.42 -24.78 21.29
CA THR C 998 -18.81 -25.68 22.23
C THR C 998 -17.89 -26.73 21.60
N LEU C 999 -18.16 -27.08 20.35
CA LEU C 999 -17.41 -28.13 19.62
C LEU C 999 -16.09 -27.67 19.01
N LEU C 1000 -15.91 -26.36 18.93
CA LEU C 1000 -14.63 -25.80 18.49
C LEU C 1000 -13.52 -25.92 19.52
N ASP C 1001 -12.31 -26.26 19.07
CA ASP C 1001 -11.12 -26.18 19.87
C ASP C 1001 -10.98 -24.74 20.39
N THR C 1002 -10.40 -24.58 21.57
CA THR C 1002 -10.32 -23.28 22.22
C THR C 1002 -9.59 -22.16 21.44
N PRO C 1003 -8.41 -22.41 20.91
CA PRO C 1003 -7.78 -21.33 20.14
C PRO C 1003 -8.62 -20.85 18.94
N THR C 1004 -9.33 -21.77 18.27
CA THR C 1004 -10.27 -21.40 17.22
C THR C 1004 -11.50 -20.64 17.77
N PHE C 1005 -12.04 -21.10 18.87
CA PHE C 1005 -13.16 -20.45 19.51
C PHE C 1005 -12.83 -18.96 19.84
N LEU C 1006 -11.56 -18.72 20.24
CA LEU C 1006 -11.16 -17.42 20.73
C LEU C 1006 -10.59 -16.58 19.67
N HIS C 1007 -9.97 -17.17 18.66
CA HIS C 1007 -9.26 -16.33 17.68
C HIS C 1007 -9.66 -16.55 16.23
N GLY C 1008 -10.51 -17.52 15.93
CA GLY C 1008 -10.94 -17.73 14.53
C GLY C 1008 -9.85 -18.50 13.83
N MET C 1009 -9.53 -18.11 12.60
CA MET C 1009 -8.57 -18.87 11.79
C MET C 1009 -7.53 -17.93 11.16
N ARG C 1010 -6.35 -18.46 10.88
CA ARG C 1010 -5.34 -17.78 10.08
C ARG C 1010 -5.45 -18.13 8.62
N LEU C 1011 -4.97 -17.22 7.77
CA LEU C 1011 -4.85 -17.46 6.34
C LEU C 1011 -4.10 -18.76 6.06
N ASN C 1012 -4.67 -19.59 5.23
CA ASN C 1012 -4.13 -20.89 4.88
C ASN C 1012 -4.23 -21.94 6.00
N GLU C 1013 -4.97 -21.67 7.05
CA GLU C 1013 -5.14 -22.63 8.12
C GLU C 1013 -6.23 -23.63 7.85
N LYS C 1014 -6.03 -24.83 8.31
CA LYS C 1014 -7.02 -25.85 8.19
C LYS C 1014 -7.36 -26.36 9.59
N ILE C 1015 -8.64 -26.50 9.86
CA ILE C 1015 -9.12 -27.00 11.10
C ILE C 1015 -10.15 -28.12 10.83
N GLU C 1016 -10.37 -28.98 11.80
CA GLU C 1016 -11.35 -30.05 11.72
C GLU C 1016 -12.34 -29.89 12.82
N VAL C 1017 -13.61 -29.68 12.52
CA VAL C 1017 -14.59 -29.55 13.57
C VAL C 1017 -15.43 -30.79 13.64
N GLN C 1018 -15.39 -31.47 14.77
CA GLN C 1018 -16.20 -32.67 15.00
C GLN C 1018 -17.60 -32.25 15.43
N ILE C 1019 -18.56 -32.14 14.50
CA ILE C 1019 -19.92 -31.66 14.85
C ILE C 1019 -20.89 -32.73 15.29
N GLU C 1020 -20.46 -33.99 15.24
CA GLU C 1020 -21.33 -35.09 15.58
C GLU C 1020 -20.46 -36.30 15.47
N LYS C 1021 -20.92 -37.38 16.06
CA LYS C 1021 -20.27 -38.64 15.82
C LYS C 1021 -20.48 -38.92 14.32
N GLY C 1022 -19.38 -39.19 13.64
CA GLY C 1022 -19.41 -39.49 12.24
C GLY C 1022 -19.49 -38.30 11.29
N LYS C 1023 -19.50 -37.06 11.78
CA LYS C 1023 -19.48 -35.88 10.93
C LYS C 1023 -18.39 -34.84 11.33
N THR C 1024 -17.55 -34.46 10.39
CA THR C 1024 -16.47 -33.54 10.63
C THR C 1024 -16.44 -32.51 9.55
N LEU C 1025 -16.28 -31.25 9.94
CA LEU C 1025 -16.15 -30.19 8.95
C LEU C 1025 -14.69 -29.90 8.77
N SER C 1026 -14.17 -30.21 7.60
CA SER C 1026 -12.82 -29.86 7.24
C SER C 1026 -12.82 -28.49 6.62
N ILE C 1027 -12.29 -27.53 7.36
CA ILE C 1027 -12.37 -26.12 6.97
C ILE C 1027 -11.00 -25.46 6.79
N ARG C 1028 -10.81 -24.83 5.63
CA ARG C 1028 -9.58 -24.19 5.27
C ARG C 1028 -9.95 -22.77 4.92
N LEU C 1029 -9.18 -21.82 5.42
CA LEU C 1029 -9.34 -20.42 5.04
C LEU C 1029 -8.32 -20.05 3.96
N ASP C 1030 -8.83 -19.70 2.79
CA ASP C 1030 -8.01 -19.48 1.59
C ASP C 1030 -7.77 -18.04 1.28
N GLU C 1031 -8.69 -17.16 1.66
CA GLU C 1031 -8.53 -15.77 1.38
C GLU C 1031 -9.34 -14.91 2.33
N ILE C 1032 -8.73 -13.83 2.79
CA ILE C 1032 -9.39 -12.81 3.59
C ILE C 1032 -9.40 -11.49 2.83
N GLY C 1033 -10.52 -11.17 2.20
CA GLY C 1033 -10.62 -9.97 1.40
C GLY C 1033 -10.56 -8.72 2.24
N GLU C 1034 -10.22 -7.61 1.60
CA GLU C 1034 -10.07 -6.33 2.26
C GLU C 1034 -11.42 -5.72 2.36
N PRO C 1035 -11.63 -4.90 3.40
CA PRO C 1035 -12.95 -4.34 3.56
C PRO C 1035 -13.22 -3.25 2.57
N ASP C 1036 -14.46 -3.14 2.09
CA ASP C 1036 -14.86 -2.00 1.32
C ASP C 1036 -15.22 -0.92 2.32
N LEU C 1037 -15.74 0.20 1.84
CA LEU C 1037 -15.95 1.38 2.73
C LEU C 1037 -17.09 1.22 3.70
N ALA C 1038 -18.06 0.38 3.36
CA ALA C 1038 -19.18 0.06 4.25
C ALA C 1038 -18.84 -1.05 5.27
N GLY C 1039 -17.61 -1.60 5.22
CA GLY C 1039 -17.20 -2.65 6.14
C GLY C 1039 -17.26 -4.09 5.59
N ASN C 1040 -17.84 -4.27 4.43
CA ASN C 1040 -18.02 -5.59 3.86
C ASN C 1040 -16.66 -6.22 3.59
N ARG C 1041 -16.41 -7.39 4.16
CA ARG C 1041 -15.30 -8.20 3.78
C ARG C 1041 -15.78 -9.56 3.33
N VAL C 1042 -15.08 -10.14 2.37
CA VAL C 1042 -15.45 -11.42 1.82
C VAL C 1042 -14.35 -12.39 2.13
N LEU C 1043 -14.68 -13.49 2.82
CA LEU C 1043 -13.70 -14.53 3.06
C LEU C 1043 -14.05 -15.71 2.21
N PHE C 1044 -13.00 -16.42 1.80
CA PHE C 1044 -13.19 -17.58 0.99
C PHE C 1044 -12.68 -18.76 1.74
N PHE C 1045 -13.59 -19.70 1.98
CA PHE C 1045 -13.24 -20.91 2.66
C PHE C 1045 -13.33 -22.08 1.69
N ASN C 1046 -12.61 -23.14 2.02
CA ASN C 1046 -12.91 -24.45 1.50
C ASN C 1046 -13.56 -25.24 2.64
N LEU C 1047 -14.77 -25.71 2.42
CA LEU C 1047 -15.46 -26.56 3.36
C LEU C 1047 -15.78 -27.94 2.73
N ASN C 1048 -15.16 -28.99 3.24
CA ASN C 1048 -15.37 -30.34 2.73
C ASN C 1048 -15.34 -30.42 1.19
N GLY C 1049 -14.29 -29.84 0.62
CA GLY C 1049 -14.07 -29.79 -0.81
C GLY C 1049 -14.86 -28.80 -1.63
N GLN C 1050 -15.76 -28.01 -1.02
CA GLN C 1050 -16.46 -26.93 -1.68
C GLN C 1050 -15.92 -25.56 -1.32
N ARG C 1051 -15.80 -24.73 -2.35
CA ARG C 1051 -15.55 -23.33 -2.16
C ARG C 1051 -16.76 -22.63 -1.56
N ARG C 1052 -16.56 -21.87 -0.50
CA ARG C 1052 -17.64 -21.10 0.14
C ARG C 1052 -17.21 -19.66 0.33
N GLU C 1053 -18.10 -18.77 -0.03
CA GLU C 1053 -17.82 -17.37 -0.03
C GLU C 1053 -18.59 -16.84 1.10
N VAL C 1054 -17.93 -16.17 2.05
CA VAL C 1054 -18.65 -15.66 3.24
C VAL C 1054 -18.45 -14.17 3.45
N VAL C 1055 -19.54 -13.45 3.58
CA VAL C 1055 -19.50 -12.01 3.85
C VAL C 1055 -19.66 -11.76 5.35
N ILE C 1056 -18.70 -11.01 5.90
CA ILE C 1056 -18.76 -10.55 7.26
C ILE C 1056 -18.52 -9.05 7.31
N ASN C 1057 -19.21 -8.39 8.25
CA ASN C 1057 -18.97 -6.95 8.42
C ASN C 1057 -17.84 -6.63 9.38
N ASP C 1058 -16.88 -5.82 8.91
CA ASP C 1058 -15.70 -5.47 9.68
C ASP C 1058 -16.03 -4.28 10.56
N GLN C 1059 -16.19 -4.54 11.84
CA GLN C 1059 -16.59 -3.58 12.85
C GLN C 1059 -15.62 -2.43 13.05
N SER C 1060 -14.35 -2.70 12.88
CA SER C 1060 -13.38 -1.65 13.04
C SER C 1060 -13.60 -0.56 12.00
N VAL C 1061 -13.93 -0.90 10.78
CA VAL C 1061 -14.22 0.10 9.79
C VAL C 1061 -15.49 0.87 10.15
N GLN C 1062 -16.49 0.14 10.56
CA GLN C 1062 -17.77 0.71 10.89
C GLN C 1062 -17.78 1.66 12.05
N ALA C 1063 -16.86 1.45 12.96
CA ALA C 1063 -16.71 2.26 14.14
C ALA C 1063 -15.53 3.19 13.97
N GLN C 1064 -15.21 3.54 12.73
CA GLN C 1064 -14.08 4.41 12.49
C GLN C 1064 -14.08 5.87 12.97
N VAL C 1065 -12.89 6.31 13.35
CA VAL C 1065 -12.63 7.66 13.79
C VAL C 1065 -12.43 8.34 12.46
N VAL C 1066 -13.52 8.72 11.82
CA VAL C 1066 -13.41 9.34 10.53
C VAL C 1066 -12.81 10.71 10.63
N ALA C 1067 -11.69 10.90 9.95
CA ALA C 1067 -11.06 12.21 9.99
C ALA C 1067 -11.99 13.25 9.34
N LYS C 1068 -11.91 14.46 9.88
CA LYS C 1068 -12.70 15.55 9.38
C LYS C 1068 -12.02 16.12 8.11
N ARG C 1069 -12.85 16.47 7.15
CA ARG C 1069 -12.41 17.24 6.04
C ARG C 1069 -11.69 18.50 6.53
N LYS C 1070 -10.51 18.75 5.98
CA LYS C 1070 -9.77 19.96 6.29
C LYS C 1070 -10.07 21.05 5.31
N ALA C 1071 -9.86 22.29 5.76
CA ALA C 1071 -9.93 23.45 4.89
C ALA C 1071 -8.70 23.48 3.99
N GLU C 1072 -8.91 23.80 2.72
CA GLU C 1072 -7.86 23.75 1.70
C GLU C 1072 -6.92 24.93 1.87
N THR C 1073 -5.63 24.66 1.88
CA THR C 1073 -4.67 25.70 2.18
C THR C 1073 -4.70 26.75 1.11
N GLY C 1074 -4.92 27.99 1.52
CA GLY C 1074 -4.87 29.12 0.61
C GLY C 1074 -6.15 29.33 -0.14
N ASN C 1075 -7.16 28.55 0.21
CA ASN C 1075 -8.43 28.71 -0.41
C ASN C 1075 -9.23 29.61 0.45
N PRO C 1076 -9.36 30.86 0.02
CA PRO C 1076 -10.06 31.78 0.89
C PRO C 1076 -11.59 31.57 0.89
N ASN C 1077 -12.12 30.63 0.11
CA ASN C 1077 -13.54 30.23 0.24
C ASN C 1077 -13.81 29.28 1.41
N GLN C 1078 -12.74 28.72 2.00
CA GLN C 1078 -12.95 27.72 3.04
C GLN C 1078 -12.40 28.21 4.36
N ILE C 1079 -13.23 28.16 5.40
CA ILE C 1079 -12.79 28.58 6.73
C ILE C 1079 -12.47 27.37 7.58
N GLY C 1080 -11.21 27.28 7.99
CA GLY C 1080 -10.79 26.18 8.84
C GLY C 1080 -10.59 26.65 10.28
N ALA C 1081 -10.75 25.72 11.22
CA ALA C 1081 -10.45 26.00 12.61
C ALA C 1081 -8.99 26.47 12.79
N THR C 1082 -8.84 27.59 13.48
CA THR C 1082 -7.52 28.17 13.82
C THR C 1082 -6.85 27.50 15.05
N MET C 1083 -7.65 26.88 15.93
CA MET C 1083 -7.12 26.18 17.11
C MET C 1083 -8.10 25.12 17.59
N PRO C 1084 -7.59 24.12 18.34
CA PRO C 1084 -8.48 23.03 18.76
C PRO C 1084 -9.53 23.52 19.76
N GLY C 1085 -10.67 22.86 19.82
CA GLY C 1085 -11.74 23.32 20.67
C GLY C 1085 -13.07 22.70 20.33
N SER C 1086 -14.13 23.50 20.39
CA SER C 1086 -15.48 23.02 20.02
C SER C 1086 -16.47 24.11 19.58
N VAL C 1087 -17.54 23.66 18.93
CA VAL C 1087 -18.52 24.54 18.32
C VAL C 1087 -19.67 24.81 19.29
N LEU C 1088 -19.77 26.05 19.76
CA LEU C 1088 -20.88 26.45 20.62
C LEU C 1088 -22.15 26.72 19.82
N GLU C 1089 -22.11 27.66 18.87
CA GLU C 1089 -23.32 28.00 18.12
C GLU C 1089 -23.10 28.23 16.63
N ILE C 1090 -24.10 27.84 15.84
CA ILE C 1090 -24.13 28.06 14.40
C ILE C 1090 -25.20 29.11 14.04
N LEU C 1091 -24.77 30.22 13.44
CA LEU C 1091 -25.65 31.37 13.19
C LEU C 1091 -26.23 31.44 11.78
N VAL C 1092 -25.74 30.59 10.88
CA VAL C 1092 -26.06 30.69 9.46
C VAL C 1092 -26.28 29.28 8.90
N LYS C 1093 -26.94 29.19 7.74
CA LYS C 1093 -27.18 27.91 7.09
C LYS C 1093 -26.95 27.98 5.59
N ALA C 1094 -26.99 26.80 4.97
CA ALA C 1094 -26.70 26.63 3.54
C ALA C 1094 -27.67 27.45 2.71
N GLY C 1095 -27.13 28.28 1.82
CA GLY C 1095 -27.93 29.17 0.96
C GLY C 1095 -27.87 30.64 1.36
N ASP C 1096 -27.75 30.96 2.62
CA ASP C 1096 -27.81 32.36 2.94
C ASP C 1096 -26.79 33.23 2.28
N LYS C 1097 -27.18 34.48 2.16
CA LYS C 1097 -26.30 35.54 1.67
C LYS C 1097 -25.73 36.22 2.90
N VAL C 1098 -24.50 36.68 2.77
CA VAL C 1098 -23.75 37.14 3.91
C VAL C 1098 -22.76 38.25 3.52
N GLN C 1099 -22.41 39.07 4.51
CA GLN C 1099 -21.58 40.24 4.31
C GLN C 1099 -20.28 40.15 5.04
N LYS C 1100 -19.27 40.82 4.50
CA LYS C 1100 -17.96 40.85 5.13
C LYS C 1100 -18.09 41.28 6.58
N GLY C 1101 -17.43 40.56 7.49
CA GLY C 1101 -17.46 40.86 8.93
C GLY C 1101 -18.60 40.20 9.71
N GLN C 1102 -19.70 39.86 9.04
CA GLN C 1102 -20.87 39.24 9.69
C GLN C 1102 -20.53 37.95 10.43
N ALA C 1103 -21.14 37.74 11.59
CA ALA C 1103 -20.89 36.55 12.40
C ALA C 1103 -21.55 35.31 11.80
N LEU C 1104 -20.79 34.22 11.73
CA LEU C 1104 -21.24 32.96 11.12
C LEU C 1104 -21.41 31.85 12.17
N MET C 1105 -20.50 31.82 13.14
CA MET C 1105 -20.55 30.83 14.22
C MET C 1105 -19.64 31.25 15.36
N VAL C 1106 -19.85 30.61 16.51
CA VAL C 1106 -19.04 30.83 17.71
C VAL C 1106 -18.40 29.52 18.15
N THR C 1107 -17.14 29.59 18.52
CA THR C 1107 -16.37 28.41 18.90
C THR C 1107 -15.59 28.66 20.18
N GLU C 1108 -15.26 27.57 20.87
CA GLU C 1108 -14.53 27.67 22.13
C GLU C 1108 -13.15 27.03 22.00
N ALA C 1109 -12.15 27.71 22.57
CA ALA C 1109 -10.78 27.20 22.64
C ALA C 1109 -10.24 27.43 24.07
N MET C 1110 -10.17 26.35 24.87
CA MET C 1110 -9.79 26.43 26.30
C MET C 1110 -10.75 27.38 27.04
N LYS C 1111 -12.04 27.24 26.76
CA LYS C 1111 -13.10 28.06 27.38
C LYS C 1111 -13.14 29.58 26.98
N MET C 1112 -12.17 30.06 26.20
CA MET C 1112 -12.29 31.37 25.56
C MET C 1112 -13.22 31.23 24.33
N GLU C 1113 -13.97 32.28 24.03
CA GLU C 1113 -14.94 32.25 22.93
C GLU C 1113 -14.46 33.04 21.72
N THR C 1114 -14.54 32.44 20.52
CA THR C 1114 -14.26 33.16 19.28
C THR C 1114 -15.48 33.14 18.36
N THR C 1115 -15.71 34.27 17.69
CA THR C 1115 -16.76 34.41 16.72
C THR C 1115 -16.14 34.34 15.33
N ILE C 1116 -16.62 33.40 14.52
CA ILE C 1116 -16.12 33.26 13.17
C ILE C 1116 -16.85 34.25 12.27
N GLU C 1117 -16.07 35.13 11.62
CA GLU C 1117 -16.58 36.16 10.70
C GLU C 1117 -16.37 35.85 9.21
N ALA C 1118 -17.29 36.34 8.36
CA ALA C 1118 -17.19 36.16 6.90
C ALA C 1118 -16.03 36.95 6.35
N PRO C 1119 -15.19 36.34 5.48
CA PRO C 1119 -13.98 37.04 4.96
C PRO C 1119 -14.31 38.07 3.88
N PHE C 1120 -15.50 37.96 3.31
CA PHE C 1120 -15.98 38.88 2.26
C PHE C 1120 -17.46 38.61 1.99
N ASP C 1121 -18.07 39.45 1.17
CA ASP C 1121 -19.48 39.23 0.82
C ASP C 1121 -19.60 37.97 0.01
N GLY C 1122 -20.67 37.23 0.20
CA GLY C 1122 -20.90 36.05 -0.61
C GLY C 1122 -22.02 35.22 -0.06
N GLU C 1123 -22.14 34.01 -0.60
CA GLU C 1123 -23.23 33.13 -0.26
C GLU C 1123 -22.68 31.88 0.41
N ILE C 1124 -23.23 31.49 1.57
CA ILE C 1124 -22.85 30.25 2.23
C ILE C 1124 -23.18 29.07 1.32
N VAL C 1125 -22.26 28.13 1.21
CA VAL C 1125 -22.41 26.95 0.38
C VAL C 1125 -22.90 25.79 1.22
N ASP C 1126 -22.21 25.51 2.33
CA ASP C 1126 -22.55 24.43 3.25
C ASP C 1126 -21.83 24.57 4.55
N LEU C 1127 -22.42 23.99 5.60
CA LEU C 1127 -21.73 23.81 6.88
C LEU C 1127 -21.11 22.43 6.91
N HIS C 1128 -20.07 22.28 7.72
CA HIS C 1128 -19.36 21.00 7.84
C HIS C 1128 -19.16 20.61 9.31
N VAL C 1129 -19.84 21.30 10.21
CA VAL C 1129 -19.89 20.93 11.61
C VAL C 1129 -21.31 21.06 12.14
N VAL C 1130 -21.53 20.45 13.30
CA VAL C 1130 -22.83 20.46 13.98
C VAL C 1130 -22.64 21.12 15.34
N LYS C 1131 -23.74 21.50 15.97
CA LYS C 1131 -23.72 22.11 17.30
C LYS C 1131 -22.96 21.22 18.28
N GLY C 1132 -22.10 21.82 19.10
CA GLY C 1132 -21.38 21.10 20.13
C GLY C 1132 -20.41 20.02 19.63
N GLU C 1133 -20.01 20.07 18.36
CA GLU C 1133 -19.05 19.09 17.81
C GLU C 1133 -17.61 19.52 18.15
N ALA C 1134 -16.73 18.55 18.34
CA ALA C 1134 -15.32 18.84 18.66
C ALA C 1134 -14.55 19.08 17.37
N ILE C 1135 -13.53 19.93 17.43
CA ILE C 1135 -12.77 20.34 16.24
C ILE C 1135 -11.28 20.47 16.52
N GLN C 1136 -10.49 20.07 15.52
CA GLN C 1136 -9.03 20.25 15.58
C GLN C 1136 -8.59 21.32 14.61
N THR C 1137 -7.43 21.88 14.86
CA THR C 1137 -6.87 22.90 14.01
C THR C 1137 -6.84 22.46 12.53
N GLN C 1138 -7.30 23.34 11.63
CA GLN C 1138 -7.49 23.07 10.16
C GLN C 1138 -8.80 22.40 9.77
N ASP C 1139 -9.56 21.89 10.74
CA ASP C 1139 -10.87 21.30 10.41
C ASP C 1139 -11.69 22.31 9.63
N LEU C 1140 -12.37 21.83 8.58
CA LEU C 1140 -13.22 22.68 7.78
C LEU C 1140 -14.57 22.95 8.43
N LEU C 1141 -14.84 24.22 8.70
CA LEU C 1141 -16.07 24.62 9.40
C LEU C 1141 -17.19 24.99 8.43
N ILE C 1142 -16.87 25.85 7.48
CA ILE C 1142 -17.88 26.38 6.53
C ILE C 1142 -17.24 26.79 5.23
N GLU C 1143 -17.99 26.57 4.15
CA GLU C 1143 -17.54 26.99 2.84
C GLU C 1143 -18.38 28.17 2.36
N ILE C 1144 -17.74 29.10 1.64
CA ILE C 1144 -18.41 30.28 1.11
C ILE C 1144 -18.14 30.50 -0.39
N ASN C 1145 -19.14 31.06 -1.08
CA ASN C 1145 -19.05 31.46 -2.48
C ASN C 1145 -19.45 32.94 -2.69
N GLY D 1 36.46 69.10 -6.42
CA GLY D 1 35.17 69.41 -5.66
C GLY D 1 33.90 69.22 -6.51
N LEU D 2 34.05 68.54 -7.64
CA LEU D 2 33.00 68.43 -8.66
C LEU D 2 32.19 67.13 -8.53
N VAL D 3 30.86 67.26 -8.47
CA VAL D 3 29.98 66.08 -8.41
C VAL D 3 29.50 65.66 -9.81
N PRO D 4 29.71 64.39 -10.20
CA PRO D 4 29.20 63.96 -11.48
C PRO D 4 27.69 64.18 -11.67
N ARG D 5 27.28 64.37 -12.92
CA ARG D 5 25.86 64.52 -13.21
C ARG D 5 25.19 63.16 -12.98
N GLY D 6 23.93 63.15 -12.60
CA GLY D 6 23.21 61.87 -12.40
C GLY D 6 23.56 61.18 -11.07
N SER D 7 24.12 61.90 -10.10
CA SER D 7 24.41 61.34 -8.80
C SER D 7 23.16 61.03 -7.91
N HIS D 8 22.00 61.63 -8.18
CA HIS D 8 20.80 61.33 -7.39
C HIS D 8 20.34 59.89 -7.64
N MET D 9 19.90 59.22 -6.58
CA MET D 9 19.53 57.79 -6.60
C MET D 9 18.15 57.53 -6.06
N LYS D 10 17.40 56.63 -6.72
CA LYS D 10 16.19 56.05 -6.15
C LYS D 10 16.31 54.53 -6.06
N LYS D 11 17.12 53.93 -6.91
CA LYS D 11 17.25 52.50 -6.97
C LYS D 11 18.67 52.09 -7.19
N LEU D 12 19.10 51.07 -6.46
CA LEU D 12 20.45 50.60 -6.52
C LEU D 12 20.50 49.09 -6.74
N LEU D 13 21.46 48.65 -7.52
CA LEU D 13 21.63 47.25 -7.87
C LEU D 13 22.95 46.80 -7.33
N VAL D 14 22.97 45.63 -6.68
CA VAL D 14 24.23 45.09 -6.21
C VAL D 14 24.74 44.01 -7.16
N ALA D 15 25.92 44.22 -7.69
CA ALA D 15 26.56 43.28 -8.60
C ALA D 15 27.37 42.30 -7.81
N ASN D 16 26.67 41.45 -7.06
CA ASN D 16 27.32 40.53 -6.13
C ASN D 16 26.25 39.60 -5.58
N ARG D 17 26.56 38.90 -4.50
CA ARG D 17 25.73 37.86 -3.98
C ARG D 17 26.11 37.68 -2.52
N GLY D 18 25.28 36.95 -1.80
CA GLY D 18 25.61 36.53 -0.46
C GLY D 18 25.55 37.60 0.58
N GLU D 19 26.41 37.43 1.61
CA GLU D 19 26.34 38.32 2.76
C GLU D 19 26.56 39.76 2.35
N ILE D 20 27.50 40.03 1.46
CA ILE D 20 27.74 41.45 1.11
C ILE D 20 26.56 42.12 0.39
N ALA D 21 25.86 41.35 -0.44
CA ALA D 21 24.70 41.85 -1.12
C ALA D 21 23.59 42.18 -0.10
N VAL D 22 23.39 41.27 0.84
CA VAL D 22 22.40 41.52 1.89
C VAL D 22 22.80 42.78 2.67
N ARG D 23 24.09 42.87 2.98
CA ARG D 23 24.64 44.04 3.73
C ARG D 23 24.35 45.32 2.99
N VAL D 24 24.59 45.32 1.67
CA VAL D 24 24.28 46.53 0.90
C VAL D 24 22.75 46.82 0.80
N PHE D 25 21.94 45.79 0.61
CA PHE D 25 20.50 46.00 0.55
C PHE D 25 19.94 46.61 1.88
N ARG D 26 20.45 46.16 3.02
CA ARG D 26 20.05 46.77 4.28
C ARG D 26 20.35 48.27 4.37
N ALA D 27 21.55 48.64 3.97
CA ALA D 27 21.94 50.06 3.93
C ALA D 27 21.08 50.85 2.99
N CYS D 28 20.85 50.28 1.80
CA CYS D 28 19.96 50.92 0.88
C CYS D 28 18.56 51.18 1.47
N ASN D 29 17.94 50.16 2.03
CA ASN D 29 16.61 50.29 2.55
C ASN D 29 16.56 51.35 3.65
N GLU D 30 17.60 51.41 4.48
CA GLU D 30 17.69 52.37 5.55
C GLU D 30 17.79 53.80 4.99
N LEU D 31 18.33 53.92 3.79
CA LEU D 31 18.48 55.21 3.13
C LEU D 31 17.32 55.56 2.21
N GLY D 32 16.29 54.71 2.16
CA GLY D 32 15.11 54.99 1.37
C GLY D 32 15.27 54.59 -0.09
N LEU D 33 16.27 53.78 -0.42
CA LEU D 33 16.49 53.33 -1.77
C LEU D 33 15.88 51.98 -1.99
N SER D 34 15.45 51.74 -3.22
CA SER D 34 14.93 50.45 -3.58
C SER D 34 16.11 49.66 -4.15
N THR D 35 16.01 48.34 -4.16
CA THR D 35 17.16 47.49 -4.44
C THR D 35 16.86 46.43 -5.50
N VAL D 36 17.90 46.01 -6.17
CA VAL D 36 17.83 45.02 -7.21
C VAL D 36 18.96 44.04 -7.02
N ALA D 37 18.63 42.74 -7.03
CA ALA D 37 19.60 41.67 -6.94
C ALA D 37 19.80 41.00 -8.26
N VAL D 38 20.99 40.42 -8.45
CA VAL D 38 21.22 39.56 -9.55
C VAL D 38 21.58 38.19 -9.01
N TYR D 39 21.24 37.14 -9.71
CA TYR D 39 21.64 35.80 -9.29
C TYR D 39 21.89 34.87 -10.45
N ALA D 40 22.87 34.01 -10.31
CA ALA D 40 23.09 32.92 -11.29
C ALA D 40 22.08 31.81 -10.98
N ARG D 41 21.77 31.02 -11.98
CA ARG D 41 20.80 29.92 -11.84
C ARG D 41 21.11 29.01 -10.64
N GLU D 42 22.36 28.61 -10.53
CA GLU D 42 22.81 27.73 -9.47
C GLU D 42 22.79 28.38 -8.08
N ASP D 43 22.67 29.70 -8.05
CA ASP D 43 22.66 30.44 -6.79
C ASP D 43 21.26 30.87 -6.53
N GLU D 44 20.32 30.22 -7.17
CA GLU D 44 18.94 30.71 -7.11
C GLU D 44 18.26 30.55 -5.74
N TYR D 45 18.86 29.81 -4.81
CA TYR D 45 18.34 29.77 -3.46
C TYR D 45 19.06 30.69 -2.43
N SER D 46 19.93 31.58 -2.94
CA SER D 46 20.66 32.50 -2.10
C SER D 46 19.71 33.50 -1.46
N VAL D 47 19.84 33.66 -0.17
CA VAL D 47 19.13 34.64 0.60
C VAL D 47 19.13 36.02 -0.07
N HIS D 48 20.27 36.47 -0.55
CA HIS D 48 20.32 37.81 -1.16
C HIS D 48 19.30 38.01 -2.27
N ARG D 49 18.96 36.95 -3.02
CA ARG D 49 17.97 37.09 -4.06
C ARG D 49 16.63 37.52 -3.49
N PHE D 50 16.26 37.02 -2.30
CA PHE D 50 14.90 37.30 -1.70
C PHE D 50 14.87 38.48 -0.76
N LYS D 51 16.00 39.08 -0.53
CA LYS D 51 16.05 40.31 0.22
C LYS D 51 15.91 41.56 -0.61
N ALA D 52 16.18 41.48 -1.92
CA ALA D 52 16.08 42.69 -2.75
C ALA D 52 14.63 42.96 -3.09
N ASP D 53 14.30 44.17 -3.49
CA ASP D 53 12.91 44.50 -3.88
C ASP D 53 12.56 43.82 -5.20
N GLU D 54 13.58 43.54 -6.00
CA GLU D 54 13.42 42.80 -7.23
C GLU D 54 14.74 42.16 -7.58
N SER D 55 14.67 41.10 -8.36
CA SER D 55 15.82 40.31 -8.66
C SER D 55 15.69 39.64 -10.00
N TYR D 56 16.82 39.43 -10.66
CA TYR D 56 16.90 39.02 -12.03
C TYR D 56 18.01 38.01 -12.17
N LEU D 57 17.71 36.96 -12.89
CA LEU D 57 18.65 35.99 -13.29
C LEU D 57 19.62 36.62 -14.26
N ILE D 58 20.89 36.31 -14.10
CA ILE D 58 21.93 36.68 -15.07
C ILE D 58 22.82 35.49 -15.49
N GLY D 59 23.56 35.71 -16.57
CA GLY D 59 24.56 34.76 -17.02
C GLY D 59 24.00 33.45 -17.52
N GLN D 60 22.77 33.45 -18.03
CA GLN D 60 22.19 32.21 -18.55
C GLN D 60 23.13 31.35 -19.42
N GLY D 61 23.19 30.04 -19.10
CA GLY D 61 24.04 29.09 -19.81
C GLY D 61 25.51 29.13 -19.42
N LYS D 62 25.91 30.09 -18.60
CA LYS D 62 27.31 30.12 -18.14
C LYS D 62 27.51 29.38 -16.84
N LYS D 63 28.78 29.05 -16.57
CA LYS D 63 29.22 28.59 -15.26
C LYS D 63 28.94 29.67 -14.22
N PRO D 64 28.68 29.26 -12.99
CA PRO D 64 28.11 30.20 -12.07
C PRO D 64 28.98 31.36 -11.74
N ILE D 65 30.27 31.15 -11.57
CA ILE D 65 31.13 32.28 -11.27
C ILE D 65 31.23 33.22 -12.50
N ASP D 66 31.35 32.66 -13.70
CA ASP D 66 31.27 33.50 -14.90
C ASP D 66 30.02 34.32 -14.95
N ALA D 67 28.92 33.80 -14.46
CA ALA D 67 27.67 34.58 -14.50
C ALA D 67 27.82 35.86 -13.70
N TYR D 68 28.50 35.82 -12.57
CA TYR D 68 28.69 36.99 -11.75
C TYR D 68 29.75 37.95 -12.27
N LEU D 69 30.55 37.47 -13.21
CA LEU D 69 31.52 38.28 -13.93
C LEU D 69 31.00 38.73 -15.30
N ASP D 70 29.74 38.49 -15.62
CA ASP D 70 29.15 38.89 -16.91
C ASP D 70 28.78 40.36 -16.90
N ILE D 71 29.78 41.18 -17.18
CA ILE D 71 29.61 42.64 -17.21
C ILE D 71 28.38 43.14 -17.98
N ASP D 72 28.25 42.72 -19.24
CA ASP D 72 27.19 43.24 -20.07
C ASP D 72 25.84 42.84 -19.53
N ASP D 73 25.74 41.61 -19.05
CA ASP D 73 24.42 41.13 -18.61
C ASP D 73 23.98 41.89 -17.32
N ILE D 74 24.94 42.23 -16.47
CA ILE D 74 24.66 42.99 -15.26
C ILE D 74 24.18 44.39 -15.63
N ILE D 75 24.87 45.01 -16.56
CA ILE D 75 24.47 46.33 -17.02
C ILE D 75 23.13 46.27 -17.67
N ARG D 76 22.88 45.21 -18.44
CA ARG D 76 21.54 44.99 -19.04
C ARG D 76 20.47 45.04 -17.95
N VAL D 77 20.68 44.30 -16.85
CA VAL D 77 19.69 44.34 -15.77
C VAL D 77 19.49 45.75 -15.18
N ALA D 78 20.58 46.42 -14.91
CA ALA D 78 20.50 47.74 -14.27
C ALA D 78 19.67 48.63 -15.10
N LEU D 79 19.94 48.61 -16.44
CA LEU D 79 19.20 49.49 -17.34
C LEU D 79 17.77 49.12 -17.46
N GLU D 80 17.46 47.83 -17.59
CA GLU D 80 16.10 47.35 -17.72
C GLU D 80 15.30 47.55 -16.45
N SER D 81 15.94 47.46 -15.28
CA SER D 81 15.20 47.64 -14.02
C SER D 81 15.08 49.12 -13.62
N GLY D 82 15.79 50.03 -14.29
CA GLY D 82 15.72 51.46 -14.00
C GLY D 82 16.56 51.80 -12.79
N ALA D 83 17.60 51.02 -12.53
CA ALA D 83 18.46 51.34 -11.40
C ALA D 83 19.28 52.58 -11.71
N ASP D 84 19.67 53.31 -10.68
CA ASP D 84 20.56 54.44 -10.81
C ASP D 84 21.99 54.16 -10.58
N ALA D 85 22.26 53.10 -9.81
CA ALA D 85 23.57 52.87 -9.24
C ALA D 85 23.87 51.39 -9.12
N ILE D 86 25.16 51.05 -9.16
CA ILE D 86 25.61 49.70 -8.91
C ILE D 86 26.62 49.73 -7.81
N HIS D 87 26.40 48.91 -6.77
CA HIS D 87 27.38 48.69 -5.75
C HIS D 87 27.97 47.37 -6.10
N PRO D 88 29.29 47.30 -6.24
CA PRO D 88 29.92 46.02 -6.61
C PRO D 88 30.30 45.05 -5.50
N GLY D 89 30.09 45.44 -4.25
CA GLY D 89 30.47 44.64 -3.09
C GLY D 89 31.99 44.48 -2.98
N TYR D 90 32.44 43.25 -2.70
CA TYR D 90 33.86 42.90 -2.73
C TYR D 90 34.04 41.63 -3.54
N GLY D 91 35.27 41.28 -3.87
CA GLY D 91 35.51 40.18 -4.77
C GLY D 91 34.93 40.50 -6.12
N LEU D 92 34.80 39.46 -6.93
CA LEU D 92 34.12 39.53 -8.21
C LEU D 92 34.62 40.75 -9.03
N LEU D 93 33.76 41.69 -9.42
CA LEU D 93 34.18 42.77 -10.34
C LEU D 93 34.45 44.04 -9.59
N SER D 94 34.62 43.96 -8.28
CA SER D 94 34.62 45.15 -7.48
C SER D 94 35.89 45.98 -7.67
N GLU D 95 36.94 45.33 -8.13
CA GLU D 95 38.18 46.04 -8.42
C GLU D 95 38.44 46.07 -9.92
N ASN D 96 37.42 45.81 -10.73
CA ASN D 96 37.64 45.60 -12.15
C ASN D 96 37.43 46.90 -12.95
N LEU D 97 38.51 47.40 -13.58
CA LEU D 97 38.48 48.68 -14.31
C LEU D 97 37.52 48.68 -15.46
N GLU D 98 37.52 47.60 -16.21
CA GLU D 98 36.59 47.46 -17.31
C GLU D 98 35.13 47.58 -16.87
N PHE D 99 34.80 46.97 -15.72
CA PHE D 99 33.42 46.94 -15.26
C PHE D 99 32.99 48.33 -14.88
N ALA D 100 33.82 49.01 -14.10
CA ALA D 100 33.47 50.33 -13.61
C ALA D 100 33.35 51.32 -14.75
N THR D 101 34.22 51.14 -15.72
CA THR D 101 34.21 52.02 -16.92
C THR D 101 32.93 51.88 -17.66
N LYS D 102 32.50 50.64 -17.85
CA LYS D 102 31.30 50.41 -18.64
C LYS D 102 30.05 50.80 -17.86
N VAL D 103 30.08 50.66 -16.53
CA VAL D 103 28.94 50.98 -15.69
C VAL D 103 28.76 52.52 -15.74
N ARG D 104 29.85 53.22 -15.56
CA ARG D 104 29.81 54.68 -15.73
C ARG D 104 29.47 55.11 -17.16
N ALA D 105 30.00 54.42 -18.16
CA ALA D 105 29.68 54.76 -19.57
C ALA D 105 28.20 54.51 -19.90
N ALA D 106 27.52 53.69 -19.09
CA ALA D 106 26.13 53.43 -19.33
C ALA D 106 25.25 54.46 -18.58
N GLY D 107 25.89 55.49 -18.07
CA GLY D 107 25.21 56.55 -17.32
C GLY D 107 24.85 56.14 -15.89
N LEU D 108 25.42 55.04 -15.37
CA LEU D 108 25.06 54.65 -13.98
C LEU D 108 26.10 55.08 -13.00
N VAL D 109 25.69 55.28 -11.76
CA VAL D 109 26.65 55.54 -10.68
C VAL D 109 27.32 54.25 -10.27
N PHE D 110 28.65 54.23 -10.24
CA PHE D 110 29.40 53.07 -9.73
C PHE D 110 29.83 53.43 -8.34
N VAL D 111 29.32 52.72 -7.31
CA VAL D 111 29.58 53.11 -5.91
C VAL D 111 30.94 52.66 -5.52
N GLY D 112 31.92 53.53 -5.72
CA GLY D 112 33.36 53.13 -5.59
C GLY D 112 34.25 54.32 -5.98
N PRO D 113 35.56 54.12 -5.95
CA PRO D 113 36.43 55.24 -6.31
C PRO D 113 36.49 55.52 -7.82
N GLU D 114 37.29 56.51 -8.20
CA GLU D 114 37.39 56.90 -9.62
C GLU D 114 38.08 55.82 -10.40
N LEU D 115 37.82 55.81 -11.70
CA LEU D 115 38.48 54.91 -12.60
C LEU D 115 39.98 54.94 -12.44
N HIS D 116 40.55 56.15 -12.30
CA HIS D 116 41.99 56.28 -12.13
C HIS D 116 42.46 55.51 -10.89
N HIS D 117 41.71 55.58 -9.79
CA HIS D 117 42.06 54.81 -8.57
C HIS D 117 41.97 53.28 -8.73
N LEU D 118 40.93 52.80 -9.42
CA LEU D 118 40.85 51.36 -9.67
C LEU D 118 42.02 50.89 -10.49
N ASP D 119 42.48 51.74 -11.40
CA ASP D 119 43.62 51.38 -12.26
C ASP D 119 44.88 51.27 -11.40
N ILE D 120 45.21 52.30 -10.63
CA ILE D 120 46.49 52.25 -9.92
C ILE D 120 46.49 51.38 -8.68
N PHE D 121 45.34 51.18 -8.07
CA PHE D 121 45.30 50.37 -6.86
C PHE D 121 44.87 48.95 -7.14
N GLY D 122 44.22 48.73 -8.27
CA GLY D 122 43.88 47.39 -8.68
C GLY D 122 45.12 46.64 -9.09
N ASP D 123 46.06 47.36 -9.68
CA ASP D 123 47.33 46.76 -10.05
C ASP D 123 48.27 46.99 -8.87
N LYS D 124 48.80 45.91 -8.28
CA LYS D 124 49.67 46.06 -7.11
C LYS D 124 51.04 46.64 -7.42
N ILE D 125 51.45 46.60 -8.69
CA ILE D 125 52.70 47.22 -9.10
C ILE D 125 52.54 48.72 -9.17
N LYS D 126 51.44 49.16 -9.77
CA LYS D 126 51.17 50.59 -9.90
C LYS D 126 50.87 51.17 -8.55
N ALA D 127 50.32 50.34 -7.67
CA ALA D 127 50.06 50.80 -6.28
C ALA D 127 51.33 51.05 -5.47
N LYS D 128 52.34 50.18 -5.57
CA LYS D 128 53.63 50.43 -4.92
C LYS D 128 54.26 51.68 -5.52
N ALA D 129 54.14 51.85 -6.83
CA ALA D 129 54.65 53.07 -7.43
C ALA D 129 53.99 54.30 -6.80
N ALA D 130 52.66 54.27 -6.67
CA ALA D 130 51.92 55.40 -6.08
C ALA D 130 52.31 55.64 -4.63
N ALA D 131 52.62 54.57 -3.92
CA ALA D 131 52.98 54.69 -2.51
C ALA D 131 54.34 55.35 -2.36
N ASP D 132 55.31 54.92 -3.19
CA ASP D 132 56.61 55.60 -3.28
C ASP D 132 56.45 57.07 -3.60
N GLU D 133 55.63 57.39 -4.60
CA GLU D 133 55.37 58.78 -4.99
C GLU D 133 54.84 59.61 -3.81
N ALA D 134 54.04 58.99 -2.94
CA ALA D 134 53.45 59.68 -1.80
C ALA D 134 54.34 59.66 -0.55
N LYS D 135 55.51 59.01 -0.67
CA LYS D 135 56.52 58.95 0.39
C LYS D 135 55.99 58.12 1.56
N VAL D 136 55.45 56.94 1.21
CA VAL D 136 54.98 55.96 2.16
C VAL D 136 55.87 54.72 2.00
N PRO D 137 56.53 54.34 3.08
CA PRO D 137 57.53 53.30 2.99
C PRO D 137 56.93 51.99 2.46
N GLY D 138 57.57 51.38 1.47
CA GLY D 138 57.12 50.09 0.95
C GLY D 138 58.13 48.96 1.17
N ILE D 139 57.87 47.79 0.58
CA ILE D 139 58.76 46.65 0.69
C ILE D 139 59.63 46.60 -0.56
N PRO D 140 60.96 46.52 -0.37
CA PRO D 140 61.85 46.35 -1.52
C PRO D 140 61.34 45.29 -2.50
N GLY D 141 61.25 45.63 -3.78
CA GLY D 141 60.70 44.70 -4.75
C GLY D 141 61.18 44.98 -6.14
N THR D 142 60.90 44.07 -7.07
CA THR D 142 61.29 44.25 -8.48
C THR D 142 60.74 45.58 -8.87
N ASN D 143 61.46 46.27 -9.72
CA ASN D 143 61.10 47.65 -9.99
C ASN D 143 59.71 47.67 -10.65
N GLY D 144 59.43 46.70 -11.51
CA GLY D 144 58.11 46.49 -12.09
C GLY D 144 57.85 45.00 -12.22
N ALA D 145 57.10 44.60 -13.25
CA ALA D 145 56.84 43.17 -13.50
C ALA D 145 58.07 42.48 -14.08
N VAL D 146 58.17 41.15 -13.89
CA VAL D 146 59.34 40.42 -14.35
C VAL D 146 59.01 39.03 -14.91
N ASP D 147 59.92 38.55 -15.76
CA ASP D 147 59.96 37.16 -16.21
C ASP D 147 60.71 36.40 -15.13
N ILE D 148 60.89 35.09 -15.32
CA ILE D 148 61.61 34.30 -14.32
C ILE D 148 63.07 34.77 -14.12
N ASP D 149 63.66 35.42 -15.11
CA ASP D 149 65.05 35.89 -15.04
C ASP D 149 65.21 37.15 -14.19
N GLY D 150 64.23 38.04 -14.25
CA GLY D 150 64.19 39.22 -13.38
C GLY D 150 63.90 38.83 -11.93
N ALA D 151 63.10 37.76 -11.80
CA ALA D 151 62.78 37.20 -10.48
C ALA D 151 64.03 36.63 -9.82
N LEU D 152 64.71 35.73 -10.54
CA LEU D 152 65.95 35.14 -10.05
C LEU D 152 66.98 36.21 -9.76
N GLU D 153 67.07 37.21 -10.65
CA GLU D 153 67.90 38.38 -10.44
C GLU D 153 67.60 39.10 -9.10
N PHE D 154 66.32 39.29 -8.79
CA PHE D 154 65.92 39.90 -7.51
C PHE D 154 66.42 39.06 -6.31
N ALA D 155 66.14 37.75 -6.33
CA ALA D 155 66.57 36.83 -5.28
C ALA D 155 68.08 36.82 -5.12
N LYS D 156 68.81 36.95 -6.23
CA LYS D 156 70.26 37.14 -6.21
C LYS D 156 70.60 38.47 -5.52
N THR D 157 70.00 39.57 -5.97
CA THR D 157 70.25 40.88 -5.38
C THR D 157 69.90 40.94 -3.88
N TYR D 158 68.66 40.60 -3.55
CA TYR D 158 68.17 40.67 -2.18
C TYR D 158 68.25 39.42 -1.36
N GLY D 159 68.21 38.28 -2.03
CA GLY D 159 68.31 37.03 -1.33
C GLY D 159 67.03 36.44 -0.85
N TYR D 160 67.05 35.15 -0.66
CA TYR D 160 65.90 34.45 -0.17
C TYR D 160 65.75 34.86 1.28
N PRO D 161 64.49 34.87 1.88
CA PRO D 161 63.35 34.43 1.07
C PRO D 161 62.58 35.59 0.49
N VAL D 162 61.89 35.35 -0.60
CA VAL D 162 61.12 36.37 -1.26
C VAL D 162 59.71 35.90 -1.50
N MET D 163 58.79 36.83 -1.75
CA MET D 163 57.41 36.47 -2.01
C MET D 163 57.02 36.81 -3.42
N ILE D 164 56.61 35.81 -4.17
CA ILE D 164 56.18 36.01 -5.52
C ILE D 164 54.73 36.45 -5.50
N LYS D 165 54.41 37.50 -6.21
CA LYS D 165 53.06 38.05 -6.17
C LYS D 165 52.56 38.45 -7.54
N ALA D 166 51.29 38.16 -7.81
CA ALA D 166 50.61 38.64 -9.01
C ALA D 166 50.11 40.08 -8.83
N ALA D 167 50.31 40.89 -9.87
CA ALA D 167 49.80 42.25 -9.98
C ALA D 167 48.33 42.39 -9.64
N LEU D 168 47.52 41.41 -10.05
CA LEU D 168 46.07 41.42 -9.81
C LEU D 168 45.61 40.27 -8.91
N GLY D 169 46.04 40.22 -7.66
CA GLY D 169 45.72 39.09 -6.78
C GLY D 169 44.71 39.49 -5.70
N GLY D 170 43.90 38.53 -5.25
CA GLY D 170 43.03 38.72 -4.07
C GLY D 170 42.72 37.45 -3.34
N GLY D 172 45.68 34.76 -0.58
CA GLY D 172 46.83 34.14 -1.22
C GLY D 172 46.68 33.57 -2.63
N ARG D 173 45.60 33.90 -3.38
CA ARG D 173 45.49 33.41 -4.78
C ARG D 173 46.33 34.33 -5.69
N GLY D 174 47.27 33.73 -6.44
CA GLY D 174 48.37 34.46 -7.11
C GLY D 174 49.60 34.85 -6.27
N MET D 175 50.00 33.99 -5.34
CA MET D 175 51.09 34.32 -4.40
C MET D 175 51.83 33.05 -3.95
N ARG D 176 53.15 33.14 -3.89
CA ARG D 176 53.95 32.02 -3.43
C ARG D 176 55.23 32.49 -2.75
N VAL D 177 55.57 31.84 -1.65
CA VAL D 177 56.82 32.07 -0.96
C VAL D 177 57.85 31.16 -1.62
N ALA D 178 59.01 31.71 -1.96
CA ALA D 178 60.12 30.90 -2.47
C ALA D 178 61.32 31.10 -1.58
N ARG D 179 61.83 30.01 -1.01
CA ARG D 179 63.02 30.04 -0.14
C ARG D 179 64.32 29.77 -0.95
N ASN D 180 64.16 29.42 -2.22
CA ASN D 180 65.29 28.91 -3.05
C ASN D 180 64.94 28.85 -4.55
N ASP D 181 65.92 28.40 -5.33
CA ASP D 181 65.80 28.37 -6.77
C ASP D 181 64.71 27.44 -7.27
N ALA D 182 64.68 26.22 -6.77
CA ALA D 182 63.70 25.24 -7.27
C ALA D 182 62.27 25.65 -6.92
N GLU D 183 62.09 26.29 -5.75
CA GLU D 183 60.79 26.85 -5.36
C GLU D 183 60.47 28.12 -6.14
N MET D 184 61.50 28.81 -6.63
CA MET D 184 61.28 30.00 -7.44
C MET D 184 60.71 29.64 -8.81
N HIS D 185 61.25 28.59 -9.43
CA HIS D 185 60.76 28.10 -10.72
C HIS D 185 59.34 27.53 -10.57
N ASP D 186 59.15 26.68 -9.56
CA ASP D 186 57.85 26.09 -9.26
C ASP D 186 56.81 27.13 -8.82
N GLY D 187 57.17 27.96 -7.83
CA GLY D 187 56.29 29.02 -7.36
C GLY D 187 55.88 30.02 -8.44
N TYR D 188 56.83 30.44 -9.27
CA TYR D 188 56.56 31.39 -10.35
C TYR D 188 55.57 30.83 -11.37
N ALA D 189 55.84 29.61 -11.81
CA ALA D 189 54.93 28.95 -12.76
C ALA D 189 53.49 28.99 -12.23
N ARG D 190 53.33 28.60 -10.97
CA ARG D 190 51.99 28.37 -10.40
C ARG D 190 51.26 29.66 -10.03
N ALA D 191 52.02 30.69 -9.67
CA ALA D 191 51.45 32.00 -9.43
C ALA D 191 50.95 32.61 -10.74
N LYS D 192 51.66 32.35 -11.85
CA LYS D 192 51.27 32.84 -13.19
C LYS D 192 50.03 32.12 -13.73
N SER D 193 49.91 30.84 -13.44
CA SER D 193 48.73 30.06 -13.81
C SER D 193 47.48 30.60 -13.15
N GLU D 194 47.50 30.66 -11.81
CA GLU D 194 46.35 31.14 -11.05
C GLU D 194 45.94 32.54 -11.45
N ALA D 195 46.91 33.39 -11.73
CA ALA D 195 46.65 34.78 -12.13
C ALA D 195 45.93 34.86 -13.50
N ILE D 196 46.31 34.01 -14.47
CA ILE D 196 45.57 33.95 -15.74
C ILE D 196 44.20 33.30 -15.50
N GLY D 197 44.20 32.16 -14.81
CA GLY D 197 42.99 31.39 -14.51
C GLY D 197 41.92 32.18 -13.76
N ALA D 198 42.30 32.81 -12.65
CA ALA D 198 41.37 33.61 -11.84
C ALA D 198 41.07 35.02 -12.40
N PHE D 199 42.07 35.72 -12.95
CA PHE D 199 41.91 37.15 -13.36
C PHE D 199 42.28 37.46 -14.80
N GLY D 200 42.42 36.44 -15.65
CA GLY D 200 42.60 36.66 -17.08
C GLY D 200 43.90 37.32 -17.55
N SER D 201 44.80 37.65 -16.62
CA SER D 201 46.14 38.15 -16.94
C SER D 201 47.12 37.64 -15.89
N GLY D 202 48.40 37.52 -16.22
CA GLY D 202 49.38 36.88 -15.30
C GLY D 202 50.73 37.57 -15.10
N GLU D 203 50.70 38.89 -14.86
CA GLU D 203 51.91 39.65 -14.62
C GLU D 203 52.39 39.44 -13.18
N ILE D 204 53.69 39.28 -13.00
CA ILE D 204 54.25 38.87 -11.72
C ILE D 204 55.38 39.79 -11.29
N TYR D 205 55.38 40.11 -10.00
CA TYR D 205 56.48 40.84 -9.39
C TYR D 205 56.92 40.08 -8.17
N VAL D 206 58.01 40.53 -7.58
CA VAL D 206 58.58 39.86 -6.42
C VAL D 206 58.92 40.88 -5.35
N GLU D 207 58.80 40.44 -4.12
CA GLU D 207 59.04 41.26 -2.97
C GLU D 207 59.89 40.55 -1.97
N LYS D 208 60.56 41.31 -1.12
CA LYS D 208 61.33 40.73 -0.07
C LYS D 208 60.29 40.13 0.83
N TYR D 209 60.55 38.96 1.36
CA TYR D 209 59.60 38.33 2.24
C TYR D 209 59.96 38.64 3.66
N ILE D 210 59.02 39.23 4.39
CA ILE D 210 59.20 39.57 5.79
C ILE D 210 58.86 38.40 6.68
N GLU D 211 59.53 38.27 7.82
CA GLU D 211 59.36 37.14 8.72
C GLU D 211 58.44 37.54 9.88
N ASN D 212 57.38 36.77 10.06
CA ASN D 212 56.46 36.94 11.23
C ASN D 212 55.93 38.35 11.41
N PRO D 213 55.42 38.95 10.34
CA PRO D 213 54.83 40.27 10.45
C PRO D 213 53.37 40.26 10.99
N LYS D 214 52.93 41.42 11.46
CA LYS D 214 51.52 41.69 11.72
C LYS D 214 50.95 42.28 10.43
N HIS D 215 49.67 42.03 10.19
CA HIS D 215 49.01 42.61 9.04
C HIS D 215 48.08 43.65 9.63
N ILE D 216 48.31 44.92 9.32
CA ILE D 216 47.53 46.01 9.92
C ILE D 216 46.99 46.83 8.78
N GLU D 217 45.69 47.13 8.81
CA GLU D 217 45.10 47.82 7.68
C GLU D 217 44.26 48.95 8.18
N VAL D 218 44.13 49.96 7.35
CA VAL D 218 43.53 51.19 7.76
C VAL D 218 42.34 51.52 6.89
N GLN D 219 41.22 51.78 7.53
CA GLN D 219 40.01 52.06 6.80
C GLN D 219 39.99 53.51 6.44
N ILE D 220 39.75 53.81 5.17
CA ILE D 220 39.64 55.18 4.68
C ILE D 220 38.25 55.44 4.08
N LEU D 221 37.76 56.67 4.30
CA LEU D 221 36.69 57.26 3.51
C LEU D 221 37.15 58.62 2.91
N GLY D 222 36.86 58.83 1.63
CA GLY D 222 37.08 60.11 0.95
C GLY D 222 35.78 60.51 0.25
N ASP D 223 35.45 61.80 0.26
CA ASP D 223 34.29 62.27 -0.45
C ASP D 223 34.73 63.08 -1.66
N ARG D 224 33.77 63.67 -2.37
CA ARG D 224 34.07 64.39 -3.61
C ARG D 224 34.39 65.85 -3.36
N HIS D 225 34.57 66.20 -2.09
CA HIS D 225 34.76 67.59 -1.70
C HIS D 225 36.11 67.71 -1.04
N GLY D 226 37.07 66.84 -1.39
CA GLY D 226 38.43 66.81 -0.77
C GLY D 226 38.57 66.38 0.71
N ASN D 227 37.53 65.80 1.32
CA ASN D 227 37.68 65.31 2.68
C ASN D 227 38.17 63.89 2.69
N ILE D 228 39.16 63.60 3.51
CA ILE D 228 39.60 62.24 3.72
C ILE D 228 39.76 61.99 5.19
N ILE D 229 39.26 60.86 5.64
CA ILE D 229 39.40 60.46 7.03
C ILE D 229 39.66 58.98 7.11
N HIS D 230 40.25 58.61 8.21
CA HIS D 230 40.47 57.24 8.54
C HIS D 230 39.51 56.87 9.69
N LEU D 231 39.16 55.58 9.76
CA LEU D 231 38.31 55.05 10.83
C LEU D 231 39.10 54.02 11.60
N HIS D 232 40.30 54.43 11.93
CA HIS D 232 41.28 53.68 12.70
C HIS D 232 41.67 52.45 11.92
N GLU D 233 42.31 51.51 12.59
CA GLU D 233 42.88 50.36 11.88
C GLU D 233 42.31 49.04 12.35
N ARG D 234 42.71 47.98 11.67
CA ARG D 234 42.29 46.64 11.99
C ARG D 234 43.51 45.75 11.95
N ASP D 235 43.56 44.81 12.89
CA ASP D 235 44.59 43.83 12.89
C ASP D 235 44.03 42.51 12.31
N CYS D 236 44.56 42.14 11.16
CA CYS D 236 44.14 40.96 10.45
C CYS D 236 45.24 39.94 10.36
N SER D 237 46.05 39.86 11.42
CA SER D 237 47.26 39.01 11.36
C SER D 237 46.90 37.53 11.51
N VAL D 238 45.74 37.21 12.09
CA VAL D 238 45.39 35.81 12.31
C VAL D 238 44.99 35.20 10.99
N GLN D 239 45.94 34.52 10.35
CA GLN D 239 45.75 33.98 9.03
C GLN D 239 46.15 32.53 8.96
N ARG D 240 45.63 31.85 7.95
CA ARG D 240 46.02 30.50 7.64
C ARG D 240 46.37 30.49 6.15
N ARG D 241 47.60 30.05 5.85
CA ARG D 241 48.09 30.04 4.47
C ARG D 241 47.85 31.42 3.85
N ASN D 242 48.17 32.46 4.62
CA ASN D 242 47.99 33.84 4.22
C ASN D 242 46.55 34.27 3.88
N GLN D 243 45.56 33.61 4.46
CA GLN D 243 44.15 33.96 4.27
C GLN D 243 43.53 34.32 5.59
N LYS D 244 42.86 35.45 5.62
CA LYS D 244 42.37 35.99 6.89
C LYS D 244 41.35 35.06 7.53
N VAL D 245 41.45 34.87 8.83
CA VAL D 245 40.58 33.97 9.53
C VAL D 245 39.84 34.77 10.57
N ILE D 246 40.59 35.47 11.41
CA ILE D 246 40.01 36.30 12.41
C ILE D 246 40.60 37.69 12.31
N GLU D 247 39.75 38.70 12.47
CA GLU D 247 40.14 40.10 12.40
C GLU D 247 39.70 40.81 13.64
N ILE D 248 40.54 41.70 14.16
CA ILE D 248 40.13 42.49 15.33
C ILE D 248 40.32 43.97 15.07
N ALA D 249 39.71 44.76 15.92
CA ALA D 249 39.83 46.17 15.86
C ALA D 249 39.58 46.79 17.25
N PRO D 250 40.38 47.79 17.64
CA PRO D 250 41.52 48.28 16.85
C PRO D 250 42.67 47.30 17.05
N ALA D 251 43.88 47.67 16.67
CA ALA D 251 45.04 46.79 16.89
C ALA D 251 45.54 46.86 18.36
N VAL D 252 44.87 46.09 19.24
CA VAL D 252 44.98 46.30 20.68
C VAL D 252 46.35 45.97 21.22
N GLY D 253 47.11 45.16 20.49
CA GLY D 253 48.47 44.80 20.86
C GLY D 253 49.58 45.75 20.42
N LEU D 254 49.21 46.88 19.84
CA LEU D 254 50.17 47.88 19.40
C LEU D 254 49.87 49.17 20.11
N SER D 255 50.87 50.03 20.21
CA SER D 255 50.72 51.24 21.00
C SER D 255 49.88 52.23 20.22
N PRO D 256 49.16 53.09 20.92
CA PRO D 256 48.28 54.04 20.22
C PRO D 256 49.00 55.08 19.34
N ASP D 257 50.22 55.44 19.73
CA ASP D 257 51.05 56.33 18.93
C ASP D 257 51.42 55.66 17.64
N PHE D 258 51.81 54.41 17.75
CA PHE D 258 52.27 53.70 16.57
C PHE D 258 51.10 53.46 15.59
N ARG D 259 49.93 53.11 16.14
CA ARG D 259 48.75 52.86 15.32
C ARG D 259 48.34 54.17 14.63
N ASN D 260 48.44 55.25 15.37
CA ASN D 260 48.12 56.55 14.78
C ASN D 260 49.05 56.90 13.59
N GLU D 261 50.30 56.52 13.73
CA GLU D 261 51.27 56.79 12.69
C GLU D 261 50.89 56.02 11.43
N ILE D 262 50.52 54.77 11.64
CA ILE D 262 50.07 53.94 10.52
C ILE D 262 48.83 54.54 9.88
N CYS D 263 47.91 55.03 10.69
CA CYS D 263 46.71 55.63 10.12
C CYS D 263 47.05 56.88 9.26
N GLU D 264 47.99 57.71 9.74
CA GLU D 264 48.38 58.94 9.01
C GLU D 264 49.07 58.60 7.71
N ALA D 265 49.90 57.57 7.71
CA ALA D 265 50.51 57.17 6.48
C ALA D 265 49.40 56.82 5.45
N ALA D 266 48.38 56.07 5.86
CA ALA D 266 47.34 55.66 4.91
C ALA D 266 46.61 56.87 4.40
N VAL D 267 46.31 57.80 5.29
CA VAL D 267 45.70 59.05 4.88
C VAL D 267 46.55 59.88 3.90
N LYS D 268 47.84 59.98 4.17
CA LYS D 268 48.77 60.70 3.31
C LYS D 268 48.71 60.15 1.88
N LEU D 269 48.76 58.84 1.75
CA LEU D 269 48.67 58.22 0.44
C LEU D 269 47.32 58.55 -0.24
N CYS D 270 46.24 58.39 0.49
CA CYS D 270 44.94 58.66 -0.10
C CYS D 270 44.76 60.13 -0.43
N LYS D 271 45.27 61.02 0.41
CA LYS D 271 45.22 62.47 0.05
C LYS D 271 45.99 62.75 -1.24
N ASN D 272 47.16 62.13 -1.37
CA ASN D 272 48.00 62.36 -2.52
C ASN D 272 47.32 62.05 -3.82
N VAL D 273 46.52 60.99 -3.87
CA VAL D 273 45.85 60.63 -5.12
C VAL D 273 44.42 61.12 -5.21
N GLY D 274 43.92 61.83 -4.20
CA GLY D 274 42.52 62.23 -4.20
C GLY D 274 41.52 61.07 -4.12
N TYR D 275 41.79 60.09 -3.26
CA TYR D 275 40.95 58.90 -3.12
C TYR D 275 39.51 59.25 -2.78
N VAL D 276 38.56 58.64 -3.46
CA VAL D 276 37.13 58.88 -3.23
C VAL D 276 36.47 57.54 -2.87
N ASN D 277 35.49 57.62 -1.99
CA ASN D 277 34.68 56.51 -1.46
C ASN D 277 35.41 55.69 -0.42
N ALA D 278 34.99 54.44 -0.19
CA ALA D 278 35.68 53.62 0.79
C ALA D 278 36.85 52.92 0.19
N GLY D 279 37.88 52.75 1.00
CA GLY D 279 39.08 52.02 0.61
C GLY D 279 39.87 51.64 1.84
N THR D 280 40.80 50.70 1.68
CA THR D 280 41.61 50.25 2.79
C THR D 280 43.07 50.19 2.37
N VAL D 281 43.95 50.60 3.24
CA VAL D 281 45.38 50.57 2.99
C VAL D 281 45.95 49.53 3.90
N GLU D 282 46.63 48.57 3.29
CA GLU D 282 47.14 47.43 4.02
C GLU D 282 48.66 47.57 4.21
N PHE D 283 49.14 47.30 5.42
CA PHE D 283 50.56 47.33 5.75
C PHE D 283 50.99 46.04 6.43
N LEU D 284 52.25 45.62 6.20
CA LEU D 284 52.91 44.66 7.05
C LEU D 284 53.69 45.41 8.11
N VAL D 285 53.68 44.85 9.32
CA VAL D 285 54.29 45.48 10.48
C VAL D 285 55.21 44.52 11.18
N LYS D 286 56.41 45.02 11.49
CA LYS D 286 57.55 44.22 12.00
C LYS D 286 58.44 45.12 12.87
N ASP D 287 58.44 44.89 14.19
CA ASP D 287 59.33 45.60 15.11
C ASP D 287 59.21 47.14 15.00
N ASP D 288 58.02 47.68 15.17
CA ASP D 288 57.89 49.14 15.10
C ASP D 288 58.31 49.80 13.76
N LYS D 289 58.39 49.01 12.69
CA LYS D 289 58.39 49.55 11.31
C LYS D 289 57.14 49.03 10.58
N PHE D 290 56.72 49.77 9.57
CA PHE D 290 55.59 49.34 8.77
C PHE D 290 55.86 49.52 7.28
N TYR D 291 55.30 48.63 6.48
CA TYR D 291 55.53 48.67 5.06
C TYR D 291 54.19 48.53 4.33
N PHE D 292 53.96 49.43 3.39
CA PHE D 292 52.85 49.33 2.51
C PHE D 292 52.90 48.06 1.66
N ILE D 293 51.74 47.39 1.51
CA ILE D 293 51.62 46.29 0.57
C ILE D 293 50.53 46.40 -0.48
N GLU D 294 49.40 47.04 -0.13
CA GLU D 294 48.22 47.08 -1.04
C GLU D 294 47.27 48.18 -0.63
N VAL D 295 46.48 48.61 -1.61
CA VAL D 295 45.22 49.23 -1.33
C VAL D 295 44.12 48.36 -1.92
N ASN D 296 43.04 48.18 -1.17
CA ASN D 296 41.86 47.54 -1.68
C ASN D 296 40.89 48.65 -1.88
N PRO D 297 40.66 49.01 -3.13
CA PRO D 297 39.83 50.17 -3.40
C PRO D 297 38.35 49.79 -3.50
N ARG D 298 37.84 49.29 -2.38
CA ARG D 298 36.49 48.82 -2.21
C ARG D 298 36.29 48.56 -0.71
N VAL D 299 35.05 48.24 -0.34
CA VAL D 299 34.76 47.77 0.97
C VAL D 299 35.36 46.38 1.16
N GLN D 300 35.57 46.00 2.40
CA GLN D 300 36.04 44.67 2.72
C GLN D 300 35.11 43.94 3.64
N VAL D 301 35.33 42.63 3.70
CA VAL D 301 34.57 41.75 4.51
C VAL D 301 34.63 42.16 5.97
N GLU D 302 35.79 42.59 6.42
CA GLU D 302 35.94 42.95 7.80
C GLU D 302 35.58 44.39 8.11
N HIS D 303 34.89 45.08 7.22
CA HIS D 303 34.47 46.47 7.57
C HIS D 303 33.62 46.52 8.83
N THR D 304 32.95 45.43 9.12
CA THR D 304 32.00 45.35 10.22
C THR D 304 32.58 45.77 11.54
N ILE D 305 33.78 45.30 11.79
CA ILE D 305 34.37 45.59 13.10
C ILE D 305 34.72 47.06 13.29
N THR D 306 35.06 47.73 12.20
CA THR D 306 35.34 49.14 12.22
C THR D 306 34.02 49.95 12.47
N GLU D 307 32.90 49.46 11.93
CA GLU D 307 31.68 50.10 12.17
C GLU D 307 31.36 50.04 13.67
N LEU D 308 31.67 48.94 14.31
CA LEU D 308 31.29 48.79 15.67
C LEU D 308 32.13 49.66 16.57
N ILE D 309 33.41 49.78 16.31
CA ILE D 309 34.22 50.62 17.20
C ILE D 309 34.15 52.08 16.92
N THR D 310 33.61 52.47 15.75
CA THR D 310 33.50 53.90 15.44
C THR D 310 32.05 54.47 15.46
N GLY D 311 31.05 53.62 15.37
CA GLY D 311 29.68 54.04 15.22
C GLY D 311 29.36 54.45 13.78
N VAL D 312 30.32 54.35 12.89
CA VAL D 312 30.10 54.83 11.55
C VAL D 312 29.65 53.73 10.62
N ASP D 313 28.55 53.97 9.93
CA ASP D 313 28.01 53.05 8.97
C ASP D 313 28.70 53.26 7.64
N ILE D 314 29.60 52.35 7.32
CA ILE D 314 30.50 52.52 6.24
C ILE D 314 29.78 52.30 4.92
N VAL D 315 28.95 51.27 4.84
CA VAL D 315 28.25 51.03 3.57
C VAL D 315 27.29 52.18 3.24
N GLN D 316 26.57 52.68 4.24
CA GLN D 316 25.71 53.87 3.99
C GLN D 316 26.58 55.03 3.55
N ALA D 317 27.73 55.18 4.20
CA ALA D 317 28.63 56.23 3.80
C ALA D 317 29.01 56.12 2.33
N GLN D 318 29.33 54.91 1.88
CA GLN D 318 29.76 54.70 0.52
C GLN D 318 28.71 55.17 -0.42
N ILE D 319 27.47 54.83 -0.11
CA ILE D 319 26.38 55.13 -0.96
C ILE D 319 26.11 56.69 -0.94
N LEU D 320 26.14 57.28 0.24
CA LEU D 320 25.97 58.73 0.31
C LEU D 320 27.12 59.46 -0.42
N ILE D 321 28.34 58.97 -0.32
CA ILE D 321 29.48 59.63 -1.04
C ILE D 321 29.22 59.59 -2.55
N ALA D 322 28.72 58.47 -3.02
CA ALA D 322 28.45 58.29 -4.44
C ALA D 322 27.30 59.15 -4.90
N GLN D 323 26.48 59.58 -3.97
CA GLN D 323 25.43 60.57 -4.28
C GLN D 323 26.00 62.01 -4.27
N GLY D 324 27.30 62.18 -4.06
CA GLY D 324 27.93 63.47 -4.02
C GLY D 324 27.94 64.18 -2.68
N LYS D 325 27.70 63.48 -1.59
CA LYS D 325 27.61 64.18 -0.30
C LYS D 325 28.96 64.41 0.40
N ASP D 326 28.94 65.41 1.28
CA ASP D 326 30.12 65.84 2.00
C ASP D 326 30.13 65.02 3.27
N LEU D 327 31.28 64.40 3.59
CA LEU D 327 31.41 63.57 4.77
C LEU D 327 30.97 64.26 6.02
N HIS D 328 31.34 65.52 6.15
CA HIS D 328 31.12 66.24 7.38
C HIS D 328 29.80 66.95 7.37
N ARG D 329 29.53 67.66 6.30
CA ARG D 329 28.45 68.64 6.29
C ARG D 329 27.08 67.92 6.07
N GLU D 330 27.05 66.76 5.40
CA GLU D 330 25.78 66.08 5.07
C GLU D 330 25.70 64.68 5.65
N ILE D 331 26.80 63.93 5.58
CA ILE D 331 26.84 62.61 6.13
C ILE D 331 26.99 62.68 7.64
N GLY D 332 27.61 63.74 8.16
CA GLY D 332 27.65 63.94 9.62
C GLY D 332 28.79 63.34 10.36
N LEU D 333 29.84 62.96 9.66
CA LEU D 333 31.03 62.49 10.37
C LEU D 333 31.77 63.68 10.98
N PRO D 334 32.27 63.51 12.20
CA PRO D 334 33.08 64.56 12.79
C PRO D 334 34.47 64.68 12.15
N ALA D 335 35.25 65.65 12.64
CA ALA D 335 36.67 65.79 12.26
C ALA D 335 37.43 64.62 12.80
N GLN D 336 38.55 64.36 12.15
CA GLN D 336 39.40 63.20 12.43
C GLN D 336 39.66 62.90 13.91
N SER D 337 40.10 63.90 14.64
CA SER D 337 40.43 63.71 16.05
C SER D 337 39.19 63.34 16.87
N GLU D 338 37.98 63.70 16.43
CA GLU D 338 36.73 63.34 17.09
C GLU D 338 36.11 62.00 16.62
N ILE D 339 36.75 61.26 15.75
CA ILE D 339 36.18 59.98 15.33
C ILE D 339 36.21 59.03 16.53
N PRO D 340 35.02 58.52 16.96
CA PRO D 340 35.02 57.68 18.17
C PRO D 340 35.89 56.43 18.09
N LEU D 341 36.32 56.00 19.26
CA LEU D 341 37.08 54.76 19.39
C LEU D 341 36.50 54.02 20.59
N LEU D 342 35.57 53.10 20.35
CA LEU D 342 34.73 52.53 21.40
C LEU D 342 35.08 51.10 21.57
N GLY D 343 35.79 50.77 22.61
CA GLY D 343 36.13 49.37 22.87
C GLY D 343 36.79 48.67 21.71
N SER D 344 36.51 47.39 21.58
CA SER D 344 37.14 46.62 20.57
C SER D 344 36.08 45.64 19.96
N ALA D 345 36.45 45.05 18.83
CA ALA D 345 35.55 44.13 18.19
C ALA D 345 36.35 43.05 17.49
N ILE D 346 35.70 41.91 17.33
CA ILE D 346 36.31 40.76 16.70
C ILE D 346 35.37 40.18 15.68
N GLN D 347 35.90 39.74 14.55
CA GLN D 347 35.06 39.03 13.61
C GLN D 347 35.62 37.69 13.35
N CYS D 348 34.74 36.68 13.36
CA CYS D 348 35.00 35.35 12.84
C CYS D 348 34.07 35.02 11.72
N ARG D 349 34.58 34.28 10.75
CA ARG D 349 33.75 33.79 9.70
C ARG D 349 33.54 32.32 9.84
N ILE D 350 32.28 31.97 9.95
CA ILE D 350 31.90 30.61 10.09
C ILE D 350 31.60 30.08 8.71
N THR D 351 32.35 29.04 8.34
CA THR D 351 32.27 28.41 7.03
C THR D 351 32.01 26.91 7.13
N THR D 352 31.78 26.28 5.99
CA THR D 352 31.68 24.81 5.94
C THR D 352 33.05 24.12 5.76
N GLU D 353 34.13 24.88 5.88
CA GLU D 353 35.43 24.26 5.83
C GLU D 353 35.60 23.28 6.98
N ASP D 354 35.90 22.03 6.63
CA ASP D 354 36.09 20.95 7.57
C ASP D 354 37.54 20.92 8.05
N PRO D 355 37.78 21.29 9.32
CA PRO D 355 39.17 21.32 9.76
C PRO D 355 39.82 19.95 9.94
N GLN D 356 39.04 18.88 9.99
CA GLN D 356 39.58 17.52 10.07
C GLN D 356 39.69 16.87 8.70
N ASN D 357 39.30 17.56 7.67
CA ASN D 357 39.46 17.07 6.32
C ASN D 357 40.21 18.10 5.48
N GLY D 358 41.34 18.59 6.02
CA GLY D 358 42.13 19.59 5.31
C GLY D 358 41.38 20.87 4.91
N PHE D 359 40.41 21.32 5.73
CA PHE D 359 39.61 22.55 5.45
C PHE D 359 38.91 22.54 4.12
N LEU D 360 38.59 21.34 3.64
CA LEU D 360 37.80 21.18 2.43
C LEU D 360 36.37 21.56 2.77
N PRO D 361 35.76 22.41 1.93
CA PRO D 361 34.44 22.87 2.29
C PRO D 361 33.43 21.81 2.07
N ASP D 362 32.63 21.54 3.10
CA ASP D 362 31.59 20.57 3.03
C ASP D 362 30.42 21.11 2.22
N THR D 363 29.60 20.25 1.67
CA THR D 363 28.46 20.66 0.93
C THR D 363 27.28 19.84 1.41
N GLY D 364 26.08 20.16 0.97
CA GLY D 364 24.90 19.41 1.38
C GLY D 364 23.86 20.32 2.03
N LYS D 365 22.84 19.70 2.62
CA LYS D 365 21.70 20.40 3.12
C LYS D 365 21.86 20.70 4.60
N ILE D 366 21.42 21.90 4.98
CA ILE D 366 21.47 22.35 6.38
C ILE D 366 20.17 21.93 7.01
N ASP D 367 20.25 21.05 8.00
CA ASP D 367 19.07 20.54 8.72
C ASP D 367 18.63 21.55 9.77
N THR D 368 19.59 22.12 10.48
CA THR D 368 19.29 22.95 11.66
C THR D 368 20.20 24.16 11.62
N TYR D 369 19.62 25.34 11.81
CA TYR D 369 20.42 26.58 11.91
C TYR D 369 19.80 27.47 12.97
N ARG D 370 20.40 27.52 14.14
CA ARG D 370 19.95 28.36 15.24
C ARG D 370 21.02 29.42 15.50
N SER D 371 20.66 30.69 15.35
CA SER D 371 21.64 31.75 15.51
C SER D 371 21.54 32.46 16.88
N PRO D 372 22.63 32.56 17.59
CA PRO D 372 22.61 33.38 18.80
C PRO D 372 22.45 34.89 18.64
N GLY D 373 22.25 35.57 19.76
CA GLY D 373 22.13 37.04 19.83
C GLY D 373 22.61 37.50 21.20
N GLY D 374 22.03 38.60 21.64
CA GLY D 374 22.44 39.27 22.85
C GLY D 374 23.26 40.53 22.70
N PHE D 375 23.69 41.05 23.84
CA PHE D 375 24.46 42.22 23.92
C PHE D 375 25.85 41.95 23.39
N GLY D 376 26.35 42.84 22.51
CA GLY D 376 27.71 42.72 21.97
C GLY D 376 27.85 41.74 20.83
N ILE D 377 26.73 41.29 20.26
CA ILE D 377 26.79 40.32 19.19
C ILE D 377 26.20 40.95 17.93
N ARG D 378 26.94 40.83 16.85
CA ARG D 378 26.43 41.19 15.51
C ARG D 378 26.58 39.99 14.55
N LEU D 379 25.52 39.72 13.81
CA LEU D 379 25.57 38.69 12.76
C LEU D 379 25.28 39.28 11.42
N ASP D 380 26.11 38.93 10.46
CA ASP D 380 25.82 39.20 9.05
C ASP D 380 25.80 37.88 8.29
N VAL D 381 24.60 37.41 8.01
CA VAL D 381 24.43 36.04 7.46
C VAL D 381 24.74 35.95 5.97
N GLY D 382 25.36 34.83 5.58
CA GLY D 382 25.50 34.49 4.17
C GLY D 382 24.35 33.58 3.85
N ASN D 383 24.67 32.41 3.36
CA ASN D 383 23.65 31.47 3.03
C ASN D 383 23.64 30.36 4.04
N ALA D 384 22.75 30.52 4.98
CA ALA D 384 22.56 29.54 6.00
C ALA D 384 21.17 29.79 6.52
N TYR D 385 20.36 28.77 6.38
CA TYR D 385 19.03 28.74 6.87
C TYR D 385 18.66 27.27 6.80
N ALA D 386 17.75 26.86 7.66
CA ALA D 386 17.25 25.48 7.65
C ALA D 386 16.70 25.12 6.27
N GLY D 387 17.27 24.11 5.61
CA GLY D 387 16.76 23.68 4.28
C GLY D 387 17.68 24.04 3.09
N TYR D 388 18.60 24.97 3.31
CA TYR D 388 19.48 25.45 2.27
C TYR D 388 20.46 24.40 1.90
N GLU D 389 20.66 24.24 0.59
CA GLU D 389 21.68 23.32 0.05
C GLU D 389 22.92 24.09 -0.27
N VAL D 390 23.97 23.80 0.45
CA VAL D 390 25.25 24.38 0.18
C VAL D 390 25.84 23.68 -1.03
N THR D 391 26.17 24.48 -2.05
CA THR D 391 26.63 24.00 -3.33
C THR D 391 28.15 24.08 -3.37
N PRO D 392 28.77 23.41 -4.34
CA PRO D 392 30.20 23.55 -4.43
C PRO D 392 30.66 24.76 -5.24
N TYR D 393 29.75 25.58 -5.75
CA TYR D 393 30.11 26.60 -6.75
C TYR D 393 30.68 27.92 -6.24
N PHE D 394 30.44 28.23 -4.98
CA PHE D 394 30.77 29.53 -4.46
C PHE D 394 31.55 29.33 -3.18
N ASP D 395 31.77 30.40 -2.43
CA ASP D 395 32.54 30.29 -1.21
C ASP D 395 31.73 29.51 -0.13
N SER D 396 32.42 29.17 0.95
CA SER D 396 31.84 28.32 1.97
C SER D 396 31.31 29.08 3.17
N LEU D 397 31.17 30.39 3.07
CA LEU D 397 30.67 31.19 4.19
C LEU D 397 29.23 30.97 4.56
N LEU D 398 28.99 30.68 5.83
CA LEU D 398 27.64 30.56 6.36
C LEU D 398 27.19 31.85 7.03
N VAL D 399 28.03 32.36 7.93
CA VAL D 399 27.71 33.57 8.63
C VAL D 399 28.98 34.24 9.20
N LYS D 400 28.98 35.56 9.25
CA LYS D 400 30.02 36.35 9.87
C LYS D 400 29.50 36.72 11.21
N VAL D 401 30.31 36.45 12.24
CA VAL D 401 29.96 36.78 13.63
C VAL D 401 30.91 37.81 14.16
N CYS D 402 30.35 38.91 14.70
CA CYS D 402 31.17 39.93 15.37
C CYS D 402 30.75 40.06 16.82
N THR D 403 31.75 40.23 17.69
CA THR D 403 31.48 40.62 19.06
C THR D 403 32.17 41.93 19.32
N PHE D 404 31.61 42.67 20.26
CA PHE D 404 32.15 43.95 20.64
C PHE D 404 31.86 44.22 22.13
N ALA D 405 32.80 44.92 22.78
CA ALA D 405 32.72 45.25 24.19
C ALA D 405 33.80 46.27 24.54
N ASN D 406 33.63 46.94 25.68
CA ASN D 406 34.61 47.91 26.21
C ASN D 406 35.99 47.31 26.29
N GLU D 407 36.09 46.09 26.79
CA GLU D 407 37.39 45.45 26.98
C GLU D 407 37.54 44.32 26.02
N PHE D 408 38.69 44.27 25.40
CA PHE D 408 39.05 43.18 24.53
C PHE D 408 38.80 41.78 25.13
N SER D 409 39.12 41.59 26.41
CA SER D 409 38.92 40.30 27.03
C SER D 409 37.41 39.92 27.13
N ASP D 410 36.53 40.88 27.38
CA ASP D 410 35.08 40.59 27.30
C ASP D 410 34.68 40.28 25.82
N SER D 411 35.32 40.93 24.84
CA SER D 411 34.98 40.69 23.46
C SER D 411 35.31 39.26 23.10
N VAL D 412 36.41 38.78 23.63
CA VAL D 412 36.83 37.39 23.45
C VAL D 412 35.87 36.40 24.14
N ARG D 413 35.48 36.69 25.38
CA ARG D 413 34.53 35.84 26.09
C ARG D 413 33.20 35.78 25.33
N LYS D 414 32.76 36.92 24.81
CA LYS D 414 31.56 36.92 24.04
C LYS D 414 31.70 36.03 22.79
N MET D 415 32.84 36.09 22.13
CA MET D 415 32.99 35.32 20.90
C MET D 415 32.93 33.84 21.25
N ASP D 416 33.58 33.51 22.33
CA ASP D 416 33.62 32.11 22.83
C ASP D 416 32.21 31.64 23.21
N ARG D 417 31.47 32.48 23.92
CA ARG D 417 30.07 32.16 24.21
C ARG D 417 29.25 31.91 22.92
N VAL D 418 29.41 32.79 21.94
CA VAL D 418 28.66 32.71 20.70
C VAL D 418 29.00 31.48 19.88
N LEU D 419 30.29 31.19 19.74
CA LEU D 419 30.69 30.05 18.96
C LEU D 419 30.11 28.77 19.55
N HIS D 420 30.09 28.67 20.88
CA HIS D 420 29.58 27.47 21.54
C HIS D 420 28.08 27.38 21.43
N GLU D 421 27.40 28.52 21.25
CA GLU D 421 25.96 28.53 21.29
C GLU D 421 25.36 28.16 19.92
N PHE D 422 26.10 28.36 18.84
CA PHE D 422 25.63 28.01 17.51
C PHE D 422 25.29 26.54 17.41
N ARG D 423 24.20 26.24 16.70
CA ARG D 423 23.75 24.88 16.40
C ARG D 423 23.52 24.81 14.92
N ILE D 424 24.43 24.12 14.25
CA ILE D 424 24.40 23.98 12.82
C ILE D 424 24.57 22.52 12.52
N ARG D 425 23.57 21.92 11.89
CA ARG D 425 23.57 20.48 11.60
C ARG D 425 23.37 20.23 10.13
N GLY D 426 24.09 19.23 9.60
CA GLY D 426 23.90 18.82 8.23
C GLY D 426 25.16 19.06 7.42
N VAL D 427 25.99 20.01 7.83
CA VAL D 427 27.26 20.24 7.19
C VAL D 427 28.27 20.45 8.28
N LYS D 428 29.51 20.14 7.98
CA LYS D 428 30.63 20.44 8.87
C LYS D 428 30.88 21.95 8.90
N THR D 429 31.50 22.44 9.96
CA THR D 429 31.96 23.82 10.01
C THR D 429 33.35 23.98 10.59
N ASN D 430 33.84 25.21 10.55
CA ASN D 430 35.17 25.50 11.06
C ASN D 430 35.11 25.94 12.51
N ILE D 431 33.94 25.83 13.13
CA ILE D 431 33.79 26.30 14.52
C ILE D 431 34.77 25.71 15.51
N PRO D 432 34.92 24.37 15.51
CA PRO D 432 35.92 23.87 16.45
C PRO D 432 37.34 24.49 16.27
N PHE D 433 37.71 24.80 15.04
CA PHE D 433 38.98 25.50 14.81
C PHE D 433 38.93 26.93 15.39
N LEU D 434 37.85 27.65 15.14
CA LEU D 434 37.76 29.03 15.68
C LEU D 434 37.83 29.05 17.18
N ILE D 435 37.19 28.08 17.79
CA ILE D 435 37.24 27.98 19.24
C ILE D 435 38.67 27.80 19.73
N ASN D 436 39.44 26.97 19.04
CA ASN D 436 40.84 26.74 19.45
C ASN D 436 41.62 28.03 19.32
N VAL D 437 41.40 28.73 18.21
CA VAL D 437 42.15 29.95 17.93
C VAL D 437 41.96 30.96 19.00
N ILE D 438 40.74 31.21 19.43
CA ILE D 438 40.53 32.27 20.42
C ILE D 438 40.89 31.85 21.86
N ALA D 439 41.15 30.57 22.07
CA ALA D 439 41.54 30.06 23.39
C ALA D 439 43.04 30.35 23.61
N ASN D 440 43.79 30.40 22.52
CA ASN D 440 45.23 30.54 22.57
C ASN D 440 45.72 31.91 23.02
N GLU D 441 46.84 31.88 23.73
CA GLU D 441 47.43 33.08 24.33
C GLU D 441 47.94 34.09 23.27
N ASN D 442 48.43 33.57 22.15
CA ASN D 442 48.89 34.44 21.07
C ASN D 442 47.75 35.34 20.62
N PHE D 443 46.54 34.79 20.57
CA PHE D 443 45.39 35.55 20.19
C PHE D 443 44.91 36.49 21.30
N THR D 444 44.80 36.00 22.53
CA THR D 444 44.21 36.85 23.59
C THR D 444 45.10 38.00 24.05
N SER D 445 46.41 37.84 23.86
CA SER D 445 47.40 38.88 24.15
C SER D 445 47.30 40.00 23.14
N GLY D 446 46.85 39.69 21.94
CA GLY D 446 46.80 40.63 20.83
C GLY D 446 48.06 40.66 20.01
N GLN D 447 48.90 39.65 20.16
CA GLN D 447 50.24 39.66 19.57
C GLN D 447 50.44 38.69 18.44
N ALA D 448 49.37 38.15 17.92
CA ALA D 448 49.52 37.19 16.88
C ALA D 448 50.15 37.78 15.63
N THR D 449 50.78 36.94 14.84
CA THR D 449 51.39 37.35 13.61
C THR D 449 50.84 36.48 12.50
N THR D 450 51.18 36.82 11.27
CA THR D 450 50.69 36.09 10.12
C THR D 450 51.07 34.64 10.07
N THR D 451 52.04 34.23 10.88
CA THR D 451 52.58 32.84 10.83
C THR D 451 52.14 32.01 12.03
N PHE D 452 51.49 32.66 12.99
CA PHE D 452 51.00 32.04 14.23
C PHE D 452 50.23 30.74 14.02
N ILE D 453 49.22 30.75 13.17
CA ILE D 453 48.42 29.57 12.99
C ILE D 453 49.24 28.47 12.31
N ASP D 454 49.90 28.82 11.23
CA ASP D 454 50.69 27.84 10.48
C ASP D 454 51.75 27.14 11.33
N ASN D 455 52.21 27.77 12.41
CA ASN D 455 53.20 27.16 13.29
C ASN D 455 52.68 26.67 14.64
N THR D 456 51.37 26.54 14.81
CA THR D 456 50.85 26.07 16.06
C THR D 456 49.99 24.83 15.78
N PRO D 457 50.61 23.63 15.83
CA PRO D 457 49.81 22.43 15.52
C PRO D 457 48.75 22.09 16.61
N SER D 458 48.92 22.58 17.85
CA SER D 458 47.95 22.34 18.90
C SER D 458 46.53 22.86 18.59
N LEU D 459 46.42 23.83 17.68
CA LEU D 459 45.13 24.32 17.17
C LEU D 459 44.37 23.29 16.35
N PHE D 460 45.04 22.24 15.88
CA PHE D 460 44.37 21.22 15.05
C PHE D 460 44.01 19.94 15.82
N ASN D 461 44.05 20.01 17.15
CA ASN D 461 43.53 18.94 17.98
C ASN D 461 42.11 19.27 18.35
N PHE D 462 41.20 18.48 17.85
CA PHE D 462 39.82 18.70 18.08
C PHE D 462 39.22 17.65 19.01
N PRO D 463 38.46 18.17 20.03
CA PRO D 463 37.90 17.18 20.94
C PRO D 463 36.84 16.30 20.31
N ARG D 464 36.54 15.16 20.88
CA ARG D 464 35.55 14.27 20.31
C ARG D 464 34.17 14.82 20.49
N LEU D 465 33.39 14.78 19.43
CA LEU D 465 32.05 15.29 19.52
C LEU D 465 31.14 14.22 20.04
N ARG D 466 30.54 14.47 21.20
CA ARG D 466 29.64 13.51 21.77
C ARG D 466 28.18 13.81 21.49
N ASP D 467 27.54 12.79 20.96
CA ASP D 467 26.16 12.89 20.58
C ASP D 467 25.40 11.70 21.13
N ARG D 468 25.07 11.80 22.41
CA ARG D 468 24.34 10.76 23.05
C ARG D 468 23.00 10.65 22.39
N GLY D 469 22.44 11.77 22.03
CA GLY D 469 21.14 11.87 21.35
C GLY D 469 20.99 10.98 20.11
N THR D 470 22.01 11.02 19.27
CA THR D 470 22.02 10.29 18.04
C THR D 470 22.13 8.76 18.25
N LYS D 471 22.94 8.31 19.17
CA LYS D 471 22.96 6.89 19.48
C LYS D 471 21.60 6.41 19.99
N THR D 472 20.95 7.22 20.77
CA THR D 472 19.67 6.88 21.32
C THR D 472 18.64 6.67 20.23
N LEU D 473 18.64 7.56 19.27
CA LEU D 473 17.71 7.42 18.16
C LEU D 473 18.00 6.25 17.35
N HIS D 474 19.27 5.93 17.22
CA HIS D 474 19.65 4.72 16.49
C HIS D 474 19.09 3.49 17.17
N TYR D 475 19.21 3.43 18.51
CA TYR D 475 18.71 2.30 19.28
C TYR D 475 17.19 2.22 19.18
N LEU D 476 16.51 3.33 19.44
CA LEU D 476 15.05 3.31 19.40
C LEU D 476 14.51 2.90 18.03
N SER D 477 15.18 3.34 16.97
CA SER D 477 14.78 3.01 15.63
C SER D 477 15.00 1.51 15.36
N MET D 478 16.14 0.97 15.80
CA MET D 478 16.43 -0.43 15.64
C MET D 478 15.27 -1.21 16.27
N ILE D 479 14.93 -0.92 17.52
CA ILE D 479 14.02 -1.80 18.23
C ILE D 479 12.64 -1.62 17.68
N THR D 480 12.28 -0.37 17.41
CA THR D 480 10.94 -0.05 16.94
C THR D 480 10.62 -0.78 15.64
N VAL D 481 11.60 -0.83 14.76
CA VAL D 481 11.43 -1.43 13.45
C VAL D 481 11.70 -2.93 13.42
N ASN D 482 12.79 -3.36 14.06
CA ASN D 482 13.21 -4.78 13.99
C ASN D 482 12.94 -5.62 15.25
N GLY D 483 12.47 -5.02 16.33
CA GLY D 483 12.26 -5.75 17.54
C GLY D 483 13.51 -5.92 18.39
N PHE D 484 13.30 -6.52 19.57
CA PHE D 484 14.35 -6.84 20.47
C PHE D 484 14.79 -8.27 20.15
N PRO D 485 16.12 -8.54 20.07
CA PRO D 485 16.56 -9.93 19.72
C PRO D 485 16.09 -10.98 20.69
N GLY D 486 15.57 -12.07 20.14
CA GLY D 486 15.22 -13.26 20.94
C GLY D 486 13.83 -13.18 21.55
N ILE D 487 13.02 -12.17 21.21
CA ILE D 487 11.64 -12.15 21.65
C ILE D 487 10.76 -11.71 20.53
N GLU D 488 9.45 -11.77 20.76
CA GLU D 488 8.53 -11.48 19.68
C GLU D 488 8.43 -10.00 19.46
N ASN D 489 8.58 -9.58 18.21
CA ASN D 489 8.56 -8.16 17.82
C ASN D 489 7.11 -7.66 17.86
N THR D 490 6.70 -7.13 19.02
CA THR D 490 5.28 -6.77 19.26
C THR D 490 5.12 -5.30 19.66
N GLU D 491 3.88 -4.83 19.56
CA GLU D 491 3.59 -3.44 19.83
C GLU D 491 3.46 -3.13 21.34
N LYS D 492 4.08 -2.01 21.68
CA LYS D 492 4.29 -1.58 23.03
C LYS D 492 3.02 -1.11 23.75
N ARG D 493 2.76 -1.68 24.91
CA ARG D 493 1.60 -1.29 25.71
C ARG D 493 1.88 0.05 26.39
N HIS D 494 0.81 0.69 26.85
CA HIS D 494 0.91 1.96 27.59
C HIS D 494 1.03 1.53 29.04
N PHE D 495 2.12 1.86 29.69
CA PHE D 495 2.28 1.48 31.08
C PHE D 495 2.24 2.69 31.98
N GLU D 496 1.48 2.57 33.07
CA GLU D 496 1.53 3.57 34.12
C GLU D 496 2.91 3.53 34.83
N GLU D 497 3.22 4.59 35.56
CA GLU D 497 4.31 4.57 36.52
C GLU D 497 4.06 3.47 37.60
N PRO D 498 5.11 2.76 37.98
CA PRO D 498 4.95 1.78 39.04
C PRO D 498 4.58 2.44 40.37
N ARG D 499 3.80 1.77 41.20
CA ARG D 499 3.42 2.36 42.47
C ARG D 499 4.60 2.42 43.38
N GLN D 500 4.69 3.53 44.11
CA GLN D 500 5.72 3.73 45.10
C GLN D 500 5.10 3.35 46.43
N PRO D 501 5.89 2.78 47.34
CA PRO D 501 5.26 2.38 48.57
C PRO D 501 5.10 3.51 49.58
N LEU D 502 4.07 3.36 50.38
CA LEU D 502 3.85 4.17 51.53
C LEU D 502 4.42 3.47 52.74
N LEU D 503 5.60 3.89 53.19
CA LEU D 503 6.28 3.21 54.26
C LEU D 503 6.05 3.80 55.64
N ASN D 504 6.11 2.94 56.66
CA ASN D 504 6.23 3.37 58.04
C ASN D 504 7.61 3.01 58.52
N LEU D 505 8.45 4.02 58.56
CA LEU D 505 9.84 3.80 58.84
C LEU D 505 10.13 3.63 60.32
N GLU D 506 10.98 2.66 60.63
CA GLU D 506 11.61 2.54 61.92
C GLU D 506 13.10 2.57 61.73
N LYS D 507 13.78 3.26 62.61
CA LYS D 507 15.22 3.38 62.56
C LYS D 507 15.85 2.34 63.43
N LYS D 508 16.69 1.49 62.83
CA LYS D 508 17.41 0.46 63.56
C LYS D 508 18.79 0.27 63.00
N LYS D 509 19.63 -0.28 63.85
CA LYS D 509 20.95 -0.72 63.47
C LYS D 509 20.76 -2.04 62.72
N THR D 510 21.48 -2.21 61.63
CA THR D 510 21.38 -3.38 60.76
C THR D 510 22.70 -4.18 60.77
N ALA D 511 22.64 -5.39 60.23
CA ALA D 511 23.79 -6.26 60.15
C ALA D 511 24.89 -5.60 59.39
N LYS D 512 24.54 -4.81 58.37
CA LYS D 512 25.55 -4.06 57.61
C LYS D 512 26.28 -2.98 58.43
N ASN D 513 25.53 -2.28 59.25
CA ASN D 513 26.07 -1.34 60.20
C ASN D 513 27.06 -2.03 61.15
N ILE D 514 26.65 -3.17 61.72
CA ILE D 514 27.54 -3.99 62.54
C ILE D 514 28.78 -4.48 61.78
N LEU D 515 28.63 -4.89 60.52
CA LEU D 515 29.79 -5.38 59.77
C LEU D 515 30.87 -4.30 59.58
N ASP D 516 30.42 -3.11 59.29
CA ASP D 516 31.27 -1.98 59.02
C ASP D 516 31.92 -1.41 60.29
N GLU D 517 31.17 -1.40 61.39
CA GLU D 517 31.62 -0.82 62.67
C GLU D 517 32.42 -1.82 63.49
N GLN D 518 32.07 -3.10 63.42
CA GLN D 518 32.70 -4.13 64.27
C GLN D 518 33.26 -5.36 63.57
N GLY D 519 33.00 -5.56 62.29
CA GLY D 519 33.52 -6.72 61.60
C GLY D 519 32.60 -7.93 61.58
N ALA D 520 33.10 -8.96 60.89
CA ALA D 520 32.31 -10.14 60.54
C ALA D 520 31.87 -10.97 61.70
N ASP D 521 32.79 -11.22 62.62
CA ASP D 521 32.49 -12.11 63.77
C ASP D 521 31.40 -11.46 64.60
N ALA D 522 31.38 -10.14 64.65
CA ALA D 522 30.35 -9.42 65.40
C ALA D 522 28.96 -9.58 64.71
N VAL D 523 28.93 -9.65 63.38
CA VAL D 523 27.71 -10.05 62.68
C VAL D 523 27.24 -11.45 63.05
N VAL D 524 28.18 -12.41 63.04
CA VAL D 524 27.86 -13.75 63.44
C VAL D 524 27.27 -13.79 64.81
N ASP D 525 27.83 -12.98 65.72
CA ASP D 525 27.30 -12.94 67.10
C ASP D 525 25.90 -12.35 67.12
N TYR D 526 25.66 -11.37 66.26
CA TYR D 526 24.30 -10.77 66.19
C TYR D 526 23.29 -11.84 65.73
N VAL D 527 23.69 -12.68 64.80
CA VAL D 527 22.81 -13.73 64.30
C VAL D 527 22.52 -14.75 65.41
N LYS D 528 23.57 -15.23 66.07
CA LYS D 528 23.38 -16.18 67.15
C LYS D 528 22.49 -15.66 68.22
N ASN D 529 22.53 -14.38 68.51
CA ASN D 529 21.68 -13.83 69.56
C ASN D 529 20.25 -13.48 69.12
N THR D 530 19.90 -13.69 67.88
CA THR D 530 18.57 -13.38 67.39
C THR D 530 17.65 -14.57 67.54
N LYS D 531 16.55 -14.40 68.24
CA LYS D 531 15.61 -15.48 68.40
C LYS D 531 14.78 -15.73 67.09
N GLU D 532 14.45 -14.67 66.38
CA GLU D 532 13.60 -14.78 65.22
C GLU D 532 14.37 -15.40 64.12
N VAL D 533 13.68 -15.99 63.15
CA VAL D 533 14.37 -16.35 61.92
C VAL D 533 14.66 -15.13 61.09
N LEU D 534 15.88 -14.99 60.59
CA LEU D 534 16.21 -13.85 59.77
C LEU D 534 15.95 -14.18 58.30
N LEU D 535 15.85 -13.15 57.48
CA LEU D 535 15.58 -13.27 56.08
C LEU D 535 16.59 -12.54 55.21
N THR D 536 16.92 -13.19 54.09
CA THR D 536 17.66 -12.59 52.97
C THR D 536 16.75 -12.48 51.79
N ASP D 537 16.76 -11.35 51.12
CA ASP D 537 15.86 -11.09 49.98
C ASP D 537 16.58 -11.44 48.70
N THR D 538 15.99 -12.31 47.86
CA THR D 538 16.66 -12.78 46.63
C THR D 538 16.11 -12.14 45.38
N THR D 539 15.22 -11.18 45.62
CA THR D 539 14.48 -10.57 44.60
C THR D 539 15.38 -9.95 43.54
N LEU D 540 16.46 -9.32 43.98
CA LEU D 540 17.43 -8.69 43.05
C LEU D 540 18.42 -9.71 42.40
N ARG D 541 18.34 -10.99 42.73
CA ARG D 541 19.27 -11.99 42.02
C ARG D 541 18.54 -13.26 41.69
N ASP D 542 18.34 -14.15 42.65
CA ASP D 542 17.83 -15.47 42.29
C ASP D 542 16.38 -15.52 41.78
N ALA D 543 15.51 -14.63 42.30
CA ALA D 543 14.12 -14.61 41.92
C ALA D 543 13.95 -14.32 40.43
N HIS D 544 14.59 -13.26 39.94
CA HIS D 544 14.47 -13.01 38.49
C HIS D 544 15.37 -13.92 37.67
N GLN D 545 16.42 -14.45 38.22
CA GLN D 545 17.23 -15.48 37.46
C GLN D 545 16.36 -16.68 37.21
N SER D 546 15.56 -17.11 38.18
CA SER D 546 14.61 -18.23 37.98
C SER D 546 13.38 -17.89 37.15
N LEU D 547 12.74 -16.73 37.34
CA LEU D 547 11.47 -16.44 36.65
C LEU D 547 11.56 -15.65 35.35
N LEU D 548 12.55 -14.77 35.18
CA LEU D 548 12.64 -13.91 34.04
C LEU D 548 13.97 -14.01 33.29
N ALA D 549 14.55 -15.19 33.27
CA ALA D 549 15.82 -15.40 32.58
C ALA D 549 16.86 -14.36 32.93
N THR D 550 16.83 -13.90 34.18
CA THR D 550 17.86 -13.00 34.72
C THR D 550 17.87 -11.63 34.06
N ARG D 551 16.77 -11.25 33.47
CA ARG D 551 16.75 -10.03 32.67
C ARG D 551 16.36 -8.79 33.47
N LEU D 552 16.16 -8.91 34.76
CA LEU D 552 15.74 -7.73 35.53
C LEU D 552 16.86 -6.64 35.45
N ARG D 553 16.43 -5.41 35.14
CA ARG D 553 17.37 -4.32 34.80
C ARG D 553 17.59 -3.34 35.93
N LEU D 554 18.81 -2.77 35.96
CA LEU D 554 19.13 -1.81 36.98
C LEU D 554 18.07 -0.70 37.06
N GLN D 555 17.57 -0.29 35.94
CA GLN D 555 16.65 0.85 35.90
C GLN D 555 15.41 0.59 36.74
N ASP D 556 14.94 -0.65 36.74
CA ASP D 556 13.87 -1.01 37.59
C ASP D 556 14.27 -1.21 39.07
N MET D 557 15.45 -1.79 39.28
CA MET D 557 15.95 -1.98 40.62
C MET D 557 16.17 -0.66 41.34
N LYS D 558 16.68 0.35 40.67
CA LYS D 558 17.01 1.59 41.37
C LYS D 558 15.78 2.39 41.78
N GLY D 559 14.64 2.19 41.15
CA GLY D 559 13.44 2.92 41.57
C GLY D 559 12.89 2.48 42.93
N ILE D 560 13.31 1.33 43.46
CA ILE D 560 12.76 0.84 44.71
C ILE D 560 13.81 0.60 45.79
N ALA D 561 15.07 0.66 45.39
CA ALA D 561 16.19 0.21 46.23
C ALA D 561 16.20 0.96 47.56
N GLN D 562 16.03 2.27 47.50
CA GLN D 562 16.06 3.06 48.72
C GLN D 562 14.96 2.60 49.65
N ALA D 563 13.81 2.28 49.08
CA ALA D 563 12.69 1.86 49.89
C ALA D 563 12.91 0.51 50.59
N ILE D 564 13.69 -0.38 49.96
CA ILE D 564 14.03 -1.61 50.62
C ILE D 564 15.00 -1.33 51.77
N ASP D 565 15.98 -0.48 51.53
CA ASP D 565 17.00 -0.19 52.49
C ASP D 565 16.36 0.42 53.69
N GLN D 566 15.47 1.37 53.49
CA GLN D 566 14.82 2.04 54.64
C GLN D 566 13.62 1.32 55.17
N GLY D 567 12.89 0.65 54.30
CA GLY D 567 11.62 0.07 54.74
C GLY D 567 11.84 -1.29 55.37
N LEU D 568 12.95 -1.98 55.01
CA LEU D 568 13.16 -3.38 55.50
C LEU D 568 14.53 -3.56 56.14
N PRO D 569 14.79 -2.80 57.18
CA PRO D 569 16.11 -2.81 57.82
C PRO D 569 16.35 -4.07 58.57
N GLU D 570 15.29 -4.81 58.89
CA GLU D 570 15.45 -6.15 59.47
C GLU D 570 16.21 -7.19 58.60
N LEU D 571 16.29 -7.03 57.27
CA LEU D 571 16.87 -8.07 56.42
C LEU D 571 18.27 -8.37 56.82
N PHE D 572 18.63 -9.64 56.88
CA PHE D 572 20.05 -10.00 57.05
C PHE D 572 20.78 -9.42 55.85
N SER D 573 20.28 -9.69 54.64
CA SER D 573 20.97 -9.20 53.44
C SER D 573 20.10 -9.22 52.24
N ALA D 574 20.55 -8.56 51.17
CA ALA D 574 19.92 -8.62 49.89
C ALA D 574 20.85 -9.32 48.97
N GLU D 575 20.37 -10.39 48.34
CA GLU D 575 21.16 -11.10 47.37
C GLU D 575 20.99 -10.35 46.06
N MET D 576 22.05 -9.70 45.58
CA MET D 576 21.96 -8.85 44.40
C MET D 576 23.02 -9.03 43.34
N TRP D 577 23.79 -10.10 43.40
CA TRP D 577 24.91 -10.22 42.47
C TRP D 577 25.38 -11.63 42.38
N GLY D 578 26.17 -11.90 41.36
CA GLY D 578 26.63 -13.22 41.12
C GLY D 578 25.57 -14.04 40.43
N GLY D 579 25.86 -15.34 40.36
CA GLY D 579 25.10 -16.28 39.59
C GLY D 579 25.18 -15.82 38.15
N ALA D 580 24.07 -15.95 37.39
CA ALA D 580 24.03 -15.55 35.99
C ALA D 580 23.98 -14.03 35.75
N THR D 581 23.81 -13.19 36.81
CA THR D 581 23.66 -11.76 36.59
C THR D 581 24.86 -11.11 35.95
N PHE D 582 26.06 -11.60 36.23
CA PHE D 582 27.26 -10.92 35.79
C PHE D 582 27.35 -10.95 34.29
N ASP D 583 27.17 -12.13 33.79
CA ASP D 583 27.26 -12.46 32.38
C ASP D 583 26.06 -11.87 31.59
N VAL D 584 24.84 -12.13 32.06
CA VAL D 584 23.62 -11.67 31.38
C VAL D 584 23.52 -10.15 31.30
N ALA D 585 23.95 -9.48 32.34
CA ALA D 585 23.93 -8.02 32.31
C ALA D 585 24.70 -7.45 31.11
N TYR D 586 25.91 -7.95 30.91
CA TYR D 586 26.77 -7.50 29.84
C TYR D 586 26.28 -7.97 28.48
N ARG D 587 26.01 -9.24 28.37
CA ARG D 587 25.71 -9.87 27.11
C ARG D 587 24.32 -9.60 26.64
N PHE D 588 23.32 -9.55 27.50
CA PHE D 588 21.92 -9.42 27.02
C PHE D 588 21.29 -8.11 27.38
N LEU D 589 21.72 -7.46 28.46
CA LEU D 589 21.10 -6.17 28.83
C LEU D 589 21.95 -4.93 28.46
N ASN D 590 23.19 -5.16 28.01
CA ASN D 590 24.11 -4.09 27.62
C ASN D 590 24.31 -3.11 28.69
N GLU D 591 24.47 -3.65 29.88
CA GLU D 591 24.78 -2.84 31.06
C GLU D 591 25.73 -3.58 31.94
N SER D 592 26.55 -2.82 32.66
CA SER D 592 27.62 -3.44 33.38
C SER D 592 27.09 -3.89 34.74
N PRO D 593 27.42 -5.09 35.14
CA PRO D 593 27.11 -5.48 36.51
C PRO D 593 27.82 -4.66 37.56
N TRP D 594 29.00 -4.07 37.24
CA TRP D 594 29.72 -3.27 38.23
C TRP D 594 28.98 -1.93 38.45
N TYR D 595 28.41 -1.39 37.40
CA TYR D 595 27.63 -0.17 37.51
C TYR D 595 26.36 -0.41 38.36
N ARG D 596 25.70 -1.55 38.12
CA ARG D 596 24.63 -2.01 38.97
C ARG D 596 25.05 -2.04 40.42
N LEU D 597 26.17 -2.69 40.71
CA LEU D 597 26.61 -2.76 42.08
C LEU D 597 26.82 -1.34 42.69
N ARG D 598 27.50 -0.44 41.98
CA ARG D 598 27.83 0.89 42.50
C ARG D 598 26.58 1.70 42.73
N LYS D 599 25.73 1.71 41.74
CA LYS D 599 24.49 2.42 41.87
C LYS D 599 23.66 1.90 43.06
N LEU D 600 23.52 0.58 43.21
CA LEU D 600 22.69 0.06 44.29
C LEU D 600 23.39 0.28 45.60
N ARG D 601 24.71 0.13 45.56
CA ARG D 601 25.50 0.32 46.79
C ARG D 601 25.24 1.67 47.42
N LYS D 602 25.19 2.69 46.61
CA LYS D 602 24.89 4.04 47.12
C LYS D 602 23.46 4.21 47.60
N LEU D 603 22.49 3.65 46.88
CA LEU D 603 21.08 3.76 47.28
C LEU D 603 20.69 2.92 48.50
N MET D 604 21.55 1.96 48.87
CA MET D 604 21.26 1.02 49.95
C MET D 604 22.40 0.87 50.96
N PRO D 605 22.78 1.98 51.63
CA PRO D 605 23.99 1.98 52.45
C PRO D 605 23.89 1.10 53.68
N ASN D 606 22.68 0.78 54.13
CA ASN D 606 22.51 -0.04 55.35
C ASN D 606 22.15 -1.51 55.16
N THR D 607 22.22 -1.98 53.91
CA THR D 607 21.79 -3.31 53.61
C THR D 607 22.96 -4.14 53.15
N MET D 608 23.24 -5.25 53.83
CA MET D 608 24.33 -6.12 53.36
C MET D 608 23.97 -6.62 52.02
N PHE D 609 24.95 -6.58 51.14
CA PHE D 609 24.82 -7.03 49.81
C PHE D 609 25.47 -8.42 49.73
N GLN D 610 24.76 -9.38 49.17
CA GLN D 610 25.25 -10.71 49.07
C GLN D 610 25.35 -11.20 47.64
N MET D 611 26.39 -11.99 47.32
CA MET D 611 26.53 -12.53 46.02
C MET D 611 26.66 -14.02 46.13
N LEU D 612 26.32 -14.69 45.04
CA LEU D 612 26.63 -16.07 44.88
C LEU D 612 27.96 -16.16 44.10
N PHE D 613 28.89 -16.95 44.61
CA PHE D 613 30.28 -16.99 44.12
C PHE D 613 30.74 -18.42 44.00
N ARG D 614 31.05 -18.87 42.80
CA ARG D 614 31.57 -20.25 42.66
C ARG D 614 33.06 -20.31 43.09
N GLY D 615 33.34 -21.16 44.08
CA GLY D 615 34.67 -21.22 44.67
C GLY D 615 35.85 -21.14 43.72
N SER D 616 35.81 -21.91 42.64
CA SER D 616 36.94 -22.00 41.75
C SER D 616 36.87 -21.04 40.56
N ASN D 617 35.68 -20.54 40.24
CA ASN D 617 35.51 -19.69 39.05
C ASN D 617 34.91 -18.31 39.25
N ALA D 618 34.55 -17.95 40.48
CA ALA D 618 33.81 -16.71 40.73
C ALA D 618 32.44 -16.69 39.98
N VAL D 619 32.40 -15.97 38.85
CA VAL D 619 31.19 -15.85 38.03
C VAL D 619 31.36 -16.36 36.60
N GLY D 620 32.49 -17.01 36.32
CA GLY D 620 32.80 -17.46 34.94
C GLY D 620 32.71 -18.94 34.76
N TYR D 621 33.12 -19.41 33.58
CA TYR D 621 33.12 -20.87 33.26
C TYR D 621 34.40 -21.39 32.60
N GLN D 622 35.50 -20.66 32.74
CA GLN D 622 36.81 -21.13 32.34
C GLN D 622 37.52 -21.57 33.61
N ASN D 623 38.73 -22.09 33.44
CA ASN D 623 39.56 -22.46 34.54
C ASN D 623 40.55 -21.32 34.90
N TYR D 624 40.23 -20.55 35.90
CA TYR D 624 41.07 -19.40 36.22
C TYR D 624 42.06 -19.77 37.31
N PRO D 625 43.27 -19.21 37.24
CA PRO D 625 44.22 -19.38 38.33
C PRO D 625 43.87 -18.59 39.58
N ASP D 626 44.48 -19.02 40.67
CA ASP D 626 44.19 -18.53 41.98
C ASP D 626 44.24 -17.06 42.11
N ASN D 627 45.17 -16.42 41.40
CA ASN D 627 45.36 -14.96 41.62
C ASN D 627 44.16 -14.14 41.06
N VAL D 628 43.54 -14.68 40.01
CA VAL D 628 42.32 -14.15 39.43
C VAL D 628 41.15 -14.19 40.43
N ILE D 629 40.90 -15.36 40.97
CA ILE D 629 39.86 -15.56 42.00
C ILE D 629 40.05 -14.60 43.15
N GLU D 630 41.29 -14.46 43.59
CA GLU D 630 41.60 -13.53 44.70
C GLU D 630 41.36 -12.09 44.36
N GLU D 631 41.80 -11.71 43.17
CA GLU D 631 41.62 -10.34 42.73
C GLU D 631 40.12 -10.00 42.54
N PHE D 632 39.35 -10.93 41.96
CA PHE D 632 37.89 -10.72 41.85
C PHE D 632 37.30 -10.39 43.20
N ILE D 633 37.63 -11.22 44.17
CA ILE D 633 37.16 -10.99 45.56
C ILE D 633 37.57 -9.66 46.10
N ARG D 634 38.82 -9.24 45.83
CA ARG D 634 39.30 -7.99 46.37
C ARG D 634 38.47 -6.82 45.79
N VAL D 635 38.26 -6.85 44.47
CA VAL D 635 37.54 -5.77 43.82
C VAL D 635 36.05 -5.79 44.24
N ALA D 636 35.44 -6.98 44.24
CA ALA D 636 34.04 -7.09 44.61
C ALA D 636 33.78 -6.55 46.01
N ALA D 637 34.64 -6.95 46.92
CA ALA D 637 34.59 -6.46 48.28
C ALA D 637 34.77 -4.95 48.35
N HIS D 638 35.74 -4.41 47.64
CA HIS D 638 35.99 -2.95 47.63
C HIS D 638 34.78 -2.24 47.04
N GLU D 639 34.17 -2.86 46.00
CA GLU D 639 33.00 -2.24 45.39
C GLU D 639 31.66 -2.42 46.14
N GLY D 640 31.63 -3.15 47.24
CA GLY D 640 30.46 -3.18 48.12
C GLY D 640 29.78 -4.51 48.38
N ILE D 641 30.36 -5.60 47.90
CA ILE D 641 29.87 -6.93 48.30
C ILE D 641 30.28 -7.24 49.70
N ASP D 642 29.31 -7.53 50.53
CA ASP D 642 29.57 -7.81 51.93
C ASP D 642 29.63 -9.29 52.29
N VAL D 643 28.81 -10.10 51.64
CA VAL D 643 28.64 -11.52 51.94
C VAL D 643 28.86 -12.30 50.69
N PHE D 644 29.77 -13.27 50.74
CA PHE D 644 30.04 -14.09 49.59
C PHE D 644 29.60 -15.47 49.96
N ARG D 645 28.64 -15.98 49.22
CA ARG D 645 28.23 -17.33 49.39
C ARG D 645 29.04 -18.21 48.41
N ILE D 646 29.93 -19.01 48.98
CA ILE D 646 30.86 -19.80 48.20
C ILE D 646 30.45 -21.22 48.10
N PHE D 647 30.29 -21.68 46.88
CA PHE D 647 29.86 -23.02 46.66
C PHE D 647 30.71 -23.70 45.61
N ASP D 648 30.62 -25.03 45.60
CA ASP D 648 31.27 -25.79 44.62
C ASP D 648 30.30 -26.79 44.08
N SER D 649 30.35 -26.92 42.78
CA SER D 649 29.39 -27.66 42.09
C SER D 649 29.40 -29.16 42.37
N LEU D 650 30.48 -29.66 42.99
CA LEU D 650 30.52 -31.07 43.40
C LEU D 650 30.73 -31.19 44.93
N ASN D 651 30.44 -30.10 45.64
CA ASN D 651 30.68 -30.01 47.06
C ASN D 651 32.13 -30.43 47.37
N TRP D 652 33.07 -30.02 46.53
CA TRP D 652 34.44 -30.37 46.70
C TRP D 652 35.17 -29.25 47.40
N LEU D 653 35.52 -29.50 48.63
CA LEU D 653 36.05 -28.48 49.49
C LEU D 653 37.33 -27.78 49.00
N PRO D 654 38.26 -28.52 48.39
CA PRO D 654 39.47 -27.81 47.92
C PRO D 654 39.19 -26.67 46.95
N GLN D 655 38.15 -26.75 46.15
CA GLN D 655 37.87 -25.65 45.29
C GLN D 655 37.35 -24.43 46.04
N MET D 656 36.96 -24.58 47.30
CA MET D 656 36.39 -23.46 48.07
C MET D 656 37.36 -22.78 49.04
N GLU D 657 38.47 -23.43 49.38
CA GLU D 657 39.33 -22.97 50.49
C GLU D 657 39.96 -21.64 50.27
N LYS D 658 40.50 -21.42 49.09
CA LYS D 658 41.20 -20.15 48.84
C LYS D 658 40.23 -18.97 48.83
N SER D 659 39.05 -19.19 48.26
CA SER D 659 38.03 -18.18 48.19
C SER D 659 37.57 -17.80 49.56
N ILE D 660 37.34 -18.78 50.41
CA ILE D 660 36.95 -18.51 51.81
C ILE D 660 38.00 -17.67 52.53
N GLN D 661 39.27 -18.10 52.41
CA GLN D 661 40.36 -17.35 53.01
C GLN D 661 40.42 -15.92 52.48
N ALA D 662 40.39 -15.74 51.15
CA ALA D 662 40.44 -14.37 50.64
C ALA D 662 39.27 -13.46 51.13
N VAL D 663 38.07 -14.00 51.23
CA VAL D 663 36.96 -13.18 51.71
C VAL D 663 37.26 -12.75 53.14
N ARG D 664 37.66 -13.70 53.97
CA ARG D 664 38.14 -13.33 55.34
C ARG D 664 39.21 -12.23 55.26
N ASP D 665 40.23 -12.45 54.45
CA ASP D 665 41.32 -11.46 54.38
C ASP D 665 40.80 -10.11 53.92
N ASN D 666 39.71 -10.07 53.15
CA ASN D 666 39.20 -8.76 52.76
C ASN D 666 38.23 -8.17 53.79
N GLY D 667 38.12 -8.77 54.95
CA GLY D 667 37.26 -8.18 55.97
C GLY D 667 35.75 -8.38 55.73
N LYS D 668 35.40 -9.36 54.88
CA LYS D 668 33.98 -9.61 54.58
C LYS D 668 33.48 -10.94 55.13
N ILE D 669 32.24 -11.31 54.82
CA ILE D 669 31.64 -12.49 55.39
C ILE D 669 31.66 -13.60 54.37
N ALA D 670 32.01 -14.78 54.81
CA ALA D 670 32.05 -15.92 53.94
C ALA D 670 31.00 -16.88 54.37
N GLU D 671 30.11 -17.29 53.45
CA GLU D 671 29.26 -18.47 53.73
C GLU D 671 29.85 -19.63 53.01
N ALA D 672 30.05 -20.76 53.67
CA ALA D 672 30.53 -21.91 52.93
C ALA D 672 29.32 -22.74 52.66
N THR D 673 29.19 -23.22 51.44
CA THR D 673 27.97 -23.84 51.02
C THR D 673 28.05 -25.34 50.82
N ILE D 674 26.98 -26.00 51.26
CA ILE D 674 26.73 -27.35 50.92
C ILE D 674 25.52 -27.38 50.01
N CYS D 675 25.70 -27.97 48.84
CA CYS D 675 24.61 -28.15 47.90
C CYS D 675 23.86 -29.40 48.28
N TYR D 676 22.52 -29.31 48.38
CA TYR D 676 21.66 -30.44 48.74
C TYR D 676 21.13 -31.14 47.52
N THR D 677 21.17 -32.46 47.54
CA THR D 677 20.64 -33.25 46.45
C THR D 677 20.07 -34.51 47.07
N GLY D 678 19.35 -35.32 46.30
CA GLY D 678 18.84 -36.59 46.80
C GLY D 678 17.75 -36.35 47.82
N ASP D 679 17.68 -37.19 48.83
CA ASP D 679 16.69 -37.14 49.84
C ASP D 679 17.26 -37.88 51.03
N ILE D 680 17.55 -37.16 52.11
CA ILE D 680 18.04 -37.83 53.30
C ILE D 680 17.06 -38.85 53.88
N LEU D 681 15.79 -38.80 53.51
CA LEU D 681 14.79 -39.70 54.03
C LEU D 681 14.49 -40.93 53.17
N ASP D 682 15.10 -41.00 51.99
CA ASP D 682 14.98 -42.16 51.11
C ASP D 682 16.14 -43.11 51.41
N PRO D 683 15.87 -44.23 52.10
CA PRO D 683 17.00 -45.09 52.49
C PRO D 683 17.63 -45.81 51.29
N SER D 684 16.95 -45.81 50.13
CA SER D 684 17.52 -46.34 48.90
C SER D 684 18.61 -45.47 48.26
N ARG D 685 18.81 -44.25 48.73
CA ARG D 685 19.89 -43.43 48.21
C ARG D 685 20.80 -42.94 49.31
N PRO D 686 21.53 -43.86 49.93
CA PRO D 686 22.35 -43.56 51.10
C PRO D 686 23.60 -42.74 50.81
N LYS D 687 23.96 -42.57 49.56
CA LYS D 687 25.19 -41.88 49.26
C LYS D 687 25.14 -40.46 49.80
N TYR D 688 23.96 -39.84 49.72
CA TYR D 688 23.78 -38.49 50.26
C TYR D 688 22.87 -38.53 51.45
N ASN D 689 23.37 -39.14 52.50
CA ASN D 689 22.58 -39.34 53.68
C ASN D 689 22.94 -38.26 54.66
N ILE D 690 22.28 -38.28 55.82
CA ILE D 690 22.49 -37.23 56.77
C ILE D 690 23.96 -37.18 57.25
N GLN D 691 24.61 -38.33 57.30
CA GLN D 691 26.00 -38.35 57.74
C GLN D 691 26.91 -37.60 56.75
N TYR D 692 26.63 -37.77 55.47
CA TYR D 692 27.35 -37.05 54.41
C TYR D 692 27.37 -35.57 54.67
N TYR D 693 26.20 -35.04 55.01
CA TYR D 693 26.09 -33.61 55.28
C TYR D 693 26.71 -33.20 56.54
N LYS D 694 26.57 -34.00 57.57
CA LYS D 694 27.25 -33.63 58.81
C LYS D 694 28.78 -33.59 58.69
N ASP D 695 29.35 -34.61 58.05
CA ASP D 695 30.82 -34.66 57.85
C ASP D 695 31.30 -33.46 57.06
N LEU D 696 30.64 -33.19 55.94
CA LEU D 696 31.01 -32.05 55.12
C LEU D 696 30.82 -30.76 55.91
N ALA D 697 29.76 -30.67 56.73
CA ALA D 697 29.59 -29.43 57.52
C ALA D 697 30.74 -29.20 58.49
N LYS D 698 31.25 -30.25 59.09
CA LYS D 698 32.35 -30.14 59.99
C LYS D 698 33.61 -29.64 59.29
N GLU D 699 33.93 -30.18 58.13
CA GLU D 699 35.07 -29.72 57.35
C GLU D 699 34.86 -28.26 57.00
N LEU D 700 33.66 -27.90 56.57
CA LEU D 700 33.44 -26.49 56.21
C LEU D 700 33.65 -25.58 57.36
N GLU D 701 33.21 -26.01 58.53
CA GLU D 701 33.46 -25.20 59.75
C GLU D 701 34.95 -24.98 59.99
N ALA D 702 35.75 -26.01 59.74
CA ALA D 702 37.22 -25.92 59.96
C ALA D 702 37.95 -24.95 59.03
N THR D 703 37.37 -24.60 57.88
CA THR D 703 37.99 -23.56 56.99
C THR D 703 37.97 -22.14 57.56
N GLY D 704 37.23 -21.90 58.63
CA GLY D 704 37.07 -20.55 59.13
C GLY D 704 35.94 -19.72 58.51
N ALA D 705 35.08 -20.38 57.74
CA ALA D 705 33.88 -19.75 57.18
C ALA D 705 33.01 -19.17 58.27
N HIS D 706 32.49 -17.99 58.06
CA HIS D 706 31.60 -17.38 59.10
C HIS D 706 30.25 -18.07 59.19
N ILE D 707 29.71 -18.51 58.08
CA ILE D 707 28.34 -19.09 58.09
C ILE D 707 28.34 -20.30 57.19
N LEU D 708 27.50 -21.27 57.54
CA LEU D 708 27.20 -22.41 56.69
C LEU D 708 25.88 -22.18 55.93
N ALA D 709 25.95 -22.29 54.60
CA ALA D 709 24.78 -22.24 53.78
C ALA D 709 24.43 -23.61 53.25
N VAL D 710 23.15 -23.91 53.22
CA VAL D 710 22.65 -25.10 52.55
C VAL D 710 21.85 -24.68 51.35
N LYS D 711 22.33 -25.05 50.17
CA LYS D 711 21.78 -24.61 48.91
C LYS D 711 21.03 -25.73 48.26
N ASP D 712 19.71 -25.65 48.28
CA ASP D 712 18.83 -26.61 47.70
C ASP D 712 18.37 -26.07 46.37
N MET D 713 19.27 -26.19 45.40
CA MET D 713 19.16 -25.48 44.12
C MET D 713 18.06 -25.97 43.27
N ALA D 714 17.59 -27.18 43.52
CA ALA D 714 16.49 -27.72 42.73
C ALA D 714 15.14 -27.76 43.48
N GLY D 715 15.14 -27.34 44.73
CA GLY D 715 13.92 -27.36 45.54
C GLY D 715 13.47 -28.76 45.94
N LEU D 716 14.43 -29.62 46.26
CA LEU D 716 14.17 -31.02 46.58
C LEU D 716 13.90 -31.26 48.05
N LEU D 717 14.15 -30.30 48.91
CA LEU D 717 14.04 -30.52 50.34
C LEU D 717 12.56 -30.52 50.80
N LYS D 718 12.09 -31.64 51.34
CA LYS D 718 10.69 -31.76 51.86
C LYS D 718 10.69 -31.36 53.32
N PRO D 719 9.54 -31.09 53.87
CA PRO D 719 9.63 -30.42 55.15
C PRO D 719 10.14 -31.26 56.29
N GLN D 720 9.84 -32.55 56.30
CA GLN D 720 10.40 -33.39 57.37
C GLN D 720 11.91 -33.53 57.21
N ALA D 721 12.38 -33.54 55.96
CA ALA D 721 13.80 -33.65 55.75
C ALA D 721 14.46 -32.36 56.13
N ALA D 722 13.79 -31.22 55.89
CA ALA D 722 14.41 -29.93 56.26
C ALA D 722 14.54 -29.84 57.76
N TYR D 723 13.50 -30.28 58.43
CA TYR D 723 13.57 -30.31 59.89
C TYR D 723 14.74 -31.17 60.36
N ARG D 724 14.82 -32.41 59.89
CA ARG D 724 15.88 -33.32 60.38
C ARG D 724 17.24 -32.79 59.98
N LEU D 725 17.39 -32.38 58.72
CA LEU D 725 18.68 -31.88 58.32
C LEU D 725 19.14 -30.73 59.17
N ILE D 726 18.27 -29.75 59.35
CA ILE D 726 18.71 -28.55 60.06
C ILE D 726 18.94 -28.84 61.52
N SER D 727 18.04 -29.61 62.10
CA SER D 727 18.26 -29.96 63.47
C SER D 727 19.64 -30.68 63.72
N GLU D 728 19.99 -31.61 62.85
CA GLU D 728 21.20 -32.35 63.01
C GLU D 728 22.41 -31.48 62.75
N LEU D 729 22.30 -30.55 61.80
CA LEU D 729 23.41 -29.68 61.51
C LEU D 729 23.68 -28.75 62.62
N LYS D 730 22.61 -28.25 63.23
CA LYS D 730 22.76 -27.37 64.40
C LYS D 730 23.39 -28.06 65.58
N ASP D 731 23.19 -29.35 65.72
CA ASP D 731 23.89 -30.03 66.78
C ASP D 731 25.34 -30.42 66.40
N THR D 732 25.76 -30.22 65.14
CA THR D 732 27.02 -30.69 64.65
C THR D 732 28.06 -29.58 64.55
N VAL D 733 27.64 -28.36 64.29
CA VAL D 733 28.53 -27.24 64.15
C VAL D 733 27.92 -26.07 64.85
N ASP D 734 28.74 -25.08 65.17
CA ASP D 734 28.25 -23.84 65.80
C ASP D 734 28.04 -22.65 64.89
N LEU D 735 28.49 -22.73 63.65
CA LEU D 735 28.19 -21.59 62.73
C LEU D 735 26.67 -21.49 62.44
N PRO D 736 26.18 -20.27 62.28
CA PRO D 736 24.76 -20.11 61.89
C PRO D 736 24.53 -20.70 60.51
N ILE D 737 23.32 -21.20 60.31
CA ILE D 737 22.93 -21.90 59.10
C ILE D 737 21.93 -21.04 58.35
N HIS D 738 22.26 -20.85 57.08
CA HIS D 738 21.52 -20.06 56.16
C HIS D 738 21.04 -20.98 55.07
N LEU D 739 19.72 -21.20 55.06
CA LEU D 739 19.11 -22.12 54.14
C LEU D 739 18.48 -21.42 52.98
N HIS D 740 18.68 -22.01 51.83
CA HIS D 740 18.17 -21.52 50.53
C HIS D 740 17.43 -22.63 49.78
N THR D 741 16.16 -22.43 49.47
CA THR D 741 15.46 -23.39 48.62
C THR D 741 14.62 -22.68 47.53
N HIS D 742 14.06 -23.48 46.64
CA HIS D 742 13.19 -23.00 45.60
C HIS D 742 11.86 -23.60 45.82
N ASP D 743 10.81 -22.94 45.36
CA ASP D 743 9.44 -23.35 45.65
C ASP D 743 8.86 -24.16 44.51
N THR D 744 9.73 -24.77 43.74
CA THR D 744 9.38 -25.45 42.51
C THR D 744 8.33 -26.51 42.76
N SER D 745 8.46 -27.26 43.83
CA SER D 745 7.49 -28.31 44.15
C SER D 745 6.21 -27.82 44.88
N GLY D 746 6.18 -26.54 45.24
CA GLY D 746 5.07 -26.00 46.03
C GLY D 746 5.23 -26.21 47.51
N ASN D 747 6.34 -26.73 47.94
CA ASN D 747 6.55 -27.01 49.41
C ASN D 747 7.51 -26.05 50.10
N GLY D 748 7.85 -24.97 49.43
CA GLY D 748 8.85 -24.06 49.98
C GLY D 748 8.53 -23.40 51.32
N ILE D 749 7.31 -22.90 51.48
CA ILE D 749 6.95 -22.29 52.71
C ILE D 749 6.94 -23.33 53.81
N ILE D 750 6.30 -24.46 53.57
CA ILE D 750 6.20 -25.44 54.65
C ILE D 750 7.61 -25.98 54.97
N THR D 751 8.48 -26.03 53.98
CA THR D 751 9.88 -26.43 54.28
C THR D 751 10.60 -25.40 55.14
N TYR D 752 10.44 -24.12 54.80
CA TYR D 752 11.06 -23.05 55.59
C TYR D 752 10.56 -23.00 57.00
N SER D 753 9.27 -23.34 57.14
CA SER D 753 8.65 -23.35 58.47
C SER D 753 9.17 -24.50 59.31
N GLY D 754 9.19 -25.66 58.74
CA GLY D 754 9.90 -26.79 59.35
C GLY D 754 11.30 -26.47 59.76
N ALA D 755 12.00 -25.76 58.90
CA ALA D 755 13.41 -25.46 59.21
C ALA D 755 13.52 -24.49 60.33
N THR D 756 12.53 -23.60 60.43
CA THR D 756 12.46 -22.62 61.52
C THR D 756 12.27 -23.30 62.83
N GLN D 757 11.45 -24.32 62.88
CA GLN D 757 11.28 -25.04 64.17
C GLN D 757 12.55 -25.76 64.51
N ALA D 758 13.39 -26.08 63.53
CA ALA D 758 14.62 -26.80 63.79
C ALA D 758 15.77 -25.89 64.13
N GLY D 759 15.55 -24.60 64.19
CA GLY D 759 16.60 -23.71 64.62
C GLY D 759 17.34 -22.98 63.50
N VAL D 760 16.93 -23.11 62.24
CA VAL D 760 17.61 -22.41 61.18
C VAL D 760 17.73 -20.91 61.48
N ASP D 761 18.85 -20.33 61.12
CA ASP D 761 19.15 -18.98 61.48
C ASP D 761 18.72 -17.95 60.46
N ILE D 762 18.87 -18.29 59.18
CA ILE D 762 18.55 -17.36 58.08
C ILE D 762 17.97 -18.11 56.91
N ILE D 763 16.92 -17.54 56.30
CA ILE D 763 16.31 -18.14 55.10
C ILE D 763 16.29 -17.16 53.90
N ASP D 764 16.41 -17.69 52.69
CA ASP D 764 16.33 -16.93 51.43
C ASP D 764 14.91 -16.86 50.87
N VAL D 765 14.33 -15.65 50.86
CA VAL D 765 12.95 -15.45 50.37
C VAL D 765 12.89 -14.38 49.28
N ALA D 766 11.89 -14.44 48.42
CA ALA D 766 11.68 -13.41 47.42
C ALA D 766 10.42 -12.67 47.74
N THR D 767 10.30 -11.46 47.21
CA THR D 767 9.07 -10.75 47.38
C THR D 767 7.97 -11.54 46.67
N ALA D 768 6.77 -11.47 47.22
CA ALA D 768 5.60 -12.26 46.75
C ALA D 768 5.42 -12.27 45.25
N SER D 769 5.43 -11.09 44.64
CA SER D 769 5.22 -10.96 43.17
C SER D 769 6.33 -11.52 42.30
N LEU D 770 7.45 -11.86 42.92
CA LEU D 770 8.53 -12.56 42.24
C LEU D 770 8.86 -13.85 42.98
N ALA D 771 7.84 -14.41 43.65
CA ALA D 771 7.98 -15.63 44.39
C ALA D 771 7.10 -16.76 43.88
N GLY D 772 7.34 -17.97 44.41
CA GLY D 772 6.65 -19.18 43.93
C GLY D 772 7.31 -19.73 42.68
N GLY D 773 6.79 -20.86 42.25
CA GLY D 773 7.34 -21.53 41.10
C GLY D 773 8.80 -21.85 41.32
N THR D 774 9.62 -21.68 40.29
CA THR D 774 11.04 -21.90 40.41
C THR D 774 11.79 -20.83 41.14
N SER D 775 11.09 -19.86 41.70
CA SER D 775 11.74 -18.84 42.52
C SER D 775 11.81 -19.30 43.97
N GLN D 776 12.14 -18.39 44.86
CA GLN D 776 12.17 -18.70 46.26
C GLN D 776 10.75 -18.60 46.79
N PRO D 777 10.52 -19.15 47.95
CA PRO D 777 9.26 -18.93 48.62
C PRO D 777 9.07 -17.45 49.01
N SER D 778 7.83 -17.04 49.16
CA SER D 778 7.46 -15.64 49.48
C SER D 778 7.87 -15.18 50.85
N MET D 779 8.62 -14.07 50.90
CA MET D 779 8.92 -13.35 52.15
C MET D 779 7.64 -12.98 52.97
N GLN D 780 6.68 -12.41 52.33
CA GLN D 780 5.48 -12.01 53.10
C GLN D 780 4.75 -13.23 53.60
N SER D 781 4.76 -14.31 52.82
CA SER D 781 4.02 -15.57 53.24
C SER D 781 4.58 -16.23 54.50
N ILE D 782 5.90 -16.26 54.58
CA ILE D 782 6.57 -16.98 55.66
C ILE D 782 6.32 -16.19 56.95
N TYR D 783 6.22 -14.87 56.85
CA TYR D 783 5.90 -14.08 58.04
C TYR D 783 4.60 -14.58 58.62
N TYR D 784 3.62 -14.72 57.76
CA TYR D 784 2.28 -15.05 58.24
C TYR D 784 2.16 -16.52 58.59
N ALA D 785 2.99 -17.38 57.97
CA ALA D 785 3.00 -18.78 58.40
C ALA D 785 3.52 -18.96 59.81
N LEU D 786 4.48 -18.12 60.20
CA LEU D 786 5.05 -18.19 61.53
C LEU D 786 4.38 -17.28 62.59
N GLU D 787 3.53 -16.34 62.15
CA GLU D 787 3.09 -15.24 63.02
C GLU D 787 2.56 -15.78 64.38
N HIS D 788 1.73 -16.79 64.34
CA HIS D 788 1.19 -17.39 65.55
C HIS D 788 1.92 -18.63 66.01
N GLY D 789 3.17 -18.82 65.61
CA GLY D 789 3.94 -19.95 66.11
C GLY D 789 4.92 -19.50 67.15
N PRO D 790 5.76 -20.43 67.61
CA PRO D 790 6.72 -20.19 68.71
C PRO D 790 7.88 -19.36 68.28
N ARG D 791 8.06 -19.19 66.98
CA ARG D 791 9.20 -18.44 66.47
C ARG D 791 8.78 -17.68 65.23
N HIS D 792 9.05 -16.37 65.23
CA HIS D 792 8.61 -15.49 64.22
C HIS D 792 9.70 -15.20 63.24
N ALA D 793 9.30 -14.61 62.13
CA ALA D 793 10.22 -14.09 61.15
C ALA D 793 10.47 -12.62 61.42
N SER D 794 11.71 -12.20 61.25
CA SER D 794 12.04 -10.81 61.52
C SER D 794 11.92 -10.00 60.25
N ILE D 795 10.80 -9.27 60.12
CA ILE D 795 10.61 -8.37 58.97
C ILE D 795 9.48 -7.38 59.20
N ASN D 796 9.58 -6.21 58.59
CA ASN D 796 8.46 -5.25 58.63
C ASN D 796 7.50 -5.62 57.53
N VAL D 797 6.52 -6.45 57.84
CA VAL D 797 5.73 -7.09 56.80
C VAL D 797 4.82 -6.08 56.07
N LYS D 798 4.31 -5.06 56.80
CA LYS D 798 3.49 -4.01 56.12
C LYS D 798 4.29 -3.24 55.13
N ASN D 799 5.50 -2.86 55.50
CA ASN D 799 6.38 -2.25 54.52
C ASN D 799 6.69 -3.17 53.32
N ALA D 800 6.95 -4.46 53.60
CA ALA D 800 7.24 -5.42 52.56
C ALA D 800 6.10 -5.54 51.63
N GLU D 801 4.87 -5.51 52.16
CA GLU D 801 3.67 -5.59 51.27
C GLU D 801 3.59 -4.38 50.33
N GLN D 802 3.81 -3.21 50.88
CA GLN D 802 3.77 -1.95 50.07
C GLN D 802 4.83 -2.02 48.97
N ILE D 803 6.03 -2.46 49.35
CA ILE D 803 7.11 -2.53 48.38
C ILE D 803 6.77 -3.56 47.28
N ASP D 804 6.10 -4.64 47.65
CA ASP D 804 5.73 -5.61 46.65
C ASP D 804 4.90 -5.05 45.49
N HIS D 805 4.14 -3.98 45.76
CA HIS D 805 3.35 -3.33 44.72
C HIS D 805 4.16 -2.84 43.59
N TYR D 806 5.33 -2.30 43.92
CA TYR D 806 6.25 -1.81 42.91
C TYR D 806 6.71 -2.96 42.05
N TRP D 807 7.03 -4.07 42.68
CA TRP D 807 7.53 -5.22 41.95
C TRP D 807 6.46 -5.84 41.12
N GLU D 808 5.23 -5.87 41.62
CA GLU D 808 4.12 -6.40 40.85
C GLU D 808 3.96 -5.61 39.56
N ASP D 809 4.11 -4.29 39.62
CA ASP D 809 3.97 -3.44 38.44
C ASP D 809 5.17 -3.64 37.50
N VAL D 810 6.36 -3.68 38.06
CA VAL D 810 7.58 -3.79 37.21
C VAL D 810 7.64 -5.15 36.54
N ARG D 811 7.15 -6.20 37.19
CA ARG D 811 7.21 -7.50 36.58
C ARG D 811 6.46 -7.55 35.24
N LYS D 812 5.40 -6.78 35.10
CA LYS D 812 4.65 -6.80 33.85
C LYS D 812 5.46 -6.35 32.65
N TYR D 813 6.47 -5.52 32.86
CA TYR D 813 7.34 -5.10 31.75
C TYR D 813 8.16 -6.24 31.14
N TYR D 814 8.34 -7.28 31.94
CA TYR D 814 9.15 -8.47 31.51
C TYR D 814 8.32 -9.65 30.95
N ALA D 815 7.05 -9.41 30.63
CA ALA D 815 6.18 -10.48 30.04
C ALA D 815 6.89 -11.32 28.96
N PRO D 816 7.58 -10.69 28.00
CA PRO D 816 8.22 -11.52 26.96
C PRO D 816 9.27 -12.51 27.45
N PHE D 817 9.77 -12.36 28.66
CA PHE D 817 10.78 -13.27 29.13
C PHE D 817 10.21 -14.31 30.07
N GLU D 818 8.89 -14.33 30.25
CA GLU D 818 8.30 -15.20 31.25
C GLU D 818 8.44 -16.65 30.73
N ALA D 819 9.02 -17.53 31.55
CA ALA D 819 9.35 -18.97 31.21
C ALA D 819 8.09 -19.78 30.95
N GLY D 820 7.01 -19.36 31.58
CA GLY D 820 5.66 -19.89 31.35
C GLY D 820 4.87 -19.41 32.54
N ILE D 821 3.77 -20.10 32.84
CA ILE D 821 2.94 -19.77 34.01
C ILE D 821 3.70 -20.18 35.29
N THR D 822 3.63 -19.33 36.33
CA THR D 822 4.23 -19.62 37.63
C THR D 822 3.24 -20.49 38.46
N SER D 823 3.59 -21.79 38.55
CA SER D 823 2.78 -22.80 39.27
C SER D 823 3.71 -23.94 39.77
N PRO D 824 3.25 -24.80 40.73
CA PRO D 824 4.13 -25.96 41.11
C PRO D 824 4.37 -27.02 39.99
N GLN D 825 5.46 -27.79 40.15
CA GLN D 825 5.97 -28.85 39.25
C GLN D 825 6.74 -29.85 40.16
N THR D 826 6.03 -30.86 40.63
CA THR D 826 6.67 -31.87 41.50
C THR D 826 7.59 -32.91 40.80
N GLU D 827 7.61 -32.95 39.46
CA GLU D 827 8.50 -33.86 38.75
C GLU D 827 9.96 -33.54 39.01
N VAL D 828 10.24 -32.40 39.63
CA VAL D 828 11.59 -32.06 39.99
C VAL D 828 12.15 -33.13 40.89
N TYR D 829 11.29 -33.78 41.69
CA TYR D 829 11.80 -34.83 42.56
C TYR D 829 12.36 -36.04 41.76
N MET D 830 11.89 -36.23 40.54
CA MET D 830 12.30 -37.33 39.67
C MET D 830 13.60 -36.94 38.92
N HIS D 831 13.63 -35.79 38.26
CA HIS D 831 14.80 -35.45 37.46
C HIS D 831 15.83 -34.57 38.13
N GLU D 832 15.42 -33.74 39.09
CA GLU D 832 16.39 -32.94 39.89
C GLU D 832 17.13 -31.81 39.14
N MET D 833 16.64 -31.42 37.98
CA MET D 833 17.16 -30.25 37.30
C MET D 833 16.86 -29.02 38.11
N PRO D 834 17.86 -28.18 38.41
CA PRO D 834 17.51 -26.84 38.88
C PRO D 834 16.74 -26.12 37.75
N GLY D 835 16.11 -24.97 38.00
CA GLY D 835 15.25 -24.31 36.98
C GLY D 835 15.93 -23.87 35.65
N GLY D 836 17.10 -23.26 35.74
CA GLY D 836 17.76 -22.83 34.55
C GLY D 836 18.10 -24.06 33.69
N GLN D 837 18.56 -25.12 34.33
CA GLN D 837 18.89 -26.32 33.59
C GLN D 837 17.63 -26.85 32.86
N TYR D 838 16.43 -26.59 33.41
CA TYR D 838 15.21 -27.13 32.87
C TYR D 838 14.82 -26.32 31.63
N THR D 839 14.82 -25.01 31.76
CA THR D 839 14.51 -24.13 30.64
C THR D 839 15.54 -24.21 29.51
N ASN D 840 16.81 -24.19 29.85
CA ASN D 840 17.88 -24.30 28.87
C ASN D 840 17.82 -25.61 28.14
N LEU D 841 17.63 -26.69 28.88
CA LEU D 841 17.61 -27.99 28.24
C LEU D 841 16.38 -28.07 27.32
N LYS D 842 15.38 -27.23 27.57
CA LYS D 842 14.21 -27.13 26.70
C LYS D 842 14.59 -26.49 25.35
N SER D 843 15.27 -25.35 25.39
CA SER D 843 15.78 -24.70 24.19
C SER D 843 16.65 -25.62 23.32
N GLN D 844 17.58 -26.34 23.95
CA GLN D 844 18.48 -27.26 23.25
C GLN D 844 17.73 -28.38 22.53
N ALA D 845 16.73 -28.98 23.18
CA ALA D 845 15.95 -30.04 22.51
C ALA D 845 15.17 -29.51 21.29
N ALA D 846 14.70 -28.25 21.42
CA ALA D 846 14.08 -27.50 20.31
C ALA D 846 15.07 -27.34 19.14
N ALA D 847 16.19 -26.64 19.39
CA ALA D 847 17.24 -26.39 18.37
C ALA D 847 17.69 -27.65 17.61
N VAL D 848 17.38 -28.82 18.13
CA VAL D 848 17.75 -30.07 17.50
C VAL D 848 16.47 -30.87 17.11
N GLY D 849 15.31 -30.23 17.20
CA GLY D 849 14.04 -30.86 16.77
C GLY D 849 13.56 -32.02 17.64
N LEU D 850 13.86 -31.98 18.92
CA LEU D 850 13.36 -32.99 19.86
C LEU D 850 12.44 -32.40 20.95
N GLY D 851 12.04 -31.13 20.78
CA GLY D 851 11.06 -30.51 21.68
C GLY D 851 9.89 -31.43 22.01
N HIS D 852 9.43 -32.17 21.00
CA HIS D 852 8.34 -33.15 21.17
C HIS D 852 8.71 -34.41 22.02
N ARG D 853 9.98 -34.65 22.29
CA ARG D 853 10.35 -35.83 23.10
C ARG D 853 10.92 -35.44 24.48
N PHE D 854 10.61 -34.22 24.93
CA PHE D 854 11.22 -33.68 26.12
C PHE D 854 11.00 -34.58 27.34
N ASP D 855 9.83 -35.18 27.44
CA ASP D 855 9.51 -36.03 28.59
C ASP D 855 10.37 -37.31 28.63
N GLU D 856 10.86 -37.73 27.47
CA GLU D 856 11.83 -38.84 27.36
C GLU D 856 13.21 -38.31 27.83
N ILE D 857 13.50 -37.06 27.50
CA ILE D 857 14.69 -36.36 27.93
C ILE D 857 14.79 -36.18 29.46
N LYS D 858 13.72 -35.71 30.11
CA LYS D 858 13.68 -35.64 31.58
C LYS D 858 13.95 -37.01 32.14
N GLN D 859 13.36 -38.04 31.54
CA GLN D 859 13.58 -39.43 31.97
C GLN D 859 15.05 -39.87 31.78
N MET D 860 15.66 -39.40 30.69
CA MET D 860 17.06 -39.77 30.36
C MET D 860 18.03 -39.03 31.30
N TYR D 861 17.70 -37.76 31.60
CA TYR D 861 18.47 -36.91 32.53
C TYR D 861 18.60 -37.60 33.87
N ARG D 862 17.51 -38.20 34.30
CA ARG D 862 17.50 -38.99 35.53
C ARG D 862 18.35 -40.25 35.43
N LYS D 863 18.29 -40.93 34.28
CA LYS D 863 19.09 -42.17 34.06
C LYS D 863 20.59 -41.81 33.99
N VAL D 864 20.92 -40.79 33.19
CA VAL D 864 22.29 -40.29 33.11
C VAL D 864 22.87 -39.98 34.48
N ASN D 865 22.10 -39.30 35.31
CA ASN D 865 22.56 -38.95 36.63
C ASN D 865 22.98 -40.17 37.39
N MET D 866 22.16 -41.22 37.35
CA MET D 866 22.51 -42.50 37.99
C MET D 866 23.72 -43.18 37.33
N MET D 867 23.82 -43.02 36.02
CA MET D 867 24.88 -43.60 35.22
C MET D 867 26.23 -43.00 35.65
N PHE D 868 26.22 -41.69 35.95
CA PHE D 868 27.44 -40.98 36.36
C PHE D 868 27.77 -41.14 37.82
N GLY D 869 27.05 -42.02 38.50
CA GLY D 869 27.30 -42.32 39.92
C GLY D 869 26.36 -41.68 40.91
N ASP D 870 25.34 -40.98 40.40
CA ASP D 870 24.43 -40.13 41.20
C ASP D 870 25.14 -38.84 41.71
N ILE D 871 25.04 -37.75 40.96
CA ILE D 871 25.89 -36.62 41.22
C ILE D 871 25.13 -35.35 41.64
N ILE D 872 25.87 -34.42 42.20
CA ILE D 872 25.34 -33.13 42.53
C ILE D 872 25.20 -32.35 41.22
N LYS D 873 23.97 -31.85 40.95
CA LYS D 873 23.66 -31.15 39.70
C LYS D 873 23.28 -29.71 39.95
N VAL D 874 24.28 -28.88 39.74
CA VAL D 874 24.17 -27.46 39.88
C VAL D 874 25.19 -26.97 38.83
N THR D 875 25.05 -25.74 38.38
CA THR D 875 25.88 -25.25 37.31
C THR D 875 27.39 -25.27 37.66
N PRO D 876 28.24 -25.89 36.79
CA PRO D 876 27.96 -26.49 35.48
C PRO D 876 27.77 -27.98 35.45
N SER D 877 27.84 -28.64 36.58
CA SER D 877 27.60 -30.07 36.55
C SER D 877 26.21 -30.45 36.04
N SER D 878 25.20 -29.56 36.22
CA SER D 878 23.85 -29.90 35.69
C SER D 878 23.83 -29.98 34.16
N LYS D 879 24.55 -29.07 33.53
CA LYS D 879 24.75 -29.07 32.09
C LYS D 879 25.45 -30.39 31.56
N VAL D 880 26.46 -30.87 32.29
CA VAL D 880 27.12 -32.10 31.92
C VAL D 880 26.05 -33.18 31.78
N VAL D 881 25.15 -33.24 32.76
CA VAL D 881 24.12 -34.29 32.71
C VAL D 881 23.16 -34.07 31.55
N GLY D 882 22.82 -32.82 31.29
CA GLY D 882 21.90 -32.48 30.24
C GLY D 882 22.41 -32.81 28.84
N ASP D 883 23.59 -32.31 28.53
CA ASP D 883 24.25 -32.59 27.25
C ASP D 883 24.32 -34.08 26.98
N MET D 884 24.71 -34.85 27.97
CA MET D 884 24.75 -36.30 27.78
C MET D 884 23.38 -36.92 27.48
N ALA D 885 22.34 -36.49 28.22
CA ALA D 885 21.00 -37.10 28.11
C ALA D 885 20.41 -36.81 26.76
N LEU D 886 20.64 -35.58 26.33
CA LEU D 886 20.28 -35.12 25.01
C LEU D 886 20.97 -35.93 23.88
N PHE D 887 22.30 -35.96 23.92
CA PHE D 887 23.10 -36.81 23.08
C PHE D 887 22.53 -38.21 23.02
N MET D 888 22.29 -38.82 24.16
CA MET D 888 21.84 -40.20 24.18
C MET D 888 20.48 -40.49 23.52
N ILE D 889 19.54 -39.56 23.66
CA ILE D 889 18.24 -39.67 23.01
C ILE D 889 18.45 -39.46 21.52
N GLN D 890 19.10 -38.36 21.17
CA GLN D 890 19.24 -37.97 19.77
C GLN D 890 19.95 -39.03 18.89
N ASN D 891 20.86 -39.81 19.48
CA ASN D 891 21.51 -40.93 18.79
C ASN D 891 20.96 -42.29 19.26
N ASP D 892 19.75 -42.26 19.77
CA ASP D 892 19.05 -43.45 20.17
C ASP D 892 19.84 -44.45 21.01
N LEU D 893 20.61 -43.99 21.99
CA LEU D 893 21.37 -44.93 22.77
C LEU D 893 20.96 -45.21 24.19
N THR D 894 20.86 -46.47 24.50
CA THR D 894 20.52 -46.95 25.80
C THR D 894 21.78 -46.85 26.58
N GLU D 895 21.73 -47.06 27.87
CA GLU D 895 22.94 -46.95 28.65
C GLU D 895 23.95 -47.96 28.16
N GLU D 896 23.53 -49.16 27.91
CA GLU D 896 24.46 -50.16 27.46
C GLU D 896 25.14 -49.76 26.17
N ASP D 897 24.40 -49.18 25.26
CA ASP D 897 25.03 -48.85 24.01
C ASP D 897 26.32 -48.14 24.33
N VAL D 898 26.27 -47.23 25.29
CA VAL D 898 27.41 -46.46 25.69
C VAL D 898 28.48 -47.37 26.21
N TYR D 899 28.09 -48.31 27.06
CA TYR D 899 29.04 -49.25 27.60
C TYR D 899 29.53 -50.19 26.51
N ALA D 900 28.59 -50.64 25.69
CA ALA D 900 28.94 -51.50 24.60
C ALA D 900 29.66 -50.85 23.43
N ARG D 901 29.13 -49.72 22.97
CA ARG D 901 29.76 -49.07 21.81
C ARG D 901 30.34 -47.69 21.99
N GLY D 902 30.67 -47.35 23.22
CA GLY D 902 31.21 -46.04 23.53
C GLY D 902 32.53 -45.70 22.90
N ASN D 903 33.36 -46.72 22.78
CA ASN D 903 34.71 -46.61 22.28
C ASN D 903 34.76 -45.97 20.92
N GLU D 904 33.75 -46.16 20.12
CA GLU D 904 33.66 -45.52 18.80
C GLU D 904 32.72 -44.31 18.78
N LEU D 905 32.30 -43.78 19.93
CA LEU D 905 31.48 -42.57 19.96
C LEU D 905 32.17 -41.33 20.48
N ASN D 906 31.92 -40.18 19.86
CA ASN D 906 32.44 -38.91 20.31
C ASN D 906 31.47 -38.24 21.29
N PHE D 907 31.78 -38.31 22.58
CA PHE D 907 30.90 -37.78 23.60
C PHE D 907 30.99 -36.27 23.69
N PRO D 908 29.91 -35.64 24.18
CA PRO D 908 29.91 -34.19 24.21
C PRO D 908 31.06 -33.62 25.01
N GLU D 909 31.54 -32.45 24.60
CA GLU D 909 32.68 -31.80 25.23
C GLU D 909 32.57 -31.78 26.75
N SER D 910 31.45 -31.25 27.24
CA SER D 910 31.25 -31.01 28.67
C SER D 910 31.38 -32.33 29.45
N VAL D 911 30.92 -33.43 28.86
CA VAL D 911 30.95 -34.73 29.53
C VAL D 911 32.39 -35.24 29.61
N VAL D 912 33.11 -35.07 28.52
CA VAL D 912 34.52 -35.48 28.48
C VAL D 912 35.26 -34.72 29.56
N SER D 913 35.11 -33.37 29.57
CA SER D 913 35.78 -32.51 30.58
C SER D 913 35.43 -32.91 32.01
N PHE D 914 34.20 -33.31 32.23
CA PHE D 914 33.78 -33.70 33.57
C PHE D 914 34.62 -34.91 33.98
N PHE D 915 34.66 -35.91 33.10
CA PHE D 915 35.38 -37.17 33.37
C PHE D 915 36.92 -37.07 33.34
N ARG D 916 37.47 -36.04 32.71
CA ARG D 916 38.91 -35.73 32.84
C ARG D 916 39.23 -35.04 34.16
N GLY D 917 38.21 -34.66 34.96
CA GLY D 917 38.43 -33.93 36.23
C GLY D 917 38.51 -32.42 36.11
N ASP D 918 38.07 -31.89 34.96
CA ASP D 918 38.16 -30.45 34.75
C ASP D 918 37.14 -29.64 35.62
N LEU D 919 36.10 -30.28 36.17
CA LEU D 919 35.22 -29.61 37.13
C LEU D 919 35.57 -29.91 38.58
N GLY D 920 36.60 -30.74 38.78
CA GLY D 920 37.01 -31.17 40.11
C GLY D 920 36.62 -32.61 40.30
N GLN D 921 36.71 -33.09 41.54
CA GLN D 921 36.43 -34.46 41.88
C GLN D 921 35.04 -34.69 42.50
N PRO D 922 34.27 -35.60 41.93
CA PRO D 922 32.96 -35.78 42.52
C PRO D 922 32.99 -36.72 43.71
N VAL D 923 31.91 -36.67 44.49
CA VAL D 923 31.78 -37.49 45.67
C VAL D 923 31.76 -38.96 45.21
N GLY D 924 32.65 -39.78 45.78
CA GLY D 924 32.71 -41.23 45.51
C GLY D 924 33.40 -41.57 44.21
N GLY D 925 34.16 -40.63 43.66
CA GLY D 925 34.85 -40.78 42.40
C GLY D 925 33.96 -41.02 41.19
N PHE D 926 34.60 -41.34 40.05
CA PHE D 926 33.88 -41.62 38.82
C PHE D 926 33.65 -43.12 38.67
N PRO D 927 32.57 -43.52 37.94
CA PRO D 927 32.49 -44.93 37.53
C PRO D 927 33.61 -45.25 36.54
N GLU D 928 34.42 -46.22 36.93
CA GLU D 928 35.71 -46.44 36.32
C GLU D 928 35.65 -46.82 34.81
N LYS D 929 34.88 -47.85 34.46
CA LYS D 929 34.87 -48.32 33.10
C LYS D 929 34.37 -47.20 32.16
N LEU D 930 33.22 -46.63 32.50
CA LEU D 930 32.63 -45.51 31.77
C LEU D 930 33.60 -44.31 31.62
N GLN D 931 34.32 -44.02 32.70
CA GLN D 931 35.35 -42.99 32.62
C GLN D 931 36.33 -43.29 31.45
N LYS D 932 36.84 -44.53 31.42
CA LYS D 932 37.85 -44.92 30.41
C LYS D 932 37.26 -44.74 29.01
N ILE D 933 36.03 -45.20 28.85
CA ILE D 933 35.29 -45.08 27.60
C ILE D 933 35.14 -43.62 27.13
N ILE D 934 34.84 -42.72 28.07
CA ILE D 934 34.55 -41.33 27.71
C ILE D 934 35.83 -40.55 27.44
N VAL D 935 36.83 -40.70 28.31
CA VAL D 935 38.05 -39.91 28.15
C VAL D 935 38.98 -40.45 27.05
N LYS D 936 38.96 -41.78 26.86
CA LYS D 936 39.84 -42.46 25.90
C LYS D 936 41.33 -42.14 26.14
N ASP D 937 41.93 -41.32 25.27
CA ASP D 937 43.37 -41.04 25.25
C ASP D 937 43.72 -39.74 26.01
N LYS D 938 42.71 -38.98 26.41
CA LYS D 938 42.97 -37.66 26.95
C LYS D 938 43.53 -37.69 28.36
N ALA D 939 44.17 -36.60 28.75
CA ALA D 939 44.82 -36.50 30.07
C ALA D 939 43.78 -36.32 31.17
N VAL D 940 43.91 -37.13 32.22
CA VAL D 940 43.00 -37.09 33.36
C VAL D 940 43.74 -36.47 34.51
N ILE D 941 43.13 -35.52 35.20
CA ILE D 941 43.73 -34.99 36.43
C ILE D 941 42.87 -35.41 37.61
N THR D 942 43.49 -35.45 38.78
CA THR D 942 42.79 -35.81 40.01
C THR D 942 43.02 -34.77 41.08
N ASP D 943 43.69 -33.68 40.75
CA ASP D 943 43.90 -32.61 41.72
C ASP D 943 43.17 -31.36 41.18
N ARG D 944 43.38 -30.24 41.86
CA ARG D 944 42.56 -29.06 41.67
C ARG D 944 42.84 -28.38 40.32
N PRO D 945 41.83 -28.30 39.44
CA PRO D 945 42.11 -27.79 38.10
C PRO D 945 42.86 -26.44 38.03
N GLY D 946 42.61 -25.54 38.98
CA GLY D 946 43.23 -24.23 38.95
C GLY D 946 44.74 -24.27 39.10
N LEU D 947 45.26 -25.38 39.62
CA LEU D 947 46.69 -25.60 39.69
C LEU D 947 47.26 -25.69 38.30
N HIS D 948 46.45 -26.12 37.34
CA HIS D 948 46.84 -26.32 35.93
C HIS D 948 46.44 -25.14 35.05
N ALA D 949 46.03 -24.03 35.66
CA ALA D 949 45.50 -22.92 34.88
C ALA D 949 46.65 -22.11 34.29
N GLU D 950 46.53 -21.75 33.02
CA GLU D 950 47.45 -20.83 32.37
C GLU D 950 47.60 -19.55 33.21
N LYS D 951 48.85 -19.20 33.51
CA LYS D 951 49.19 -18.06 34.34
C LYS D 951 48.63 -16.76 33.74
N VAL D 952 48.37 -15.79 34.61
CA VAL D 952 47.74 -14.53 34.21
C VAL D 952 48.46 -13.38 34.88
N ASP D 953 48.99 -12.48 34.07
CA ASP D 953 49.69 -11.32 34.55
C ASP D 953 48.78 -10.11 34.37
N PHE D 954 48.38 -9.51 35.48
CA PHE D 954 47.47 -8.38 35.43
C PHE D 954 47.98 -7.18 34.67
N GLU D 955 49.30 -6.97 34.69
CA GLU D 955 49.89 -5.83 33.99
C GLU D 955 49.84 -6.06 32.48
N THR D 956 50.17 -7.28 32.05
CA THR D 956 50.03 -7.65 30.64
C THR D 956 48.58 -7.46 30.15
N VAL D 957 47.64 -8.12 30.85
CA VAL D 957 46.25 -8.13 30.45
C VAL D 957 45.73 -6.69 30.42
N LYS D 958 46.08 -5.92 31.42
CA LYS D 958 45.65 -4.53 31.46
C LYS D 958 46.11 -3.71 30.22
N ALA D 959 47.36 -3.90 29.81
CA ALA D 959 47.91 -3.22 28.64
C ALA D 959 47.26 -3.71 27.35
N ASP D 960 47.10 -5.02 27.20
CA ASP D 960 46.33 -5.62 26.12
C ASP D 960 44.92 -4.99 26.03
N LEU D 961 44.26 -4.89 27.17
CA LEU D 961 42.89 -4.41 27.18
C LEU D 961 42.79 -2.93 26.83
N GLU D 962 43.71 -2.12 27.35
CA GLU D 962 43.73 -0.70 27.08
C GLU D 962 43.89 -0.41 25.59
N GLN D 963 44.76 -1.18 24.97
CA GLN D 963 44.96 -1.12 23.56
C GLN D 963 43.62 -1.37 22.89
N LYS D 964 42.93 -2.43 23.29
CA LYS D 964 41.69 -2.81 22.66
C LYS D 964 40.52 -1.83 22.84
N ILE D 965 40.39 -1.17 23.98
CA ILE D 965 39.23 -0.31 24.24
C ILE D 965 39.53 1.17 24.23
N GLY D 966 40.82 1.52 24.09
CA GLY D 966 41.24 2.90 23.85
C GLY D 966 41.20 3.81 25.04
N TYR D 967 41.32 3.26 26.23
CA TYR D 967 41.43 4.06 27.45
C TYR D 967 41.94 3.13 28.55
N GLU D 968 42.29 3.70 29.69
CA GLU D 968 42.92 2.94 30.77
C GLU D 968 41.84 2.26 31.62
N PRO D 969 41.79 0.92 31.57
CA PRO D 969 40.71 0.24 32.28
C PRO D 969 40.94 0.17 33.77
N GLY D 970 39.86 0.32 34.51
CA GLY D 970 39.89 0.11 35.96
C GLY D 970 40.16 -1.36 36.27
N ASP D 971 40.35 -1.65 37.56
CA ASP D 971 40.57 -3.03 38.02
C ASP D 971 39.35 -3.93 37.79
N HIS D 972 38.18 -3.32 37.88
CA HIS D 972 36.93 -4.01 37.61
C HIS D 972 36.77 -4.38 36.15
N GLU D 973 37.22 -3.49 35.27
CA GLU D 973 37.16 -3.82 33.86
C GLU D 973 38.14 -4.94 33.49
N VAL D 974 39.28 -4.94 34.14
CA VAL D 974 40.32 -5.94 33.86
C VAL D 974 39.80 -7.31 34.25
N ILE D 975 39.18 -7.37 35.45
CA ILE D 975 38.66 -8.63 35.89
C ILE D 975 37.46 -9.09 35.05
N SER D 976 36.61 -8.14 34.64
CA SER D 976 35.52 -8.54 33.74
C SER D 976 36.11 -9.19 32.49
N TYR D 977 37.14 -8.56 31.94
CA TYR D 977 37.72 -9.03 30.68
C TYR D 977 38.33 -10.42 30.80
N ILE D 978 38.92 -10.67 31.96
CA ILE D 978 39.50 -11.97 32.23
C ILE D 978 38.38 -13.02 32.38
N MET D 979 37.33 -12.65 33.11
CA MET D 979 36.19 -13.57 33.31
C MET D 979 35.49 -13.97 32.00
N TYR D 980 35.18 -12.95 31.18
CA TYR D 980 34.41 -13.12 29.94
C TYR D 980 35.00 -12.22 28.88
N PRO D 981 36.04 -12.70 28.20
CA PRO D 981 36.76 -11.83 27.27
C PRO D 981 35.94 -11.34 26.08
N GLN D 982 35.40 -12.26 25.32
CA GLN D 982 34.60 -11.90 24.16
C GLN D 982 33.37 -11.04 24.59
N VAL D 983 32.67 -11.46 25.63
CA VAL D 983 31.44 -10.73 26.07
C VAL D 983 31.77 -9.29 26.47
N PHE D 984 32.82 -9.13 27.28
CA PHE D 984 33.27 -7.80 27.63
C PHE D 984 33.63 -6.99 26.38
N LEU D 985 34.29 -7.58 25.39
CA LEU D 985 34.57 -6.81 24.16
C LEU D 985 33.26 -6.49 23.41
N ASP D 986 32.34 -7.45 23.36
CA ASP D 986 31.07 -7.23 22.71
C ASP D 986 30.24 -6.18 23.47
N TYR D 987 30.33 -6.10 24.77
CA TYR D 987 29.63 -5.05 25.50
C TYR D 987 30.14 -3.65 25.10
N GLN D 988 31.46 -3.54 25.00
CA GLN D 988 32.08 -2.30 24.55
C GLN D 988 31.57 -1.90 23.15
N LYS D 989 31.51 -2.84 22.22
CA LYS D 989 31.01 -2.51 20.88
C LYS D 989 29.56 -2.00 20.92
N MET D 990 28.76 -2.57 21.82
CA MET D 990 27.37 -2.17 21.93
C MET D 990 27.24 -0.80 22.58
N GLN D 991 28.12 -0.49 23.54
CA GLN D 991 28.12 0.84 24.11
C GLN D 991 28.41 1.86 23.03
N ARG D 992 29.34 1.53 22.20
CA ARG D 992 29.75 2.42 21.13
C ARG D 992 28.65 2.64 20.08
N GLU D 993 27.90 1.59 19.75
CA GLU D 993 26.81 1.76 18.81
C GLU D 993 25.56 2.41 19.42
N PHE D 994 25.19 1.98 20.61
CA PHE D 994 23.87 2.34 21.19
C PHE D 994 23.89 3.23 22.41
N GLY D 995 25.07 3.39 22.99
CA GLY D 995 25.19 4.24 24.18
C GLY D 995 24.61 3.58 25.40
N ALA D 996 24.27 4.41 26.39
CA ALA D 996 23.96 3.88 27.69
C ALA D 996 22.46 3.47 27.79
N VAL D 997 22.12 2.36 27.14
CA VAL D 997 20.72 1.83 27.15
C VAL D 997 20.19 1.45 28.52
N THR D 998 21.09 1.29 29.49
CA THR D 998 20.69 1.07 30.89
C THR D 998 19.76 2.14 31.41
N LEU D 999 19.83 3.34 30.82
CA LEU D 999 19.04 4.50 31.26
C LEU D 999 17.62 4.54 30.73
N LEU D 1000 17.34 3.74 29.73
CA LEU D 1000 15.96 3.64 29.26
C LEU D 1000 15.08 2.87 30.20
N ASP D 1001 13.83 3.30 30.31
CA ASP D 1001 12.78 2.51 30.92
C ASP D 1001 12.61 1.17 30.14
N THR D 1002 12.21 0.16 30.84
CA THR D 1002 12.20 -1.20 30.32
C THR D 1002 11.27 -1.40 29.12
N PRO D 1003 10.03 -0.89 29.15
CA PRO D 1003 9.23 -1.06 27.94
C PRO D 1003 9.89 -0.44 26.67
N THR D 1004 10.51 0.72 26.80
CA THR D 1004 11.16 1.36 25.70
C THR D 1004 12.42 0.54 25.31
N PHE D 1005 13.12 0.05 26.29
CA PHE D 1005 14.32 -0.79 26.04
C PHE D 1005 13.96 -2.03 25.19
N LEU D 1006 12.75 -2.57 25.45
CA LEU D 1006 12.33 -3.83 24.85
C LEU D 1006 11.52 -3.63 23.59
N HIS D 1007 10.83 -2.51 23.44
CA HIS D 1007 9.90 -2.36 22.32
C HIS D 1007 10.12 -1.15 21.43
N GLY D 1008 10.98 -0.22 21.82
CA GLY D 1008 11.14 1.00 21.06
C GLY D 1008 10.01 1.96 21.37
N MET D 1009 9.46 2.61 20.35
CA MET D 1009 8.47 3.62 20.49
C MET D 1009 7.25 3.40 19.54
N ARG D 1010 6.08 3.87 19.94
CA ARG D 1010 4.89 3.92 19.06
C ARG D 1010 4.83 5.26 18.40
N LEU D 1011 4.19 5.26 17.23
CA LEU D 1011 3.88 6.50 16.53
C LEU D 1011 3.21 7.50 17.45
N ASN D 1012 3.71 8.73 17.44
CA ASN D 1012 3.24 9.84 18.29
C ASN D 1012 3.56 9.70 19.76
N GLU D 1013 4.28 8.66 20.16
CA GLU D 1013 4.70 8.59 21.53
C GLU D 1013 5.79 9.62 21.88
N LYS D 1014 5.81 9.98 23.15
CA LYS D 1014 6.82 10.87 23.70
C LYS D 1014 7.47 10.21 24.90
N ILE D 1015 8.78 10.12 24.93
CA ILE D 1015 9.46 9.64 26.11
C ILE D 1015 10.45 10.71 26.56
N GLU D 1016 10.84 10.60 27.83
CA GLU D 1016 11.75 11.50 28.49
C GLU D 1016 12.90 10.66 29.00
N VAL D 1017 14.09 10.74 28.41
CA VAL D 1017 15.20 9.84 28.82
C VAL D 1017 16.19 10.64 29.66
N GLN D 1018 16.33 10.29 30.92
CA GLN D 1018 17.16 10.99 31.87
C GLN D 1018 18.59 10.47 31.67
N ILE D 1019 19.42 11.18 30.92
CA ILE D 1019 20.78 10.69 30.62
C ILE D 1019 21.81 11.15 31.61
N GLU D 1020 21.42 11.97 32.56
CA GLU D 1020 22.35 12.56 33.52
C GLU D 1020 21.52 13.42 34.43
N LYS D 1021 22.09 13.78 35.57
CA LYS D 1021 21.42 14.72 36.43
C LYS D 1021 21.43 16.03 35.63
N GLY D 1022 20.24 16.60 35.48
CA GLY D 1022 20.06 17.81 34.78
C GLY D 1022 19.94 17.72 33.29
N LYS D 1023 20.01 16.54 32.70
CA LYS D 1023 19.88 16.38 31.25
C LYS D 1023 18.86 15.35 30.88
N THR D 1024 17.92 15.73 30.04
CA THR D 1024 16.87 14.85 29.62
C THR D 1024 16.74 14.93 28.12
N LEU D 1025 16.60 13.79 27.47
CA LEU D 1025 16.22 13.80 26.08
C LEU D 1025 14.73 13.66 25.98
N SER D 1026 14.09 14.70 25.48
CA SER D 1026 12.69 14.63 25.12
C SER D 1026 12.57 14.16 23.69
N ILE D 1027 12.05 12.95 23.55
CA ILE D 1027 11.94 12.33 22.26
C ILE D 1027 10.51 11.96 21.88
N ARG D 1028 10.12 12.35 20.67
CA ARG D 1028 8.82 12.12 20.14
C ARG D 1028 9.01 11.48 18.77
N LEU D 1029 8.25 10.43 18.51
CA LEU D 1029 8.27 9.77 17.21
C LEU D 1029 7.08 10.24 16.37
N ASP D 1030 7.39 10.92 15.27
CA ASP D 1030 6.41 11.63 14.48
C ASP D 1030 6.03 10.91 13.24
N GLU D 1031 6.93 10.09 12.72
CA GLU D 1031 6.64 9.35 11.51
C GLU D 1031 7.51 8.13 11.38
N ILE D 1032 6.90 7.02 10.98
CA ILE D 1032 7.61 5.81 10.61
C ILE D 1032 7.42 5.54 9.13
N GLY D 1033 8.41 5.88 8.31
CA GLY D 1033 8.30 5.67 6.86
C GLY D 1033 8.25 4.21 6.50
N GLU D 1034 7.72 3.93 5.32
CA GLU D 1034 7.66 2.56 4.78
C GLU D 1034 8.99 2.18 4.15
N PRO D 1035 9.31 0.89 4.12
CA PRO D 1035 10.64 0.52 3.64
C PRO D 1035 10.69 0.55 2.12
N ASP D 1036 11.81 0.94 1.55
CA ASP D 1036 12.02 0.79 0.12
C ASP D 1036 12.49 -0.66 -0.10
N LEU D 1037 12.93 -0.99 -1.30
CA LEU D 1037 13.27 -2.38 -1.66
C LEU D 1037 14.55 -2.89 -1.05
N ALA D 1038 15.46 -1.97 -0.77
CA ALA D 1038 16.70 -2.29 -0.11
C ALA D 1038 16.58 -2.37 1.43
N GLY D 1039 15.38 -2.11 1.99
CA GLY D 1039 15.19 -2.17 3.43
C GLY D 1039 15.25 -0.82 4.17
N ASN D 1040 15.68 0.23 3.47
CA ASN D 1040 15.77 1.54 4.05
C ASN D 1040 14.42 2.05 4.53
N ARG D 1041 14.32 2.33 5.82
CA ARG D 1041 13.21 3.08 6.37
C ARG D 1041 13.68 4.35 7.02
N VAL D 1042 12.87 5.39 6.91
CA VAL D 1042 13.22 6.66 7.49
C VAL D 1042 12.23 6.94 8.58
N LEU D 1043 12.75 7.22 9.77
CA LEU D 1043 11.88 7.67 10.84
C LEU D 1043 12.17 9.13 11.10
N PHE D 1044 11.13 9.84 11.54
CA PHE D 1044 11.27 11.22 11.88
C PHE D 1044 10.95 11.39 13.35
N PHE D 1045 11.95 11.89 14.06
CA PHE D 1045 11.81 12.16 15.47
C PHE D 1045 11.88 13.65 15.73
N ASN D 1046 11.34 14.08 16.86
CA ASN D 1046 11.62 15.35 17.40
C ASN D 1046 12.43 15.09 18.62
N LEU D 1047 13.62 15.65 18.65
CA LEU D 1047 14.52 15.51 19.78
C LEU D 1047 14.90 16.91 20.37
N ASN D 1048 14.40 17.21 21.56
CA ASN D 1048 14.59 18.50 22.19
C ASN D 1048 14.37 19.67 21.25
N GLY D 1049 13.26 19.65 20.55
CA GLY D 1049 12.87 20.69 19.61
C GLY D 1049 13.50 20.70 18.24
N GLN D 1050 14.37 19.73 17.93
CA GLN D 1050 14.94 19.56 16.59
C GLN D 1050 14.34 18.38 15.86
N ARG D 1051 13.93 18.58 14.63
CA ARG D 1051 13.53 17.50 13.76
C ARG D 1051 14.77 16.62 13.40
N ARG D 1052 14.69 15.32 13.58
CA ARG D 1052 15.77 14.42 13.28
C ARG D 1052 15.26 13.34 12.40
N GLU D 1053 16.00 13.08 11.35
CA GLU D 1053 15.64 12.13 10.36
C GLU D 1053 16.59 10.97 10.56
N VAL D 1054 16.06 9.77 10.74
CA VAL D 1054 16.90 8.64 11.08
C VAL D 1054 16.63 7.49 10.17
N VAL D 1055 17.69 7.00 9.54
CA VAL D 1055 17.57 5.87 8.64
C VAL D 1055 17.91 4.63 9.41
N ILE D 1056 17.05 3.63 9.33
CA ILE D 1056 17.28 2.31 9.86
C ILE D 1056 16.97 1.25 8.80
N ASN D 1057 17.76 0.16 8.81
CA ASN D 1057 17.49 -0.92 7.89
C ASN D 1057 16.49 -1.94 8.41
N ASP D 1058 15.43 -2.21 7.62
CA ASP D 1058 14.36 -3.11 8.04
C ASP D 1058 14.73 -4.52 7.67
N GLN D 1059 15.11 -5.29 8.66
CA GLN D 1059 15.63 -6.63 8.50
C GLN D 1059 14.70 -7.64 7.86
N SER D 1060 13.42 -7.48 8.07
CA SER D 1060 12.45 -8.37 7.51
C SER D 1060 12.51 -8.32 5.99
N VAL D 1061 12.74 -7.16 5.41
CA VAL D 1061 12.88 -6.98 3.98
C VAL D 1061 14.11 -7.71 3.45
N GLN D 1062 15.20 -7.65 4.19
CA GLN D 1062 16.43 -8.30 3.82
C GLN D 1062 16.28 -9.79 3.85
N ALA D 1063 15.50 -10.28 4.80
CA ALA D 1063 15.30 -11.70 4.97
C ALA D 1063 14.16 -12.24 4.14
N GLN D 1064 13.55 -11.42 3.31
CA GLN D 1064 12.44 -11.86 2.51
C GLN D 1064 12.86 -12.95 1.57
N VAL D 1065 12.00 -13.92 1.37
CA VAL D 1065 12.33 -14.98 0.46
C VAL D 1065 12.13 -14.41 -0.92
N VAL D 1066 13.13 -14.47 -1.79
CA VAL D 1066 12.98 -13.96 -3.14
C VAL D 1066 12.70 -15.12 -4.08
N ALA D 1067 11.51 -15.16 -4.60
CA ALA D 1067 11.11 -16.25 -5.45
C ALA D 1067 11.85 -16.38 -6.75
N LYS D 1068 11.91 -17.57 -7.26
CA LYS D 1068 12.58 -17.73 -8.50
C LYS D 1068 11.63 -17.36 -9.62
N ARG D 1069 12.21 -16.74 -10.62
CA ARG D 1069 11.54 -16.45 -11.84
C ARG D 1069 10.83 -17.69 -12.40
N LYS D 1070 9.55 -17.52 -12.74
CA LYS D 1070 8.81 -18.59 -13.38
C LYS D 1070 8.83 -18.49 -14.89
N ALA D 1071 8.63 -19.64 -15.53
CA ALA D 1071 8.50 -19.70 -16.98
C ALA D 1071 7.16 -19.14 -17.36
N GLU D 1072 7.13 -18.37 -18.44
CA GLU D 1072 5.92 -17.71 -18.90
C GLU D 1072 4.97 -18.70 -19.52
N THR D 1073 3.69 -18.65 -19.13
CA THR D 1073 2.74 -19.66 -19.58
C THR D 1073 2.51 -19.48 -21.07
N GLY D 1074 2.76 -20.57 -21.82
CA GLY D 1074 2.54 -20.59 -23.26
C GLY D 1074 3.68 -20.07 -24.07
N ASN D 1075 4.75 -19.73 -23.40
CA ASN D 1075 5.92 -19.23 -24.12
C ASN D 1075 6.82 -20.42 -24.39
N PRO D 1076 6.89 -20.87 -25.64
CA PRO D 1076 7.72 -22.03 -25.91
C PRO D 1076 9.22 -21.73 -25.95
N ASN D 1077 9.64 -20.49 -25.83
CA ASN D 1077 11.05 -20.16 -25.65
C ASN D 1077 11.53 -20.41 -24.24
N GLN D 1078 10.60 -20.61 -23.30
CA GLN D 1078 10.99 -20.76 -21.90
C GLN D 1078 10.60 -22.14 -21.38
N ILE D 1079 11.59 -22.80 -20.82
CA ILE D 1079 11.40 -24.12 -20.28
C ILE D 1079 11.30 -24.05 -18.79
N GLY D 1080 10.15 -24.45 -18.30
CA GLY D 1080 9.88 -24.44 -16.88
C GLY D 1080 9.89 -25.80 -16.32
N ALA D 1081 10.09 -25.88 -15.04
CA ALA D 1081 10.11 -27.12 -14.36
C ALA D 1081 8.75 -27.75 -14.34
N THR D 1082 8.75 -29.00 -14.76
CA THR D 1082 7.60 -29.89 -14.75
C THR D 1082 7.20 -30.38 -13.38
N MET D 1083 8.18 -30.73 -12.58
CA MET D 1083 7.91 -31.23 -11.25
C MET D 1083 8.94 -30.77 -10.27
N PRO D 1084 8.54 -30.79 -8.95
CA PRO D 1084 9.55 -30.32 -7.99
C PRO D 1084 10.65 -31.31 -7.93
N GLY D 1085 11.89 -30.89 -7.74
CA GLY D 1085 12.99 -31.80 -7.72
C GLY D 1085 14.30 -31.07 -7.64
N SER D 1086 15.31 -31.59 -8.30
CA SER D 1086 16.63 -31.00 -8.27
C SER D 1086 17.31 -30.95 -9.62
N VAL D 1087 18.38 -30.19 -9.72
CA VAL D 1087 19.12 -30.10 -10.96
C VAL D 1087 20.43 -30.85 -10.80
N LEU D 1088 20.58 -31.95 -11.52
CA LEU D 1088 21.78 -32.77 -11.44
C LEU D 1088 22.89 -32.18 -12.28
N GLU D 1089 22.65 -32.02 -13.58
CA GLU D 1089 23.72 -31.52 -14.46
C GLU D 1089 23.25 -30.54 -15.54
N ILE D 1090 24.13 -29.59 -15.85
CA ILE D 1090 23.90 -28.59 -16.88
C ILE D 1090 24.85 -28.84 -18.05
N LEU D 1091 24.29 -29.12 -19.22
CA LEU D 1091 25.08 -29.58 -20.38
C LEU D 1091 25.42 -28.47 -21.38
N VAL D 1092 24.86 -27.28 -21.21
CA VAL D 1092 25.06 -26.21 -22.17
C VAL D 1092 25.14 -24.88 -21.42
N LYS D 1093 25.56 -23.84 -22.12
CA LYS D 1093 25.72 -22.54 -21.51
C LYS D 1093 25.21 -21.41 -22.40
N ALA D 1094 25.16 -20.21 -21.83
CA ALA D 1094 24.69 -19.01 -22.54
C ALA D 1094 25.50 -18.74 -23.80
N GLY D 1095 24.81 -18.61 -24.92
CA GLY D 1095 25.44 -18.39 -26.21
C GLY D 1095 25.42 -19.61 -27.12
N ASP D 1096 25.40 -20.81 -26.56
CA ASP D 1096 25.54 -22.05 -27.35
C ASP D 1096 24.44 -22.17 -28.39
N LYS D 1097 24.80 -22.67 -29.57
CA LYS D 1097 23.83 -23.04 -30.59
C LYS D 1097 23.42 -24.45 -30.28
N VAL D 1098 22.19 -24.77 -30.60
CA VAL D 1098 21.63 -26.03 -30.17
C VAL D 1098 20.60 -26.52 -31.18
N GLN D 1099 20.39 -27.83 -31.18
CA GLN D 1099 19.51 -28.46 -32.15
C GLN D 1099 18.32 -29.10 -31.48
N LYS D 1100 17.24 -29.19 -32.23
CA LYS D 1100 16.05 -29.83 -31.73
C LYS D 1100 16.40 -31.22 -31.20
N GLY D 1101 15.88 -31.56 -30.01
CA GLY D 1101 16.10 -32.86 -29.38
C GLY D 1101 17.33 -32.94 -28.50
N GLN D 1102 18.33 -32.10 -28.77
CA GLN D 1102 19.60 -32.11 -28.04
C GLN D 1102 19.40 -31.93 -26.52
N ALA D 1103 20.17 -32.67 -25.74
CA ALA D 1103 20.05 -32.63 -24.28
C ALA D 1103 20.65 -31.34 -23.73
N LEU D 1104 19.91 -30.71 -22.82
CA LEU D 1104 20.30 -29.40 -22.28
C LEU D 1104 20.68 -29.52 -20.82
N MET D 1105 19.97 -30.40 -20.12
CA MET D 1105 20.11 -30.49 -18.73
C MET D 1105 19.45 -31.74 -18.24
N VAL D 1106 19.86 -32.20 -17.05
CA VAL D 1106 19.28 -33.37 -16.42
C VAL D 1106 18.79 -33.00 -15.03
N THR D 1107 17.59 -33.44 -14.69
CA THR D 1107 16.94 -33.08 -13.42
C THR D 1107 16.36 -34.31 -12.74
N GLU D 1108 16.19 -34.20 -11.42
CA GLU D 1108 15.66 -35.30 -10.63
C GLU D 1108 14.32 -34.93 -9.99
N ALA D 1109 13.40 -35.88 -10.04
CA ALA D 1109 12.11 -35.76 -9.39
C ALA D 1109 11.81 -37.08 -8.67
N MET D 1110 11.92 -37.10 -7.34
CA MET D 1110 11.75 -38.34 -6.55
C MET D 1110 12.74 -39.39 -7.05
N LYS D 1111 13.98 -38.96 -7.27
CA LYS D 1111 15.07 -39.82 -7.75
C LYS D 1111 14.88 -40.45 -9.15
N MET D 1112 13.78 -40.17 -9.83
CA MET D 1112 13.71 -40.42 -11.27
C MET D 1112 14.52 -39.32 -11.97
N GLU D 1113 15.18 -39.67 -13.07
CA GLU D 1113 16.00 -38.71 -13.82
C GLU D 1113 15.31 -38.31 -15.11
N THR D 1114 15.21 -37.00 -15.37
CA THR D 1114 14.69 -36.49 -16.64
C THR D 1114 15.75 -35.64 -17.33
N THR D 1115 15.81 -35.81 -18.65
CA THR D 1115 16.70 -35.04 -19.51
C THR D 1115 15.89 -33.99 -20.22
N ILE D 1116 16.27 -32.74 -20.04
CA ILE D 1116 15.55 -31.64 -20.65
C ILE D 1116 16.11 -31.49 -22.07
N GLU D 1117 15.22 -31.62 -23.07
CA GLU D 1117 15.57 -31.47 -24.48
C GLU D 1117 15.17 -30.12 -25.09
N ALA D 1118 15.95 -29.66 -26.06
CA ALA D 1118 15.62 -28.46 -26.81
C ALA D 1118 14.37 -28.67 -27.65
N PRO D 1119 13.39 -27.75 -27.57
CA PRO D 1119 12.13 -27.94 -28.33
C PRO D 1119 12.27 -27.66 -29.83
N PHE D 1120 13.34 -26.98 -30.22
CA PHE D 1120 13.63 -26.69 -31.64
C PHE D 1120 15.05 -26.14 -31.76
N ASP D 1121 15.51 -25.93 -32.99
CA ASP D 1121 16.86 -25.37 -33.20
C ASP D 1121 16.86 -23.95 -32.69
N GLY D 1122 17.97 -23.52 -32.15
CA GLY D 1122 18.08 -22.16 -31.72
C GLY D 1122 19.30 -21.95 -30.87
N GLU D 1123 19.37 -20.78 -30.26
CA GLU D 1123 20.53 -20.38 -29.51
C GLU D 1123 20.11 -20.20 -28.06
N ILE D 1124 20.86 -20.80 -27.14
CA ILE D 1124 20.61 -20.62 -25.71
C ILE D 1124 20.82 -19.14 -25.37
N VAL D 1125 19.89 -18.60 -24.58
CA VAL D 1125 19.93 -17.19 -24.22
C VAL D 1125 20.58 -17.06 -22.86
N ASP D 1126 20.07 -17.81 -21.89
CA ASP D 1126 20.60 -17.80 -20.54
C ASP D 1126 20.09 -18.99 -19.76
N LEU D 1127 20.86 -19.36 -18.75
CA LEU D 1127 20.41 -20.30 -17.74
C LEU D 1127 19.89 -19.55 -16.57
N HIS D 1128 19.04 -20.20 -15.80
CA HIS D 1128 18.42 -19.57 -14.65
C HIS D 1128 18.48 -20.48 -13.44
N VAL D 1129 19.28 -21.54 -13.55
CA VAL D 1129 19.59 -22.41 -12.42
C VAL D 1129 21.08 -22.77 -12.42
N VAL D 1130 21.54 -23.28 -11.29
CA VAL D 1130 22.93 -23.65 -11.06
C VAL D 1130 22.95 -25.13 -10.71
N LYS D 1131 24.12 -25.77 -10.82
CA LYS D 1131 24.23 -27.20 -10.50
C LYS D 1131 23.74 -27.49 -9.08
N GLY D 1132 22.99 -28.57 -8.93
CA GLY D 1132 22.51 -29.00 -7.63
C GLY D 1132 21.56 -28.04 -6.94
N GLU D 1133 20.96 -27.13 -7.69
CA GLU D 1133 19.97 -26.20 -7.13
C GLU D 1133 18.59 -26.87 -7.04
N ALA D 1134 17.81 -26.51 -6.03
CA ALA D 1134 16.48 -27.08 -5.85
C ALA D 1134 15.48 -26.30 -6.70
N ILE D 1135 14.43 -26.97 -7.18
CA ILE D 1135 13.46 -26.36 -8.08
C ILE D 1135 12.05 -26.77 -7.79
N GLN D 1136 11.14 -25.81 -7.93
CA GLN D 1136 9.73 -26.03 -7.80
C GLN D 1136 9.04 -26.01 -9.18
N THR D 1137 7.90 -26.67 -9.28
CA THR D 1137 7.12 -26.68 -10.50
C THR D 1137 6.88 -25.25 -11.03
N GLN D 1138 7.13 -25.07 -12.33
CA GLN D 1138 7.08 -23.76 -13.07
C GLN D 1138 8.36 -22.93 -12.99
N ASP D 1139 9.30 -23.29 -12.13
CA ASP D 1139 10.57 -22.55 -12.05
C ASP D 1139 11.21 -22.51 -13.43
N LEU D 1140 11.71 -21.35 -13.82
CA LEU D 1140 12.30 -21.18 -15.11
C LEU D 1140 13.72 -21.74 -15.12
N LEU D 1141 13.97 -22.71 -15.97
CA LEU D 1141 15.28 -23.35 -16.05
C LEU D 1141 16.18 -22.70 -17.05
N ILE D 1142 15.65 -22.52 -18.25
CA ILE D 1142 16.47 -22.12 -19.38
C ILE D 1142 15.63 -21.45 -20.45
N GLU D 1143 16.19 -20.41 -21.05
CA GLU D 1143 15.53 -19.70 -22.11
C GLU D 1143 16.25 -20.00 -23.43
N ILE D 1144 15.47 -20.10 -24.51
CA ILE D 1144 16.02 -20.32 -25.84
C ILE D 1144 15.49 -19.28 -26.87
N ASN D 1145 16.35 -18.97 -27.84
CA ASN D 1145 15.98 -18.17 -29.00
C ASN D 1145 16.30 -18.89 -30.30
MN MN E . 5.66 8.65 -52.20
PB ADP F . -3.44 -60.91 -11.58
O1B ADP F . -3.35 -61.38 -10.14
O2B ADP F . -4.83 -60.69 -12.15
O3B ADP F . -2.47 -59.81 -11.88
PA ADP F . -3.63 -63.25 -13.20
O1A ADP F . -3.07 -64.64 -12.95
O2A ADP F . -5.15 -63.07 -13.04
O3A ADP F . -2.78 -62.18 -12.33
O5' ADP F . -3.27 -62.82 -14.69
C5' ADP F . -3.22 -61.45 -15.08
C4' ADP F . -2.74 -61.39 -16.54
O4' ADP F . -1.38 -61.82 -16.65
C3' ADP F . -3.51 -62.27 -17.50
O3' ADP F . -4.68 -61.66 -18.05
C2' ADP F . -2.51 -62.54 -18.57
O2' ADP F . -2.49 -61.43 -19.45
C1' ADP F . -1.20 -62.63 -17.81
N9 ADP F . -0.95 -64.06 -17.41
C8 ADP F . -1.16 -64.61 -16.17
N7 ADP F . -0.80 -65.89 -16.17
C5 ADP F . -0.39 -66.19 -17.43
C6 ADP F . 0.12 -67.39 -18.17
N6 ADP F . 0.25 -68.55 -17.59
N1 ADP F . 0.45 -67.28 -19.45
C2 ADP F . 0.34 -66.12 -20.10
N3 ADP F . -0.12 -65.00 -19.52
C4 ADP F . -0.49 -64.97 -18.22
MG MG G . -6.28 -61.58 -12.34
P 2BA H . -6.52 25.72 -62.18
O1P 2BA H . -6.88 26.28 -63.51
O2P 2BA H . -6.52 24.19 -62.07
O5' 2BA H . -5.03 26.24 -61.99
C5' 2BA H . -4.29 25.81 -60.91
C4' 2BA H . -2.93 26.51 -60.91
O4' 2BA H . -2.08 25.81 -61.81
C3' 2BA H . -2.86 27.96 -61.38
O3' 2BA H . -3.16 28.80 -60.29
C2' 2BA H . -1.38 28.06 -61.80
O2' 2BA H . -0.50 28.06 -60.70
C1' 2BA H . -1.21 26.74 -62.45
N9 2BA H . -1.55 26.85 -63.87
C8 2BA H . -2.71 26.54 -64.46
N7 2BA H . -2.67 26.85 -65.79
C5 2BA H . -1.41 27.28 -66.02
C6 2BA H . -0.66 27.80 -67.17
N6 2BA H . -1.32 27.79 -68.29
N1 2BA H . 0.62 28.20 -67.11
C2 2BA H . 1.24 28.19 -65.92
N3 2BA H . 0.61 27.79 -64.79
C4 2BA H . -0.69 27.32 -64.78
P1 2BA H . -4.17 30.08 -60.49
O1P1 2BA H . -3.92 30.63 -61.84
O2P1 2BA H . -3.98 30.94 -59.27
O5'1 2BA H . -5.67 29.47 -60.51
C5'1 2BA H . -6.15 28.80 -59.38
C4'1 2BA H . -7.55 28.27 -59.68
O4'1 2BA H . -8.52 29.34 -59.63
C3'1 2BA H . -7.74 27.63 -61.02
O3'1 2BA H . -7.34 26.27 -60.96
C2'1 2BA H . -9.24 27.79 -61.17
O2'1 2BA H . -9.99 26.84 -60.37
C1'1 2BA H . -9.52 29.16 -60.60
N91 2BA H . -9.47 30.14 -61.75
C81 2BA H . -8.38 30.75 -62.21
N71 2BA H . -8.66 31.56 -63.26
C51 2BA H . -9.95 31.44 -63.51
C61 2BA H . -10.87 31.99 -64.50
N61 2BA H . -10.41 32.84 -65.41
N11 2BA H . -12.21 31.61 -64.39
C21 2BA H . -12.65 30.75 -63.42
N31 2BA H . -11.85 30.25 -62.48
C41 2BA H . -10.52 30.54 -62.48
MN MN I . -13.72 32.46 -39.61
PB ADP J . 2.56 49.68 36.40
O1B ADP J . 2.52 49.17 37.82
O2B ADP J . 1.60 48.97 35.47
O3B ADP J . 4.00 49.86 35.89
PA ADP J . 2.62 52.54 36.77
O1A ADP J . 2.04 53.14 38.05
O2A ADP J . 4.10 52.45 36.58
O3A ADP J . 1.88 51.12 36.57
O5' ADP J . 2.02 53.25 35.45
C5' ADP J . 2.23 52.78 34.13
C4' ADP J . 1.49 53.73 33.23
O4' ADP J . 0.14 53.98 33.68
C3' ADP J . 2.13 55.10 33.16
O3' ADP J . 3.17 55.16 32.18
C2' ADP J . 0.93 55.97 32.79
O2' ADP J . 0.55 55.89 31.43
C1' ADP J . -0.22 55.34 33.51
N9 ADP J . -0.36 56.02 34.79
C8 ADP J . -0.11 55.52 36.02
N7 ADP J . -0.36 56.44 36.99
C5 ADP J . -0.80 57.54 36.39
C6 ADP J . -1.25 58.86 36.88
N6 ADP J . -1.25 59.15 38.21
N1 ADP J . -1.60 59.74 35.94
C2 ADP J . -1.57 59.41 34.60
N3 ADP J . -1.20 58.22 34.08
C4 ADP J . -0.80 57.26 34.94
MG MG K . 5.40 50.91 35.72
MN MN L . -13.68 -21.15 46.69
PB ADP M . -49.52 -28.71 -25.99
O1B ADP M . -49.19 -28.07 -24.63
O2B ADP M . -48.55 -29.82 -26.38
O3B ADP M . -49.69 -27.68 -27.09
PA ADP M . -51.63 -30.85 -25.92
O1A ADP M . -50.56 -31.91 -26.15
O2A ADP M . -52.90 -30.76 -26.74
O3A ADP M . -51.04 -29.32 -25.80
O5' ADP M . -52.17 -31.25 -24.45
C5' ADP M . -51.27 -31.62 -23.38
C4' ADP M . -52.02 -31.59 -22.03
O4' ADP M . -52.98 -30.51 -21.99
C3' ADP M . -52.83 -32.87 -21.67
O3' ADP M . -52.14 -33.94 -20.99
C2' ADP M . -53.89 -32.33 -20.73
O2' ADP M . -53.40 -32.33 -19.37
C1' ADP M . -54.18 -30.94 -21.33
N9 ADP M . -55.33 -31.08 -22.30
C8 ADP M . -55.35 -30.81 -23.64
N7 ADP M . -56.57 -31.10 -24.15
C5 ADP M . -57.34 -31.57 -23.14
C6 ADP M . -58.73 -32.07 -22.96
N6 ADP M . -59.57 -32.11 -24.03
N1 ADP M . -59.14 -32.47 -21.72
C2 ADP M . -58.30 -32.44 -20.64
N3 ADP M . -57.01 -31.99 -20.72
C4 ADP M . -56.51 -31.55 -21.91
MG MG N . -48.33 -31.62 -26.55
P 2BA O . 5.44 -26.06 61.71
O1P 2BA O . 5.39 -26.34 63.16
O2P 2BA O . 6.45 -24.99 61.33
O5' 2BA O . 5.95 -27.36 60.99
C5' 2BA O . 5.89 -27.31 59.58
C4' 2BA O . 6.25 -28.68 59.00
O4' 2BA O . 7.61 -28.96 59.35
C3' 2BA O . 5.45 -29.81 59.58
O3' 2BA O . 4.21 -30.00 58.93
C2' 2BA O . 6.40 -30.99 59.32
O2' 2BA O . 6.38 -31.49 57.96
C1' 2BA O . 7.73 -30.37 59.56
N9 2BA O . 8.10 -30.71 60.95
C8 2BA O . 7.81 -30.03 62.05
N7 2BA O . 8.27 -30.64 63.17
C5 2BA O . 8.88 -31.76 62.74
C6 2BA O . 9.56 -32.86 63.43
N6 2BA O . 9.68 -32.76 64.75
N1 2BA O . 10.05 -33.85 62.67
C2 2BA O . 9.89 -33.85 61.31
N3 2BA O . 9.28 -32.87 60.64
C4 2BA O . 8.79 -31.82 61.30
P1 2BA O . 2.93 -30.32 59.78
O1P1 2BA O . 3.12 -31.03 61.02
O2P1 2BA O . 1.89 -30.83 58.79
O5'1 2BA O . 2.65 -28.81 60.45
C5'1 2BA O . 2.25 -27.85 59.53
C4'1 2BA O . 1.91 -26.58 60.29
O4'1 2BA O . 0.61 -26.65 60.92
C3'1 2BA O . 2.88 -26.30 61.41
O3'1 2BA O . 4.07 -25.68 61.03
C2'1 2BA O . 2.02 -25.42 62.26
O2'1 2BA O . 1.99 -24.11 61.71
C1'1 2BA O . 0.64 -26.02 62.14
N91 2BA O . 0.51 -27.04 63.19
C81 2BA O . 0.72 -28.36 63.12
N71 2BA O . 0.53 -28.95 64.35
C51 2BA O . 0.23 -27.98 65.20
C61 2BA O . -0.11 -27.91 66.60
N61 2BA O . -0.08 -29.08 67.19
N11 2BA O . -0.45 -26.77 67.23
C21 2BA O . -0.45 -25.63 66.51
N31 2BA O . -0.15 -25.62 65.18
C41 2BA O . 0.18 -26.75 64.48
MN MN P . 19.29 -20.89 43.79
PB ADP Q . 45.94 39.64 -0.99
O1B ADP Q . 45.35 40.95 -0.42
O2B ADP Q . 45.41 38.36 -0.37
O3B ADP Q . 46.02 39.37 -2.50
PA ADP Q . 48.29 40.74 0.26
O1A ADP Q . 47.33 41.74 0.94
O2A ADP Q . 49.37 41.18 -0.70
O3A ADP Q . 47.51 39.61 -0.56
O5' ADP Q . 48.94 39.88 1.45
C5' ADP Q . 48.20 38.84 2.08
C4' ADP Q . 49.07 38.10 3.07
O4' ADP Q . 50.20 37.44 2.42
C3' ADP Q . 49.74 39.04 4.06
O3' ADP Q . 48.89 39.39 5.11
C2' ADP Q . 50.93 38.22 4.51
O2' ADP Q . 50.60 37.20 5.40
C1' ADP Q . 51.37 37.54 3.26
N9 ADP Q . 52.39 38.38 2.61
C8 ADP Q . 52.19 39.16 1.51
N7 ADP Q . 53.31 39.81 1.15
C5 ADP Q . 54.23 39.43 2.03
C6 ADP Q . 55.62 39.78 2.18
N6 ADP Q . 56.17 40.64 1.31
N1 ADP Q . 56.26 39.21 3.21
C2 ADP Q . 55.62 38.35 4.06
N3 ADP Q . 54.33 38.00 3.97
C4 ADP Q . 53.62 38.52 2.99
MG MG R . 45.24 41.79 1.18
#